data_2WVZ
#
_entry.id   2WVZ
#
_cell.length_a   68.900
_cell.length_b   150.190
_cell.length_c   382.290
_cell.angle_alpha   90.00
_cell.angle_beta   90.00
_cell.angle_gamma   90.00
#
_symmetry.space_group_name_H-M   'P 21 21 21'
#
loop_
_entity.id
_entity.type
_entity.pdbx_description
1 polymer 'PUTATIVE ALPHA-1,2-MANNOSIDASE'
2 non-polymer 'CALCIUM ION'
3 non-polymer KIFUNENSINE
4 non-polymer GLYCEROL
5 water water
#
_entity_poly.entity_id   1
_entity_poly.type   'polypeptide(L)'
_entity_poly.pdbx_seq_one_letter_code
;KDWTQYVNPLMGSQSTFELSTGNTYPAIARPWGMNFWTPQTGKMGDGWQYTYTANKIRGFKQTHQPSPWINDYGQFSIMP
IVGQPVFDEEKRASWFAHKGEVATPYYYKVYLAEHDIVTEMTPTERAVLFRFTFPENDHSYVVVDAFDKGSYIKIIPEEN
KIIGYTTRNSGGVPENFKNYFIIEFDKPFTYKATVENGNLQENVAEQTTDHAGAIIGFKTRKGEQVNARIASSFISFEQA
AANMNELGKDNIEQLAQKGKDAWNQVLGKIEVEGGNLDQYRTFYSCLYRSLLFPRKFYELDANGQPIHYSPYNGQVLPGY
MFTDTGFWDTFRCLFPLLNLMYPSVNKEMQEGLINTYLESGFFPEWASPGHRGCMVGNNSASILVDAYMKGVKVDDIKTL
YEGLIHGTENVHPEVSSTGRLGYEYYNKLGYVPYDVKINENAARTLEYAYDDWCIYRLAKELKRPKKEISLFAKRAMNYK
NLFDKESKLMRGRNEDGTFQSPFSPLKWGDAFTEGNSWHYTWSVFHDPQGLIDLMGGKEMFVTMMDSVFAVPPIFDDSYY
GQVIHEIREMTVMNMGNYAHGNQPIQHMIYLYDYAGQPWKAQYWLRQVMDRMYTPGPDGYCGDEDNGQTSAWYVFSALGF
YPVCPGTDEYVMGTPLFKKATLHFENGNSLVIDAPNNSTENFYIDSMSFNGADHTKNYLRHEDLFKGGTIKVDMSNRPNL
NRGTKEEDMPYSFSKELEHHHHHH
;
_entity_poly.pdbx_strand_id   A,B,C,D
#
loop_
_chem_comp.id
_chem_comp.type
_chem_comp.name
_chem_comp.formula
CA non-polymer 'CALCIUM ION' 'Ca 2'
GOL non-polymer GLYCEROL 'C3 H8 O3'
KIF non-polymer KIFUNENSINE 'C8 H12 N2 O6'
#
# COMPACT_ATOMS: atom_id res chain seq x y z
N LYS A 1 3.17 -0.25 -42.50
CA LYS A 1 2.11 -1.24 -42.10
C LYS A 1 1.72 -1.00 -40.66
N ASP A 2 0.43 -0.89 -40.40
CA ASP A 2 -0.01 -0.52 -39.09
C ASP A 2 -0.71 -1.67 -38.40
N TRP A 3 -0.24 -2.06 -37.23
CA TRP A 3 -0.90 -3.08 -36.42
CA TRP A 3 -0.94 -3.07 -36.46
C TRP A 3 -1.82 -2.46 -35.35
N THR A 4 -1.54 -1.21 -34.98
CA THR A 4 -2.37 -0.57 -33.94
C THR A 4 -3.86 -0.60 -34.23
N GLN A 5 -4.24 -0.62 -35.51
CA GLN A 5 -5.67 -0.68 -35.91
C GLN A 5 -6.40 -1.91 -35.37
N TYR A 6 -5.63 -2.93 -35.02
CA TYR A 6 -6.22 -4.16 -34.53
C TYR A 6 -6.41 -4.13 -33.02
N VAL A 7 -5.69 -3.24 -32.34
CA VAL A 7 -5.71 -3.15 -30.90
C VAL A 7 -6.99 -2.51 -30.34
N ASN A 8 -7.64 -3.21 -29.44
CA ASN A 8 -8.83 -2.69 -28.79
C ASN A 8 -8.57 -2.55 -27.31
N PRO A 9 -8.32 -1.31 -26.85
CA PRO A 9 -8.02 -1.00 -25.44
C PRO A 9 -9.22 -1.28 -24.53
N LEU A 10 -10.40 -1.43 -25.10
CA LEU A 10 -11.62 -1.63 -24.32
C LEU A 10 -11.84 -3.08 -23.98
N MET A 11 -11.07 -3.95 -24.65
CA MET A 11 -11.17 -5.38 -24.41
C MET A 11 -10.81 -5.70 -22.97
N GLY A 12 -11.80 -6.12 -22.19
CA GLY A 12 -11.61 -6.39 -20.75
C GLY A 12 -12.41 -5.43 -19.84
N SER A 13 -13.04 -4.43 -20.44
CA SER A 13 -13.69 -3.41 -19.62
C SER A 13 -15.13 -3.73 -19.29
N GLN A 14 -15.73 -4.71 -19.95
CA GLN A 14 -17.09 -5.12 -19.62
C GLN A 14 -17.06 -6.17 -18.51
N SER A 15 -16.49 -5.80 -17.37
CA SER A 15 -16.17 -6.73 -16.28
C SER A 15 -16.84 -6.33 -15.00
N THR A 16 -17.33 -7.32 -14.25
CA THR A 16 -17.87 -7.05 -12.91
C THR A 16 -17.16 -7.85 -11.83
N PHE A 17 -17.29 -7.38 -10.60
CA PHE A 17 -16.77 -8.10 -9.44
C PHE A 17 -17.23 -9.57 -9.49
N GLU A 18 -18.52 -9.78 -9.76
CA GLU A 18 -19.07 -11.13 -9.76
C GLU A 18 -18.59 -12.03 -10.94
N LEU A 19 -18.27 -11.42 -12.09
CA LEU A 19 -17.77 -12.17 -13.27
C LEU A 19 -16.76 -11.39 -14.15
N SER A 20 -15.48 -11.76 -14.10
CA SER A 20 -14.50 -11.06 -14.92
C SER A 20 -14.50 -11.48 -16.38
N THR A 21 -14.38 -10.49 -17.27
CA THR A 21 -14.12 -10.78 -18.68
C THR A 21 -12.78 -10.13 -19.05
N GLY A 22 -11.98 -9.83 -18.03
CA GLY A 22 -10.65 -9.25 -18.24
C GLY A 22 -10.20 -8.40 -17.07
N ASN A 23 -11.17 -7.75 -16.45
CA ASN A 23 -10.91 -6.69 -15.49
C ASN A 23 -9.82 -5.68 -15.89
N THR A 24 -9.92 -5.14 -17.10
CA THR A 24 -8.94 -4.16 -17.54
C THR A 24 -9.57 -2.78 -17.66
N TYR A 25 -8.72 -1.77 -17.87
CA TYR A 25 -9.19 -0.44 -18.29
C TYR A 25 -8.41 -0.04 -19.56
N PRO A 26 -8.91 0.95 -20.31
CA PRO A 26 -8.18 1.42 -21.49
C PRO A 26 -6.85 2.09 -21.11
N ALA A 27 -5.73 1.41 -21.33
CA ALA A 27 -4.48 2.01 -20.90
C ALA A 27 -3.83 2.79 -22.02
N ILE A 28 -4.04 4.10 -22.00
CA ILE A 28 -3.51 4.94 -23.04
C ILE A 28 -2.12 5.35 -22.58
N ALA A 29 -1.11 4.83 -23.26
CA ALA A 29 0.26 4.83 -22.77
C ALA A 29 1.22 4.51 -23.90
N ARG A 30 2.51 4.65 -23.65
CA ARG A 30 3.56 4.04 -24.45
C ARG A 30 3.80 2.68 -23.85
N PRO A 31 4.41 1.77 -24.60
CA PRO A 31 4.94 0.50 -24.10
C PRO A 31 5.69 0.67 -22.78
N TRP A 32 5.28 -0.06 -21.74
CA TRP A 32 5.89 0.04 -20.41
C TRP A 32 5.85 1.47 -19.82
N GLY A 33 4.91 2.29 -20.27
CA GLY A 33 4.83 3.68 -19.82
C GLY A 33 4.93 3.83 -18.31
N MET A 34 5.69 4.81 -17.83
CA MET A 34 5.75 5.04 -16.40
C MET A 34 4.40 5.51 -15.87
N ASN A 35 3.67 6.22 -16.72
CA ASN A 35 2.41 6.79 -16.33
C ASN A 35 1.41 6.42 -17.40
N PHE A 36 0.35 5.73 -17.02
CA PHE A 36 -0.71 5.39 -17.97
C PHE A 36 -1.80 6.42 -17.75
N TRP A 37 -2.66 6.64 -18.76
CA TRP A 37 -3.76 7.57 -18.65
C TRP A 37 -5.05 6.89 -19.07
N THR A 38 -6.17 7.27 -18.44
CA THR A 38 -7.39 6.61 -18.83
C THR A 38 -8.62 7.40 -18.50
N PRO A 39 -9.62 7.32 -19.36
CA PRO A 39 -10.91 7.83 -18.96
C PRO A 39 -11.29 7.16 -17.67
N GLN A 40 -11.96 7.91 -16.80
CA GLN A 40 -12.38 7.38 -15.53
C GLN A 40 -13.90 7.43 -15.40
N THR A 41 -14.52 6.26 -15.27
CA THR A 41 -15.97 6.18 -15.04
C THR A 41 -16.33 5.97 -13.54
N GLY A 42 -15.49 5.21 -12.83
CA GLY A 42 -15.79 4.88 -11.46
C GLY A 42 -15.44 6.01 -10.53
N LYS A 43 -15.98 5.96 -9.33
CA LYS A 43 -15.69 6.98 -8.36
C LYS A 43 -14.30 6.78 -7.80
N MET A 44 -13.72 7.85 -7.30
CA MET A 44 -12.35 7.82 -6.82
C MET A 44 -12.19 6.73 -5.76
N GLY A 45 -11.13 5.95 -5.89
CA GLY A 45 -10.89 4.87 -4.97
C GLY A 45 -11.37 3.51 -5.43
N ASP A 46 -12.43 3.47 -6.22
CA ASP A 46 -12.92 2.21 -6.78
C ASP A 46 -11.92 1.58 -7.78
N GLY A 47 -11.67 0.29 -7.60
CA GLY A 47 -10.73 -0.42 -8.45
C GLY A 47 -11.30 -0.54 -9.83
N TRP A 48 -12.61 -0.50 -9.96
CA TRP A 48 -13.17 -0.57 -11.31
C TRP A 48 -13.24 0.85 -11.85
N GLN A 49 -12.10 1.34 -12.36
CA GLN A 49 -11.96 2.77 -12.60
C GLN A 49 -12.58 3.15 -13.93
N TYR A 50 -12.72 2.15 -14.80
CA TYR A 50 -13.46 2.27 -16.05
C TYR A 50 -14.17 0.96 -16.37
N THR A 51 -15.49 1.00 -16.39
CA THR A 51 -16.31 -0.13 -16.83
C THR A 51 -17.12 0.22 -18.10
N TYR A 52 -17.13 -0.72 -19.06
CA TYR A 52 -17.72 -0.49 -20.35
C TYR A 52 -19.21 -0.12 -20.25
N THR A 53 -19.80 -0.51 -19.14
CA THR A 53 -21.23 -0.37 -18.93
C THR A 53 -21.58 0.99 -18.30
N ALA A 54 -20.56 1.73 -17.85
CA ALA A 54 -20.77 3.04 -17.21
C ALA A 54 -21.32 4.04 -18.17
N ASN A 55 -22.25 4.85 -17.67
CA ASN A 55 -22.89 5.93 -18.42
C ASN A 55 -22.07 7.20 -18.46
N LYS A 56 -21.22 7.42 -17.47
CA LYS A 56 -20.60 8.73 -17.32
C LYS A 56 -19.11 8.71 -17.00
N ILE A 57 -18.41 9.69 -17.54
CA ILE A 57 -17.01 9.90 -17.29
C ILE A 57 -16.88 11.06 -16.31
N ARG A 58 -16.01 10.94 -15.31
CA ARG A 58 -15.86 11.98 -14.31
C ARG A 58 -14.45 12.56 -14.27
N GLY A 59 -13.58 12.06 -15.13
CA GLY A 59 -12.27 12.65 -15.16
C GLY A 59 -11.38 11.87 -16.08
N PHE A 60 -10.24 12.46 -16.37
CA PHE A 60 -9.24 11.80 -17.13
C PHE A 60 -8.04 11.67 -16.23
N LYS A 61 -7.64 10.43 -15.99
CA LYS A 61 -6.86 10.10 -14.81
C LYS A 61 -5.46 9.58 -15.13
N GLN A 62 -4.46 10.02 -14.38
CA GLN A 62 -3.18 9.33 -14.41
C GLN A 62 -3.31 8.24 -13.40
N THR A 63 -2.96 7.03 -13.80
CA THR A 63 -3.20 5.85 -13.00
C THR A 63 -1.97 4.97 -13.18
N HIS A 64 -1.67 4.12 -12.18
CA HIS A 64 -0.66 3.08 -12.34
C HIS A 64 -1.23 1.70 -12.00
N GLN A 65 -2.51 1.66 -11.70
CA GLN A 65 -3.14 0.48 -11.17
C GLN A 65 -2.88 -0.75 -12.06
N PRO A 66 -2.32 -1.81 -11.49
CA PRO A 66 -2.16 -3.08 -12.21
C PRO A 66 -3.41 -4.01 -12.19
N SER A 67 -4.36 -3.78 -11.27
CA SER A 67 -5.59 -4.60 -11.24
C SER A 67 -6.56 -3.98 -10.26
N PRO A 68 -7.87 -4.28 -10.41
CA PRO A 68 -8.88 -3.78 -9.45
C PRO A 68 -8.63 -4.34 -8.03
N TRP A 69 -7.85 -5.42 -7.93
CA TRP A 69 -7.52 -6.02 -6.63
C TRP A 69 -6.36 -5.30 -5.96
N ILE A 70 -5.30 -5.03 -6.69
CA ILE A 70 -4.18 -4.31 -6.16
C ILE A 70 -4.51 -2.84 -5.92
N ASN A 71 -5.32 -2.26 -6.82
CA ASN A 71 -5.77 -0.85 -6.77
C ASN A 71 -4.59 0.10 -7.11
N ASP A 72 -4.63 1.37 -6.70
CA ASP A 72 -3.89 2.42 -7.44
C ASP A 72 -2.96 3.32 -6.61
N TYR A 73 -2.01 3.97 -7.25
CA TYR A 73 -1.17 4.95 -6.53
C TYR A 73 -0.68 5.97 -7.54
N GLY A 74 -0.21 7.13 -7.08
CA GLY A 74 0.32 8.14 -7.99
C GLY A 74 -0.76 8.54 -8.97
N GLN A 75 -1.90 8.98 -8.44
CA GLN A 75 -3.12 9.11 -9.21
C GLN A 75 -3.78 10.48 -8.98
N PHE A 76 -4.08 11.17 -10.09
CA PHE A 76 -4.80 12.42 -10.05
C PHE A 76 -5.56 12.55 -11.38
N SER A 77 -6.47 13.51 -11.48
CA SER A 77 -7.26 13.58 -12.68
C SER A 77 -7.61 14.99 -13.05
N ILE A 78 -8.00 15.13 -14.31
CA ILE A 78 -8.31 16.41 -14.89
C ILE A 78 -9.67 16.26 -15.59
N MET A 79 -10.47 17.31 -15.59
CA MET A 79 -11.84 17.24 -16.13
C MET A 79 -12.35 18.61 -16.59
N PRO A 80 -12.65 18.76 -17.89
CA PRO A 80 -13.13 20.04 -18.39
C PRO A 80 -14.61 20.08 -18.17
N ILE A 81 -15.16 21.25 -17.89
CA ILE A 81 -16.63 21.36 -17.69
C ILE A 81 -17.15 22.68 -18.21
N VAL A 82 -18.48 22.83 -18.28
CA VAL A 82 -19.12 24.14 -18.51
C VAL A 82 -20.35 24.32 -17.63
N GLY A 83 -20.69 25.58 -17.31
CA GLY A 83 -21.77 25.91 -16.35
C GLY A 83 -21.19 26.32 -14.99
N GLN A 84 -21.88 26.01 -13.90
CA GLN A 84 -21.32 26.26 -12.56
C GLN A 84 -20.02 25.53 -12.42
N PRO A 85 -19.03 26.17 -11.76
CA PRO A 85 -17.76 25.48 -11.46
C PRO A 85 -17.90 24.51 -10.28
N VAL A 86 -18.02 23.22 -10.58
CA VAL A 86 -18.18 22.23 -9.54
C VAL A 86 -16.99 21.26 -9.46
N PHE A 87 -16.55 20.98 -8.23
CA PHE A 87 -15.42 20.10 -7.99
C PHE A 87 -15.90 18.68 -7.71
N ASP A 88 -17.08 18.58 -7.10
CA ASP A 88 -17.69 17.30 -6.79
C ASP A 88 -17.54 16.32 -7.93
N GLU A 89 -17.19 15.07 -7.66
CA GLU A 89 -16.85 14.11 -8.74
C GLU A 89 -18.11 13.55 -9.41
N GLU A 90 -19.26 13.77 -8.79
CA GLU A 90 -20.52 13.39 -9.40
C GLU A 90 -21.16 14.51 -10.20
N LYS A 91 -21.06 15.74 -9.70
CA LYS A 91 -21.71 16.86 -10.38
C LYS A 91 -20.97 17.25 -11.64
N ARG A 92 -19.66 17.13 -11.64
CA ARG A 92 -18.85 17.44 -12.82
C ARG A 92 -18.96 16.37 -13.93
N ALA A 93 -19.48 15.19 -13.58
CA ALA A 93 -19.57 14.06 -14.49
C ALA A 93 -20.47 14.32 -15.69
N SER A 94 -20.13 13.71 -16.83
CA SER A 94 -20.92 13.84 -18.06
C SER A 94 -21.25 12.50 -18.72
N TRP A 95 -22.50 12.35 -19.18
CA TRP A 95 -22.87 11.24 -20.02
C TRP A 95 -21.93 11.15 -21.22
N PHE A 96 -21.82 9.94 -21.77
CA PHE A 96 -21.10 9.65 -23.01
C PHE A 96 -21.54 8.29 -23.60
N ALA A 97 -21.15 7.99 -24.83
CA ALA A 97 -21.44 6.68 -25.42
C ALA A 97 -20.23 6.27 -26.22
N HIS A 98 -20.15 5.00 -26.55
CA HIS A 98 -18.92 4.50 -27.14
C HIS A 98 -18.84 4.88 -28.60
N LYS A 99 -19.98 5.17 -29.21
CA LYS A 99 -19.97 5.58 -30.60
C LYS A 99 -19.49 7.01 -30.70
N GLY A 100 -19.39 7.69 -29.55
CA GLY A 100 -18.79 9.03 -29.47
C GLY A 100 -17.41 8.98 -28.84
N GLU A 101 -16.79 7.79 -28.86
CA GLU A 101 -15.53 7.54 -28.18
C GLU A 101 -14.52 6.84 -29.09
N VAL A 102 -13.27 7.32 -29.09
CA VAL A 102 -12.21 6.67 -29.87
C VAL A 102 -11.04 6.28 -29.00
N ALA A 103 -10.81 4.96 -28.88
CA ALA A 103 -9.75 4.43 -28.04
C ALA A 103 -8.66 3.71 -28.82
N THR A 104 -7.46 4.25 -28.80
CA THR A 104 -6.33 3.55 -29.35
C THR A 104 -5.28 3.47 -28.25
N PRO A 105 -4.23 2.68 -28.46
CA PRO A 105 -3.23 2.65 -27.40
C PRO A 105 -2.46 3.98 -27.30
N TYR A 106 -2.57 4.86 -28.30
CA TYR A 106 -1.69 6.05 -28.35
C TYR A 106 -2.51 7.34 -28.28
N TYR A 107 -3.84 7.21 -28.23
CA TYR A 107 -4.68 8.36 -28.42
C TYR A 107 -6.05 8.03 -27.95
N TYR A 108 -6.63 8.95 -27.18
CA TYR A 108 -7.97 8.75 -26.72
C TYR A 108 -8.88 9.95 -26.97
N LYS A 109 -10.06 9.69 -27.48
CA LYS A 109 -11.00 10.80 -27.71
C LYS A 109 -12.41 10.52 -27.21
N VAL A 110 -13.05 11.51 -26.60
CA VAL A 110 -14.45 11.29 -26.22
C VAL A 110 -15.30 12.56 -26.23
N TYR A 111 -16.59 12.41 -26.52
CA TYR A 111 -17.50 13.54 -26.52
C TYR A 111 -18.29 13.49 -25.25
N LEU A 112 -18.14 14.53 -24.43
CA LEU A 112 -18.83 14.62 -23.17
C LEU A 112 -20.15 15.35 -23.36
N ALA A 113 -21.18 14.55 -23.61
CA ALA A 113 -22.50 15.01 -23.97
C ALA A 113 -23.01 16.21 -23.17
N GLU A 114 -22.87 16.19 -21.85
CA GLU A 114 -23.54 17.20 -21.04
C GLU A 114 -22.79 18.51 -20.95
N HIS A 115 -21.56 18.52 -21.45
CA HIS A 115 -20.74 19.73 -21.42
C HIS A 115 -20.54 20.23 -22.85
N ASP A 116 -21.00 19.44 -23.82
CA ASP A 116 -20.69 19.71 -25.22
C ASP A 116 -19.20 19.95 -25.46
N ILE A 117 -18.35 19.16 -24.79
CA ILE A 117 -16.90 19.27 -24.92
C ILE A 117 -16.29 18.00 -25.49
N VAL A 118 -15.33 18.15 -26.40
CA VAL A 118 -14.59 16.99 -26.86
C VAL A 118 -13.27 16.94 -26.14
N THR A 119 -12.93 15.78 -25.60
CA THR A 119 -11.63 15.62 -25.00
C THR A 119 -10.78 14.67 -25.82
N GLU A 120 -9.54 15.08 -26.03
CA GLU A 120 -8.55 14.22 -26.64
C GLU A 120 -7.26 14.20 -25.81
N MET A 121 -6.52 13.10 -25.84
CA MET A 121 -5.23 13.03 -25.13
C MET A 121 -4.27 12.04 -25.76
N THR A 122 -3.00 12.40 -25.78
CA THR A 122 -1.96 11.51 -26.28
C THR A 122 -0.78 11.58 -25.35
N PRO A 123 -0.43 10.44 -24.75
CA PRO A 123 0.64 10.37 -23.74
C PRO A 123 1.99 10.02 -24.32
N THR A 124 3.06 10.38 -23.59
CA THR A 124 4.40 9.86 -23.81
C THR A 124 4.70 8.90 -22.66
N GLU A 125 5.97 8.58 -22.42
CA GLU A 125 6.24 7.68 -21.29
C GLU A 125 5.82 8.26 -19.93
N ARG A 126 6.05 9.56 -19.73
CA ARG A 126 5.83 10.23 -18.46
C ARG A 126 4.93 11.46 -18.51
N ALA A 127 4.56 11.89 -19.72
CA ALA A 127 3.82 13.12 -19.90
C ALA A 127 2.59 12.85 -20.77
N VAL A 128 1.73 13.83 -20.93
CA VAL A 128 0.59 13.68 -21.84
C VAL A 128 0.15 15.06 -22.31
N LEU A 129 -0.30 15.15 -23.55
CA LEU A 129 -0.94 16.35 -24.08
C LEU A 129 -2.44 16.10 -24.08
N PHE A 130 -3.17 17.01 -23.45
CA PHE A 130 -4.61 17.02 -23.58
C PHE A 130 -5.02 18.13 -24.54
N ARG A 131 -6.10 17.93 -25.27
CA ARG A 131 -6.73 19.04 -25.98
C ARG A 131 -8.23 19.01 -25.70
N PHE A 132 -8.76 20.12 -25.19
CA PHE A 132 -10.20 20.21 -24.95
C PHE A 132 -10.80 21.14 -25.97
N THR A 133 -11.86 20.69 -26.64
CA THR A 133 -12.61 21.54 -27.58
C THR A 133 -13.87 22.00 -26.88
N PHE A 134 -13.94 23.30 -26.59
CA PHE A 134 -15.04 23.89 -25.84
C PHE A 134 -16.07 24.48 -26.79
N PRO A 135 -17.32 24.54 -26.34
CA PRO A 135 -18.36 25.27 -27.03
C PRO A 135 -18.32 26.75 -26.61
N GLU A 136 -19.16 27.57 -27.22
CA GLU A 136 -19.29 28.97 -26.85
C GLU A 136 -19.83 29.03 -25.44
N ASN A 137 -19.22 29.82 -24.57
CA ASN A 137 -19.68 29.90 -23.19
C ASN A 137 -18.86 30.88 -22.37
N ASP A 138 -19.55 31.55 -21.45
CA ASP A 138 -18.89 32.43 -20.49
C ASP A 138 -18.18 31.66 -19.39
N HIS A 139 -18.71 30.49 -19.06
CA HIS A 139 -18.20 29.69 -17.94
C HIS A 139 -17.74 28.32 -18.37
N SER A 140 -16.51 28.29 -18.89
CA SER A 140 -15.84 27.06 -19.23
C SER A 140 -14.70 26.88 -18.23
N TYR A 141 -14.64 25.72 -17.61
CA TYR A 141 -13.59 25.48 -16.63
C TYR A 141 -12.90 24.17 -16.86
N VAL A 142 -11.78 24.02 -16.17
CA VAL A 142 -11.08 22.77 -16.10
C VAL A 142 -10.85 22.45 -14.63
N VAL A 143 -11.32 21.28 -14.19
CA VAL A 143 -11.06 20.79 -12.83
C VAL A 143 -9.83 19.90 -12.75
N VAL A 144 -8.99 20.11 -11.73
CA VAL A 144 -7.82 19.31 -11.52
C VAL A 144 -7.94 18.72 -10.12
N ASP A 145 -7.95 17.40 -10.01
CA ASP A 145 -8.22 16.70 -8.77
C ASP A 145 -6.97 15.97 -8.30
N ALA A 146 -6.46 16.35 -7.13
CA ALA A 146 -5.19 15.78 -6.65
C ALA A 146 -5.48 14.54 -5.84
N PHE A 147 -6.78 14.24 -5.68
CA PHE A 147 -7.25 13.07 -4.91
C PHE A 147 -7.05 13.29 -3.40
N ASP A 148 -7.48 12.32 -2.58
CA ASP A 148 -7.51 12.54 -1.12
C ASP A 148 -6.37 11.86 -0.37
N LYS A 149 -6.53 11.73 0.94
CA LYS A 149 -5.45 11.24 1.83
C LYS A 149 -4.18 12.11 1.86
N GLY A 150 -4.33 13.40 1.58
CA GLY A 150 -3.22 14.32 1.71
C GLY A 150 -2.61 14.58 0.35
N SER A 151 -2.97 15.71 -0.25
CA SER A 151 -2.45 16.08 -1.55
C SER A 151 -2.14 17.56 -1.51
N TYR A 152 -1.66 18.10 -2.61
CA TYR A 152 -1.33 19.50 -2.66
C TYR A 152 -1.59 20.08 -4.04
N ILE A 153 -1.86 21.38 -4.07
CA ILE A 153 -2.18 22.04 -5.32
C ILE A 153 -1.82 23.54 -5.23
N LYS A 154 -1.12 24.06 -6.25
CA LYS A 154 -0.83 25.49 -6.34
C LYS A 154 -1.08 26.02 -7.76
N ILE A 155 -1.94 27.04 -7.86
CA ILE A 155 -2.20 27.74 -9.10
C ILE A 155 -1.19 28.87 -9.29
N ILE A 156 -0.59 28.94 -10.47
CA ILE A 156 0.46 29.92 -10.79
C ILE A 156 0.12 30.69 -12.06
N PRO A 157 -0.80 31.64 -11.96
CA PRO A 157 -1.41 32.35 -13.10
C PRO A 157 -0.41 33.00 -14.05
N GLU A 158 0.65 33.57 -13.53
CA GLU A 158 1.58 34.30 -14.39
C GLU A 158 2.35 33.34 -15.30
N GLU A 159 2.01 32.04 -15.24
CA GLU A 159 2.54 31.08 -16.21
C GLU A 159 1.46 30.12 -16.69
N ASN A 160 0.21 30.50 -16.54
CA ASN A 160 -0.90 29.61 -16.88
C ASN A 160 -0.61 28.19 -16.41
N LYS A 161 -0.17 28.06 -15.17
CA LYS A 161 0.30 26.78 -14.70
C LYS A 161 -0.43 26.36 -13.41
N ILE A 162 -0.63 25.06 -13.24
CA ILE A 162 -1.03 24.49 -11.97
C ILE A 162 -0.03 23.39 -11.61
N ILE A 163 0.39 23.30 -10.36
CA ILE A 163 1.25 22.21 -9.93
C ILE A 163 0.63 21.54 -8.71
N GLY A 164 1.12 20.38 -8.33
CA GLY A 164 0.57 19.72 -7.16
C GLY A 164 1.27 18.41 -6.89
N TYR A 165 0.83 17.73 -5.84
CA TYR A 165 1.22 16.34 -5.69
C TYR A 165 0.08 15.51 -5.14
N THR A 166 0.07 14.22 -5.47
CA THR A 166 -0.94 13.29 -5.00
C THR A 166 -0.25 12.17 -4.20
N THR A 167 -0.93 11.66 -3.16
CA THR A 167 -0.39 10.56 -2.32
C THR A 167 -1.32 9.36 -2.16
N ARG A 168 -2.60 9.50 -2.44
CA ARG A 168 -3.50 8.37 -2.31
C ARG A 168 -2.92 7.10 -2.92
N ASN A 169 -2.85 6.04 -2.12
CA ASN A 169 -2.15 4.84 -2.53
C ASN A 169 -2.71 3.62 -1.84
N SER A 170 -2.38 2.43 -2.32
CA SER A 170 -2.99 1.23 -1.76
C SER A 170 -2.01 0.41 -0.96
N GLY A 171 -1.00 1.06 -0.38
CA GLY A 171 0.05 0.36 0.33
C GLY A 171 1.27 0.21 -0.57
N GLY A 172 2.36 -0.29 -0.01
CA GLY A 172 3.55 -0.51 -0.80
C GLY A 172 4.39 0.74 -1.02
N VAL A 173 4.23 1.74 -0.16
CA VAL A 173 4.94 3.00 -0.40
C VAL A 173 5.78 3.46 0.77
N PRO A 174 6.93 4.10 0.50
CA PRO A 174 7.69 4.73 1.57
C PRO A 174 6.95 5.93 2.16
N GLU A 175 7.37 6.37 3.33
CA GLU A 175 6.64 7.41 4.07
C GLU A 175 6.65 8.70 3.31
N ASN A 176 7.70 8.93 2.54
CA ASN A 176 7.83 10.14 1.74
C ASN A 176 7.18 10.11 0.34
N PHE A 177 6.36 9.09 0.07
CA PHE A 177 5.78 8.86 -1.25
C PHE A 177 4.94 10.03 -1.77
N LYS A 178 5.31 10.52 -2.94
CA LYS A 178 4.52 11.56 -3.58
C LYS A 178 4.67 11.41 -5.08
N ASN A 179 3.57 11.65 -5.79
CA ASN A 179 3.62 11.86 -7.24
C ASN A 179 3.49 13.35 -7.55
N TYR A 180 4.56 13.93 -8.08
CA TYR A 180 4.63 15.36 -8.34
C TYR A 180 4.17 15.70 -9.75
N PHE A 181 3.14 16.53 -9.88
CA PHE A 181 2.69 16.81 -11.24
C PHE A 181 2.61 18.31 -11.60
N ILE A 182 2.89 18.58 -12.89
CA ILE A 182 2.77 19.92 -13.48
C ILE A 182 1.83 19.96 -14.70
N ILE A 183 1.11 21.08 -14.81
CA ILE A 183 0.10 21.26 -15.83
C ILE A 183 0.23 22.66 -16.39
N GLU A 184 0.55 22.76 -17.68
CA GLU A 184 0.59 24.04 -18.37
C GLU A 184 -0.56 24.19 -19.36
N PHE A 185 -1.31 25.26 -19.25
CA PHE A 185 -2.34 25.54 -20.23
C PHE A 185 -1.84 26.54 -21.24
N ASP A 186 -2.41 26.53 -22.44
CA ASP A 186 -2.03 27.53 -23.45
C ASP A 186 -3.00 28.73 -23.51
N LYS A 187 -3.86 28.87 -22.51
CA LYS A 187 -4.81 29.97 -22.45
C LYS A 187 -4.80 30.54 -21.04
N PRO A 188 -4.75 31.87 -20.91
CA PRO A 188 -4.75 32.50 -19.57
C PRO A 188 -6.05 32.23 -18.79
N PHE A 189 -5.96 32.17 -17.45
CA PHE A 189 -7.11 31.97 -16.57
C PHE A 189 -7.85 33.28 -16.33
N THR A 190 -9.18 33.24 -16.39
CA THR A 190 -9.99 34.41 -16.15
C THR A 190 -10.68 34.19 -14.83
N TYR A 191 -10.49 32.98 -14.32
CA TYR A 191 -11.09 32.54 -13.09
C TYR A 191 -10.09 31.55 -12.52
N LYS A 192 -9.89 31.61 -11.21
CA LYS A 192 -9.02 30.66 -10.53
C LYS A 192 -9.46 30.50 -9.09
N ALA A 193 -9.50 29.25 -8.65
CA ALA A 193 -9.88 28.90 -7.29
C ALA A 193 -9.23 27.57 -6.95
N THR A 194 -8.75 27.44 -5.72
CA THR A 194 -8.30 26.14 -5.29
C THR A 194 -9.43 25.53 -4.51
N VAL A 195 -9.37 24.22 -4.33
CA VAL A 195 -10.43 23.53 -3.64
C VAL A 195 -9.85 22.98 -2.36
N GLU A 196 -10.62 23.01 -1.30
CA GLU A 196 -10.12 22.38 -0.10
C GLU A 196 -11.22 21.56 0.54
N ASN A 197 -11.00 20.25 0.53
CA ASN A 197 -11.98 19.30 1.00
C ASN A 197 -13.43 19.66 0.57
N GLY A 198 -13.64 19.79 -0.73
CA GLY A 198 -14.97 20.07 -1.26
C GLY A 198 -15.30 21.55 -1.38
N ASN A 199 -14.58 22.38 -0.61
CA ASN A 199 -14.80 23.85 -0.57
C ASN A 199 -14.11 24.67 -1.67
N LEU A 200 -14.87 25.49 -2.37
CA LEU A 200 -14.31 26.32 -3.42
C LEU A 200 -13.70 27.58 -2.81
N GLN A 201 -12.40 27.78 -3.02
CA GLN A 201 -11.71 28.96 -2.50
C GLN A 201 -11.17 29.86 -3.62
N GLU A 202 -12.02 30.71 -4.15
CA GLU A 202 -11.63 31.55 -5.27
C GLU A 202 -10.45 32.45 -4.97
N ASN A 203 -9.49 32.47 -5.88
CA ASN A 203 -8.34 33.34 -5.78
C ASN A 203 -7.45 33.07 -4.58
N VAL A 204 -7.57 31.87 -4.00
CA VAL A 204 -6.59 31.38 -3.01
C VAL A 204 -5.59 30.50 -3.75
N ALA A 205 -4.32 30.92 -3.76
CA ALA A 205 -3.31 30.30 -4.61
C ALA A 205 -3.01 28.81 -4.38
N GLU A 206 -3.09 28.34 -3.13
CA GLU A 206 -2.59 27.00 -2.85
C GLU A 206 -3.19 26.33 -1.63
N GLN A 207 -3.23 25.00 -1.64
CA GLN A 207 -3.74 24.19 -0.54
C GLN A 207 -2.86 22.97 -0.26
N THR A 208 -2.67 22.69 1.02
CA THR A 208 -2.15 21.42 1.50
C THR A 208 -3.21 20.88 2.46
N THR A 209 -3.91 19.84 2.05
CA THR A 209 -5.07 19.39 2.81
C THR A 209 -5.33 17.91 2.44
N ASP A 210 -6.32 17.29 3.08
CA ASP A 210 -6.67 15.93 2.71
C ASP A 210 -6.92 15.74 1.22
N HIS A 211 -7.78 16.60 0.65
CA HIS A 211 -8.19 16.45 -0.74
C HIS A 211 -8.03 17.78 -1.49
N ALA A 212 -6.86 18.01 -2.10
CA ALA A 212 -6.63 19.28 -2.76
C ALA A 212 -7.18 19.29 -4.18
N GLY A 213 -7.52 20.49 -4.65
CA GLY A 213 -8.15 20.65 -5.94
C GLY A 213 -7.93 22.06 -6.45
N ALA A 214 -8.31 22.27 -7.71
CA ALA A 214 -8.09 23.50 -8.40
C ALA A 214 -9.11 23.52 -9.50
N ILE A 215 -9.64 24.71 -9.79
CA ILE A 215 -10.57 24.94 -10.90
C ILE A 215 -10.15 26.23 -11.56
N ILE A 216 -9.87 26.17 -12.88
CA ILE A 216 -9.57 27.36 -13.65
C ILE A 216 -10.51 27.45 -14.81
N GLY A 217 -10.76 28.67 -15.29
CA GLY A 217 -11.69 28.84 -16.40
C GLY A 217 -11.58 30.15 -17.12
N PHE A 218 -12.50 30.37 -18.06
CA PHE A 218 -12.39 31.48 -18.99
C PHE A 218 -13.63 31.54 -19.87
N LYS A 219 -13.69 32.58 -20.71
CA LYS A 219 -14.63 32.61 -21.82
C LYS A 219 -14.14 31.75 -23.00
N THR A 220 -15.05 31.00 -23.63
CA THR A 220 -14.67 30.29 -24.83
C THR A 220 -15.63 30.57 -25.97
N ARG A 221 -15.09 30.70 -27.17
CA ARG A 221 -15.98 30.74 -28.33
C ARG A 221 -16.13 29.32 -28.91
N LYS A 222 -17.20 29.11 -29.67
CA LYS A 222 -17.47 27.81 -30.25
C LYS A 222 -16.22 27.18 -30.94
N GLY A 223 -15.79 26.02 -30.44
CA GLY A 223 -14.77 25.21 -31.12
C GLY A 223 -13.40 25.66 -30.69
N GLU A 224 -13.35 26.31 -29.55
CA GLU A 224 -12.09 26.80 -29.06
C GLU A 224 -11.34 25.65 -28.41
N GLN A 225 -10.10 25.49 -28.81
CA GLN A 225 -9.27 24.41 -28.34
C GLN A 225 -8.29 24.91 -27.27
N VAL A 226 -8.41 24.34 -26.08
CA VAL A 226 -7.47 24.59 -25.02
C VAL A 226 -6.60 23.34 -24.87
N ASN A 227 -5.29 23.52 -24.88
CA ASN A 227 -4.37 22.39 -24.67
C ASN A 227 -3.71 22.45 -23.30
N ALA A 228 -3.52 21.27 -22.69
CA ALA A 228 -2.80 21.17 -21.41
C ALA A 228 -1.63 20.24 -21.56
N ARG A 229 -0.44 20.75 -21.29
CA ARG A 229 0.75 19.89 -21.18
C ARG A 229 0.92 19.42 -19.74
N ILE A 230 1.01 18.09 -19.56
CA ILE A 230 1.06 17.48 -18.26
C ILE A 230 2.25 16.52 -18.14
N ALA A 231 2.93 16.56 -17.00
CA ALA A 231 3.93 15.57 -16.69
C ALA A 231 3.95 15.32 -15.18
N SER A 232 4.48 14.17 -14.78
CA SER A 232 4.66 13.94 -13.39
C SER A 232 5.93 13.14 -13.21
N SER A 233 6.29 12.99 -11.96
CA SER A 233 7.51 12.36 -11.56
C SER A 233 7.27 11.79 -10.17
N PHE A 234 8.08 10.81 -9.80
CA PHE A 234 8.09 10.34 -8.42
C PHE A 234 9.28 10.93 -7.70
N ILE A 235 10.08 11.71 -8.42
CA ILE A 235 11.29 12.25 -7.81
C ILE A 235 11.11 13.68 -7.21
N SER A 236 10.59 14.59 -8.01
CA SER A 236 10.49 15.98 -7.60
C SER A 236 9.78 16.79 -8.69
N PHE A 237 9.43 18.02 -8.35
CA PHE A 237 8.88 18.96 -9.31
C PHE A 237 9.88 19.28 -10.40
N GLU A 238 11.14 19.48 -10.02
CA GLU A 238 12.14 19.77 -11.03
C GLU A 238 12.27 18.61 -12.04
N GLN A 239 12.17 17.37 -11.57
CA GLN A 239 12.20 16.23 -12.52
C GLN A 239 10.92 16.15 -13.32
N ALA A 240 9.81 16.48 -12.69
CA ALA A 240 8.55 16.52 -13.43
C ALA A 240 8.64 17.54 -14.58
N ALA A 241 9.32 18.66 -14.37
CA ALA A 241 9.49 19.67 -15.42
C ALA A 241 10.37 19.11 -16.54
N ALA A 242 11.38 18.32 -16.17
CA ALA A 242 12.22 17.72 -17.18
C ALA A 242 11.39 16.72 -17.98
N ASN A 243 10.50 16.00 -17.29
CA ASN A 243 9.72 14.96 -17.99
C ASN A 243 8.80 15.55 -19.04
N MET A 244 8.41 16.80 -18.84
CA MET A 244 7.49 17.47 -19.72
C MET A 244 8.12 17.70 -21.09
N ASN A 245 9.44 17.65 -21.19
CA ASN A 245 10.09 17.82 -22.49
C ASN A 245 9.82 16.65 -23.42
N GLU A 246 9.41 15.54 -22.83
CA GLU A 246 8.96 14.42 -23.63
C GLU A 246 7.98 14.87 -24.72
N LEU A 247 7.21 15.91 -24.42
CA LEU A 247 6.19 16.40 -25.33
C LEU A 247 6.72 17.23 -26.49
N GLY A 248 8.00 17.62 -26.46
CA GLY A 248 8.56 18.52 -27.47
C GLY A 248 7.65 19.73 -27.71
N LYS A 249 7.42 20.08 -28.99
CA LYS A 249 6.53 21.19 -29.32
C LYS A 249 5.34 20.67 -30.09
N ASP A 250 5.09 19.38 -30.00
CA ASP A 250 4.03 18.72 -30.73
C ASP A 250 2.63 19.16 -30.32
N ASN A 251 1.70 19.09 -31.28
CA ASN A 251 0.27 19.17 -31.01
C ASN A 251 -0.32 17.76 -31.03
N ILE A 252 -1.63 17.65 -30.81
CA ILE A 252 -2.27 16.35 -30.63
C ILE A 252 -1.88 15.33 -31.69
N GLU A 253 -2.12 15.70 -32.94
CA GLU A 253 -1.89 14.84 -34.09
C GLU A 253 -0.46 14.40 -34.27
N GLN A 254 0.48 15.30 -34.03
CA GLN A 254 1.89 14.94 -34.20
C GLN A 254 2.34 13.97 -33.10
N LEU A 255 1.82 14.16 -31.89
CA LEU A 255 2.13 13.26 -30.77
C LEU A 255 1.47 11.90 -30.97
N ALA A 256 0.19 11.92 -31.32
CA ALA A 256 -0.56 10.69 -31.59
C ALA A 256 0.24 9.80 -32.53
N GLN A 257 0.81 10.41 -33.56
CA GLN A 257 1.50 9.63 -34.57
C GLN A 257 2.86 9.09 -34.10
N LYS A 258 3.56 9.85 -33.26
CA LYS A 258 4.79 9.36 -32.66
C LYS A 258 4.45 8.22 -31.69
N GLY A 259 3.31 8.34 -31.01
CA GLY A 259 2.76 7.28 -30.17
C GLY A 259 2.43 6.04 -30.98
N LYS A 260 1.78 6.23 -32.12
CA LYS A 260 1.41 5.14 -32.98
C LYS A 260 2.63 4.42 -33.57
N ASP A 261 3.66 5.18 -33.89
CA ASP A 261 4.90 4.60 -34.39
C ASP A 261 5.55 3.82 -33.27
N ALA A 262 5.52 4.38 -32.07
CA ALA A 262 6.16 3.69 -30.95
C ALA A 262 5.53 2.29 -30.80
N TRP A 263 4.21 2.21 -30.81
CA TRP A 263 3.49 0.94 -30.68
C TRP A 263 3.72 -0.02 -31.84
N ASN A 264 3.70 0.51 -33.05
CA ASN A 264 3.97 -0.30 -34.23
C ASN A 264 5.40 -0.86 -34.20
N GLN A 265 6.33 -0.12 -33.60
CA GLN A 265 7.71 -0.57 -33.53
C GLN A 265 7.81 -1.86 -32.66
N VAL A 266 6.87 -2.07 -31.73
CA VAL A 266 6.85 -3.28 -30.90
C VAL A 266 5.83 -4.35 -31.32
N LEU A 267 4.63 -3.93 -31.67
CA LEU A 267 3.63 -4.89 -32.16
C LEU A 267 4.15 -5.58 -33.43
N GLY A 268 4.93 -4.84 -34.21
CA GLY A 268 5.37 -5.30 -35.51
C GLY A 268 6.53 -6.27 -35.44
N LYS A 269 6.96 -6.65 -34.25
CA LYS A 269 8.00 -7.67 -34.19
C LYS A 269 7.35 -9.04 -34.42
N ILE A 270 6.02 -9.09 -34.28
CA ILE A 270 5.29 -10.30 -34.66
C ILE A 270 4.18 -9.99 -35.67
N GLU A 271 4.40 -10.45 -36.91
CA GLU A 271 3.42 -10.28 -37.98
C GLU A 271 2.66 -11.55 -38.24
N VAL A 272 1.35 -11.52 -38.07
CA VAL A 272 0.54 -12.67 -38.43
C VAL A 272 -0.34 -12.35 -39.63
N GLU A 273 -0.58 -13.36 -40.46
CA GLU A 273 -1.49 -13.23 -41.59
C GLU A 273 -2.22 -14.56 -41.85
N GLY A 274 -3.21 -14.55 -42.72
CA GLY A 274 -3.98 -15.77 -42.93
C GLY A 274 -5.02 -16.12 -41.87
N GLY A 275 -5.61 -15.11 -41.25
CA GLY A 275 -6.76 -15.37 -40.38
C GLY A 275 -7.85 -14.32 -40.46
N ASN A 276 -8.87 -14.43 -39.63
CA ASN A 276 -9.95 -13.48 -39.73
C ASN A 276 -9.73 -12.22 -38.89
N LEU A 277 -10.58 -11.20 -39.10
CA LEU A 277 -10.39 -9.93 -38.42
C LEU A 277 -10.52 -10.11 -36.91
N ASP A 278 -11.35 -11.06 -36.51
CA ASP A 278 -11.55 -11.34 -35.10
C ASP A 278 -10.23 -11.74 -34.49
N GLN A 279 -9.51 -12.60 -35.22
CA GLN A 279 -8.27 -13.18 -34.74
C GLN A 279 -7.16 -12.14 -34.71
N TYR A 280 -7.07 -11.33 -35.74
CA TYR A 280 -6.11 -10.23 -35.73
C TYR A 280 -6.32 -9.31 -34.54
N ARG A 281 -7.59 -8.97 -34.25
CA ARG A 281 -7.90 -8.09 -33.14
C ARG A 281 -7.56 -8.76 -31.84
N THR A 282 -8.00 -10.00 -31.67
CA THR A 282 -7.70 -10.71 -30.46
C THR A 282 -6.18 -10.85 -30.30
N PHE A 283 -5.49 -11.13 -31.39
CA PHE A 283 -4.05 -11.33 -31.24
C PHE A 283 -3.33 -10.05 -30.88
N TYR A 284 -3.53 -9.00 -31.66
CA TYR A 284 -2.82 -7.76 -31.40
C TYR A 284 -3.30 -7.04 -30.13
N SER A 285 -4.54 -7.25 -29.71
CA SER A 285 -4.97 -6.64 -28.46
C SER A 285 -4.25 -7.32 -27.33
N CYS A 286 -4.13 -8.64 -27.45
CA CYS A 286 -3.42 -9.41 -26.45
C CYS A 286 -1.95 -9.01 -26.45
N LEU A 287 -1.39 -8.76 -27.62
CA LEU A 287 0.04 -8.42 -27.71
C LEU A 287 0.33 -7.13 -26.99
N TYR A 288 -0.51 -6.13 -27.25
CA TYR A 288 -0.50 -4.84 -26.56
C TYR A 288 -0.54 -5.01 -25.06
N ARG A 289 -1.44 -5.87 -24.57
CA ARG A 289 -1.58 -6.00 -23.13
C ARG A 289 -0.30 -6.61 -22.54
N SER A 290 0.51 -7.21 -23.41
CA SER A 290 1.68 -7.92 -22.94
C SER A 290 2.88 -7.00 -22.91
N LEU A 291 2.67 -5.74 -23.27
CA LEU A 291 3.77 -4.80 -23.45
C LEU A 291 3.58 -3.57 -22.55
N LEU A 292 2.68 -3.73 -21.57
CA LEU A 292 2.36 -2.71 -20.57
C LEU A 292 3.06 -2.84 -19.18
N PHE A 293 3.11 -4.06 -18.61
CA PHE A 293 3.62 -4.30 -17.23
C PHE A 293 4.74 -5.34 -17.21
N PRO A 294 5.75 -5.16 -16.35
CA PRO A 294 5.80 -4.12 -15.33
C PRO A 294 6.14 -2.78 -15.95
N ARG A 295 5.71 -1.69 -15.33
CA ARG A 295 6.00 -0.38 -15.89
C ARG A 295 7.42 0.12 -15.62
N LYS A 296 7.92 0.95 -16.54
CA LYS A 296 9.11 1.74 -16.25
C LYS A 296 8.83 2.49 -14.98
N PHE A 297 9.78 2.44 -14.05
CA PHE A 297 9.65 3.24 -12.85
C PHE A 297 10.87 4.14 -12.66
N TYR A 298 11.62 4.33 -13.75
CA TYR A 298 12.75 5.24 -13.69
C TYR A 298 12.49 6.47 -14.56
N GLU A 299 13.32 7.49 -14.39
CA GLU A 299 13.21 8.71 -15.16
C GLU A 299 14.60 9.10 -15.69
N LEU A 300 14.66 10.03 -16.62
CA LEU A 300 15.93 10.34 -17.27
C LEU A 300 16.53 11.59 -16.64
N ASP A 301 17.82 11.54 -16.35
CA ASP A 301 18.44 12.70 -15.73
C ASP A 301 18.90 13.64 -16.82
N ALA A 302 19.57 14.71 -16.42
CA ALA A 302 19.99 15.73 -17.39
C ALA A 302 20.87 15.16 -18.51
N ASN A 303 21.61 14.09 -18.26
CA ASN A 303 22.38 13.48 -19.32
C ASN A 303 21.73 12.27 -19.98
N GLY A 304 20.43 12.11 -19.76
CA GLY A 304 19.74 10.96 -20.34
C GLY A 304 20.11 9.63 -19.70
N GLN A 305 20.61 9.68 -18.48
CA GLN A 305 20.88 8.49 -17.72
C GLN A 305 19.69 8.16 -16.81
N PRO A 306 19.45 6.85 -16.62
CA PRO A 306 18.32 6.38 -15.84
C PRO A 306 18.49 6.63 -14.35
N ILE A 307 17.46 7.19 -13.72
CA ILE A 307 17.49 7.33 -12.28
C ILE A 307 16.09 6.96 -11.72
N HIS A 308 15.94 6.86 -10.39
CA HIS A 308 14.63 6.51 -9.88
C HIS A 308 14.40 6.79 -8.40
N TYR A 309 13.16 7.08 -8.07
CA TYR A 309 12.72 7.12 -6.70
C TYR A 309 12.55 5.69 -6.32
N SER A 310 13.15 5.28 -5.21
CA SER A 310 12.96 3.92 -4.80
C SER A 310 11.67 3.80 -4.04
N PRO A 311 10.76 2.94 -4.51
CA PRO A 311 9.50 2.76 -3.79
C PRO A 311 9.76 1.85 -2.62
N TYR A 312 11.02 1.42 -2.45
CA TYR A 312 11.40 0.52 -1.35
C TYR A 312 12.01 1.25 -0.16
N ASN A 313 12.89 2.23 -0.42
CA ASN A 313 13.48 3.02 0.68
C ASN A 313 13.28 4.53 0.60
N GLY A 314 12.76 5.02 -0.53
CA GLY A 314 12.39 6.45 -0.69
C GLY A 314 13.54 7.36 -1.10
N GLN A 315 14.72 6.79 -1.27
CA GLN A 315 15.84 7.55 -1.78
C GLN A 315 15.68 7.74 -3.26
N VAL A 316 16.51 8.61 -3.82
CA VAL A 316 16.59 8.74 -5.27
C VAL A 316 17.94 8.17 -5.65
N LEU A 317 17.92 7.16 -6.53
CA LEU A 317 19.13 6.39 -6.81
C LEU A 317 19.38 6.16 -8.31
N PRO A 318 20.65 6.03 -8.70
CA PRO A 318 20.81 5.81 -10.11
C PRO A 318 20.39 4.38 -10.50
N GLY A 319 20.06 4.21 -11.78
CA GLY A 319 19.81 2.89 -12.35
C GLY A 319 18.37 2.61 -12.72
N TYR A 320 18.13 1.42 -13.28
CA TYR A 320 16.79 1.00 -13.66
C TYR A 320 15.93 0.58 -12.50
N MET A 321 14.64 0.56 -12.75
CA MET A 321 13.67 0.16 -11.77
C MET A 321 12.36 0.04 -12.52
N PHE A 322 11.60 -1.02 -12.24
CA PHE A 322 10.27 -1.21 -12.83
C PHE A 322 9.36 -1.67 -11.67
N THR A 323 8.05 -1.75 -11.90
CA THR A 323 7.14 -2.27 -10.87
C THR A 323 5.78 -2.56 -11.46
N ASP A 324 4.85 -2.96 -10.60
CA ASP A 324 3.49 -3.23 -10.96
C ASP A 324 3.30 -4.54 -11.71
N THR A 325 3.90 -5.62 -11.20
CA THR A 325 3.68 -6.95 -11.73
C THR A 325 3.68 -7.90 -10.55
N GLY A 326 2.88 -8.98 -10.65
CA GLY A 326 2.90 -10.07 -9.68
C GLY A 326 3.49 -11.30 -10.33
N PHE A 327 4.68 -11.71 -9.92
CA PHE A 327 5.37 -12.81 -10.61
C PHE A 327 4.60 -14.14 -10.60
N TRP A 328 3.58 -14.20 -9.74
CA TRP A 328 2.80 -15.41 -9.60
C TRP A 328 1.98 -15.60 -10.86
N ASP A 329 1.57 -14.48 -11.45
CA ASP A 329 0.96 -14.47 -12.78
C ASP A 329 2.06 -14.59 -13.84
N THR A 330 3.00 -13.63 -13.82
CA THR A 330 3.79 -13.33 -14.99
C THR A 330 5.02 -14.22 -15.26
N PHE A 331 5.43 -15.07 -14.32
CA PHE A 331 6.54 -15.98 -14.58
C PHE A 331 6.12 -17.00 -15.64
N ARG A 332 4.82 -17.27 -15.70
CA ARG A 332 4.35 -18.37 -16.52
C ARG A 332 4.64 -18.21 -18.02
N CYS A 333 4.18 -17.11 -18.61
CA CYS A 333 4.54 -16.92 -19.99
C CYS A 333 4.80 -15.47 -20.37
N LEU A 334 4.56 -14.56 -19.46
CA LEU A 334 4.68 -13.15 -19.84
C LEU A 334 6.15 -12.78 -19.91
N PHE A 335 6.90 -13.01 -18.84
CA PHE A 335 8.32 -12.68 -18.89
C PHE A 335 9.12 -13.47 -19.94
N PRO A 336 8.74 -14.73 -20.18
CA PRO A 336 9.28 -15.52 -21.28
C PRO A 336 9.04 -14.89 -22.64
N LEU A 337 7.87 -14.31 -22.85
CA LEU A 337 7.63 -13.66 -24.12
C LEU A 337 8.65 -12.56 -24.24
N LEU A 338 8.95 -11.88 -23.13
CA LEU A 338 9.92 -10.80 -23.23
C LEU A 338 11.32 -11.34 -23.53
N ASN A 339 11.71 -12.45 -22.92
CA ASN A 339 13.02 -13.02 -23.26
C ASN A 339 13.08 -13.51 -24.70
N LEU A 340 11.93 -13.83 -25.29
CA LEU A 340 12.00 -14.22 -26.67
C LEU A 340 11.97 -13.03 -27.63
N MET A 341 10.96 -12.16 -27.49
CA MET A 341 10.79 -11.09 -28.47
C MET A 341 11.37 -9.71 -28.08
N TYR A 342 11.69 -9.51 -26.81
CA TYR A 342 12.12 -8.18 -26.37
C TYR A 342 13.21 -8.27 -25.27
N PRO A 343 14.26 -9.06 -25.53
CA PRO A 343 15.30 -9.31 -24.55
C PRO A 343 15.90 -8.03 -23.99
N SER A 344 16.09 -7.02 -24.83
CA SER A 344 16.71 -5.78 -24.36
C SER A 344 15.81 -5.03 -23.39
N VAL A 345 14.50 -5.19 -23.50
CA VAL A 345 13.60 -4.58 -22.49
C VAL A 345 13.69 -5.30 -21.17
N ASN A 346 13.63 -6.63 -21.19
CA ASN A 346 13.75 -7.40 -19.94
C ASN A 346 15.14 -7.28 -19.29
N LYS A 347 16.12 -6.90 -20.08
CA LYS A 347 17.41 -6.57 -19.52
C LYS A 347 17.24 -5.45 -18.51
N GLU A 348 16.52 -4.40 -18.87
CA GLU A 348 16.30 -3.27 -17.94
C GLU A 348 15.50 -3.73 -16.73
N MET A 349 14.61 -4.68 -16.96
CA MET A 349 13.77 -5.18 -15.91
C MET A 349 14.58 -5.93 -14.87
N GLN A 350 15.52 -6.73 -15.35
CA GLN A 350 16.35 -7.51 -14.48
C GLN A 350 17.30 -6.62 -13.74
N GLU A 351 17.93 -5.69 -14.44
CA GLU A 351 18.70 -4.69 -13.72
C GLU A 351 17.81 -4.10 -12.60
N GLY A 352 16.57 -3.78 -12.94
CA GLY A 352 15.64 -3.26 -11.93
C GLY A 352 15.48 -4.23 -10.76
N LEU A 353 15.46 -5.52 -11.05
CA LEU A 353 15.12 -6.41 -9.95
C LEU A 353 16.29 -6.36 -8.97
N ILE A 354 17.50 -6.39 -9.52
CA ILE A 354 18.70 -6.29 -8.73
C ILE A 354 18.59 -5.05 -7.85
N ASN A 355 18.17 -3.93 -8.43
CA ASN A 355 18.00 -2.74 -7.61
C ASN A 355 16.97 -2.90 -6.49
N THR A 356 15.85 -3.56 -6.77
CA THR A 356 14.86 -3.84 -5.72
C THR A 356 15.53 -4.59 -4.54
N TYR A 357 16.34 -5.57 -4.89
CA TYR A 357 16.96 -6.35 -3.82
C TYR A 357 17.98 -5.53 -3.03
N LEU A 358 18.78 -4.74 -3.73
CA LEU A 358 19.71 -3.87 -3.04
C LEU A 358 18.99 -2.90 -2.10
N GLU A 359 17.80 -2.44 -2.50
CA GLU A 359 17.11 -1.38 -1.81
C GLU A 359 16.15 -1.88 -0.72
N SER A 360 15.77 -3.16 -0.79
CA SER A 360 14.75 -3.65 0.14
C SER A 360 15.18 -4.87 0.93
N GLY A 361 16.18 -5.59 0.43
CA GLY A 361 16.60 -6.84 1.06
C GLY A 361 15.98 -8.10 0.41
N PHE A 362 14.92 -7.93 -0.36
CA PHE A 362 14.34 -9.06 -1.08
C PHE A 362 14.10 -8.71 -2.53
N PHE A 363 14.28 -9.70 -3.43
CA PHE A 363 13.60 -9.65 -4.73
C PHE A 363 12.10 -9.65 -4.44
N PRO A 364 11.30 -8.97 -5.30
CA PRO A 364 9.85 -8.86 -5.10
C PRO A 364 9.10 -10.04 -5.66
N GLU A 365 7.85 -10.18 -5.26
CA GLU A 365 6.96 -11.16 -5.83
C GLU A 365 5.76 -10.42 -6.43
N TRP A 366 4.99 -9.75 -5.58
CA TRP A 366 4.05 -8.76 -6.04
C TRP A 366 4.61 -7.38 -5.64
N ALA A 367 4.61 -6.45 -6.58
CA ALA A 367 5.17 -5.14 -6.33
C ALA A 367 4.22 -4.12 -6.87
N SER A 368 3.92 -3.09 -6.08
CA SER A 368 3.00 -2.06 -6.55
C SER A 368 2.79 -0.93 -5.57
N PRO A 369 3.74 0.03 -5.49
CA PRO A 369 5.01 0.08 -6.19
C PRO A 369 6.10 -0.66 -5.43
N GLY A 370 5.99 -0.73 -4.10
CA GLY A 370 6.94 -1.51 -3.30
C GLY A 370 6.34 -2.88 -3.01
N HIS A 371 6.92 -3.62 -2.08
CA HIS A 371 6.41 -4.95 -1.74
C HIS A 371 4.94 -4.93 -1.28
N ARG A 372 4.12 -5.77 -1.89
CA ARG A 372 2.71 -5.85 -1.57
C ARG A 372 2.27 -7.28 -1.24
N GLY A 373 1.32 -7.37 -0.31
CA GLY A 373 0.94 -8.66 0.23
C GLY A 373 -0.13 -9.28 -0.63
N CYS A 374 0.28 -10.20 -1.50
CA CYS A 374 -0.64 -10.75 -2.49
C CYS A 374 -0.07 -11.98 -3.17
N MET A 375 -0.85 -13.06 -3.22
CA MET A 375 -0.50 -14.32 -3.87
C MET A 375 0.61 -15.08 -3.19
N VAL A 376 1.23 -16.02 -3.91
CA VAL A 376 2.13 -17.00 -3.27
C VAL A 376 3.30 -17.41 -4.13
N GLY A 377 4.19 -18.21 -3.56
CA GLY A 377 5.31 -18.72 -4.32
C GLY A 377 6.52 -17.81 -4.26
N ASN A 378 7.62 -18.28 -4.84
CA ASN A 378 8.86 -17.53 -4.83
C ASN A 378 9.32 -17.45 -6.28
N ASN A 379 8.35 -17.15 -7.14
CA ASN A 379 8.57 -17.29 -8.56
C ASN A 379 9.51 -16.25 -9.17
N SER A 380 9.88 -15.24 -8.40
CA SER A 380 10.96 -14.38 -8.84
C SER A 380 12.14 -15.26 -9.25
N ALA A 381 12.33 -16.37 -8.56
CA ALA A 381 13.43 -17.25 -8.92
C ALA A 381 13.33 -17.72 -10.37
N SER A 382 12.10 -17.95 -10.84
CA SER A 382 11.91 -18.34 -12.25
C SER A 382 12.19 -17.18 -13.25
N ILE A 383 11.65 -16.00 -12.95
CA ILE A 383 11.95 -14.80 -13.72
C ILE A 383 13.45 -14.58 -13.85
N LEU A 384 14.13 -14.55 -12.71
CA LEU A 384 15.55 -14.26 -12.68
C LEU A 384 16.35 -15.32 -13.49
N VAL A 385 16.07 -16.59 -13.24
CA VAL A 385 16.84 -17.65 -13.91
C VAL A 385 16.51 -17.80 -15.39
N ASP A 386 15.23 -17.71 -15.73
CA ASP A 386 14.85 -17.86 -17.13
C ASP A 386 15.53 -16.78 -17.96
N ALA A 387 15.48 -15.54 -17.48
CA ALA A 387 16.23 -14.48 -18.12
C ALA A 387 17.66 -14.93 -18.38
N TYR A 388 18.43 -15.20 -17.33
CA TYR A 388 19.86 -15.53 -17.43
C TYR A 388 20.15 -16.69 -18.38
N MET A 389 19.39 -17.77 -18.26
CA MET A 389 19.62 -18.93 -19.12
C MET A 389 19.29 -18.59 -20.56
N LYS A 390 18.52 -17.52 -20.75
CA LYS A 390 18.20 -17.05 -22.10
C LYS A 390 19.07 -15.90 -22.60
N GLY A 391 20.21 -15.68 -21.97
CA GLY A 391 21.10 -14.66 -22.49
C GLY A 391 20.79 -13.26 -21.99
N VAL A 392 19.79 -13.12 -21.14
CA VAL A 392 19.58 -11.80 -20.53
C VAL A 392 20.26 -11.79 -19.17
N LYS A 393 21.47 -11.23 -19.13
CA LYS A 393 22.36 -11.36 -17.97
C LYS A 393 22.57 -10.05 -17.24
N VAL A 394 22.38 -10.03 -15.93
CA VAL A 394 22.60 -8.78 -15.22
C VAL A 394 24.11 -8.59 -15.06
N ASP A 395 24.55 -7.38 -14.75
CA ASP A 395 25.98 -7.16 -14.53
C ASP A 395 26.49 -7.91 -13.29
N ASP A 396 25.69 -7.90 -12.24
CA ASP A 396 26.15 -8.38 -10.97
C ASP A 396 25.58 -9.75 -10.64
N ILE A 397 26.21 -10.77 -11.19
CA ILE A 397 25.77 -12.12 -10.97
C ILE A 397 25.95 -12.51 -9.51
N LYS A 398 26.97 -11.94 -8.88
CA LYS A 398 27.21 -12.23 -7.50
C LYS A 398 25.97 -11.87 -6.68
N THR A 399 25.51 -10.64 -6.83
CA THR A 399 24.36 -10.17 -6.05
C THR A 399 23.13 -10.97 -6.41
N LEU A 400 23.04 -11.30 -7.68
CA LEU A 400 21.91 -12.05 -8.18
C LEU A 400 21.77 -13.37 -7.43
N TYR A 401 22.88 -14.10 -7.39
CA TYR A 401 22.90 -15.37 -6.71
C TYR A 401 22.55 -15.24 -5.24
N GLU A 402 23.10 -14.22 -4.56
CA GLU A 402 22.92 -14.06 -3.11
C GLU A 402 21.49 -13.73 -2.80
N GLY A 403 20.87 -12.93 -3.66
CA GLY A 403 19.47 -12.55 -3.48
C GLY A 403 18.54 -13.74 -3.63
N LEU A 404 18.87 -14.61 -4.56
CA LEU A 404 18.07 -15.80 -4.76
C LEU A 404 18.09 -16.64 -3.49
N ILE A 405 19.29 -16.96 -3.01
CA ILE A 405 19.49 -17.75 -1.79
C ILE A 405 18.77 -17.08 -0.62
N HIS A 406 18.93 -15.77 -0.51
CA HIS A 406 18.36 -15.05 0.60
C HIS A 406 16.87 -15.31 0.75
N GLY A 407 16.15 -15.34 -0.36
CA GLY A 407 14.71 -15.53 -0.32
C GLY A 407 14.28 -16.97 -0.04
N THR A 408 15.19 -17.93 -0.23
CA THR A 408 14.83 -19.32 0.12
C THR A 408 14.81 -19.57 1.64
N GLU A 409 15.28 -18.62 2.43
CA GLU A 409 15.25 -18.79 3.88
C GLU A 409 14.85 -17.60 4.72
N ASN A 410 14.01 -16.75 4.17
CA ASN A 410 13.55 -15.59 4.87
C ASN A 410 12.21 -15.30 4.26
N VAL A 411 11.27 -14.83 5.07
CA VAL A 411 10.05 -14.27 4.56
C VAL A 411 10.17 -12.81 4.97
N HIS A 412 9.51 -11.91 4.26
CA HIS A 412 9.60 -10.50 4.59
C HIS A 412 8.76 -10.30 5.82
N PRO A 413 9.23 -9.48 6.76
CA PRO A 413 8.52 -9.38 8.03
C PRO A 413 7.18 -8.63 7.99
N GLU A 414 6.98 -7.75 7.00
CA GLU A 414 5.67 -7.10 6.95
C GLU A 414 4.87 -7.49 5.69
N VAL A 415 5.49 -8.25 4.78
CA VAL A 415 4.85 -8.66 3.54
C VAL A 415 5.07 -10.17 3.34
N SER A 416 4.08 -10.96 3.72
CA SER A 416 4.29 -12.39 3.81
C SER A 416 4.49 -13.08 2.44
N SER A 417 4.23 -12.34 1.37
CA SER A 417 4.28 -12.91 0.03
C SER A 417 5.65 -12.69 -0.61
N THR A 418 6.57 -12.15 0.18
CA THR A 418 7.90 -11.79 -0.27
C THR A 418 8.91 -12.59 0.55
N GLY A 419 9.91 -13.18 -0.13
CA GLY A 419 10.64 -14.31 0.44
C GLY A 419 9.64 -15.46 0.56
N ARG A 420 9.99 -16.53 1.27
CA ARG A 420 9.11 -17.69 1.33
C ARG A 420 8.43 -17.82 2.66
N LEU A 421 7.13 -17.55 2.73
CA LEU A 421 6.39 -17.89 3.94
C LEU A 421 6.49 -19.40 4.18
N GLY A 422 6.81 -19.77 5.41
CA GLY A 422 6.91 -21.17 5.82
C GLY A 422 8.13 -21.92 5.28
N TYR A 423 9.22 -21.20 5.00
CA TYR A 423 10.44 -21.88 4.58
C TYR A 423 10.96 -22.90 5.60
N GLU A 424 10.80 -22.61 6.89
CA GLU A 424 11.34 -23.47 7.95
C GLU A 424 10.77 -24.86 7.74
N TYR A 425 9.44 -24.95 7.72
CA TYR A 425 8.79 -26.21 7.51
C TYR A 425 9.24 -26.88 6.21
N TYR A 426 9.41 -26.05 5.19
CA TYR A 426 9.61 -26.57 3.87
C TYR A 426 11.03 -27.12 3.78
N ASN A 427 11.99 -26.39 4.32
CA ASN A 427 13.37 -26.88 4.36
C ASN A 427 13.60 -28.11 5.24
N LYS A 428 12.83 -28.23 6.30
CA LYS A 428 12.90 -29.40 7.17
C LYS A 428 12.06 -30.62 6.67
N LEU A 429 10.77 -30.41 6.45
CA LEU A 429 9.85 -31.52 6.14
C LEU A 429 9.75 -31.77 4.65
N GLY A 430 10.23 -30.81 3.86
CA GLY A 430 10.14 -30.90 2.41
C GLY A 430 8.76 -30.50 1.90
N TYR A 431 8.03 -29.71 2.70
CA TYR A 431 6.72 -29.25 2.27
C TYR A 431 6.12 -28.32 3.33
N VAL A 432 5.15 -27.50 2.94
CA VAL A 432 4.46 -26.66 3.94
C VAL A 432 3.20 -27.34 4.43
N PRO A 433 3.18 -27.68 5.73
CA PRO A 433 2.09 -28.37 6.36
C PRO A 433 0.73 -27.71 6.16
N TYR A 434 -0.30 -28.54 6.14
CA TYR A 434 -1.66 -28.11 6.00
C TYR A 434 -2.24 -27.49 7.27
N ASP A 435 -1.71 -27.90 8.43
CA ASP A 435 -2.29 -27.59 9.75
C ASP A 435 -1.51 -26.60 10.63
N VAL A 436 -0.56 -25.86 10.05
CA VAL A 436 0.24 -24.91 10.84
C VAL A 436 -0.22 -23.46 10.64
N LYS A 437 -1.42 -23.28 10.14
CA LYS A 437 -1.98 -21.94 9.94
C LYS A 437 -1.22 -21.06 8.94
N ILE A 438 -0.65 -21.73 7.95
CA ILE A 438 -0.16 -21.10 6.73
C ILE A 438 -0.99 -21.60 5.53
N ASN A 439 -2.00 -20.80 5.17
CA ASN A 439 -2.84 -21.15 4.05
C ASN A 439 -2.14 -21.30 2.72
N GLU A 440 -2.76 -22.08 1.85
CA GLU A 440 -2.31 -22.20 0.48
C GLU A 440 -0.94 -22.82 0.50
N ASN A 441 -0.82 -23.74 1.44
CA ASN A 441 0.42 -24.43 1.76
C ASN A 441 0.83 -25.42 0.70
N ALA A 442 -0.13 -26.19 0.19
CA ALA A 442 0.15 -27.06 -0.93
C ALA A 442 0.56 -26.28 -2.19
N ALA A 443 -0.09 -25.15 -2.43
CA ALA A 443 0.28 -24.33 -3.57
C ALA A 443 1.70 -23.80 -3.36
N ARG A 444 1.98 -23.30 -2.17
CA ARG A 444 3.30 -22.79 -1.92
C ARG A 444 4.34 -23.89 -2.16
N THR A 445 3.99 -25.12 -1.76
CA THR A 445 4.96 -26.19 -1.82
C THR A 445 5.33 -26.48 -3.28
N LEU A 446 4.32 -26.55 -4.13
CA LEU A 446 4.57 -26.96 -5.51
C LEU A 446 5.35 -25.91 -6.27
N GLU A 447 5.09 -24.65 -5.94
CA GLU A 447 5.81 -23.57 -6.60
C GLU A 447 7.27 -23.43 -6.07
N TYR A 448 7.43 -23.46 -4.74
CA TYR A 448 8.76 -23.50 -4.12
C TYR A 448 9.63 -24.59 -4.77
N ALA A 449 9.05 -25.77 -4.92
CA ALA A 449 9.74 -26.89 -5.56
C ALA A 449 10.23 -26.52 -6.94
N TYR A 450 9.34 -26.03 -7.78
CA TYR A 450 9.75 -25.52 -9.09
C TYR A 450 10.79 -24.40 -8.95
N ASP A 451 10.54 -23.48 -8.02
CA ASP A 451 11.41 -22.34 -7.86
C ASP A 451 12.81 -22.85 -7.52
N ASP A 452 12.88 -23.90 -6.70
CA ASP A 452 14.18 -24.48 -6.35
C ASP A 452 14.79 -25.16 -7.56
N TRP A 453 13.96 -25.69 -8.44
CA TRP A 453 14.54 -26.32 -9.63
C TRP A 453 15.30 -25.28 -10.44
N CYS A 454 14.71 -24.09 -10.55
CA CYS A 454 15.33 -23.01 -11.27
C CYS A 454 16.64 -22.63 -10.61
N ILE A 455 16.62 -22.51 -9.29
CA ILE A 455 17.83 -22.14 -8.60
C ILE A 455 18.88 -23.22 -8.85
N TYR A 456 18.45 -24.48 -8.83
CA TYR A 456 19.33 -25.60 -9.13
C TYR A 456 19.99 -25.36 -10.47
N ARG A 457 19.16 -25.02 -11.45
CA ARG A 457 19.65 -24.74 -12.78
C ARG A 457 20.70 -23.66 -12.79
N LEU A 458 20.45 -22.57 -12.07
CA LEU A 458 21.45 -21.51 -12.02
C LEU A 458 22.68 -21.93 -11.23
N ALA A 459 22.48 -22.59 -10.10
CA ALA A 459 23.63 -23.08 -9.35
C ALA A 459 24.53 -23.89 -10.28
N LYS A 460 23.91 -24.80 -11.04
CA LYS A 460 24.64 -25.63 -11.96
C LYS A 460 25.39 -24.81 -13.00
N GLU A 461 24.71 -23.86 -13.63
CA GLU A 461 25.32 -23.11 -14.72
C GLU A 461 26.52 -22.30 -14.23
N LEU A 462 26.48 -21.92 -12.97
CA LEU A 462 27.47 -21.03 -12.39
C LEU A 462 28.66 -21.75 -11.76
N LYS A 463 28.67 -23.08 -11.80
CA LYS A 463 29.72 -23.85 -11.12
C LYS A 463 29.78 -23.58 -9.62
N ARG A 464 28.64 -23.62 -8.94
CA ARG A 464 28.63 -23.47 -7.51
C ARG A 464 29.17 -24.74 -6.86
N PRO A 465 29.32 -24.72 -5.54
CA PRO A 465 29.81 -25.89 -4.85
C PRO A 465 28.74 -26.97 -4.91
N LYS A 466 29.17 -28.21 -5.08
CA LYS A 466 28.24 -29.29 -5.38
C LYS A 466 27.17 -29.37 -4.30
N LYS A 467 27.52 -28.87 -3.11
CA LYS A 467 26.58 -28.95 -1.98
C LYS A 467 25.32 -28.04 -2.13
N GLU A 468 25.49 -26.92 -2.82
CA GLU A 468 24.35 -26.05 -3.13
C GLU A 468 23.58 -26.67 -4.28
N ILE A 469 24.30 -27.17 -5.27
CA ILE A 469 23.66 -27.84 -6.38
C ILE A 469 22.76 -29.00 -5.91
N SER A 470 23.34 -29.86 -5.07
CA SER A 470 22.66 -31.04 -4.55
C SER A 470 21.46 -30.70 -3.70
N LEU A 471 21.58 -29.63 -2.92
CA LEU A 471 20.53 -29.26 -1.99
C LEU A 471 19.31 -28.81 -2.78
N PHE A 472 19.55 -28.11 -3.90
CA PHE A 472 18.41 -27.68 -4.71
C PHE A 472 17.88 -28.80 -5.61
N ALA A 473 18.78 -29.65 -6.12
CA ALA A 473 18.38 -30.88 -6.77
C ALA A 473 17.36 -31.65 -5.90
N LYS A 474 17.71 -31.87 -4.64
CA LYS A 474 16.80 -32.56 -3.72
C LYS A 474 15.48 -31.81 -3.51
N ARG A 475 15.57 -30.53 -3.15
CA ARG A 475 14.37 -29.71 -2.90
C ARG A 475 13.45 -29.65 -4.12
N ALA A 476 14.07 -29.65 -5.30
CA ALA A 476 13.27 -29.71 -6.53
C ALA A 476 12.24 -30.84 -6.57
N MET A 477 12.47 -31.93 -5.86
CA MET A 477 11.54 -33.05 -5.94
C MET A 477 10.48 -32.95 -4.85
N ASN A 478 10.48 -31.82 -4.15
CA ASN A 478 9.56 -31.66 -3.04
C ASN A 478 8.07 -31.85 -3.37
N TYR A 479 7.74 -31.75 -4.65
CA TYR A 479 6.36 -31.98 -5.09
C TYR A 479 5.90 -33.41 -4.79
N LYS A 480 6.81 -34.38 -4.86
CA LYS A 480 6.48 -35.75 -4.48
C LYS A 480 5.82 -35.83 -3.10
N ASN A 481 6.22 -34.95 -2.19
CA ASN A 481 5.75 -35.03 -0.80
C ASN A 481 4.28 -34.74 -0.60
N LEU A 482 3.60 -34.22 -1.61
CA LEU A 482 2.21 -33.91 -1.45
C LEU A 482 1.33 -34.81 -2.33
N PHE A 483 1.98 -35.64 -3.12
CA PHE A 483 1.26 -36.50 -4.04
C PHE A 483 0.57 -37.65 -3.31
N ASP A 484 -0.74 -37.77 -3.53
CA ASP A 484 -1.58 -38.77 -2.89
C ASP A 484 -1.85 -39.96 -3.84
N LYS A 485 -1.21 -41.09 -3.57
CA LYS A 485 -1.31 -42.26 -4.44
C LYS A 485 -2.75 -42.73 -4.76
N GLU A 486 -3.66 -42.62 -3.79
CA GLU A 486 -5.06 -43.05 -4.00
C GLU A 486 -5.86 -42.23 -4.99
N SER A 487 -5.85 -40.91 -4.84
CA SER A 487 -6.66 -40.04 -5.68
C SER A 487 -5.90 -39.67 -6.95
N LYS A 488 -4.60 -39.91 -6.94
CA LYS A 488 -3.72 -39.52 -8.04
C LYS A 488 -3.61 -37.99 -8.18
N LEU A 489 -3.80 -37.30 -7.06
CA LEU A 489 -3.77 -35.85 -7.00
C LEU A 489 -2.84 -35.35 -5.90
N MET A 490 -2.56 -34.05 -5.91
CA MET A 490 -1.81 -33.45 -4.84
C MET A 490 -2.80 -33.14 -3.72
N ARG A 491 -2.33 -33.18 -2.48
CA ARG A 491 -3.21 -33.12 -1.32
C ARG A 491 -2.51 -32.43 -0.16
N GLY A 492 -3.27 -31.65 0.61
CA GLY A 492 -2.73 -31.03 1.82
C GLY A 492 -2.12 -32.06 2.74
N ARG A 493 -1.00 -31.72 3.38
CA ARG A 493 -0.31 -32.65 4.28
C ARG A 493 -0.03 -32.10 5.67
N ASN A 494 -0.49 -32.83 6.69
CA ASN A 494 -0.35 -32.41 8.08
C ASN A 494 1.08 -32.33 8.54
N GLU A 495 1.35 -31.51 9.54
CA GLU A 495 2.69 -31.44 10.13
C GLU A 495 3.29 -32.79 10.52
N ASP A 496 2.45 -33.70 11.00
CA ASP A 496 2.95 -35.00 11.45
C ASP A 496 3.22 -35.94 10.30
N GLY A 497 2.83 -35.58 9.09
CA GLY A 497 3.07 -36.46 7.93
C GLY A 497 1.87 -37.16 7.34
N THR A 498 0.78 -37.22 8.09
CA THR A 498 -0.47 -37.75 7.54
C THR A 498 -1.18 -36.72 6.65
N PHE A 499 -1.81 -37.19 5.59
CA PHE A 499 -2.56 -36.31 4.73
C PHE A 499 -3.81 -35.80 5.45
N GLN A 500 -4.33 -34.65 5.02
CA GLN A 500 -5.41 -34.03 5.77
C GLN A 500 -6.74 -34.73 5.44
N SER A 501 -7.60 -34.87 6.43
CA SER A 501 -8.89 -35.45 6.18
C SER A 501 -10.02 -34.65 6.79
N PRO A 502 -11.20 -34.65 6.16
CA PRO A 502 -11.46 -35.34 4.88
C PRO A 502 -10.89 -34.56 3.69
N PHE A 503 -10.68 -35.26 2.58
CA PHE A 503 -10.08 -34.60 1.44
C PHE A 503 -11.09 -34.38 0.33
N SER A 504 -11.31 -33.11 -0.05
CA SER A 504 -12.10 -32.84 -1.28
C SER A 504 -11.30 -32.13 -2.38
N PRO A 505 -11.04 -32.85 -3.45
CA PRO A 505 -10.30 -32.35 -4.61
C PRO A 505 -11.04 -31.23 -5.33
N LEU A 506 -12.31 -31.00 -4.98
CA LEU A 506 -13.08 -29.93 -5.62
C LEU A 506 -13.14 -28.69 -4.74
N LYS A 507 -12.50 -28.73 -3.58
CA LYS A 507 -12.48 -27.57 -2.71
C LYS A 507 -11.46 -26.55 -3.21
N TRP A 508 -11.88 -25.29 -3.35
CA TRP A 508 -11.02 -24.20 -3.79
C TRP A 508 -10.35 -23.52 -2.59
N GLY A 509 -9.15 -22.96 -2.78
CA GLY A 509 -8.48 -22.23 -1.70
C GLY A 509 -7.90 -23.18 -0.67
N ASP A 510 -7.74 -22.72 0.58
CA ASP A 510 -7.30 -23.62 1.65
C ASP A 510 -5.88 -24.18 1.44
N ALA A 511 -5.75 -25.41 0.94
CA ALA A 511 -4.40 -25.91 0.63
C ALA A 511 -3.88 -25.17 -0.61
N PHE A 512 -4.82 -24.72 -1.42
CA PHE A 512 -4.48 -24.15 -2.70
C PHE A 512 -4.89 -22.70 -2.83
N THR A 513 -4.45 -22.13 -3.94
CA THR A 513 -4.64 -20.72 -4.18
C THR A 513 -5.60 -20.54 -5.33
N GLU A 514 -6.79 -20.02 -5.01
CA GLU A 514 -7.78 -19.73 -6.05
C GLU A 514 -7.87 -20.85 -7.08
N GLY A 515 -7.98 -22.09 -6.61
CA GLY A 515 -8.03 -23.26 -7.46
C GLY A 515 -8.32 -24.44 -6.57
N ASN A 516 -8.50 -25.61 -7.15
CA ASN A 516 -8.61 -26.81 -6.39
C ASN A 516 -7.56 -27.81 -6.85
N SER A 517 -7.51 -28.98 -6.21
CA SER A 517 -6.47 -29.96 -6.51
C SER A 517 -6.36 -30.22 -8.01
N TRP A 518 -7.50 -30.33 -8.68
CA TRP A 518 -7.52 -30.60 -10.13
C TRP A 518 -6.81 -29.53 -10.95
N HIS A 519 -6.74 -28.33 -10.40
CA HIS A 519 -6.07 -27.26 -11.09
C HIS A 519 -4.64 -27.30 -10.72
N TYR A 520 -4.37 -27.45 -9.43
CA TYR A 520 -3.00 -27.29 -8.94
C TYR A 520 -2.07 -28.48 -9.15
N THR A 521 -2.64 -29.66 -9.25
CA THR A 521 -1.88 -30.89 -9.35
C THR A 521 -0.84 -30.88 -10.46
N TRP A 522 -1.08 -30.05 -11.46
CA TRP A 522 -0.26 -30.08 -12.67
C TRP A 522 0.94 -29.15 -12.52
N SER A 523 1.05 -28.49 -11.37
CA SER A 523 2.15 -27.54 -11.19
C SER A 523 3.50 -28.24 -10.97
N VAL A 524 4.00 -28.91 -12.01
CA VAL A 524 5.30 -29.55 -11.92
C VAL A 524 5.97 -29.25 -13.23
N PHE A 525 6.06 -27.96 -13.54
CA PHE A 525 6.66 -27.49 -14.79
C PHE A 525 8.05 -28.11 -15.07
N HIS A 526 8.81 -28.41 -14.03
CA HIS A 526 10.17 -28.87 -14.32
C HIS A 526 10.28 -30.39 -14.44
N ASP A 527 9.21 -31.10 -14.11
CA ASP A 527 9.30 -32.54 -14.18
C ASP A 527 7.97 -33.25 -14.47
N PRO A 528 7.37 -33.02 -15.64
CA PRO A 528 6.14 -33.78 -15.93
C PRO A 528 6.33 -35.32 -15.97
N GLN A 529 7.48 -35.81 -16.41
CA GLN A 529 7.66 -37.26 -16.41
C GLN A 529 7.62 -37.78 -14.97
N GLY A 530 8.19 -37.02 -14.05
CA GLY A 530 8.07 -37.38 -12.65
C GLY A 530 6.62 -37.44 -12.21
N LEU A 531 5.74 -36.66 -12.85
CA LEU A 531 4.35 -36.61 -12.40
C LEU A 531 3.59 -37.73 -13.04
N ILE A 532 3.94 -37.99 -14.29
CA ILE A 532 3.44 -39.16 -14.98
C ILE A 532 3.80 -40.38 -14.13
N ASP A 533 5.10 -40.58 -13.89
CA ASP A 533 5.60 -41.68 -13.06
C ASP A 533 4.76 -41.80 -11.79
N LEU A 534 4.59 -40.71 -11.06
CA LEU A 534 3.79 -40.76 -9.84
C LEU A 534 2.39 -41.32 -10.01
N MET A 535 1.78 -41.12 -11.17
CA MET A 535 0.38 -41.48 -11.37
C MET A 535 0.21 -42.89 -11.94
N GLY A 536 1.31 -43.51 -12.34
CA GLY A 536 1.26 -44.89 -12.83
C GLY A 536 1.54 -45.00 -14.32
N GLY A 537 2.12 -43.96 -14.92
CA GLY A 537 2.44 -44.05 -16.34
C GLY A 537 1.53 -43.29 -17.30
N LYS A 538 2.04 -43.07 -18.51
CA LYS A 538 1.40 -42.14 -19.41
C LYS A 538 -0.11 -42.36 -19.56
N GLU A 539 -0.57 -43.60 -19.63
CA GLU A 539 -1.98 -43.87 -19.88
C GLU A 539 -2.84 -43.34 -18.75
N MET A 540 -2.45 -43.59 -17.50
CA MET A 540 -3.25 -43.12 -16.38
CA MET A 540 -3.24 -43.13 -16.36
C MET A 540 -3.20 -41.60 -16.30
N PHE A 541 -2.04 -41.03 -16.57
CA PHE A 541 -1.84 -39.59 -16.57
C PHE A 541 -2.85 -38.98 -17.55
N VAL A 542 -2.77 -39.42 -18.80
CA VAL A 542 -3.77 -39.03 -19.77
C VAL A 542 -5.21 -39.19 -19.27
N THR A 543 -5.50 -40.29 -18.57
CA THR A 543 -6.86 -40.57 -18.12
C THR A 543 -7.29 -39.48 -17.13
N MET A 544 -6.33 -38.97 -16.37
CA MET A 544 -6.62 -37.94 -15.39
C MET A 544 -6.81 -36.59 -16.08
N MET A 545 -5.93 -36.26 -17.01
CA MET A 545 -6.08 -35.06 -17.80
C MET A 545 -7.43 -34.97 -18.49
N ASP A 546 -7.84 -36.03 -19.17
CA ASP A 546 -9.18 -36.04 -19.79
C ASP A 546 -10.30 -35.70 -18.79
N SER A 547 -10.22 -36.27 -17.58
CA SER A 547 -11.26 -36.06 -16.58
C SER A 547 -11.55 -34.60 -16.30
N VAL A 548 -10.48 -33.79 -16.28
CA VAL A 548 -10.59 -32.36 -16.02
C VAL A 548 -11.58 -31.72 -16.98
N PHE A 549 -11.55 -32.15 -18.23
CA PHE A 549 -12.48 -31.61 -19.21
C PHE A 549 -13.85 -32.25 -19.10
N ALA A 550 -13.90 -33.49 -18.62
CA ALA A 550 -15.14 -34.27 -18.72
C ALA A 550 -16.04 -34.17 -17.50
N VAL A 551 -15.48 -33.78 -16.36
CA VAL A 551 -16.31 -33.71 -15.17
C VAL A 551 -17.12 -32.43 -15.16
N PRO A 552 -18.36 -32.50 -14.65
CA PRO A 552 -19.09 -31.27 -14.40
C PRO A 552 -18.22 -30.29 -13.60
N PRO A 553 -18.48 -28.99 -13.75
CA PRO A 553 -17.78 -27.98 -12.98
C PRO A 553 -18.39 -27.77 -11.60
N ILE A 554 -18.48 -28.85 -10.81
CA ILE A 554 -18.88 -28.73 -9.40
C ILE A 554 -17.71 -28.17 -8.59
N PHE A 555 -18.01 -27.59 -7.42
CA PHE A 555 -16.96 -26.97 -6.64
C PHE A 555 -17.36 -26.88 -5.18
N ASP A 556 -16.41 -26.45 -4.34
CA ASP A 556 -16.65 -26.30 -2.91
C ASP A 556 -16.04 -24.96 -2.47
N ASP A 557 -16.91 -24.00 -2.16
CA ASP A 557 -16.47 -22.62 -1.98
C ASP A 557 -16.34 -22.23 -0.50
N SER A 558 -16.62 -23.19 0.37
CA SER A 558 -16.64 -22.94 1.81
C SER A 558 -15.47 -22.07 2.27
N TYR A 559 -14.27 -22.40 1.83
CA TYR A 559 -13.11 -21.62 2.23
C TYR A 559 -13.33 -20.12 2.04
N TYR A 560 -13.90 -19.72 0.91
CA TYR A 560 -14.11 -18.29 0.59
C TYR A 560 -15.43 -17.66 1.10
N GLY A 561 -16.43 -18.49 1.36
CA GLY A 561 -17.70 -17.98 1.86
C GLY A 561 -18.56 -17.32 0.79
N GLN A 562 -18.14 -17.37 -0.45
CA GLN A 562 -18.96 -16.86 -1.54
C GLN A 562 -18.43 -17.45 -2.81
N VAL A 563 -19.27 -17.44 -3.84
CA VAL A 563 -18.84 -17.85 -5.16
C VAL A 563 -17.98 -16.76 -5.81
N ILE A 564 -16.69 -16.75 -5.49
CA ILE A 564 -15.81 -15.77 -6.09
C ILE A 564 -15.81 -15.91 -7.61
N HIS A 565 -15.47 -14.81 -8.27
CA HIS A 565 -15.59 -14.74 -9.71
C HIS A 565 -14.78 -15.82 -10.42
N GLU A 566 -13.60 -16.20 -9.90
CA GLU A 566 -12.78 -17.27 -10.54
C GLU A 566 -13.57 -18.57 -10.59
N ILE A 567 -14.36 -18.85 -9.57
CA ILE A 567 -15.23 -20.02 -9.60
C ILE A 567 -16.33 -19.83 -10.65
N ARG A 568 -17.05 -18.70 -10.59
CA ARG A 568 -18.11 -18.45 -11.54
C ARG A 568 -17.60 -18.57 -12.96
N GLU A 569 -16.55 -17.82 -13.25
CA GLU A 569 -15.87 -17.89 -14.53
C GLU A 569 -15.72 -19.32 -15.01
N MET A 570 -15.27 -20.21 -14.14
CA MET A 570 -15.08 -21.58 -14.54
C MET A 570 -16.42 -22.18 -14.90
N THR A 571 -17.41 -22.04 -14.04
CA THR A 571 -18.67 -22.75 -14.21
C THR A 571 -19.30 -22.48 -15.58
N VAL A 572 -19.21 -21.23 -16.05
CA VAL A 572 -20.01 -20.84 -17.23
C VAL A 572 -19.47 -21.37 -18.55
N MET A 573 -18.23 -21.85 -18.56
CA MET A 573 -17.57 -22.14 -19.81
C MET A 573 -18.03 -23.44 -20.39
N ASN A 574 -18.50 -24.34 -19.55
CA ASN A 574 -18.83 -25.63 -20.08
C ASN A 574 -17.53 -26.24 -20.62
N MET A 575 -16.52 -26.33 -19.77
CA MET A 575 -15.28 -26.99 -20.14
C MET A 575 -14.82 -27.77 -18.94
N GLY A 576 -15.79 -28.35 -18.23
CA GLY A 576 -15.51 -29.17 -17.06
C GLY A 576 -14.80 -28.37 -15.99
N ASN A 577 -13.72 -28.93 -15.45
CA ASN A 577 -12.93 -28.24 -14.45
C ASN A 577 -11.77 -27.47 -15.02
N TYR A 578 -11.70 -27.32 -16.33
CA TYR A 578 -10.60 -26.57 -16.94
C TYR A 578 -10.80 -25.07 -16.80
N ALA A 579 -10.22 -24.49 -15.75
CA ALA A 579 -10.47 -23.09 -15.44
C ALA A 579 -9.44 -22.19 -16.10
N HIS A 580 -9.56 -21.94 -17.40
CA HIS A 580 -8.52 -21.22 -18.05
C HIS A 580 -8.43 -19.79 -17.51
N GLY A 581 -9.52 -19.34 -16.90
CA GLY A 581 -9.58 -18.00 -16.32
C GLY A 581 -8.57 -17.71 -15.22
N ASN A 582 -7.88 -18.74 -14.72
CA ASN A 582 -6.88 -18.48 -13.71
C ASN A 582 -5.58 -19.19 -14.00
N GLN A 583 -4.48 -18.53 -13.60
CA GLN A 583 -3.13 -18.83 -14.07
C GLN A 583 -2.62 -20.24 -13.82
N PRO A 584 -3.06 -20.87 -12.72
CA PRO A 584 -2.34 -22.08 -12.30
C PRO A 584 -2.47 -23.22 -13.31
N ILE A 585 -3.60 -23.32 -13.99
CA ILE A 585 -3.85 -24.44 -14.90
C ILE A 585 -3.48 -24.10 -16.35
N GLN A 586 -3.08 -22.85 -16.60
CA GLN A 586 -2.98 -22.36 -17.96
C GLN A 586 -1.99 -23.13 -18.84
N HIS A 587 -1.12 -23.93 -18.26
CA HIS A 587 -0.14 -24.70 -19.03
C HIS A 587 -0.62 -26.15 -19.29
N MET A 588 -1.64 -26.54 -18.55
CA MET A 588 -1.98 -27.93 -18.37
C MET A 588 -2.05 -28.67 -19.68
N ILE A 589 -2.65 -28.03 -20.69
CA ILE A 589 -3.00 -28.74 -21.91
C ILE A 589 -1.74 -29.18 -22.65
N TYR A 590 -0.70 -28.35 -22.60
CA TYR A 590 0.53 -28.69 -23.28
C TYR A 590 1.13 -29.95 -22.66
N LEU A 591 0.71 -30.31 -21.44
CA LEU A 591 1.24 -31.52 -20.81
C LEU A 591 0.97 -32.75 -21.65
N TYR A 592 -0.12 -32.74 -22.40
CA TYR A 592 -0.43 -33.89 -23.23
C TYR A 592 0.79 -34.25 -24.05
N ASP A 593 1.56 -33.24 -24.45
CA ASP A 593 2.72 -33.48 -25.27
C ASP A 593 3.67 -34.43 -24.55
N TYR A 594 3.71 -34.35 -23.24
CA TYR A 594 4.71 -35.09 -22.52
C TYR A 594 4.36 -36.57 -22.43
N ALA A 595 3.10 -36.89 -22.67
CA ALA A 595 2.61 -38.24 -22.48
C ALA A 595 2.39 -38.86 -23.82
N GLY A 596 2.94 -38.23 -24.86
CA GLY A 596 2.87 -38.75 -26.22
C GLY A 596 1.49 -38.75 -26.87
N GLN A 597 0.68 -37.75 -26.52
CA GLN A 597 -0.56 -37.54 -27.24
C GLN A 597 -0.75 -36.10 -27.65
N PRO A 598 0.22 -35.54 -28.40
CA PRO A 598 0.23 -34.11 -28.72
C PRO A 598 -1.02 -33.66 -29.47
N TRP A 599 -1.67 -34.61 -30.10
CA TRP A 599 -2.84 -34.29 -30.87
C TRP A 599 -3.96 -33.86 -29.94
N LYS A 600 -3.95 -34.38 -28.72
CA LYS A 600 -4.99 -33.98 -27.78
C LYS A 600 -4.83 -32.52 -27.35
N ALA A 601 -3.58 -32.10 -27.16
CA ALA A 601 -3.26 -30.71 -26.85
C ALA A 601 -3.78 -29.84 -28.00
N GLN A 602 -3.42 -30.25 -29.21
CA GLN A 602 -3.80 -29.51 -30.38
C GLN A 602 -5.31 -29.30 -30.39
N TYR A 603 -6.07 -30.37 -30.15
CA TYR A 603 -7.52 -30.23 -30.09
C TYR A 603 -7.90 -29.17 -29.05
N TRP A 604 -7.48 -29.40 -27.82
CA TRP A 604 -7.97 -28.59 -26.72
C TRP A 604 -7.52 -27.14 -26.78
N LEU A 605 -6.27 -26.92 -27.19
CA LEU A 605 -5.73 -25.57 -27.33
C LEU A 605 -6.52 -24.69 -28.33
N ARG A 606 -6.88 -25.30 -29.46
CA ARG A 606 -7.71 -24.63 -30.44
C ARG A 606 -9.08 -24.34 -29.84
N GLN A 607 -9.62 -25.24 -29.03
CA GLN A 607 -10.91 -24.99 -28.40
C GLN A 607 -10.79 -23.73 -27.55
N VAL A 608 -9.68 -23.60 -26.86
CA VAL A 608 -9.45 -22.47 -25.97
C VAL A 608 -9.21 -21.16 -26.72
N MET A 609 -8.35 -21.22 -27.74
CA MET A 609 -8.08 -20.07 -28.58
C MET A 609 -9.35 -19.58 -29.25
N ASP A 610 -10.18 -20.52 -29.70
CA ASP A 610 -11.43 -20.21 -30.37
C ASP A 610 -12.51 -19.71 -29.42
N ARG A 611 -12.65 -20.32 -28.25
CA ARG A 611 -13.85 -20.03 -27.48
C ARG A 611 -13.64 -19.04 -26.34
N MET A 612 -12.46 -19.08 -25.73
CA MET A 612 -12.19 -18.37 -24.49
C MET A 612 -11.63 -16.96 -24.67
N TYR A 613 -11.46 -16.54 -25.92
CA TYR A 613 -10.96 -15.22 -26.25
C TYR A 613 -11.77 -14.63 -27.42
N THR A 614 -12.31 -13.44 -27.21
CA THR A 614 -13.04 -12.73 -28.24
C THR A 614 -12.54 -11.28 -28.22
N PRO A 615 -12.71 -10.56 -29.33
CA PRO A 615 -12.12 -9.22 -29.41
C PRO A 615 -12.92 -8.05 -28.79
N GLY A 616 -14.14 -8.31 -28.33
CA GLY A 616 -14.94 -7.22 -27.77
C GLY A 616 -14.59 -6.86 -26.34
N PRO A 617 -15.39 -5.97 -25.76
CA PRO A 617 -15.18 -5.45 -24.42
C PRO A 617 -15.24 -6.55 -23.40
N ASP A 618 -16.03 -7.58 -23.68
CA ASP A 618 -16.11 -8.72 -22.76
C ASP A 618 -15.19 -9.88 -23.22
N GLY A 619 -13.97 -9.54 -23.61
CA GLY A 619 -13.16 -10.45 -24.45
C GLY A 619 -12.53 -11.68 -23.80
N TYR A 620 -12.20 -11.63 -22.52
CA TYR A 620 -11.47 -12.71 -21.87
C TYR A 620 -12.41 -13.55 -21.03
N CYS A 621 -11.92 -14.71 -20.60
CA CYS A 621 -12.74 -15.55 -19.77
C CYS A 621 -12.37 -15.43 -18.30
N GLY A 622 -11.50 -14.46 -17.97
CA GLY A 622 -11.04 -14.22 -16.60
C GLY A 622 -10.13 -13.01 -16.55
N ASP A 623 -9.48 -12.78 -15.42
CA ASP A 623 -8.63 -11.61 -15.32
C ASP A 623 -7.46 -11.68 -16.30
N GLU A 624 -7.04 -10.52 -16.79
CA GLU A 624 -5.93 -10.46 -17.74
C GLU A 624 -4.55 -10.61 -17.05
N ASP A 625 -4.43 -9.93 -15.91
CA ASP A 625 -3.28 -10.03 -15.04
C ASP A 625 -1.98 -9.69 -15.71
N ASN A 626 -1.90 -8.45 -16.17
CA ASN A 626 -0.62 -7.83 -16.50
C ASN A 626 0.23 -8.49 -17.56
N GLY A 627 -0.45 -9.11 -18.51
CA GLY A 627 0.21 -9.69 -19.66
C GLY A 627 0.04 -11.19 -19.68
N GLN A 628 -0.19 -11.81 -18.53
CA GLN A 628 -0.14 -13.26 -18.48
C GLN A 628 -1.21 -13.99 -19.33
N THR A 629 -2.46 -13.63 -19.13
CA THR A 629 -3.55 -14.31 -19.82
C THR A 629 -3.54 -13.98 -21.32
N SER A 630 -2.94 -12.83 -21.64
CA SER A 630 -2.79 -12.38 -23.01
C SER A 630 -1.60 -13.00 -23.71
N ALA A 631 -0.45 -12.96 -23.05
CA ALA A 631 0.74 -13.54 -23.63
C ALA A 631 0.45 -15.02 -23.87
N TRP A 632 -0.43 -15.60 -23.06
CA TRP A 632 -0.82 -16.98 -23.30
C TRP A 632 -1.36 -17.16 -24.72
N TYR A 633 -2.33 -16.32 -25.07
CA TYR A 633 -2.86 -16.31 -26.44
C TYR A 633 -1.83 -16.03 -27.51
N VAL A 634 -0.96 -15.05 -27.27
CA VAL A 634 0.08 -14.70 -28.22
C VAL A 634 0.95 -15.92 -28.49
N PHE A 635 1.44 -16.54 -27.44
CA PHE A 635 2.28 -17.73 -27.55
C PHE A 635 1.50 -18.85 -28.24
N SER A 636 0.36 -19.21 -27.68
CA SER A 636 -0.44 -20.30 -28.23
C SER A 636 -0.77 -20.04 -29.69
N ALA A 637 -1.09 -18.80 -30.05
CA ALA A 637 -1.48 -18.59 -31.45
C ALA A 637 -0.28 -18.77 -32.37
N LEU A 638 0.93 -18.50 -31.88
CA LEU A 638 2.12 -18.77 -32.67
C LEU A 638 2.34 -20.27 -32.74
N GLY A 639 1.91 -20.99 -31.70
CA GLY A 639 1.87 -22.44 -31.74
C GLY A 639 2.81 -23.17 -30.79
N PHE A 640 3.23 -22.50 -29.71
CA PHE A 640 4.07 -23.13 -28.72
C PHE A 640 4.13 -22.23 -27.50
N TYR A 641 4.67 -22.76 -26.40
CA TYR A 641 4.47 -22.20 -25.09
C TYR A 641 5.63 -22.57 -24.14
N PRO A 642 6.11 -21.59 -23.33
CA PRO A 642 7.13 -21.91 -22.38
C PRO A 642 6.54 -22.62 -21.16
N VAL A 643 6.37 -23.94 -21.22
CA VAL A 643 5.75 -24.65 -20.11
C VAL A 643 6.63 -24.51 -18.88
N CYS A 644 7.93 -24.61 -19.12
CA CYS A 644 8.92 -24.54 -18.06
C CYS A 644 9.99 -23.47 -18.26
N PRO A 645 9.70 -22.23 -17.83
CA PRO A 645 10.76 -21.21 -17.89
C PRO A 645 12.00 -21.75 -17.15
N GLY A 646 13.18 -21.34 -17.58
CA GLY A 646 14.39 -21.83 -17.00
C GLY A 646 15.03 -22.85 -17.94
N THR A 647 14.19 -23.53 -18.72
CA THR A 647 14.66 -24.40 -19.81
C THR A 647 14.76 -23.51 -21.01
N ASP A 648 15.36 -24.02 -22.08
CA ASP A 648 15.39 -23.30 -23.33
C ASP A 648 14.28 -23.79 -24.28
N GLU A 649 13.25 -24.45 -23.72
CA GLU A 649 12.20 -25.10 -24.52
C GLU A 649 10.84 -24.38 -24.60
N TYR A 650 10.22 -24.51 -25.76
CA TYR A 650 8.87 -24.05 -26.01
C TYR A 650 8.07 -25.26 -26.47
N VAL A 651 7.04 -25.62 -25.72
CA VAL A 651 6.33 -26.86 -26.00
C VAL A 651 5.29 -26.62 -27.09
N MET A 652 5.27 -27.54 -28.06
CA MET A 652 4.44 -27.38 -29.24
C MET A 652 2.94 -27.50 -28.94
N GLY A 653 2.15 -26.60 -29.51
CA GLY A 653 0.71 -26.77 -29.48
C GLY A 653 0.24 -26.82 -30.93
N THR A 654 -0.45 -25.78 -31.37
CA THR A 654 -0.91 -25.68 -32.74
C THR A 654 -1.20 -24.25 -33.13
N PRO A 655 -0.54 -23.78 -34.20
CA PRO A 655 -0.62 -22.41 -34.69
C PRO A 655 -2.04 -22.02 -35.05
N LEU A 656 -2.36 -20.72 -34.93
CA LEU A 656 -3.71 -20.26 -35.26
C LEU A 656 -3.77 -19.66 -36.66
N PHE A 657 -2.68 -19.01 -37.06
CA PHE A 657 -2.64 -18.36 -38.36
C PHE A 657 -1.95 -19.22 -39.41
N LYS A 658 -2.22 -18.90 -40.68
CA LYS A 658 -1.62 -19.62 -41.82
C LYS A 658 -0.16 -19.27 -41.97
N LYS A 659 0.21 -18.07 -41.52
CA LYS A 659 1.61 -17.66 -41.48
C LYS A 659 1.83 -16.64 -40.37
N ALA A 660 2.91 -16.85 -39.63
CA ALA A 660 3.34 -15.91 -38.62
C ALA A 660 4.84 -15.65 -38.78
N THR A 661 5.24 -14.40 -38.56
CA THR A 661 6.65 -14.04 -38.69
C THR A 661 7.21 -13.31 -37.47
N LEU A 662 8.27 -13.89 -36.89
CA LEU A 662 8.95 -13.30 -35.75
C LEU A 662 10.19 -12.56 -36.17
N HIS A 663 10.24 -11.29 -35.83
CA HIS A 663 11.45 -10.54 -36.04
C HIS A 663 12.16 -10.37 -34.71
N PHE A 664 13.33 -10.97 -34.60
CA PHE A 664 14.03 -10.94 -33.32
C PHE A 664 14.92 -9.72 -33.22
N GLU A 665 15.29 -9.37 -32.00
CA GLU A 665 16.21 -8.25 -31.81
C GLU A 665 17.57 -8.48 -32.46
N ASN A 666 17.92 -9.73 -32.69
CA ASN A 666 19.27 -10.02 -33.20
C ASN A 666 19.34 -9.85 -34.72
N GLY A 667 18.25 -9.42 -35.33
CA GLY A 667 18.24 -9.12 -36.78
C GLY A 667 17.77 -10.29 -37.64
N ASN A 668 17.61 -11.45 -37.02
CA ASN A 668 17.08 -12.62 -37.70
C ASN A 668 15.58 -12.70 -37.59
N SER A 669 14.98 -13.48 -38.48
CA SER A 669 13.53 -13.67 -38.49
C SER A 669 13.21 -15.16 -38.63
N LEU A 670 11.98 -15.52 -38.26
CA LEU A 670 11.51 -16.90 -38.30
C LEU A 670 10.11 -16.94 -38.90
N VAL A 671 9.93 -17.67 -40.00
CA VAL A 671 8.62 -17.73 -40.58
C VAL A 671 7.98 -19.05 -40.20
N ILE A 672 6.79 -18.98 -39.63
CA ILE A 672 6.04 -20.16 -39.29
C ILE A 672 4.91 -20.28 -40.28
N ASP A 673 5.08 -21.24 -41.18
CA ASP A 673 4.26 -21.42 -42.36
C ASP A 673 3.25 -22.54 -42.12
N ALA A 674 1.96 -22.21 -42.07
CA ALA A 674 0.91 -23.22 -41.96
C ALA A 674 -0.16 -23.03 -43.05
N PRO A 675 0.26 -23.15 -44.32
CA PRO A 675 -0.60 -22.76 -45.44
C PRO A 675 -1.96 -23.45 -45.42
N ASN A 676 -2.04 -24.66 -44.89
CA ASN A 676 -3.29 -25.38 -44.92
C ASN A 676 -4.16 -25.15 -43.68
N ASN A 677 -3.69 -24.28 -42.77
CA ASN A 677 -4.41 -24.00 -41.54
C ASN A 677 -5.81 -23.47 -41.84
N SER A 678 -6.78 -23.89 -41.04
CA SER A 678 -8.16 -23.49 -41.22
C SER A 678 -8.97 -23.79 -39.94
N THR A 679 -10.25 -23.47 -39.98
CA THR A 679 -11.09 -23.73 -38.82
C THR A 679 -11.15 -25.22 -38.49
N GLU A 680 -11.10 -26.06 -39.51
CA GLU A 680 -11.18 -27.50 -39.30
C GLU A 680 -9.84 -28.20 -39.25
N ASN A 681 -8.81 -27.58 -39.83
CA ASN A 681 -7.47 -28.19 -39.86
C ASN A 681 -6.59 -27.76 -38.72
N PHE A 682 -6.88 -28.23 -37.51
CA PHE A 682 -6.08 -27.80 -36.33
C PHE A 682 -5.07 -28.83 -35.82
N TYR A 683 -5.14 -30.07 -36.33
CA TYR A 683 -4.06 -31.04 -36.04
C TYR A 683 -2.78 -30.78 -36.86
N ILE A 684 -1.64 -31.05 -36.26
CA ILE A 684 -0.37 -30.92 -36.97
C ILE A 684 -0.01 -32.28 -37.56
N ASP A 685 -0.03 -32.38 -38.88
CA ASP A 685 0.25 -33.69 -39.47
C ASP A 685 1.74 -33.98 -39.58
N SER A 686 2.54 -32.93 -39.77
CA SER A 686 3.99 -33.03 -39.69
C SER A 686 4.52 -31.62 -39.65
N MET A 687 5.79 -31.48 -39.27
CA MET A 687 6.48 -30.19 -39.29
C MET A 687 7.84 -30.39 -39.94
N SER A 688 8.39 -29.31 -40.50
CA SER A 688 9.82 -29.26 -40.76
C SER A 688 10.42 -27.93 -40.31
N PHE A 689 11.67 -27.99 -39.87
CA PHE A 689 12.41 -26.82 -39.44
C PHE A 689 13.59 -26.65 -40.41
N ASN A 690 13.45 -25.76 -41.38
CA ASN A 690 14.51 -25.52 -42.38
C ASN A 690 14.87 -26.73 -43.22
N GLY A 691 13.85 -27.40 -43.75
CA GLY A 691 14.04 -28.56 -44.61
C GLY A 691 14.20 -29.88 -43.85
N ALA A 692 14.67 -29.79 -42.61
CA ALA A 692 14.84 -30.94 -41.78
C ALA A 692 13.51 -31.28 -41.10
N ASP A 693 13.10 -32.54 -41.21
CA ASP A 693 11.89 -33.02 -40.54
C ASP A 693 12.01 -32.80 -39.03
N HIS A 694 10.88 -32.50 -38.39
CA HIS A 694 10.85 -32.20 -36.96
C HIS A 694 9.73 -32.99 -36.31
N THR A 695 10.08 -34.01 -35.53
CA THR A 695 9.04 -34.82 -34.88
C THR A 695 8.82 -34.43 -33.43
N LYS A 696 9.78 -33.72 -32.83
CA LYS A 696 9.72 -33.35 -31.42
C LYS A 696 8.57 -32.41 -31.07
N ASN A 697 8.14 -32.44 -29.82
CA ASN A 697 7.08 -31.60 -29.32
C ASN A 697 7.58 -30.32 -28.63
N TYR A 698 8.75 -29.86 -29.06
CA TYR A 698 9.30 -28.68 -28.46
C TYR A 698 10.27 -28.01 -29.40
N LEU A 699 10.55 -26.74 -29.12
CA LEU A 699 11.47 -25.99 -29.96
C LEU A 699 12.47 -25.33 -29.05
N ARG A 700 13.70 -25.24 -29.51
CA ARG A 700 14.75 -24.67 -28.68
C ARG A 700 14.96 -23.19 -28.97
N HIS A 701 15.05 -22.40 -27.91
CA HIS A 701 15.30 -20.94 -27.96
C HIS A 701 16.42 -20.58 -28.94
N GLU A 702 17.59 -21.16 -28.70
CA GLU A 702 18.73 -20.98 -29.58
C GLU A 702 18.44 -21.25 -31.07
N ASP A 703 17.58 -22.22 -31.38
CA ASP A 703 17.31 -22.50 -32.77
C ASP A 703 16.38 -21.42 -33.31
N LEU A 704 15.37 -21.04 -32.55
CA LEU A 704 14.46 -20.05 -33.05
C LEU A 704 15.25 -18.78 -33.37
N PHE A 705 16.14 -18.38 -32.47
CA PHE A 705 16.96 -17.20 -32.71
C PHE A 705 17.78 -17.27 -33.99
N LYS A 706 18.02 -18.46 -34.55
CA LYS A 706 18.83 -18.54 -35.78
C LYS A 706 18.04 -18.12 -37.02
N GLY A 707 16.71 -18.24 -36.96
CA GLY A 707 15.87 -17.83 -38.10
C GLY A 707 15.60 -18.93 -39.12
N GLY A 708 15.05 -18.55 -40.25
CA GLY A 708 14.64 -19.52 -41.25
C GLY A 708 13.15 -19.72 -41.20
N THR A 709 12.72 -20.95 -41.41
CA THR A 709 11.33 -21.24 -41.68
C THR A 709 10.88 -22.55 -41.06
N ILE A 710 9.76 -22.52 -40.37
CA ILE A 710 9.16 -23.74 -39.90
C ILE A 710 7.88 -23.98 -40.67
N LYS A 711 7.75 -25.20 -41.15
CA LYS A 711 6.62 -25.57 -41.98
C LYS A 711 5.71 -26.48 -41.21
N VAL A 712 4.43 -26.14 -41.16
CA VAL A 712 3.49 -26.96 -40.42
C VAL A 712 2.43 -27.46 -41.38
N ASP A 713 2.33 -28.77 -41.52
CA ASP A 713 1.32 -29.38 -42.39
C ASP A 713 0.05 -29.58 -41.57
N MET A 714 -0.93 -28.68 -41.74
CA MET A 714 -2.17 -28.76 -40.96
C MET A 714 -3.18 -29.73 -41.56
N SER A 715 -4.00 -30.33 -40.71
CA SER A 715 -4.98 -31.28 -41.18
C SER A 715 -6.14 -31.36 -40.21
N ASN A 716 -7.26 -31.92 -40.66
CA ASN A 716 -8.40 -32.18 -39.79
C ASN A 716 -8.37 -33.53 -39.10
N ARG A 717 -7.36 -34.36 -39.40
CA ARG A 717 -7.24 -35.68 -38.76
C ARG A 717 -6.08 -35.68 -37.77
N PRO A 718 -6.26 -36.34 -36.63
CA PRO A 718 -5.17 -36.52 -35.69
C PRO A 718 -4.13 -37.50 -36.24
N ASN A 719 -2.86 -37.15 -36.15
CA ASN A 719 -1.81 -38.07 -36.55
C ASN A 719 -1.35 -38.87 -35.33
N LEU A 720 -1.90 -40.07 -35.18
CA LEU A 720 -1.74 -40.84 -33.95
C LEU A 720 -0.30 -41.31 -33.74
N ASN A 721 0.59 -40.97 -34.67
CA ASN A 721 1.95 -41.52 -34.67
C ASN A 721 3.10 -40.51 -34.50
N ARG A 722 2.86 -39.27 -34.87
CA ARG A 722 3.84 -38.22 -34.65
C ARG A 722 3.96 -37.80 -33.17
N GLY A 723 5.20 -37.58 -32.72
CA GLY A 723 5.45 -36.99 -31.39
C GLY A 723 5.30 -37.90 -30.19
N THR A 724 5.40 -39.21 -30.41
CA THR A 724 5.17 -40.18 -29.34
C THR A 724 6.44 -40.85 -28.81
N LYS A 725 7.53 -40.73 -29.54
CA LYS A 725 8.79 -41.37 -29.16
C LYS A 725 9.45 -40.66 -27.98
N GLU A 726 10.27 -41.43 -27.25
CA GLU A 726 10.94 -40.90 -26.08
C GLU A 726 11.74 -39.64 -26.44
N GLU A 727 12.44 -39.68 -27.57
CA GLU A 727 13.25 -38.54 -28.03
C GLU A 727 12.42 -37.31 -28.45
N ASP A 728 11.11 -37.46 -28.51
CA ASP A 728 10.23 -36.38 -28.94
C ASP A 728 9.72 -35.57 -27.74
N MET A 729 10.10 -35.98 -26.55
CA MET A 729 9.56 -35.35 -25.36
C MET A 729 10.40 -34.15 -24.89
N PRO A 730 9.70 -33.12 -24.37
CA PRO A 730 10.38 -31.97 -23.78
C PRO A 730 11.01 -32.35 -22.44
N TYR A 731 11.70 -31.40 -21.82
CA TYR A 731 12.51 -31.66 -20.63
C TYR A 731 11.75 -32.00 -19.34
N SER A 732 12.19 -33.06 -18.66
CA SER A 732 11.69 -33.44 -17.33
C SER A 732 12.89 -33.68 -16.46
N PHE A 733 12.86 -33.17 -15.23
CA PHE A 733 14.02 -33.28 -14.34
C PHE A 733 14.36 -34.74 -14.02
N SER A 734 13.31 -35.55 -13.89
CA SER A 734 13.46 -36.97 -13.68
C SER A 734 14.33 -37.64 -14.71
N LYS A 735 14.08 -37.37 -15.99
CA LYS A 735 15.00 -37.83 -17.00
C LYS A 735 16.24 -37.05 -16.66
N GLU A 736 17.38 -37.39 -17.24
CA GLU A 736 18.60 -36.78 -16.73
C GLU A 736 19.15 -37.61 -15.56
N LEU A 737 20.24 -37.15 -14.98
CA LEU A 737 20.94 -38.04 -14.07
C LEU A 737 21.60 -39.02 -15.05
N GLU A 738 21.12 -38.92 -16.30
CA GLU A 738 21.61 -39.67 -17.43
C GLU A 738 23.13 -39.67 -17.34
N LYS B 1 -16.55 -0.64 61.58
CA LYS B 1 -16.70 -1.96 60.89
C LYS B 1 -15.35 -2.65 60.79
N ASP B 2 -15.17 -3.67 61.61
CA ASP B 2 -13.90 -4.40 61.68
C ASP B 2 -13.94 -5.71 60.88
N TRP B 3 -12.90 -6.05 60.14
CA TRP B 3 -12.89 -7.34 59.43
C TRP B 3 -11.84 -8.27 60.00
N THR B 4 -10.92 -7.67 60.75
CA THR B 4 -9.85 -8.43 61.38
C THR B 4 -10.43 -9.59 62.23
N GLN B 5 -11.64 -9.41 62.76
CA GLN B 5 -12.27 -10.42 63.63
C GLN B 5 -12.46 -11.77 62.94
N TYR B 6 -12.52 -11.76 61.62
CA TYR B 6 -12.72 -12.99 60.90
C TYR B 6 -11.41 -13.64 60.52
N VAL B 7 -10.31 -12.95 60.73
CA VAL B 7 -9.03 -13.51 60.32
C VAL B 7 -8.49 -14.44 61.38
N ASN B 8 -8.02 -15.61 60.94
CA ASN B 8 -7.44 -16.60 61.83
C ASN B 8 -6.03 -16.91 61.37
N PRO B 9 -5.01 -16.34 62.04
CA PRO B 9 -3.60 -16.58 61.61
C PRO B 9 -3.16 -18.04 61.73
N LEU B 10 -4.03 -18.89 62.27
CA LEU B 10 -3.65 -20.26 62.56
C LEU B 10 -4.10 -21.19 61.44
N MET B 11 -5.06 -20.72 60.64
CA MET B 11 -5.54 -21.51 59.51
C MET B 11 -4.38 -21.95 58.63
N GLY B 12 -4.21 -23.27 58.47
CA GLY B 12 -3.06 -23.80 57.75
C GLY B 12 -1.94 -24.30 58.64
N SER B 13 -2.07 -24.07 59.94
CA SER B 13 -0.99 -24.47 60.85
C SER B 13 -1.01 -25.94 61.28
N GLN B 14 -2.16 -26.59 61.18
CA GLN B 14 -2.24 -27.99 61.53
C GLN B 14 -1.80 -28.87 60.35
N SER B 15 -0.53 -28.78 59.97
CA SER B 15 -0.02 -29.52 58.80
C SER B 15 1.15 -30.38 59.17
N THR B 16 1.37 -31.43 58.38
CA THR B 16 2.50 -32.27 58.59
C THR B 16 3.24 -32.47 57.28
N PHE B 17 4.45 -32.99 57.35
CA PHE B 17 5.17 -33.29 56.14
C PHE B 17 4.33 -34.18 55.20
N GLU B 18 3.59 -35.13 55.74
CA GLU B 18 2.91 -36.12 54.90
C GLU B 18 1.63 -35.61 54.26
N LEU B 19 0.99 -34.63 54.89
CA LEU B 19 -0.26 -34.11 54.39
C LEU B 19 -0.40 -32.63 54.78
N SER B 20 -0.39 -31.72 53.83
CA SER B 20 -0.49 -30.31 54.18
C SER B 20 -1.92 -29.88 54.26
N THR B 21 -2.27 -29.11 55.29
CA THR B 21 -3.56 -28.45 55.26
C THR B 21 -3.33 -26.96 55.12
N GLY B 22 -2.22 -26.61 54.49
CA GLY B 22 -1.90 -25.20 54.34
C GLY B 22 -0.41 -25.01 54.44
N ASN B 23 0.20 -25.72 55.38
CA ASN B 23 1.58 -25.46 55.78
C ASN B 23 1.90 -23.99 56.04
N THR B 24 1.07 -23.31 56.83
CA THR B 24 1.36 -21.95 57.20
C THR B 24 1.89 -21.82 58.63
N TYR B 25 2.27 -20.60 58.97
CA TYR B 25 2.49 -20.22 60.34
C TYR B 25 1.75 -18.94 60.70
N PRO B 26 1.51 -18.72 61.99
CA PRO B 26 0.80 -17.46 62.27
C PRO B 26 1.78 -16.31 62.03
N ALA B 27 1.53 -15.51 60.99
CA ALA B 27 2.40 -14.40 60.69
C ALA B 27 1.85 -13.11 61.32
N ILE B 28 2.42 -12.73 62.45
CA ILE B 28 1.97 -11.49 63.07
C ILE B 28 2.84 -10.42 62.45
N ALA B 29 2.21 -9.60 61.62
CA ALA B 29 2.91 -8.70 60.74
C ALA B 29 1.97 -7.64 60.23
N ARG B 30 2.56 -6.56 59.70
CA ARG B 30 1.82 -5.62 58.90
C ARG B 30 1.77 -6.18 57.48
N PRO B 31 0.75 -5.76 56.73
CA PRO B 31 0.68 -6.22 55.33
C PRO B 31 2.01 -6.05 54.57
N TRP B 32 2.42 -7.09 53.85
CA TRP B 32 3.70 -7.13 53.12
C TRP B 32 4.92 -6.68 53.95
N GLY B 33 4.86 -6.84 55.27
CA GLY B 33 5.91 -6.40 56.18
C GLY B 33 7.29 -6.98 55.93
N MET B 34 8.31 -6.15 56.07
CA MET B 34 9.64 -6.64 55.86
C MET B 34 10.00 -7.76 56.83
N ASN B 35 9.46 -7.66 58.05
CA ASN B 35 9.79 -8.63 59.10
C ASN B 35 8.51 -9.21 59.68
N PHE B 36 8.47 -10.54 59.80
CA PHE B 36 7.28 -11.20 60.38
C PHE B 36 7.67 -11.69 61.73
N TRP B 37 6.71 -11.68 62.64
CA TRP B 37 6.95 -12.27 63.94
C TRP B 37 6.02 -13.45 64.14
N THR B 38 6.62 -14.55 64.58
CA THR B 38 5.84 -15.73 64.90
C THR B 38 6.22 -16.44 66.23
N PRO B 39 5.22 -16.83 67.02
CA PRO B 39 5.55 -17.82 68.03
C PRO B 39 6.30 -18.96 67.33
N GLN B 40 7.25 -19.61 67.99
CA GLN B 40 7.97 -20.72 67.37
C GLN B 40 7.83 -21.99 68.23
N THR B 41 7.23 -23.04 67.66
CA THR B 41 7.17 -24.35 68.33
C THR B 41 8.26 -25.28 67.82
N GLY B 42 8.65 -25.11 66.56
CA GLY B 42 9.60 -26.04 65.99
C GLY B 42 11.00 -25.69 66.43
N LYS B 43 11.94 -26.61 66.25
CA LYS B 43 13.30 -26.33 66.64
C LYS B 43 13.98 -25.46 65.60
N MET B 44 14.87 -24.60 66.05
CA MET B 44 15.70 -23.84 65.13
C MET B 44 16.07 -24.66 63.90
N GLY B 45 15.69 -24.15 62.73
CA GLY B 45 16.05 -24.75 61.43
C GLY B 45 14.98 -25.61 60.76
N ASP B 46 13.95 -26.02 61.50
CA ASP B 46 12.94 -26.88 60.92
C ASP B 46 11.95 -26.01 60.18
N GLY B 47 11.65 -26.42 58.95
CA GLY B 47 10.66 -25.72 58.15
C GLY B 47 9.35 -25.49 58.87
N TRP B 48 8.90 -26.46 59.67
CA TRP B 48 7.62 -26.30 60.38
C TRP B 48 7.82 -25.57 61.70
N GLN B 49 8.08 -24.28 61.58
CA GLN B 49 8.44 -23.49 62.74
C GLN B 49 7.27 -23.32 63.71
N TYR B 50 6.06 -23.59 63.25
CA TYR B 50 4.91 -23.57 64.14
C TYR B 50 3.84 -24.59 63.74
N THR B 51 3.45 -25.47 64.64
CA THR B 51 2.52 -26.52 64.30
C THR B 51 1.46 -26.57 65.38
N TYR B 52 0.19 -26.50 64.97
CA TYR B 52 -0.93 -26.45 65.88
C TYR B 52 -0.88 -27.57 66.91
N THR B 53 -0.19 -28.63 66.55
CA THR B 53 -0.15 -29.83 67.32
C THR B 53 0.97 -29.84 68.36
N ALA B 54 1.87 -28.85 68.30
CA ALA B 54 2.99 -28.82 69.24
C ALA B 54 2.54 -28.36 70.63
N ASN B 55 3.25 -28.80 71.65
CA ASN B 55 2.91 -28.52 73.06
C ASN B 55 3.66 -27.31 73.60
N LYS B 56 4.79 -27.01 72.96
CA LYS B 56 5.76 -26.05 73.54
C LYS B 56 6.25 -24.97 72.57
N ILE B 57 6.17 -23.72 73.03
CA ILE B 57 6.83 -22.61 72.34
C ILE B 57 8.24 -22.41 72.89
N ARG B 58 9.25 -22.44 72.04
CA ARG B 58 10.62 -22.28 72.51
C ARG B 58 11.18 -20.90 72.22
N GLY B 59 10.38 -20.05 71.56
CA GLY B 59 10.76 -18.66 71.37
C GLY B 59 9.80 -17.85 70.52
N PHE B 60 9.99 -16.53 70.51
CA PHE B 60 9.25 -15.67 69.61
C PHE B 60 10.27 -15.16 68.61
N LYS B 61 9.93 -15.32 67.32
CA LYS B 61 10.94 -15.37 66.26
C LYS B 61 10.61 -14.44 65.11
N GLN B 62 11.55 -13.56 64.82
CA GLN B 62 11.52 -12.81 63.56
C GLN B 62 11.79 -13.81 62.44
N THR B 63 10.88 -13.80 61.47
CA THR B 63 10.90 -14.80 60.42
C THR B 63 10.61 -14.19 59.06
N HIS B 64 11.21 -14.75 58.01
CA HIS B 64 10.88 -14.30 56.67
C HIS B 64 10.44 -15.47 55.81
N GLN B 65 10.45 -16.67 56.40
CA GLN B 65 10.20 -17.88 55.66
C GLN B 65 8.88 -17.81 54.83
N PRO B 66 8.97 -18.14 53.53
CA PRO B 66 7.81 -18.19 52.63
C PRO B 66 7.08 -19.54 52.67
N SER B 67 7.83 -20.61 52.79
CA SER B 67 7.25 -21.95 52.88
C SER B 67 8.21 -22.83 53.69
N PRO B 68 7.72 -23.98 54.19
CA PRO B 68 8.62 -24.92 54.86
C PRO B 68 9.69 -25.42 53.91
N TRP B 69 9.38 -25.53 52.62
CA TRP B 69 10.34 -26.10 51.67
C TRP B 69 11.42 -25.10 51.33
N ILE B 70 11.03 -23.84 51.15
CA ILE B 70 12.00 -22.80 50.90
C ILE B 70 12.81 -22.52 52.15
N ASN B 71 12.13 -22.50 53.31
CA ASN B 71 12.78 -22.28 54.61
C ASN B 71 13.16 -20.80 54.81
N ASP B 72 14.02 -20.54 55.80
CA ASP B 72 14.15 -19.18 56.36
C ASP B 72 15.54 -18.55 56.20
N TYR B 73 15.58 -17.24 56.51
CA TYR B 73 16.77 -16.39 56.50
C TYR B 73 16.38 -15.16 57.34
N GLY B 74 17.36 -14.38 57.82
CA GLY B 74 17.01 -13.22 58.65
C GLY B 74 16.27 -13.59 59.94
N GLN B 75 16.71 -14.70 60.56
CA GLN B 75 16.00 -15.31 61.71
C GLN B 75 16.72 -15.19 63.04
N PHE B 76 16.08 -14.55 64.01
CA PHE B 76 16.53 -14.62 65.39
C PHE B 76 15.29 -14.69 66.26
N SER B 77 15.44 -15.12 67.53
CA SER B 77 14.31 -15.20 68.48
C SER B 77 14.65 -14.72 69.87
N ILE B 78 13.60 -14.40 70.61
CA ILE B 78 13.67 -13.93 71.97
C ILE B 78 12.69 -14.82 72.77
N MET B 79 13.04 -15.17 74.02
CA MET B 79 12.21 -16.01 74.93
C MET B 79 12.31 -15.56 76.40
N PRO B 80 11.18 -15.29 77.07
CA PRO B 80 11.20 -14.98 78.50
C PRO B 80 11.12 -16.25 79.34
N ILE B 81 11.71 -16.24 80.54
CA ILE B 81 11.77 -17.45 81.42
C ILE B 81 11.82 -17.12 82.93
N VAL B 82 11.69 -18.16 83.75
CA VAL B 82 12.06 -18.10 85.18
C VAL B 82 12.94 -19.31 85.57
N GLY B 83 13.61 -19.22 86.73
CA GLY B 83 14.54 -20.26 87.18
C GLY B 83 15.97 -20.10 86.70
N GLN B 84 16.65 -21.22 86.46
CA GLN B 84 18.01 -21.15 85.91
C GLN B 84 18.01 -20.41 84.59
N PRO B 85 19.01 -19.54 84.39
CA PRO B 85 19.36 -19.08 83.08
C PRO B 85 19.75 -20.27 82.26
N VAL B 86 18.94 -20.58 81.25
CA VAL B 86 19.27 -21.66 80.33
C VAL B 86 18.99 -21.21 78.90
N PHE B 87 19.91 -21.54 77.99
CA PHE B 87 19.86 -21.02 76.63
C PHE B 87 19.38 -22.04 75.64
N ASP B 88 19.76 -23.30 75.87
CA ASP B 88 19.30 -24.43 75.07
C ASP B 88 17.81 -24.30 74.73
N GLU B 89 17.48 -24.53 73.46
CA GLU B 89 16.11 -24.33 73.00
C GLU B 89 15.11 -25.30 73.61
N GLU B 90 15.54 -26.52 73.91
CA GLU B 90 14.62 -27.45 74.54
C GLU B 90 14.31 -27.06 75.97
N LYS B 91 15.34 -26.69 76.72
CA LYS B 91 15.16 -26.48 78.14
C LYS B 91 14.48 -25.15 78.51
N ARG B 92 14.50 -24.19 77.60
CA ARG B 92 13.76 -22.95 77.84
C ARG B 92 12.26 -23.10 77.49
N ALA B 93 11.95 -24.13 76.70
CA ALA B 93 10.61 -24.31 76.15
C ALA B 93 9.52 -24.50 77.19
N SER B 94 8.31 -24.06 76.87
CA SER B 94 7.22 -24.07 77.80
C SER B 94 5.92 -24.56 77.18
N TRP B 95 5.21 -25.36 77.95
CA TRP B 95 3.95 -25.85 77.51
C TRP B 95 3.07 -24.66 77.27
N PHE B 96 2.08 -24.84 76.41
CA PHE B 96 1.06 -23.85 76.21
C PHE B 96 -0.12 -24.52 75.59
N ALA B 97 -1.24 -23.81 75.58
CA ALA B 97 -2.44 -24.30 74.93
C ALA B 97 -3.09 -23.21 74.13
N HIS B 98 -3.84 -23.61 73.12
CA HIS B 98 -4.50 -22.66 72.25
C HIS B 98 -5.62 -21.95 72.98
N LYS B 99 -6.04 -22.49 74.12
CA LYS B 99 -7.15 -21.84 74.80
C LYS B 99 -6.69 -20.65 75.63
N GLY B 100 -5.37 -20.55 75.81
CA GLY B 100 -4.78 -19.40 76.47
C GLY B 100 -3.83 -18.70 75.51
N GLU B 101 -4.16 -18.82 74.22
CA GLU B 101 -3.38 -18.21 73.16
C GLU B 101 -4.30 -17.33 72.35
N VAL B 102 -3.87 -16.12 72.01
CA VAL B 102 -4.72 -15.26 71.20
C VAL B 102 -3.97 -14.75 69.98
N ALA B 103 -4.45 -15.10 68.80
CA ALA B 103 -3.73 -14.73 67.57
C ALA B 103 -4.58 -13.88 66.64
N THR B 104 -4.03 -12.75 66.25
CA THR B 104 -4.64 -11.89 65.25
C THR B 104 -3.47 -11.36 64.44
N PRO B 105 -3.75 -10.84 63.22
CA PRO B 105 -2.63 -10.39 62.39
C PRO B 105 -1.79 -9.28 63.06
N TYR B 106 -2.44 -8.39 63.81
CA TYR B 106 -1.75 -7.26 64.45
C TYR B 106 -1.28 -7.48 65.90
N TYR B 107 -1.64 -8.62 66.50
CA TYR B 107 -1.45 -8.84 67.94
C TYR B 107 -1.42 -10.32 68.24
N TYR B 108 -0.46 -10.73 69.08
CA TYR B 108 -0.36 -12.11 69.51
C TYR B 108 -0.08 -12.18 71.00
N LYS B 109 -0.78 -13.10 71.66
CA LYS B 109 -0.54 -13.39 73.08
C LYS B 109 -0.52 -14.89 73.35
N VAL B 110 0.36 -15.29 74.25
CA VAL B 110 0.30 -16.64 74.78
C VAL B 110 0.71 -16.66 76.25
N TYR B 111 0.07 -17.57 77.00
CA TYR B 111 0.49 -17.87 78.38
C TYR B 111 1.48 -19.05 78.40
N LEU B 112 2.73 -18.78 78.77
CA LEU B 112 3.72 -19.85 78.85
C LEU B 112 3.60 -20.59 80.19
N ALA B 113 2.78 -21.64 80.22
CA ALA B 113 2.47 -22.36 81.48
C ALA B 113 3.67 -22.63 82.43
N GLU B 114 4.78 -23.13 81.90
CA GLU B 114 5.89 -23.55 82.72
C GLU B 114 6.74 -22.40 83.28
N HIS B 115 6.43 -21.15 82.91
CA HIS B 115 7.17 -20.01 83.43
C HIS B 115 6.20 -19.03 84.06
N ASP B 116 4.94 -19.41 84.10
CA ASP B 116 3.92 -18.50 84.59
C ASP B 116 4.14 -17.12 83.99
N ILE B 117 4.33 -17.07 82.66
CA ILE B 117 4.57 -15.82 81.91
C ILE B 117 3.58 -15.54 80.75
N VAL B 118 2.96 -14.35 80.76
CA VAL B 118 2.27 -13.86 79.57
C VAL B 118 3.22 -13.15 78.59
N THR B 119 3.09 -13.46 77.30
CA THR B 119 3.82 -12.74 76.28
C THR B 119 2.86 -12.03 75.34
N GLU B 120 3.10 -10.76 75.11
CA GLU B 120 2.38 -10.02 74.10
C GLU B 120 3.36 -9.45 73.08
N MET B 121 2.86 -9.19 71.87
CA MET B 121 3.68 -8.70 70.77
C MET B 121 2.77 -8.15 69.68
N THR B 122 3.09 -6.92 69.26
CA THR B 122 2.38 -6.18 68.24
C THR B 122 3.44 -5.57 67.32
N PRO B 123 3.53 -6.03 66.06
CA PRO B 123 4.58 -5.53 65.20
C PRO B 123 4.18 -4.35 64.32
N THR B 124 5.18 -3.68 63.77
CA THR B 124 5.02 -2.73 62.66
C THR B 124 5.72 -3.38 61.46
N GLU B 125 6.02 -2.60 60.42
CA GLU B 125 6.59 -3.21 59.21
C GLU B 125 7.95 -3.85 59.41
N ARG B 126 8.80 -3.22 60.21
CA ARG B 126 10.14 -3.75 60.38
C ARG B 126 10.52 -3.96 61.85
N ALA B 127 9.68 -3.47 62.75
CA ALA B 127 9.94 -3.53 64.19
C ALA B 127 8.80 -4.20 64.93
N VAL B 128 8.99 -4.40 66.24
CA VAL B 128 7.99 -5.02 67.07
C VAL B 128 8.16 -4.64 68.54
N LEU B 129 7.04 -4.60 69.25
CA LEU B 129 7.04 -4.30 70.66
C LEU B 129 6.62 -5.54 71.41
N PHE B 130 7.47 -5.99 72.32
CA PHE B 130 7.10 -7.04 73.25
C PHE B 130 6.69 -6.48 74.61
N ARG B 131 5.90 -7.26 75.34
CA ARG B 131 5.55 -6.94 76.72
C ARG B 131 5.41 -8.26 77.47
N PHE B 132 6.39 -8.56 78.31
CA PHE B 132 6.30 -9.72 79.17
C PHE B 132 5.68 -9.34 80.52
N THR B 133 4.72 -10.12 80.99
CA THR B 133 4.06 -9.85 82.27
C THR B 133 4.50 -10.90 83.28
N PHE B 134 5.60 -10.63 84.01
CA PHE B 134 6.23 -11.64 84.88
C PHE B 134 5.47 -11.90 86.18
N PRO B 135 5.74 -13.06 86.78
CA PRO B 135 5.24 -13.50 88.05
C PRO B 135 6.35 -13.17 89.05
N GLU B 136 5.98 -12.68 90.22
CA GLU B 136 6.97 -12.39 91.27
C GLU B 136 8.05 -13.47 91.39
N ASN B 137 9.31 -13.07 91.25
CA ASN B 137 10.39 -14.05 91.22
C ASN B 137 11.76 -13.41 91.29
N ASP B 138 12.69 -14.10 91.94
CA ASP B 138 14.06 -13.60 92.05
C ASP B 138 14.67 -13.76 90.71
N HIS B 139 14.15 -14.72 89.96
CA HIS B 139 14.85 -15.12 88.76
C HIS B 139 14.05 -15.06 87.46
N SER B 140 13.61 -13.86 87.09
CA SER B 140 13.03 -13.57 85.78
C SER B 140 14.10 -13.17 84.74
N TYR B 141 14.17 -13.89 83.63
CA TYR B 141 15.07 -13.50 82.55
C TYR B 141 14.40 -13.38 81.18
N VAL B 142 15.20 -12.97 80.20
CA VAL B 142 14.80 -12.88 78.81
C VAL B 142 15.99 -13.39 78.04
N VAL B 143 15.75 -14.38 77.18
CA VAL B 143 16.80 -14.98 76.38
C VAL B 143 16.74 -14.46 74.95
N VAL B 144 17.89 -14.26 74.33
CA VAL B 144 17.94 -13.70 72.99
C VAL B 144 18.84 -14.57 72.16
N ASP B 145 18.25 -15.18 71.13
CA ASP B 145 18.92 -16.23 70.40
C ASP B 145 19.15 -15.76 68.97
N ALA B 146 20.40 -15.64 68.56
CA ALA B 146 20.74 -15.07 67.27
C ALA B 146 20.88 -16.17 66.24
N PHE B 147 20.63 -17.40 66.68
CA PHE B 147 20.78 -18.58 65.83
C PHE B 147 22.22 -18.80 65.41
N ASP B 148 22.49 -19.89 64.71
CA ASP B 148 23.84 -20.31 64.43
C ASP B 148 24.36 -19.97 63.03
N LYS B 149 25.44 -20.65 62.64
CA LYS B 149 26.08 -20.45 61.34
C LYS B 149 26.82 -19.12 61.18
N GLY B 150 27.04 -18.41 62.29
CA GLY B 150 27.69 -17.12 62.28
C GLY B 150 26.75 -16.06 62.83
N SER B 151 26.80 -15.79 64.12
CA SER B 151 26.02 -14.67 64.61
C SER B 151 26.91 -13.76 65.43
N TYR B 152 26.31 -12.74 66.03
CA TYR B 152 27.06 -11.79 66.79
C TYR B 152 26.11 -11.06 67.73
N ILE B 153 26.56 -10.92 68.98
CA ILE B 153 25.70 -10.39 70.00
C ILE B 153 26.51 -9.54 70.95
N LYS B 154 25.94 -8.41 71.36
CA LYS B 154 26.57 -7.50 72.32
C LYS B 154 25.57 -6.90 73.32
N ILE B 155 25.94 -6.93 74.60
CA ILE B 155 25.09 -6.41 75.66
C ILE B 155 25.56 -5.05 76.12
N ILE B 156 24.64 -4.09 76.19
CA ILE B 156 25.03 -2.71 76.42
C ILE B 156 24.20 -2.10 77.53
N PRO B 157 24.53 -2.50 78.76
CA PRO B 157 23.93 -2.21 80.05
C PRO B 157 23.57 -0.73 80.19
N GLU B 158 24.48 0.13 79.75
CA GLU B 158 24.29 1.57 79.94
C GLU B 158 22.93 2.10 79.43
N GLU B 159 22.40 1.52 78.36
CA GLU B 159 21.10 1.98 77.83
C GLU B 159 20.05 0.86 77.72
N ASN B 160 20.28 -0.25 78.44
CA ASN B 160 19.33 -1.36 78.51
C ASN B 160 19.21 -2.05 77.18
N LYS B 161 20.34 -2.43 76.62
CA LYS B 161 20.33 -2.71 75.20
C LYS B 161 21.11 -3.95 74.80
N ILE B 162 20.49 -4.74 73.92
CA ILE B 162 21.19 -5.83 73.24
C ILE B 162 21.16 -5.56 71.74
N ILE B 163 22.30 -5.69 71.10
CA ILE B 163 22.36 -5.61 69.66
C ILE B 163 23.06 -6.86 69.20
N GLY B 164 22.99 -7.12 67.89
CA GLY B 164 23.57 -8.31 67.31
C GLY B 164 23.00 -8.50 65.92
N TYR B 165 23.52 -9.51 65.24
CA TYR B 165 23.10 -9.81 63.91
C TYR B 165 23.06 -11.32 63.71
N THR B 166 22.17 -11.79 62.84
CA THR B 166 22.04 -13.21 62.54
C THR B 166 22.43 -13.44 61.09
N THR B 167 23.02 -14.59 60.78
CA THR B 167 23.23 -14.85 59.38
C THR B 167 22.55 -16.09 58.84
N ARG B 168 21.93 -16.89 59.71
CA ARG B 168 21.43 -18.18 59.24
C ARG B 168 20.40 -18.05 58.10
N ASN B 169 20.71 -18.72 56.99
CA ASN B 169 19.87 -18.63 55.80
C ASN B 169 19.79 -19.98 55.13
N SER B 170 18.83 -20.13 54.23
CA SER B 170 18.69 -21.36 53.47
C SER B 170 19.19 -21.21 52.03
N GLY B 171 20.00 -20.18 51.78
CA GLY B 171 20.61 -19.99 50.46
C GLY B 171 20.07 -18.78 49.72
N GLY B 172 20.67 -18.46 48.59
CA GLY B 172 20.16 -17.35 47.78
C GLY B 172 20.37 -16.00 48.43
N VAL B 173 21.47 -15.89 49.18
CA VAL B 173 21.95 -14.62 49.72
C VAL B 173 23.37 -14.37 49.23
N PRO B 174 23.79 -13.10 49.27
CA PRO B 174 25.16 -12.64 49.01
C PRO B 174 26.09 -12.84 50.23
N GLU B 175 27.37 -13.02 49.96
CA GLU B 175 28.33 -13.36 51.01
C GLU B 175 28.33 -12.45 52.23
N ASN B 176 28.11 -11.15 52.05
CA ASN B 176 28.09 -10.24 53.17
C ASN B 176 26.73 -10.20 53.90
N PHE B 177 25.89 -11.22 53.68
CA PHE B 177 24.51 -11.17 54.18
C PHE B 177 24.40 -11.17 55.70
N LYS B 178 23.62 -10.23 56.25
CA LYS B 178 23.46 -10.13 57.67
C LYS B 178 22.12 -9.50 57.98
N ASN B 179 21.47 -9.95 59.05
CA ASN B 179 20.35 -9.17 59.60
C ASN B 179 20.74 -8.54 60.96
N TYR B 180 20.65 -7.20 61.02
CA TYR B 180 21.08 -6.43 62.18
C TYR B 180 19.87 -6.14 63.06
N PHE B 181 19.98 -6.39 64.37
CA PHE B 181 18.85 -6.14 65.28
C PHE B 181 19.21 -5.41 66.59
N ILE B 182 18.20 -4.81 67.20
CA ILE B 182 18.39 -3.98 68.37
C ILE B 182 17.20 -4.10 69.30
N ILE B 183 17.47 -4.28 70.58
CA ILE B 183 16.42 -4.56 71.57
C ILE B 183 16.53 -3.60 72.76
N GLU B 184 15.45 -2.89 73.09
CA GLU B 184 15.52 -1.95 74.20
C GLU B 184 14.52 -2.29 75.31
N PHE B 185 15.05 -2.74 76.45
CA PHE B 185 14.21 -3.06 77.59
C PHE B 185 14.04 -1.81 78.43
N ASP B 186 12.86 -1.60 78.97
CA ASP B 186 12.60 -0.42 79.77
C ASP B 186 12.81 -0.68 81.27
N LYS B 187 13.49 -1.77 81.61
CA LYS B 187 13.76 -2.08 83.00
C LYS B 187 15.15 -2.71 83.10
N PRO B 188 16.01 -2.15 83.97
CA PRO B 188 17.48 -2.32 83.98
C PRO B 188 17.96 -3.73 84.28
N PHE B 189 19.06 -4.16 83.66
CA PHE B 189 19.55 -5.52 83.88
C PHE B 189 20.19 -5.72 85.24
N THR B 190 19.76 -6.76 85.95
CA THR B 190 20.43 -7.14 87.20
C THR B 190 21.36 -8.33 86.98
N TYR B 191 21.20 -9.00 85.86
CA TYR B 191 22.03 -10.16 85.48
C TYR B 191 22.32 -10.01 84.01
N LYS B 192 23.39 -10.63 83.52
CA LYS B 192 23.68 -10.52 82.10
C LYS B 192 24.81 -11.43 81.66
N ALA B 193 24.57 -12.18 80.60
CA ALA B 193 25.57 -13.08 80.06
C ALA B 193 25.43 -13.22 78.54
N THR B 194 26.52 -13.51 77.86
CA THR B 194 26.43 -13.84 76.44
C THR B 194 26.65 -15.33 76.30
N VAL B 195 26.08 -15.92 75.27
CA VAL B 195 26.22 -17.35 75.11
C VAL B 195 27.15 -17.65 73.95
N GLU B 196 27.71 -18.85 73.93
CA GLU B 196 28.81 -19.16 73.05
C GLU B 196 28.84 -20.66 72.82
N ASN B 197 28.13 -21.09 71.78
CA ASN B 197 27.92 -22.50 71.51
C ASN B 197 27.44 -23.29 72.73
N GLY B 198 26.38 -22.78 73.34
CA GLY B 198 25.78 -23.35 74.55
C GLY B 198 26.27 -22.72 75.85
N ASN B 199 27.53 -22.27 75.86
CA ASN B 199 28.24 -21.80 77.08
C ASN B 199 27.84 -20.43 77.65
N LEU B 200 27.08 -20.44 78.74
CA LEU B 200 26.67 -19.23 79.43
C LEU B 200 27.86 -18.49 80.06
N GLN B 201 28.18 -17.27 79.61
CA GLN B 201 29.36 -16.54 80.11
C GLN B 201 29.03 -15.20 80.75
N GLU B 202 28.55 -15.21 81.99
CA GLU B 202 28.11 -13.99 82.69
C GLU B 202 29.08 -12.82 82.58
N ASN B 203 28.53 -11.63 82.35
CA ASN B 203 29.31 -10.41 82.39
C ASN B 203 30.45 -10.26 81.37
N VAL B 204 30.56 -11.20 80.42
CA VAL B 204 31.27 -10.90 79.17
C VAL B 204 30.25 -10.30 78.20
N ALA B 205 30.58 -9.15 77.62
CA ALA B 205 29.55 -8.35 76.96
C ALA B 205 29.28 -8.71 75.49
N GLU B 206 30.18 -9.43 74.83
CA GLU B 206 29.97 -9.66 73.42
C GLU B 206 30.58 -10.93 72.84
N GLN B 207 29.96 -11.44 71.77
CA GLN B 207 30.40 -12.68 71.16
C GLN B 207 30.33 -12.61 69.64
N THR B 208 31.29 -13.25 68.99
CA THR B 208 31.31 -13.37 67.55
C THR B 208 31.61 -14.81 67.21
N THR B 209 30.57 -15.64 67.20
CA THR B 209 30.77 -17.07 67.09
C THR B 209 29.65 -17.74 66.29
N ASP B 210 29.85 -19.03 65.98
CA ASP B 210 28.89 -19.81 65.21
C ASP B 210 27.46 -19.64 65.71
N HIS B 211 27.26 -19.60 67.02
CA HIS B 211 25.90 -19.47 67.57
C HIS B 211 25.88 -18.53 68.76
N ALA B 212 25.51 -17.29 68.54
CA ALA B 212 25.58 -16.27 69.58
C ALA B 212 24.26 -16.12 70.29
N GLY B 213 24.31 -15.75 71.56
CA GLY B 213 23.09 -15.45 72.31
C GLY B 213 23.38 -14.53 73.48
N ALA B 214 22.34 -14.15 74.21
CA ALA B 214 22.49 -13.40 75.45
C ALA B 214 21.30 -13.70 76.38
N ILE B 215 21.55 -13.73 77.68
CA ILE B 215 20.46 -13.77 78.64
C ILE B 215 20.65 -12.59 79.55
N ILE B 216 19.55 -11.90 79.89
CA ILE B 216 19.60 -10.85 80.86
C ILE B 216 18.40 -11.06 81.78
N GLY B 217 18.56 -10.79 83.07
CA GLY B 217 17.48 -11.01 84.03
C GLY B 217 17.44 -10.06 85.20
N PHE B 218 16.39 -10.16 86.01
CA PHE B 218 16.14 -9.26 87.13
C PHE B 218 15.14 -9.78 88.17
N LYS B 219 14.88 -8.97 89.18
CA LYS B 219 13.83 -9.28 90.14
C LYS B 219 12.54 -8.78 89.55
N THR B 220 11.46 -9.54 89.70
CA THR B 220 10.16 -9.06 89.28
C THR B 220 9.17 -9.31 90.40
N ARG B 221 8.26 -8.37 90.61
CA ARG B 221 7.16 -8.65 91.49
C ARG B 221 6.03 -9.24 90.65
N LYS B 222 5.01 -9.80 91.29
CA LYS B 222 3.91 -10.42 90.56
C LYS B 222 3.17 -9.39 89.70
N GLY B 223 3.08 -9.66 88.40
CA GLY B 223 2.33 -8.80 87.49
C GLY B 223 3.11 -7.64 86.88
N GLU B 224 4.44 -7.71 86.97
CA GLU B 224 5.26 -6.60 86.52
C GLU B 224 5.53 -6.74 85.04
N GLN B 225 5.17 -5.72 84.26
CA GLN B 225 5.37 -5.77 82.82
C GLN B 225 6.74 -5.23 82.39
N VAL B 226 7.51 -6.02 81.67
CA VAL B 226 8.73 -5.51 81.06
C VAL B 226 8.60 -5.44 79.53
N ASN B 227 8.73 -4.24 78.97
CA ASN B 227 8.60 -4.02 77.53
C ASN B 227 9.94 -4.12 76.78
N ALA B 228 9.94 -4.74 75.61
CA ALA B 228 11.14 -4.79 74.78
C ALA B 228 10.87 -4.27 73.35
N ARG B 229 11.34 -3.05 73.06
CA ARG B 229 11.28 -2.47 71.72
C ARG B 229 12.33 -3.16 70.85
N ILE B 230 11.91 -3.64 69.68
CA ILE B 230 12.79 -4.41 68.78
C ILE B 230 12.57 -4.07 67.31
N ALA B 231 13.67 -4.04 66.55
CA ALA B 231 13.66 -3.69 65.13
C ALA B 231 14.91 -4.27 64.52
N SER B 232 14.86 -4.56 63.22
CA SER B 232 16.04 -5.07 62.53
C SER B 232 16.17 -4.41 61.15
N SER B 233 17.26 -4.71 60.45
CA SER B 233 17.58 -4.03 59.20
C SER B 233 18.61 -4.84 58.44
N PHE B 234 18.57 -4.78 57.12
CA PHE B 234 19.49 -5.62 56.35
C PHE B 234 20.69 -4.82 55.93
N ILE B 235 20.69 -3.54 56.29
CA ILE B 235 21.71 -2.60 55.83
C ILE B 235 22.79 -2.33 56.88
N SER B 236 22.37 -1.82 58.05
CA SER B 236 23.33 -1.53 59.13
C SER B 236 22.64 -1.43 60.48
N PHE B 237 23.45 -1.50 61.54
CA PHE B 237 22.93 -1.21 62.89
C PHE B 237 22.35 0.17 62.89
N GLU B 238 22.97 1.08 62.14
CA GLU B 238 22.47 2.44 62.21
C GLU B 238 21.06 2.53 61.65
N GLN B 239 20.77 1.67 60.67
CA GLN B 239 19.45 1.70 60.02
C GLN B 239 18.39 1.02 60.89
N ALA B 240 18.78 -0.07 61.53
CA ALA B 240 17.87 -0.75 62.46
C ALA B 240 17.36 0.27 63.47
N ALA B 241 18.26 1.18 63.85
CA ALA B 241 17.94 2.24 64.79
C ALA B 241 16.85 3.13 64.24
N ALA B 242 16.98 3.49 62.96
CA ALA B 242 15.93 4.28 62.30
C ALA B 242 14.64 3.49 62.33
N ASN B 243 14.73 2.21 61.97
CA ASN B 243 13.55 1.37 61.85
C ASN B 243 12.73 1.37 63.14
N MET B 244 13.44 1.38 64.27
CA MET B 244 12.82 1.38 65.58
C MET B 244 11.81 2.52 65.74
N ASN B 245 12.08 3.67 65.15
CA ASN B 245 11.17 4.80 65.29
C ASN B 245 9.76 4.48 64.81
N GLU B 246 9.61 3.31 64.21
CA GLU B 246 8.31 2.89 63.75
C GLU B 246 7.31 2.75 64.91
N LEU B 247 7.84 2.40 66.09
CA LEU B 247 7.06 2.22 67.30
C LEU B 247 6.67 3.54 67.94
N GLY B 248 7.50 4.56 67.72
CA GLY B 248 7.32 5.84 68.41
C GLY B 248 7.44 5.57 69.89
N LYS B 249 6.53 6.14 70.69
CA LYS B 249 6.50 5.83 72.13
C LYS B 249 5.25 5.04 72.49
N ASP B 250 4.61 4.43 71.48
CA ASP B 250 3.36 3.73 71.69
C ASP B 250 3.52 2.50 72.56
N ASN B 251 2.48 2.22 73.34
CA ASN B 251 2.41 1.01 74.17
C ASN B 251 1.75 -0.13 73.39
N ILE B 252 1.59 -1.29 74.02
CA ILE B 252 1.02 -2.41 73.31
C ILE B 252 -0.32 -2.05 72.71
N GLU B 253 -1.24 -1.58 73.55
CA GLU B 253 -2.62 -1.25 73.13
C GLU B 253 -2.68 -0.29 71.94
N GLN B 254 -1.71 0.60 71.86
CA GLN B 254 -1.69 1.61 70.84
C GLN B 254 -1.24 1.03 69.49
N LEU B 255 -0.12 0.32 69.49
CA LEU B 255 0.37 -0.38 68.30
C LEU B 255 -0.64 -1.42 67.78
N ALA B 256 -1.33 -2.07 68.70
CA ALA B 256 -2.37 -3.00 68.35
C ALA B 256 -3.40 -2.30 67.47
N GLN B 257 -3.99 -1.24 68.00
CA GLN B 257 -5.01 -0.50 67.28
C GLN B 257 -4.53 0.01 65.92
N LYS B 258 -3.24 0.32 65.82
CA LYS B 258 -2.67 0.84 64.58
C LYS B 258 -2.44 -0.27 63.59
N GLY B 259 -2.01 -1.44 64.09
CA GLY B 259 -1.94 -2.65 63.27
C GLY B 259 -3.36 -3.03 62.86
N LYS B 260 -4.28 -3.02 63.82
CA LYS B 260 -5.66 -3.33 63.53
C LYS B 260 -6.22 -2.37 62.48
N ASP B 261 -5.82 -1.11 62.57
CA ASP B 261 -6.15 -0.11 61.56
C ASP B 261 -5.54 -0.43 60.17
N ALA B 262 -4.25 -0.74 60.11
CA ALA B 262 -3.63 -1.02 58.83
C ALA B 262 -4.30 -2.21 58.12
N TRP B 263 -4.52 -3.29 58.86
CA TRP B 263 -5.18 -4.46 58.29
C TRP B 263 -6.61 -4.16 57.84
N ASN B 264 -7.37 -3.42 58.63
CA ASN B 264 -8.72 -3.06 58.20
C ASN B 264 -8.80 -2.16 56.96
N GLN B 265 -7.73 -1.40 56.71
CA GLN B 265 -7.69 -0.54 55.54
C GLN B 265 -7.58 -1.40 54.28
N VAL B 266 -6.79 -2.45 54.30
CA VAL B 266 -6.73 -3.31 53.11
C VAL B 266 -7.88 -4.34 53.09
N LEU B 267 -8.18 -4.93 54.24
CA LEU B 267 -9.20 -5.96 54.28
C LEU B 267 -10.53 -5.39 53.84
N GLY B 268 -10.76 -4.14 54.22
CA GLY B 268 -12.04 -3.48 53.98
C GLY B 268 -12.29 -3.08 52.53
N LYS B 269 -11.31 -3.30 51.66
CA LYS B 269 -11.50 -3.06 50.23
C LYS B 269 -12.48 -4.04 49.58
N ILE B 270 -12.68 -5.20 50.21
CA ILE B 270 -13.79 -6.07 49.84
C ILE B 270 -14.74 -6.25 51.02
N GLU B 271 -16.00 -5.88 50.84
CA GLU B 271 -16.99 -6.06 51.88
C GLU B 271 -17.97 -7.13 51.44
N VAL B 272 -17.96 -8.28 52.09
CA VAL B 272 -18.91 -9.34 51.75
C VAL B 272 -19.99 -9.49 52.82
N GLU B 273 -21.20 -9.80 52.40
CA GLU B 273 -22.29 -9.99 53.33
C GLU B 273 -23.25 -11.04 52.77
N GLY B 274 -24.19 -11.52 53.58
CA GLY B 274 -25.08 -12.57 53.14
C GLY B 274 -24.45 -13.97 53.07
N GLY B 275 -23.62 -14.28 54.05
CA GLY B 275 -23.04 -15.61 54.16
C GLY B 275 -23.13 -16.07 55.60
N ASN B 276 -22.43 -17.16 55.91
CA ASN B 276 -22.36 -17.63 57.29
C ASN B 276 -20.95 -17.39 57.83
N LEU B 277 -20.80 -17.58 59.14
CA LEU B 277 -19.59 -17.20 59.82
C LEU B 277 -18.40 -18.03 59.33
N ASP B 278 -18.62 -19.32 59.08
CA ASP B 278 -17.56 -20.15 58.51
C ASP B 278 -17.03 -19.46 57.25
N GLN B 279 -17.95 -18.94 56.45
CA GLN B 279 -17.60 -18.33 55.18
C GLN B 279 -16.87 -17.01 55.33
N TYR B 280 -17.33 -16.15 56.23
CA TYR B 280 -16.67 -14.88 56.43
C TYR B 280 -15.22 -15.08 56.87
N ARG B 281 -15.04 -16.07 57.75
CA ARG B 281 -13.72 -16.32 58.32
C ARG B 281 -12.79 -16.90 57.28
N THR B 282 -13.26 -17.90 56.54
CA THR B 282 -12.46 -18.51 55.50
C THR B 282 -12.03 -17.42 54.52
N PHE B 283 -12.98 -16.58 54.16
CA PHE B 283 -12.71 -15.53 53.17
C PHE B 283 -11.65 -14.57 53.66
N TYR B 284 -11.87 -13.94 54.81
CA TYR B 284 -10.97 -12.86 55.24
C TYR B 284 -9.62 -13.40 55.67
N SER B 285 -9.59 -14.66 56.10
CA SER B 285 -8.31 -15.30 56.40
C SER B 285 -7.56 -15.45 55.12
N CYS B 286 -8.28 -15.80 54.05
CA CYS B 286 -7.63 -15.99 52.76
C CYS B 286 -7.10 -14.70 52.21
N LEU B 287 -7.86 -13.62 52.42
CA LEU B 287 -7.46 -12.29 51.99
C LEU B 287 -6.21 -11.82 52.74
N TYR B 288 -6.20 -12.04 54.04
CA TYR B 288 -5.03 -11.71 54.85
C TYR B 288 -3.82 -12.46 54.31
N ARG B 289 -4.03 -13.71 53.98
CA ARG B 289 -2.94 -14.52 53.42
C ARG B 289 -2.49 -13.98 52.07
N SER B 290 -3.35 -13.20 51.43
CA SER B 290 -3.06 -12.67 50.11
C SER B 290 -2.48 -11.25 50.18
N LEU B 291 -2.08 -10.82 51.37
CA LEU B 291 -1.56 -9.49 51.54
C LEU B 291 -0.28 -9.51 52.37
N LEU B 292 0.51 -10.55 52.17
CA LEU B 292 1.74 -10.73 52.93
C LEU B 292 2.99 -10.87 52.06
N PHE B 293 2.85 -11.59 50.94
CA PHE B 293 3.98 -11.88 50.06
C PHE B 293 3.68 -11.40 48.65
N PRO B 294 4.71 -10.96 47.94
CA PRO B 294 6.08 -10.97 48.42
C PRO B 294 6.28 -9.84 49.47
N ARG B 295 7.30 -9.96 50.30
CA ARG B 295 7.47 -8.96 51.37
C ARG B 295 8.24 -7.73 50.89
N LYS B 296 7.94 -6.57 51.49
CA LYS B 296 8.81 -5.41 51.33
C LYS B 296 10.22 -5.78 51.70
N PHE B 297 11.19 -5.33 50.92
CA PHE B 297 12.57 -5.61 51.27
C PHE B 297 13.37 -4.33 51.24
N TYR B 298 12.67 -3.23 51.43
CA TYR B 298 13.30 -1.92 51.43
C TYR B 298 13.01 -1.16 52.74
N GLU B 299 13.86 -0.18 53.02
CA GLU B 299 13.76 0.61 54.25
C GLU B 299 13.83 2.09 53.93
N LEU B 300 13.23 2.93 54.78
CA LEU B 300 13.24 4.36 54.56
C LEU B 300 14.58 4.92 55.04
N ASP B 301 15.26 5.69 54.18
CA ASP B 301 16.46 6.43 54.60
C ASP B 301 16.09 7.68 55.42
N ALA B 302 17.10 8.45 55.83
CA ALA B 302 16.86 9.66 56.63
C ALA B 302 15.83 10.60 55.99
N ASN B 303 15.64 10.46 54.68
CA ASN B 303 14.74 11.37 53.95
C ASN B 303 13.35 10.84 53.64
N GLY B 304 12.96 9.73 54.25
CA GLY B 304 11.65 9.13 53.98
C GLY B 304 11.60 8.45 52.62
N GLN B 305 12.78 8.26 52.01
CA GLN B 305 12.89 7.72 50.64
C GLN B 305 13.39 6.30 50.76
N PRO B 306 12.87 5.40 49.91
CA PRO B 306 13.19 3.99 50.01
C PRO B 306 14.62 3.66 49.61
N ILE B 307 15.29 2.84 50.42
CA ILE B 307 16.57 2.21 50.02
C ILE B 307 16.49 0.74 50.42
N HIS B 308 17.46 -0.07 49.96
CA HIS B 308 17.43 -1.49 50.26
C HIS B 308 18.79 -2.20 50.18
N TYR B 309 18.98 -3.19 51.04
CA TYR B 309 20.07 -4.11 50.81
C TYR B 309 19.67 -4.95 49.59
N SER B 310 20.60 -5.29 48.71
CA SER B 310 20.29 -6.15 47.56
C SER B 310 20.62 -7.61 47.80
N PRO B 311 19.60 -8.44 47.90
CA PRO B 311 19.84 -9.87 48.09
C PRO B 311 20.55 -10.44 46.89
N TYR B 312 20.69 -9.62 45.85
CA TYR B 312 21.31 -10.05 44.60
C TYR B 312 22.79 -9.66 44.46
N ASN B 313 23.17 -8.42 44.76
CA ASN B 313 24.60 -8.12 44.67
C ASN B 313 25.24 -7.66 45.97
N GLY B 314 24.44 -7.50 47.02
CA GLY B 314 24.99 -7.21 48.33
C GLY B 314 25.35 -5.74 48.52
N GLN B 315 24.92 -4.88 47.61
CA GLN B 315 25.09 -3.45 47.81
C GLN B 315 23.84 -2.91 48.43
N VAL B 316 23.93 -1.65 48.83
CA VAL B 316 22.77 -0.89 49.25
C VAL B 316 22.51 0.11 48.15
N LEU B 317 21.31 0.08 47.58
CA LEU B 317 20.99 0.89 46.43
C LEU B 317 19.64 1.55 46.62
N PRO B 318 19.37 2.62 45.85
CA PRO B 318 18.09 3.30 46.03
C PRO B 318 16.92 2.50 45.45
N GLY B 319 15.71 2.83 45.85
CA GLY B 319 14.52 2.22 45.28
C GLY B 319 13.89 1.02 45.97
N TYR B 320 12.77 0.60 45.39
CA TYR B 320 12.00 -0.46 45.96
C TYR B 320 12.64 -1.81 45.69
N MET B 321 12.33 -2.77 46.56
CA MET B 321 12.75 -4.17 46.43
C MET B 321 11.78 -5.01 47.24
N PHE B 322 11.32 -6.13 46.66
CA PHE B 322 10.48 -7.11 47.35
C PHE B 322 11.03 -8.51 47.08
N THR B 323 10.59 -9.50 47.86
CA THR B 323 11.02 -10.86 47.65
C THR B 323 10.18 -11.84 48.46
N ASP B 324 10.62 -13.11 48.44
CA ASP B 324 9.92 -14.24 49.03
C ASP B 324 8.55 -14.49 48.37
N THR B 325 8.59 -14.93 47.11
CA THR B 325 7.42 -15.45 46.40
C THR B 325 7.97 -16.18 45.19
N GLY B 326 7.21 -17.17 44.73
CA GLY B 326 7.54 -17.91 43.51
C GLY B 326 6.49 -17.66 42.43
N PHE B 327 6.94 -17.06 41.33
CA PHE B 327 5.96 -16.71 40.30
C PHE B 327 5.22 -17.94 39.81
N TRP B 328 5.90 -19.11 39.82
CA TRP B 328 5.27 -20.36 39.47
C TRP B 328 3.93 -20.57 40.18
N ASP B 329 3.83 -20.18 41.44
CA ASP B 329 2.53 -20.18 42.14
C ASP B 329 1.72 -18.95 41.80
N THR B 330 2.37 -17.79 41.89
CA THR B 330 1.68 -16.50 42.09
C THR B 330 1.36 -15.63 40.89
N PHE B 331 1.84 -16.02 39.71
CA PHE B 331 1.27 -15.43 38.50
C PHE B 331 -0.23 -15.76 38.34
N ARG B 332 -0.68 -16.93 38.80
CA ARG B 332 -2.04 -17.43 38.50
C ARG B 332 -3.17 -16.52 38.94
N CYS B 333 -3.19 -16.16 40.23
CA CYS B 333 -4.16 -15.17 40.65
C CYS B 333 -3.75 -14.27 41.84
N LEU B 334 -2.59 -14.51 42.43
CA LEU B 334 -2.17 -13.64 43.55
C LEU B 334 -1.79 -12.22 43.05
N PHE B 335 -0.87 -12.17 42.09
CA PHE B 335 -0.59 -10.87 41.52
C PHE B 335 -1.80 -10.25 40.81
N PRO B 336 -2.63 -11.07 40.16
CA PRO B 336 -3.78 -10.43 39.59
C PRO B 336 -4.68 -9.81 40.64
N LEU B 337 -4.77 -10.43 41.81
CA LEU B 337 -5.58 -9.83 42.82
C LEU B 337 -5.03 -8.44 43.14
N LEU B 338 -3.72 -8.32 43.13
CA LEU B 338 -3.10 -7.04 43.48
C LEU B 338 -3.42 -6.02 42.43
N ASN B 339 -3.33 -6.44 41.17
CA ASN B 339 -3.62 -5.56 40.05
C ASN B 339 -5.05 -5.08 40.08
N LEU B 340 -5.96 -5.89 40.62
CA LEU B 340 -7.35 -5.49 40.64
C LEU B 340 -7.68 -4.63 41.83
N MET B 341 -7.15 -4.99 42.99
CA MET B 341 -7.58 -4.32 44.23
C MET B 341 -6.51 -3.51 44.93
N TYR B 342 -5.25 -3.78 44.62
CA TYR B 342 -4.13 -3.09 45.27
C TYR B 342 -3.04 -2.70 44.26
N PRO B 343 -3.43 -2.02 43.18
CA PRO B 343 -2.44 -1.75 42.12
C PRO B 343 -1.27 -0.90 42.65
N SER B 344 -1.60 0.05 43.53
CA SER B 344 -0.59 0.93 44.12
C SER B 344 0.56 0.16 44.75
N VAL B 345 0.28 -1.04 45.22
CA VAL B 345 1.25 -1.89 45.87
C VAL B 345 2.00 -2.71 44.82
N ASN B 346 1.27 -3.24 43.84
CA ASN B 346 2.01 -3.97 42.83
C ASN B 346 3.00 -3.05 42.08
N LYS B 347 2.67 -1.76 42.05
CA LYS B 347 3.52 -0.76 41.46
C LYS B 347 4.89 -0.86 42.10
N GLU B 348 4.91 -0.75 43.42
CA GLU B 348 6.16 -0.81 44.14
C GLU B 348 6.92 -2.10 43.83
N MET B 349 6.21 -3.23 43.85
CA MET B 349 6.82 -4.55 43.57
C MET B 349 7.39 -4.67 42.16
N GLN B 350 6.66 -4.08 41.22
CA GLN B 350 7.11 -4.00 39.84
C GLN B 350 8.36 -3.15 39.80
N GLU B 351 8.34 -1.98 40.43
CA GLU B 351 9.58 -1.22 40.54
C GLU B 351 10.63 -2.12 41.16
N GLY B 352 10.21 -2.89 42.17
CA GLY B 352 11.12 -3.83 42.79
C GLY B 352 11.75 -4.76 41.78
N LEU B 353 10.94 -5.27 40.86
CA LEU B 353 11.44 -6.29 39.93
C LEU B 353 12.47 -5.73 38.94
N ILE B 354 12.29 -4.46 38.57
CA ILE B 354 13.22 -3.78 37.67
C ILE B 354 14.61 -3.75 38.30
N ASN B 355 14.66 -3.37 39.58
CA ASN B 355 15.91 -3.46 40.36
C ASN B 355 16.50 -4.86 40.45
N THR B 356 15.63 -5.87 40.58
CA THR B 356 16.10 -7.23 40.62
C THR B 356 16.83 -7.55 39.34
N TYR B 357 16.25 -7.13 38.22
CA TYR B 357 16.88 -7.40 36.92
C TYR B 357 18.20 -6.64 36.86
N LEU B 358 18.11 -5.35 37.17
CA LEU B 358 19.27 -4.46 37.11
C LEU B 358 20.42 -4.96 37.98
N GLU B 359 20.08 -5.51 39.15
CA GLU B 359 21.09 -5.88 40.11
C GLU B 359 21.63 -7.28 39.94
N SER B 360 20.88 -8.12 39.23
CA SER B 360 21.25 -9.55 39.15
C SER B 360 21.54 -10.01 37.73
N GLY B 361 20.92 -9.35 36.77
CA GLY B 361 21.00 -9.80 35.40
C GLY B 361 19.75 -10.53 34.91
N PHE B 362 18.86 -10.93 35.84
CA PHE B 362 17.64 -11.63 35.45
C PHE B 362 16.46 -11.14 36.27
N PHE B 363 15.25 -11.28 35.71
CA PHE B 363 14.07 -11.20 36.59
C PHE B 363 14.00 -12.51 37.35
N PRO B 364 13.42 -12.45 38.53
CA PRO B 364 13.39 -13.64 39.35
C PRO B 364 12.26 -14.61 38.92
N GLU B 365 12.44 -15.88 39.22
CA GLU B 365 11.32 -16.81 39.25
C GLU B 365 10.94 -17.09 40.72
N TRP B 366 11.78 -17.83 41.43
CA TRP B 366 11.61 -18.02 42.89
C TRP B 366 12.66 -17.17 43.58
N ALA B 367 12.26 -16.34 44.53
CA ALA B 367 13.23 -15.47 45.18
C ALA B 367 13.07 -15.52 46.71
N SER B 368 14.19 -15.78 47.41
CA SER B 368 14.17 -15.83 48.89
C SER B 368 15.54 -15.94 49.56
N PRO B 369 16.17 -14.78 49.83
CA PRO B 369 15.72 -13.43 49.39
C PRO B 369 16.14 -13.18 47.95
N GLY B 370 17.18 -13.88 47.52
CA GLY B 370 17.66 -13.80 46.16
C GLY B 370 17.26 -15.02 45.34
N HIS B 371 17.93 -15.21 44.20
CA HIS B 371 17.58 -16.27 43.27
C HIS B 371 17.75 -17.63 43.91
N ARG B 372 16.64 -18.37 44.00
CA ARG B 372 16.65 -19.71 44.57
C ARG B 372 16.13 -20.70 43.55
N GLY B 373 16.66 -21.92 43.58
CA GLY B 373 16.28 -22.93 42.59
C GLY B 373 15.07 -23.74 42.99
N CYS B 374 13.92 -23.44 42.40
CA CYS B 374 12.70 -24.07 42.87
C CYS B 374 11.66 -23.97 41.78
N MET B 375 11.02 -25.08 41.43
CA MET B 375 9.95 -25.06 40.42
C MET B 375 10.48 -24.73 39.05
N VAL B 376 9.57 -24.34 38.15
CA VAL B 376 9.94 -24.16 36.75
C VAL B 376 9.16 -23.01 36.12
N GLY B 377 9.38 -22.81 34.83
CA GLY B 377 8.68 -21.80 34.06
C GLY B 377 9.36 -20.43 34.04
N ASN B 378 8.79 -19.53 33.23
CA ASN B 378 9.36 -18.20 33.02
C ASN B 378 8.22 -17.23 33.26
N ASN B 379 7.46 -17.50 34.31
CA ASN B 379 6.20 -16.80 34.52
C ASN B 379 6.32 -15.37 35.02
N SER B 380 7.52 -14.95 35.37
CA SER B 380 7.81 -13.54 35.56
C SER B 380 7.25 -12.76 34.37
N ALA B 381 7.32 -13.38 33.20
CA ALA B 381 6.83 -12.72 31.99
C ALA B 381 5.39 -12.32 32.19
N SER B 382 4.60 -13.25 32.72
CA SER B 382 3.21 -13.02 32.95
C SER B 382 3.02 -11.93 33.99
N ILE B 383 3.82 -12.00 35.05
CA ILE B 383 3.75 -11.07 36.17
C ILE B 383 3.98 -9.65 35.67
N LEU B 384 5.09 -9.45 34.97
CA LEU B 384 5.42 -8.16 34.39
C LEU B 384 4.34 -7.64 33.44
N VAL B 385 3.89 -8.53 32.56
CA VAL B 385 3.03 -8.11 31.46
C VAL B 385 1.62 -7.88 31.95
N ASP B 386 1.15 -8.67 32.92
CA ASP B 386 -0.23 -8.45 33.40
C ASP B 386 -0.30 -7.10 34.11
N ALA B 387 0.77 -6.75 34.80
CA ALA B 387 0.84 -5.47 35.46
C ALA B 387 0.75 -4.34 34.45
N TYR B 388 1.65 -4.36 33.46
CA TYR B 388 1.68 -3.33 32.43
C TYR B 388 0.33 -3.12 31.73
N MET B 389 -0.27 -4.20 31.25
CA MET B 389 -1.57 -4.19 30.58
C MET B 389 -2.70 -3.70 31.47
N LYS B 390 -2.54 -3.81 32.79
CA LYS B 390 -3.57 -3.35 33.71
C LYS B 390 -3.23 -2.01 34.35
N GLY B 391 -2.30 -1.28 33.75
CA GLY B 391 -2.18 0.11 34.10
C GLY B 391 -1.22 0.33 35.22
N VAL B 392 -0.48 -0.71 35.57
CA VAL B 392 0.53 -0.60 36.59
C VAL B 392 1.87 -0.64 35.90
N LYS B 393 2.35 0.55 35.56
CA LYS B 393 3.46 0.61 34.62
C LYS B 393 4.74 1.04 35.31
N VAL B 394 5.77 0.23 35.14
CA VAL B 394 7.06 0.60 35.62
C VAL B 394 7.52 1.83 34.88
N ASP B 395 8.43 2.55 35.49
CA ASP B 395 9.00 3.70 34.82
C ASP B 395 9.86 3.20 33.65
N ASP B 396 10.76 2.29 33.93
CA ASP B 396 11.73 1.90 32.94
C ASP B 396 11.24 0.80 31.97
N ILE B 397 10.38 1.15 31.00
CA ILE B 397 9.90 0.14 30.05
C ILE B 397 11.01 -0.43 29.19
N LYS B 398 12.00 0.39 28.87
CA LYS B 398 13.12 -0.14 28.10
C LYS B 398 13.70 -1.38 28.78
N THR B 399 13.99 -1.25 30.07
CA THR B 399 14.54 -2.36 30.82
C THR B 399 13.50 -3.49 30.96
N LEU B 400 12.26 -3.13 31.20
CA LEU B 400 11.19 -4.11 31.27
C LEU B 400 11.24 -5.02 30.05
N TYR B 401 11.10 -4.43 28.86
CA TYR B 401 11.14 -5.20 27.63
C TYR B 401 12.46 -5.92 27.42
N GLU B 402 13.58 -5.22 27.58
CA GLU B 402 14.87 -5.91 27.37
C GLU B 402 15.04 -7.04 28.36
N GLY B 403 14.53 -6.84 29.57
CA GLY B 403 14.57 -7.91 30.57
C GLY B 403 13.86 -9.18 30.11
N LEU B 404 12.65 -9.03 29.55
CA LEU B 404 11.87 -10.19 29.16
C LEU B 404 12.60 -10.94 28.06
N ILE B 405 13.13 -10.21 27.08
CA ILE B 405 13.80 -10.88 25.99
C ILE B 405 15.04 -11.59 26.47
N HIS B 406 15.75 -10.99 27.41
CA HIS B 406 16.92 -11.62 28.01
C HIS B 406 16.62 -13.01 28.58
N GLY B 407 15.49 -13.09 29.26
CA GLY B 407 15.01 -14.33 29.84
C GLY B 407 14.58 -15.44 28.89
N THR B 408 14.24 -15.12 27.65
CA THR B 408 13.95 -16.18 26.67
C THR B 408 15.20 -16.87 26.14
N GLU B 409 16.38 -16.32 26.37
CA GLU B 409 17.56 -16.95 25.77
C GLU B 409 18.77 -17.04 26.68
N ASN B 410 18.50 -17.03 27.97
CA ASN B 410 19.54 -17.29 28.94
C ASN B 410 18.96 -18.06 30.10
N VAL B 411 19.77 -18.92 30.68
CA VAL B 411 19.42 -19.50 31.94
C VAL B 411 20.52 -19.07 32.91
N HIS B 412 20.15 -18.83 34.17
CA HIS B 412 21.13 -18.48 35.21
C HIS B 412 22.14 -19.60 35.42
N PRO B 413 23.42 -19.24 35.54
CA PRO B 413 24.47 -20.24 35.47
C PRO B 413 24.52 -21.13 36.71
N GLU B 414 23.91 -20.70 37.83
CA GLU B 414 23.82 -21.56 39.02
C GLU B 414 22.44 -21.66 39.67
N VAL B 415 21.42 -21.03 39.09
CA VAL B 415 20.03 -21.25 39.54
C VAL B 415 19.18 -21.61 38.32
N SER B 416 19.04 -22.91 38.08
CA SER B 416 18.43 -23.38 36.86
C SER B 416 16.99 -22.91 36.67
N SER B 417 16.33 -22.46 37.73
CA SER B 417 14.93 -22.05 37.58
C SER B 417 14.77 -20.54 37.39
N THR B 418 15.91 -19.84 37.28
CA THR B 418 15.89 -18.43 36.92
C THR B 418 16.37 -18.30 35.46
N GLY B 419 15.57 -17.66 34.61
CA GLY B 419 15.83 -17.70 33.17
C GLY B 419 15.26 -18.99 32.64
N ARG B 420 15.66 -19.40 31.45
CA ARG B 420 14.98 -20.54 30.82
C ARG B 420 15.84 -21.75 30.61
N LEU B 421 15.71 -22.73 31.49
CA LEU B 421 16.36 -24.00 31.28
C LEU B 421 15.72 -24.60 30.05
N GLY B 422 16.54 -25.08 29.12
CA GLY B 422 16.02 -25.76 27.93
C GLY B 422 15.77 -24.84 26.74
N TYR B 423 16.17 -23.58 26.86
CA TYR B 423 15.91 -22.57 25.82
C TYR B 423 16.48 -22.95 24.46
N GLU B 424 17.71 -23.44 24.41
CA GLU B 424 18.28 -23.82 23.11
C GLU B 424 17.35 -24.81 22.45
N TYR B 425 16.99 -25.88 23.15
CA TYR B 425 16.11 -26.87 22.57
C TYR B 425 14.80 -26.22 22.16
N TYR B 426 14.20 -25.49 23.09
CA TYR B 426 12.86 -24.97 22.91
C TYR B 426 12.75 -23.92 21.82
N ASN B 427 13.73 -23.04 21.73
CA ASN B 427 13.77 -22.10 20.61
C ASN B 427 13.88 -22.81 19.26
N LYS B 428 14.75 -23.83 19.19
CA LYS B 428 14.97 -24.62 17.96
C LYS B 428 13.88 -25.65 17.62
N LEU B 429 13.43 -26.44 18.59
CA LEU B 429 12.48 -27.51 18.28
C LEU B 429 11.03 -27.16 18.53
N GLY B 430 10.77 -26.18 19.39
CA GLY B 430 9.40 -25.80 19.78
C GLY B 430 8.92 -26.56 21.01
N TYR B 431 9.85 -27.19 21.70
CA TYR B 431 9.54 -27.86 22.96
C TYR B 431 10.84 -28.24 23.63
N VAL B 432 10.73 -28.58 24.92
CA VAL B 432 11.84 -29.11 25.72
C VAL B 432 11.71 -30.62 25.79
N PRO B 433 12.62 -31.35 25.13
CA PRO B 433 12.56 -32.78 24.93
C PRO B 433 12.57 -33.59 26.23
N TYR B 434 12.08 -34.82 26.14
CA TYR B 434 11.88 -35.70 27.27
C TYR B 434 13.14 -36.46 27.65
N ASP B 435 14.11 -36.50 26.76
CA ASP B 435 15.29 -37.35 26.93
C ASP B 435 16.60 -36.56 26.75
N VAL B 436 16.70 -35.38 27.35
CA VAL B 436 17.93 -34.60 27.27
C VAL B 436 18.35 -34.15 28.65
N LYS B 437 18.02 -34.95 29.65
CA LYS B 437 18.35 -34.66 31.04
C LYS B 437 17.79 -33.33 31.54
N ILE B 438 16.62 -32.96 31.04
CA ILE B 438 15.96 -31.80 31.60
C ILE B 438 14.60 -32.18 32.11
N ASN B 439 14.54 -32.49 33.38
CA ASN B 439 13.31 -32.91 34.01
C ASN B 439 12.18 -31.88 33.96
N GLU B 440 10.96 -32.37 34.14
CA GLU B 440 9.80 -31.51 34.10
C GLU B 440 9.69 -30.77 32.76
N ASN B 441 10.09 -31.43 31.68
CA ASN B 441 10.24 -30.79 30.37
C ASN B 441 8.94 -30.38 29.67
N ALA B 442 7.87 -31.13 29.95
CA ALA B 442 6.60 -30.82 29.36
C ALA B 442 6.00 -29.64 30.09
N ALA B 443 6.15 -29.58 31.40
CA ALA B 443 5.65 -28.43 32.12
C ALA B 443 6.42 -27.15 31.75
N ARG B 444 7.72 -27.25 31.54
CA ARG B 444 8.47 -26.08 31.14
C ARG B 444 7.92 -25.60 29.79
N THR B 445 7.81 -26.55 28.86
CA THR B 445 7.32 -26.24 27.51
C THR B 445 5.96 -25.55 27.56
N LEU B 446 5.02 -26.10 28.30
CA LEU B 446 3.69 -25.49 28.34
C LEU B 446 3.71 -24.09 28.96
N GLU B 447 4.44 -23.90 30.04
CA GLU B 447 4.49 -22.60 30.66
C GLU B 447 5.27 -21.59 29.82
N TYR B 448 6.42 -22.00 29.27
CA TYR B 448 7.14 -21.17 28.34
C TYR B 448 6.25 -20.62 27.23
N ALA B 449 5.40 -21.47 26.67
CA ALA B 449 4.55 -21.02 25.58
C ALA B 449 3.55 -19.93 26.01
N TYR B 450 2.99 -20.06 27.19
CA TYR B 450 2.15 -18.99 27.68
C TYR B 450 3.02 -17.77 27.94
N ASP B 451 4.24 -17.99 28.38
CA ASP B 451 5.09 -16.88 28.76
C ASP B 451 5.37 -16.09 27.50
N ASP B 452 5.68 -16.82 26.44
CA ASP B 452 5.93 -16.20 25.17
C ASP B 452 4.67 -15.45 24.69
N TRP B 453 3.50 -15.96 25.01
CA TRP B 453 2.30 -15.25 24.61
C TRP B 453 2.21 -13.93 25.35
N CYS B 454 2.65 -13.93 26.60
CA CYS B 454 2.68 -12.72 27.38
C CYS B 454 3.62 -11.70 26.72
N ILE B 455 4.84 -12.13 26.39
CA ILE B 455 5.80 -11.28 25.71
C ILE B 455 5.23 -10.80 24.37
N TYR B 456 4.46 -11.65 23.70
CA TYR B 456 3.87 -11.22 22.47
C TYR B 456 2.86 -10.10 22.74
N ARG B 457 2.14 -10.18 23.85
CA ARG B 457 1.12 -9.20 24.11
C ARG B 457 1.70 -7.82 24.34
N LEU B 458 2.87 -7.80 24.99
CA LEU B 458 3.50 -6.54 25.33
C LEU B 458 4.18 -5.93 24.10
N ALA B 459 4.80 -6.77 23.30
CA ALA B 459 5.43 -6.32 22.08
C ALA B 459 4.38 -5.64 21.19
N LYS B 460 3.22 -6.29 21.06
CA LYS B 460 2.14 -5.75 20.28
C LYS B 460 1.70 -4.42 20.88
N GLU B 461 1.46 -4.41 22.19
CA GLU B 461 1.06 -3.20 22.88
C GLU B 461 2.02 -2.05 22.58
N LEU B 462 3.32 -2.37 22.60
CA LEU B 462 4.37 -1.38 22.38
C LEU B 462 4.66 -1.04 20.92
N LYS B 463 3.79 -1.45 20.00
CA LYS B 463 4.05 -1.27 18.57
C LYS B 463 5.50 -1.60 18.18
N ARG B 464 6.00 -2.75 18.59
CA ARG B 464 7.31 -3.16 18.15
C ARG B 464 7.22 -3.63 16.71
N PRO B 465 8.36 -3.76 16.04
CA PRO B 465 8.41 -4.34 14.69
C PRO B 465 7.80 -5.74 14.63
N LYS B 466 7.09 -6.01 13.54
CA LYS B 466 6.40 -7.27 13.32
C LYS B 466 7.30 -8.46 13.53
N LYS B 467 8.56 -8.33 13.18
CA LYS B 467 9.47 -9.46 13.25
C LYS B 467 9.53 -10.06 14.67
N GLU B 468 9.62 -9.18 15.67
CA GLU B 468 9.54 -9.59 17.06
C GLU B 468 8.12 -10.08 17.38
N ILE B 469 7.10 -9.25 17.15
CA ILE B 469 5.76 -9.69 17.45
C ILE B 469 5.46 -11.11 16.93
N SER B 470 5.95 -11.43 15.74
CA SER B 470 5.64 -12.70 15.09
C SER B 470 6.36 -13.84 15.74
N LEU B 471 7.60 -13.58 16.16
CA LEU B 471 8.45 -14.61 16.75
C LEU B 471 7.80 -15.17 18.00
N PHE B 472 7.15 -14.31 18.77
CA PHE B 472 6.49 -14.77 19.99
C PHE B 472 5.06 -15.23 19.73
N ALA B 473 4.44 -14.67 18.70
CA ALA B 473 3.16 -15.21 18.26
C ALA B 473 3.36 -16.69 17.92
N LYS B 474 4.48 -16.99 17.26
CA LYS B 474 4.79 -18.35 16.84
C LYS B 474 5.06 -19.26 18.04
N ARG B 475 5.91 -18.80 18.94
CA ARG B 475 6.27 -19.56 20.15
C ARG B 475 5.09 -19.78 21.12
N ALA B 476 4.14 -18.84 21.17
CA ALA B 476 2.94 -19.02 21.98
C ALA B 476 2.15 -20.29 21.61
N MET B 477 2.41 -20.80 20.41
CA MET B 477 1.67 -21.93 19.85
C MET B 477 2.41 -23.23 20.13
N ASN B 478 3.52 -23.15 20.85
CA ASN B 478 4.36 -24.33 21.01
C ASN B 478 3.72 -25.48 21.78
N TYR B 479 2.63 -25.17 22.46
CA TYR B 479 1.96 -26.17 23.22
C TYR B 479 1.47 -27.29 22.32
N LYS B 480 1.14 -26.99 21.06
CA LYS B 480 0.73 -28.04 20.13
C LYS B 480 1.78 -29.14 20.03
N ASN B 481 3.04 -28.81 20.26
CA ASN B 481 4.11 -29.76 20.01
C ASN B 481 4.15 -30.98 20.93
N LEU B 482 3.38 -30.91 22.02
CA LEU B 482 3.42 -31.94 23.03
C LEU B 482 2.07 -32.58 23.14
N PHE B 483 1.16 -32.14 22.28
CA PHE B 483 -0.16 -32.71 22.29
C PHE B 483 -0.15 -34.03 21.55
N ASP B 484 -0.73 -35.04 22.19
CA ASP B 484 -0.76 -36.38 21.64
C ASP B 484 -2.18 -36.76 21.23
N LYS B 485 -2.38 -36.93 19.93
CA LYS B 485 -3.73 -37.08 19.37
C LYS B 485 -4.55 -38.27 19.92
N GLU B 486 -3.89 -39.42 20.08
CA GLU B 486 -4.57 -40.64 20.53
C GLU B 486 -5.19 -40.47 21.88
N SER B 487 -4.36 -40.11 22.86
CA SER B 487 -4.83 -39.96 24.22
C SER B 487 -5.58 -38.63 24.39
N LYS B 488 -5.30 -37.67 23.51
CA LYS B 488 -5.84 -36.33 23.70
C LYS B 488 -5.29 -35.68 24.96
N LEU B 489 -4.03 -35.96 25.27
CA LEU B 489 -3.39 -35.31 26.39
C LEU B 489 -1.99 -34.87 26.03
N MET B 490 -1.45 -33.94 26.81
CA MET B 490 -0.05 -33.57 26.66
C MET B 490 0.82 -34.75 27.07
N ARG B 491 2.01 -34.82 26.50
CA ARG B 491 2.80 -36.01 26.66
C ARG B 491 4.25 -35.68 26.37
N GLY B 492 5.16 -36.23 27.18
CA GLY B 492 6.59 -36.02 26.94
C GLY B 492 6.94 -36.31 25.51
N ARG B 493 7.87 -35.53 24.96
CA ARG B 493 8.33 -35.75 23.58
C ARG B 493 9.84 -35.86 23.45
N ASN B 494 10.32 -36.89 22.75
CA ASN B 494 11.76 -37.11 22.61
C ASN B 494 12.43 -36.10 21.71
N GLU B 495 13.76 -36.06 21.78
CA GLU B 495 14.52 -35.10 20.98
C GLU B 495 14.36 -35.35 19.51
N ASP B 496 14.22 -36.62 19.16
CA ASP B 496 14.04 -37.02 17.77
C ASP B 496 12.63 -36.75 17.24
N GLY B 497 11.73 -36.20 18.07
CA GLY B 497 10.38 -35.91 17.61
C GLY B 497 9.35 -36.98 17.93
N THR B 498 9.79 -38.21 18.20
CA THR B 498 8.90 -39.27 18.66
C THR B 498 8.39 -39.02 20.10
N PHE B 499 7.12 -39.30 20.32
CA PHE B 499 6.57 -39.22 21.67
C PHE B 499 7.16 -40.30 22.59
N GLN B 500 7.23 -40.02 23.89
CA GLN B 500 7.90 -40.92 24.82
C GLN B 500 7.05 -42.17 25.12
N SER B 501 7.67 -43.33 25.11
CA SER B 501 6.97 -44.56 25.47
C SER B 501 7.75 -45.30 26.53
N PRO B 502 7.06 -45.97 27.45
CA PRO B 502 5.60 -45.99 27.45
C PRO B 502 5.01 -44.71 28.06
N PHE B 503 3.71 -44.50 27.91
CA PHE B 503 3.13 -43.29 28.43
C PHE B 503 2.03 -43.59 29.45
N SER B 504 2.13 -42.96 30.63
CA SER B 504 1.02 -43.01 31.59
C SER B 504 0.67 -41.64 32.09
N PRO B 505 -0.53 -41.19 31.71
CA PRO B 505 -1.25 -39.99 32.09
C PRO B 505 -1.36 -39.78 33.59
N LEU B 506 -1.04 -40.83 34.35
CA LEU B 506 -1.19 -40.80 35.80
C LEU B 506 0.15 -40.76 36.53
N LYS B 507 1.24 -40.76 35.78
CA LYS B 507 2.55 -40.62 36.38
C LYS B 507 2.81 -39.17 36.78
N TRP B 508 3.15 -38.92 38.03
CA TRP B 508 3.40 -37.57 38.48
C TRP B 508 4.87 -37.24 38.25
N GLY B 509 5.19 -35.95 38.06
CA GLY B 509 6.58 -35.54 37.92
C GLY B 509 7.15 -36.00 36.61
N ASP B 510 8.47 -36.21 36.56
CA ASP B 510 9.15 -36.63 35.36
C ASP B 510 8.96 -35.62 34.23
N ALA B 511 7.97 -35.84 33.39
CA ALA B 511 7.70 -34.88 32.32
C ALA B 511 7.09 -33.60 32.90
N PHE B 512 6.48 -33.71 34.07
CA PHE B 512 5.78 -32.57 34.65
C PHE B 512 6.26 -32.20 36.03
N THR B 513 5.55 -31.28 36.65
CA THR B 513 5.97 -30.70 37.88
C THR B 513 4.84 -30.89 38.87
N GLU B 514 5.06 -31.75 39.86
CA GLU B 514 4.10 -32.03 40.97
C GLU B 514 2.71 -32.23 40.42
N GLY B 515 2.60 -33.10 39.44
CA GLY B 515 1.35 -33.32 38.74
C GLY B 515 1.58 -34.35 37.66
N ASN B 516 0.48 -34.75 37.02
CA ASN B 516 0.60 -35.64 35.87
C ASN B 516 -0.03 -35.00 34.63
N SER B 517 -0.12 -35.77 33.56
CA SER B 517 -0.61 -35.24 32.30
C SER B 517 -2.04 -34.74 32.45
N TRP B 518 -2.84 -35.43 33.26
CA TRP B 518 -4.23 -35.05 33.48
C TRP B 518 -4.33 -33.69 34.15
N HIS B 519 -3.27 -33.30 34.86
CA HIS B 519 -3.26 -32.00 35.51
C HIS B 519 -2.65 -30.94 34.57
N TYR B 520 -1.56 -31.30 33.91
CA TYR B 520 -0.86 -30.31 33.11
C TYR B 520 -1.51 -29.96 31.75
N THR B 521 -2.30 -30.88 31.21
CA THR B 521 -2.91 -30.67 29.92
C THR B 521 -3.58 -29.28 29.83
N TRP B 522 -4.29 -28.89 30.90
CA TRP B 522 -5.11 -27.68 30.84
C TRP B 522 -4.30 -26.39 30.82
N SER B 523 -2.97 -26.52 30.83
CA SER B 523 -2.07 -25.37 30.89
C SER B 523 -1.88 -24.64 29.56
N VAL B 524 -2.97 -24.08 29.03
CA VAL B 524 -2.93 -23.28 27.80
C VAL B 524 -3.82 -22.05 28.03
N PHE B 525 -3.49 -21.31 29.08
CA PHE B 525 -4.29 -20.16 29.56
C PHE B 525 -4.69 -19.15 28.49
N HIS B 526 -3.79 -18.94 27.54
CA HIS B 526 -3.97 -17.96 26.48
C HIS B 526 -4.74 -18.50 25.26
N ASP B 527 -4.91 -19.82 25.15
CA ASP B 527 -5.58 -20.38 23.98
C ASP B 527 -6.46 -21.61 24.29
N PRO B 528 -7.45 -21.42 25.16
CA PRO B 528 -8.31 -22.54 25.45
C PRO B 528 -8.99 -23.11 24.19
N GLN B 529 -9.39 -22.25 23.26
CA GLN B 529 -9.94 -22.72 22.00
C GLN B 529 -8.92 -23.54 21.18
N GLY B 530 -7.67 -23.12 21.18
CA GLY B 530 -6.65 -23.91 20.50
C GLY B 530 -6.66 -25.35 21.00
N LEU B 531 -6.86 -25.51 22.30
CA LEU B 531 -6.87 -26.83 22.92
C LEU B 531 -8.16 -27.61 22.61
N ILE B 532 -9.32 -26.99 22.79
CA ILE B 532 -10.55 -27.57 22.29
C ILE B 532 -10.39 -28.09 20.84
N ASP B 533 -9.91 -27.25 19.94
CA ASP B 533 -9.64 -27.70 18.57
C ASP B 533 -8.78 -28.96 18.54
N LEU B 534 -7.70 -28.94 19.29
CA LEU B 534 -6.81 -30.10 19.34
C LEU B 534 -7.53 -31.41 19.73
N MET B 535 -8.44 -31.30 20.69
CA MET B 535 -9.15 -32.47 21.19
C MET B 535 -10.31 -32.89 20.30
N GLY B 536 -10.53 -32.12 19.23
CA GLY B 536 -11.53 -32.44 18.23
C GLY B 536 -12.88 -31.88 18.62
N GLY B 537 -12.89 -30.74 19.32
CA GLY B 537 -14.15 -30.00 19.52
C GLY B 537 -14.71 -29.88 20.93
N LYS B 538 -15.60 -28.93 21.15
CA LYS B 538 -16.11 -28.63 22.50
C LYS B 538 -16.67 -29.84 23.24
N GLU B 539 -17.24 -30.80 22.52
CA GLU B 539 -17.85 -31.98 23.16
C GLU B 539 -16.82 -32.99 23.69
N MET B 540 -15.83 -33.34 22.88
CA MET B 540 -14.77 -34.21 23.33
CA MET B 540 -14.78 -34.23 23.33
C MET B 540 -13.96 -33.53 24.42
N PHE B 541 -13.78 -32.21 24.28
CA PHE B 541 -13.11 -31.39 25.29
C PHE B 541 -13.83 -31.53 26.64
N VAL B 542 -15.14 -31.32 26.64
CA VAL B 542 -15.91 -31.42 27.87
C VAL B 542 -15.87 -32.84 28.40
N THR B 543 -15.73 -33.80 27.50
CA THR B 543 -15.70 -35.18 27.94
C THR B 543 -14.40 -35.42 28.68
N MET B 544 -13.31 -34.88 28.14
CA MET B 544 -12.01 -34.97 28.77
C MET B 544 -11.98 -34.27 30.13
N MET B 545 -12.70 -33.17 30.25
CA MET B 545 -12.79 -32.47 31.53
C MET B 545 -13.60 -33.24 32.56
N ASP B 546 -14.76 -33.74 32.14
CA ASP B 546 -15.60 -34.54 33.01
C ASP B 546 -14.90 -35.75 33.62
N SER B 547 -14.02 -36.40 32.86
CA SER B 547 -13.28 -37.60 33.34
C SER B 547 -12.32 -37.27 34.50
N VAL B 548 -11.59 -36.16 34.38
CA VAL B 548 -10.79 -35.68 35.48
C VAL B 548 -11.49 -35.91 36.84
N PHE B 549 -12.78 -35.55 36.95
CA PHE B 549 -13.52 -35.72 38.21
C PHE B 549 -13.87 -37.17 38.51
N ALA B 550 -14.06 -37.95 37.46
CA ALA B 550 -14.60 -39.30 37.62
C ALA B 550 -13.57 -40.44 37.67
N VAL B 551 -12.31 -40.17 37.33
CA VAL B 551 -11.30 -41.22 37.39
C VAL B 551 -10.69 -41.34 38.77
N PRO B 552 -10.71 -42.57 39.33
CA PRO B 552 -10.07 -42.93 40.57
C PRO B 552 -8.76 -42.19 40.64
N PRO B 553 -8.45 -41.60 41.80
CA PRO B 553 -7.15 -40.96 41.95
C PRO B 553 -6.00 -41.94 42.09
N ILE B 554 -5.94 -42.90 41.17
CA ILE B 554 -4.79 -43.79 41.01
C ILE B 554 -3.62 -42.93 40.55
N PHE B 555 -2.40 -43.33 40.88
CA PHE B 555 -1.26 -42.52 40.51
C PHE B 555 -0.03 -43.38 40.37
N ASP B 556 1.04 -42.77 39.89
CA ASP B 556 2.32 -43.47 39.77
C ASP B 556 3.37 -42.56 40.36
N ASP B 557 4.03 -43.02 41.43
CA ASP B 557 5.00 -42.15 42.09
C ASP B 557 6.48 -42.46 41.85
N SER B 558 6.79 -43.43 40.99
CA SER B 558 8.19 -43.76 40.71
C SER B 558 9.16 -42.57 40.64
N TYR B 559 8.84 -41.56 39.85
CA TYR B 559 9.71 -40.38 39.81
C TYR B 559 10.12 -39.92 41.23
N TYR B 560 9.15 -39.76 42.12
CA TYR B 560 9.42 -39.24 43.48
C TYR B 560 9.91 -40.28 44.53
N GLY B 561 9.65 -41.57 44.29
CA GLY B 561 10.11 -42.64 45.19
C GLY B 561 9.35 -42.78 46.52
N GLN B 562 8.28 -42.02 46.67
CA GLN B 562 7.45 -41.99 47.85
C GLN B 562 6.16 -41.26 47.49
N VAL B 563 5.21 -41.20 48.40
CA VAL B 563 3.95 -40.56 48.13
C VAL B 563 4.04 -39.16 48.71
N ILE B 564 4.43 -38.19 47.88
CA ILE B 564 4.62 -36.84 48.41
C ILE B 564 3.27 -36.28 48.82
N HIS B 565 3.27 -35.25 49.66
CA HIS B 565 2.00 -34.78 50.18
C HIS B 565 0.98 -34.37 49.10
N GLU B 566 1.44 -33.71 48.06
CA GLU B 566 0.58 -33.30 46.96
C GLU B 566 -0.27 -34.48 46.45
N ILE B 567 0.34 -35.65 46.31
CA ILE B 567 -0.40 -36.83 45.90
C ILE B 567 -1.42 -37.26 46.96
N ARG B 568 -0.96 -37.38 48.19
CA ARG B 568 -1.81 -37.77 49.27
C ARG B 568 -3.01 -36.86 49.31
N GLU B 569 -2.73 -35.56 49.31
CA GLU B 569 -3.77 -34.55 49.30
C GLU B 569 -4.86 -34.87 48.26
N MET B 570 -4.46 -35.21 47.05
CA MET B 570 -5.47 -35.45 46.03
C MET B 570 -6.33 -36.65 46.41
N THR B 571 -5.69 -37.73 46.84
CA THR B 571 -6.41 -39.00 47.06
C THR B 571 -7.51 -38.84 48.08
N VAL B 572 -7.30 -37.99 49.07
CA VAL B 572 -8.19 -37.95 50.20
C VAL B 572 -9.48 -37.21 49.90
N MET B 573 -9.47 -36.38 48.85
CA MET B 573 -10.60 -35.48 48.66
CA MET B 573 -10.57 -35.44 48.58
C MET B 573 -11.80 -36.08 47.94
N ASN B 574 -11.60 -37.20 47.24
CA ASN B 574 -12.73 -37.87 46.57
C ASN B 574 -13.27 -37.00 45.43
N MET B 575 -12.34 -36.45 44.64
CA MET B 575 -12.69 -35.59 43.52
C MET B 575 -11.87 -36.03 42.32
N GLY B 576 -11.76 -37.35 42.18
CA GLY B 576 -11.05 -37.98 41.08
C GLY B 576 -9.65 -37.44 41.05
N ASN B 577 -9.16 -37.11 39.86
CA ASN B 577 -7.84 -36.51 39.76
C ASN B 577 -7.83 -34.99 39.86
N TYR B 578 -8.92 -34.40 40.34
CA TYR B 578 -8.90 -32.94 40.42
C TYR B 578 -8.13 -32.48 41.66
N ALA B 579 -6.80 -32.38 41.51
CA ALA B 579 -5.88 -31.99 42.60
C ALA B 579 -5.83 -30.48 42.96
N HIS B 580 -6.89 -29.95 43.55
CA HIS B 580 -6.94 -28.51 43.84
C HIS B 580 -5.83 -27.99 44.73
N GLY B 581 -5.26 -28.90 45.50
CA GLY B 581 -4.27 -28.54 46.51
C GLY B 581 -2.95 -28.20 45.89
N ASN B 582 -2.87 -28.20 44.57
CA ASN B 582 -1.64 -27.77 43.96
C ASN B 582 -1.96 -26.91 42.74
N GLN B 583 -1.04 -26.05 42.32
CA GLN B 583 -1.39 -24.94 41.44
C GLN B 583 -1.75 -25.27 39.99
N PRO B 584 -1.06 -26.25 39.38
CA PRO B 584 -1.16 -26.35 37.94
C PRO B 584 -2.60 -26.49 37.52
N ILE B 585 -3.43 -27.16 38.31
CA ILE B 585 -4.79 -27.38 37.85
C ILE B 585 -5.80 -26.35 38.37
N GLN B 586 -5.34 -25.37 39.13
CA GLN B 586 -6.30 -24.54 39.83
C GLN B 586 -7.27 -23.72 38.96
N HIS B 587 -6.90 -23.48 37.72
CA HIS B 587 -7.73 -22.71 36.80
C HIS B 587 -8.67 -23.60 36.00
N MET B 588 -8.34 -24.90 35.92
CA MET B 588 -9.07 -25.81 35.04
C MET B 588 -10.60 -25.66 34.98
N ILE B 589 -11.26 -25.45 36.12
CA ILE B 589 -12.70 -25.54 36.10
C ILE B 589 -13.29 -24.44 35.25
N TYR B 590 -12.66 -23.27 35.25
CA TYR B 590 -13.22 -22.13 34.53
C TYR B 590 -13.23 -22.38 33.02
N LEU B 591 -12.43 -23.34 32.57
CA LEU B 591 -12.44 -23.77 31.18
C LEU B 591 -13.80 -24.25 30.67
N TYR B 592 -14.67 -24.77 31.55
CA TYR B 592 -16.00 -25.14 31.09
C TYR B 592 -16.64 -23.95 30.37
N ASP B 593 -16.23 -22.73 30.72
CA ASP B 593 -16.86 -21.55 30.14
C ASP B 593 -16.53 -21.44 28.66
N TYR B 594 -15.33 -21.89 28.31
CA TYR B 594 -14.84 -21.75 26.96
C TYR B 594 -15.48 -22.76 26.02
N ALA B 595 -16.04 -23.81 26.58
CA ALA B 595 -16.60 -24.90 25.77
C ALA B 595 -18.08 -24.90 25.93
N GLY B 596 -18.61 -23.74 26.29
CA GLY B 596 -20.04 -23.50 26.25
C GLY B 596 -20.83 -24.20 27.33
N GLN B 597 -20.16 -24.59 28.41
CA GLN B 597 -20.89 -25.16 29.56
C GLN B 597 -20.59 -24.50 30.92
N PRO B 598 -20.89 -23.21 31.03
CA PRO B 598 -20.61 -22.50 32.29
C PRO B 598 -21.31 -23.08 33.52
N TRP B 599 -22.42 -23.78 33.33
CA TRP B 599 -23.17 -24.28 34.48
C TRP B 599 -22.35 -25.35 35.19
N LYS B 600 -21.54 -26.04 34.41
CA LYS B 600 -20.65 -27.05 34.96
C LYS B 600 -19.52 -26.41 35.76
N ALA B 601 -18.95 -25.33 35.26
CA ALA B 601 -18.04 -24.58 36.09
C ALA B 601 -18.78 -24.15 37.38
N GLN B 602 -20.01 -23.69 37.28
CA GLN B 602 -20.69 -23.23 38.48
C GLN B 602 -20.89 -24.36 39.48
N TYR B 603 -21.25 -25.55 38.99
CA TYR B 603 -21.41 -26.67 39.90
C TYR B 603 -20.07 -27.03 40.59
N TRP B 604 -19.03 -27.28 39.80
CA TRP B 604 -17.74 -27.68 40.37
C TRP B 604 -17.10 -26.61 41.26
N LEU B 605 -17.22 -25.35 40.85
CA LEU B 605 -16.64 -24.27 41.64
C LEU B 605 -17.25 -24.25 43.04
N ARG B 606 -18.57 -24.26 43.13
CA ARG B 606 -19.19 -24.34 44.45
C ARG B 606 -18.76 -25.57 45.26
N GLN B 607 -18.61 -26.73 44.62
CA GLN B 607 -18.14 -27.90 45.33
C GLN B 607 -16.82 -27.55 45.99
N VAL B 608 -15.93 -26.90 45.24
CA VAL B 608 -14.58 -26.67 45.74
C VAL B 608 -14.54 -25.66 46.90
N MET B 609 -15.27 -24.57 46.72
CA MET B 609 -15.36 -23.54 47.76
C MET B 609 -16.05 -24.05 49.03
N ASP B 610 -16.94 -25.03 48.88
CA ASP B 610 -17.72 -25.56 50.02
C ASP B 610 -16.94 -26.58 50.83
N ARG B 611 -16.16 -27.39 50.13
CA ARG B 611 -15.53 -28.52 50.75
C ARG B 611 -14.04 -28.40 50.97
N MET B 612 -13.33 -27.78 50.04
CA MET B 612 -11.85 -27.76 50.08
C MET B 612 -11.25 -26.61 50.92
N TYR B 613 -12.12 -25.75 51.45
CA TYR B 613 -11.70 -24.69 52.35
C TYR B 613 -12.56 -24.69 53.61
N THR B 614 -11.92 -24.68 54.77
CA THR B 614 -12.60 -24.55 56.05
C THR B 614 -11.78 -23.56 56.90
N PRO B 615 -12.44 -22.91 57.90
CA PRO B 615 -11.86 -21.85 58.74
C PRO B 615 -10.93 -22.33 59.87
N GLY B 616 -10.83 -23.64 60.06
CA GLY B 616 -10.05 -24.16 61.17
C GLY B 616 -8.55 -24.22 60.89
N PRO B 617 -7.80 -24.73 61.86
CA PRO B 617 -6.36 -24.86 61.78
C PRO B 617 -5.93 -25.80 60.67
N ASP B 618 -6.82 -26.71 60.28
CA ASP B 618 -6.52 -27.62 59.17
C ASP B 618 -7.34 -27.22 57.91
N GLY B 619 -7.43 -25.91 57.69
CA GLY B 619 -8.44 -25.35 56.79
C GLY B 619 -8.24 -25.37 55.28
N TYR B 620 -7.06 -25.79 54.83
CA TYR B 620 -6.76 -25.87 53.40
C TYR B 620 -6.63 -27.34 53.01
N CYS B 621 -6.59 -27.59 51.71
CA CYS B 621 -6.54 -28.95 51.22
C CYS B 621 -5.17 -29.19 50.58
N GLY B 622 -4.27 -28.22 50.76
CA GLY B 622 -2.89 -28.32 50.30
C GLY B 622 -2.18 -27.03 50.65
N ASP B 623 -0.91 -26.90 50.25
CA ASP B 623 -0.09 -25.74 50.54
C ASP B 623 -0.70 -24.40 50.10
N GLU B 624 -0.80 -23.48 51.05
CA GLU B 624 -1.35 -22.14 50.78
C GLU B 624 -0.51 -21.36 49.73
N ASP B 625 0.80 -21.46 49.86
CA ASP B 625 1.70 -20.89 48.89
C ASP B 625 1.60 -19.37 48.71
N ASN B 626 1.86 -18.63 49.77
CA ASN B 626 2.17 -17.22 49.60
C ASN B 626 1.04 -16.46 48.94
N GLY B 627 -0.18 -16.93 49.18
CA GLY B 627 -1.38 -16.19 48.76
C GLY B 627 -2.10 -16.81 47.58
N GLN B 628 -1.42 -17.69 46.85
CA GLN B 628 -2.03 -18.26 45.62
C GLN B 628 -3.34 -19.01 45.93
N THR B 629 -3.26 -20.03 46.80
CA THR B 629 -4.42 -20.84 47.14
C THR B 629 -5.44 -20.00 47.88
N SER B 630 -5.01 -18.89 48.47
CA SER B 630 -5.94 -18.06 49.23
C SER B 630 -6.64 -17.17 48.26
N ALA B 631 -5.86 -16.54 47.40
CA ALA B 631 -6.41 -15.62 46.40
C ALA B 631 -7.40 -16.34 45.49
N TRP B 632 -7.14 -17.62 45.22
CA TRP B 632 -8.07 -18.43 44.46
C TRP B 632 -9.45 -18.42 45.11
N TYR B 633 -9.49 -18.55 46.43
CA TYR B 633 -10.77 -18.54 47.16
C TYR B 633 -11.45 -17.17 47.13
N VAL B 634 -10.65 -16.13 47.28
CA VAL B 634 -11.16 -14.76 47.24
C VAL B 634 -11.74 -14.43 45.85
N PHE B 635 -10.95 -14.60 44.81
CA PHE B 635 -11.53 -14.39 43.49
C PHE B 635 -12.81 -15.21 43.42
N SER B 636 -12.66 -16.53 43.61
CA SER B 636 -13.77 -17.44 43.31
C SER B 636 -15.00 -17.09 44.10
N ALA B 637 -14.84 -16.68 45.36
CA ALA B 637 -16.03 -16.33 46.17
C ALA B 637 -16.72 -15.09 45.61
N LEU B 638 -15.96 -14.29 44.87
CA LEU B 638 -16.51 -13.14 44.19
C LEU B 638 -17.26 -13.61 42.95
N GLY B 639 -16.87 -14.75 42.43
CA GLY B 639 -17.52 -15.31 41.25
C GLY B 639 -16.79 -15.17 39.91
N PHE B 640 -15.49 -14.89 39.93
CA PHE B 640 -14.76 -14.81 38.68
C PHE B 640 -13.26 -14.95 38.88
N TYR B 641 -12.52 -15.28 37.84
CA TYR B 641 -11.14 -15.72 38.02
C TYR B 641 -10.23 -15.36 36.82
N PRO B 642 -8.99 -14.93 37.11
CA PRO B 642 -8.23 -14.49 35.98
C PRO B 642 -7.50 -15.66 35.43
N VAL B 643 -8.20 -16.45 34.63
CA VAL B 643 -7.59 -17.60 33.99
C VAL B 643 -6.32 -17.25 33.21
N CYS B 644 -6.36 -16.14 32.46
CA CYS B 644 -5.25 -15.73 31.61
C CYS B 644 -4.73 -14.32 31.92
N PRO B 645 -3.90 -14.20 32.96
CA PRO B 645 -3.31 -12.88 33.19
C PRO B 645 -2.58 -12.42 31.92
N GLY B 646 -2.63 -11.13 31.66
CA GLY B 646 -2.17 -10.61 30.38
C GLY B 646 -3.36 -10.21 29.53
N THR B 647 -4.49 -10.89 29.70
CA THR B 647 -5.74 -10.42 29.16
C THR B 647 -6.22 -9.44 30.19
N ASP B 648 -7.30 -8.75 29.88
CA ASP B 648 -7.92 -7.91 30.88
C ASP B 648 -9.19 -8.62 31.34
N GLU B 649 -9.23 -9.93 31.20
CA GLU B 649 -10.46 -10.69 31.47
C GLU B 649 -10.50 -11.48 32.77
N TYR B 650 -11.68 -11.46 33.38
CA TYR B 650 -11.96 -12.31 34.51
C TYR B 650 -13.04 -13.25 34.03
N VAL B 651 -12.72 -14.54 33.95
CA VAL B 651 -13.67 -15.56 33.46
C VAL B 651 -14.68 -15.82 34.55
N MET B 652 -15.91 -16.18 34.17
CA MET B 652 -17.00 -16.19 35.14
C MET B 652 -17.21 -17.53 35.84
N GLY B 653 -17.18 -17.54 37.16
CA GLY B 653 -17.53 -18.73 37.94
C GLY B 653 -18.91 -18.61 38.57
N THR B 654 -18.99 -18.68 39.89
CA THR B 654 -20.26 -18.41 40.60
C THR B 654 -20.01 -17.80 41.97
N PRO B 655 -20.76 -16.76 42.31
CA PRO B 655 -20.49 -16.05 43.55
C PRO B 655 -20.91 -16.80 44.81
N LEU B 656 -20.22 -16.54 45.91
CA LEU B 656 -20.49 -17.24 47.15
C LEU B 656 -21.40 -16.46 48.11
N PHE B 657 -21.44 -15.14 47.96
CA PHE B 657 -22.19 -14.32 48.90
C PHE B 657 -23.44 -13.70 48.27
N LYS B 658 -24.36 -13.27 49.11
CA LYS B 658 -25.55 -12.62 48.62
C LYS B 658 -25.13 -11.26 48.10
N LYS B 659 -24.17 -10.63 48.75
CA LYS B 659 -23.59 -9.38 48.25
C LYS B 659 -22.08 -9.30 48.49
N ALA B 660 -21.34 -8.80 47.50
CA ALA B 660 -19.93 -8.47 47.71
C ALA B 660 -19.68 -7.07 47.16
N THR B 661 -18.99 -6.22 47.90
CA THR B 661 -18.74 -4.87 47.42
C THR B 661 -17.24 -4.62 47.28
N LEU B 662 -16.79 -4.28 46.08
CA LEU B 662 -15.37 -3.94 45.88
C LEU B 662 -15.14 -2.42 45.90
N HIS B 663 -14.22 -1.95 46.73
CA HIS B 663 -13.79 -0.56 46.72
C HIS B 663 -12.42 -0.41 46.05
N PHE B 664 -12.41 -0.05 44.77
CA PHE B 664 -11.14 0.11 44.06
C PHE B 664 -10.36 1.37 44.46
N GLU B 665 -9.06 1.30 44.30
CA GLU B 665 -8.22 2.42 44.63
C GLU B 665 -8.62 3.72 43.94
N ASN B 666 -9.14 3.63 42.73
CA ASN B 666 -9.45 4.85 41.99
C ASN B 666 -10.66 5.56 42.53
N GLY B 667 -11.31 5.00 43.55
CA GLY B 667 -12.40 5.72 44.21
C GLY B 667 -13.78 5.23 43.83
N ASN B 668 -13.83 4.28 42.90
CA ASN B 668 -15.09 3.73 42.43
C ASN B 668 -15.47 2.44 43.16
N SER B 669 -16.74 2.07 43.12
CA SER B 669 -17.24 0.90 43.83
C SER B 669 -18.07 -0.02 42.95
N LEU B 670 -17.89 -1.32 43.14
CA LEU B 670 -18.68 -2.33 42.43
C LEU B 670 -19.50 -3.22 43.38
N VAL B 671 -20.81 -3.26 43.19
CA VAL B 671 -21.62 -4.15 44.01
C VAL B 671 -22.00 -5.39 43.20
N ILE B 672 -21.67 -6.56 43.73
CA ILE B 672 -22.05 -7.80 43.09
C ILE B 672 -23.19 -8.37 43.93
N ASP B 673 -24.40 -8.18 43.41
CA ASP B 673 -25.59 -8.49 44.15
C ASP B 673 -26.17 -9.81 43.66
N ALA B 674 -26.24 -10.77 44.58
CA ALA B 674 -26.83 -12.09 44.33
C ALA B 674 -27.87 -12.45 45.43
N PRO B 675 -28.92 -11.62 45.56
CA PRO B 675 -29.89 -11.74 46.67
C PRO B 675 -30.42 -13.15 46.85
N ASN B 676 -30.53 -13.92 45.79
CA ASN B 676 -31.07 -15.27 45.97
C ASN B 676 -30.03 -16.41 46.12
N ASN B 677 -28.78 -16.06 46.35
CA ASN B 677 -27.75 -17.05 46.65
C ASN B 677 -28.07 -17.90 47.90
N SER B 678 -27.74 -19.19 47.83
CA SER B 678 -27.84 -20.07 48.98
C SER B 678 -26.98 -21.33 48.75
N THR B 679 -27.10 -22.32 49.64
CA THR B 679 -26.33 -23.55 49.48
C THR B 679 -26.78 -24.33 48.26
N GLU B 680 -28.08 -24.26 47.96
CA GLU B 680 -28.67 -24.96 46.80
C GLU B 680 -28.64 -24.12 45.49
N ASN B 681 -28.96 -22.83 45.63
CA ASN B 681 -28.92 -21.90 44.49
C ASN B 681 -27.49 -21.45 44.14
N PHE B 682 -26.80 -22.25 43.36
CA PHE B 682 -25.41 -21.95 43.04
C PHE B 682 -25.17 -21.79 41.54
N TYR B 683 -26.24 -21.95 40.75
CA TYR B 683 -26.18 -21.71 39.32
C TYR B 683 -26.52 -20.27 38.98
N ILE B 684 -25.94 -19.83 37.88
CA ILE B 684 -26.23 -18.52 37.36
C ILE B 684 -27.35 -18.66 36.33
N ASP B 685 -28.52 -18.14 36.65
CA ASP B 685 -29.63 -18.20 35.71
C ASP B 685 -29.64 -17.04 34.72
N SER B 686 -29.23 -15.85 35.16
CA SER B 686 -29.07 -14.67 34.29
C SER B 686 -28.19 -13.65 35.01
N MET B 687 -27.58 -12.75 34.26
CA MET B 687 -26.71 -11.70 34.83
C MET B 687 -26.92 -10.34 34.14
N SER B 688 -26.72 -9.25 34.88
CA SER B 688 -26.78 -7.92 34.28
C SER B 688 -25.71 -7.00 34.87
N PHE B 689 -25.18 -6.09 34.05
CA PHE B 689 -24.07 -5.21 34.43
C PHE B 689 -24.51 -3.73 34.23
N ASN B 690 -25.03 -3.14 35.31
CA ASN B 690 -25.58 -1.77 35.26
C ASN B 690 -26.78 -1.67 34.34
N GLY B 691 -27.70 -2.63 34.44
CA GLY B 691 -28.87 -2.66 33.57
C GLY B 691 -28.71 -3.49 32.32
N ALA B 692 -27.51 -3.55 31.77
CA ALA B 692 -27.30 -4.25 30.50
C ALA B 692 -27.23 -5.76 30.70
N ASP B 693 -28.05 -6.50 29.96
CA ASP B 693 -28.00 -7.95 30.07
C ASP B 693 -26.57 -8.42 29.80
N HIS B 694 -26.10 -9.41 30.55
CA HIS B 694 -24.72 -9.90 30.44
C HIS B 694 -24.73 -11.43 30.35
N THR B 695 -24.51 -11.96 29.16
CA THR B 695 -24.57 -13.40 29.01
C THR B 695 -23.18 -13.95 28.74
N LYS B 696 -22.22 -13.02 28.68
CA LYS B 696 -20.82 -13.37 28.50
C LYS B 696 -20.23 -14.10 29.71
N ASN B 697 -19.22 -14.92 29.47
CA ASN B 697 -18.59 -15.71 30.51
C ASN B 697 -17.32 -15.00 31.04
N TYR B 698 -17.23 -13.70 30.87
CA TYR B 698 -16.08 -12.98 31.38
C TYR B 698 -16.48 -11.55 31.66
N LEU B 699 -15.64 -10.90 32.45
CA LEU B 699 -15.80 -9.48 32.79
C LEU B 699 -14.49 -8.77 32.45
N ARG B 700 -14.56 -7.50 32.11
CA ARG B 700 -13.33 -6.81 31.78
C ARG B 700 -12.89 -5.82 32.83
N HIS B 701 -11.57 -5.76 32.99
CA HIS B 701 -10.93 -4.91 33.97
C HIS B 701 -11.41 -3.45 33.96
N GLU B 702 -11.25 -2.83 32.80
CA GLU B 702 -11.64 -1.44 32.61
C GLU B 702 -13.10 -1.25 33.06
N ASP B 703 -13.93 -2.25 32.78
CA ASP B 703 -15.37 -2.15 33.03
C ASP B 703 -15.65 -2.17 34.53
N LEU B 704 -15.08 -3.16 35.19
CA LEU B 704 -15.14 -3.27 36.62
C LEU B 704 -14.72 -1.95 37.27
N PHE B 705 -13.56 -1.44 36.86
CA PHE B 705 -13.07 -0.17 37.37
C PHE B 705 -14.06 1.01 37.23
N LYS B 706 -15.05 0.92 36.35
CA LYS B 706 -16.02 2.00 36.22
C LYS B 706 -17.00 1.92 37.36
N GLY B 707 -17.09 0.73 37.96
CA GLY B 707 -17.90 0.50 39.13
C GLY B 707 -19.36 0.35 38.79
N GLY B 708 -20.20 0.39 39.83
CA GLY B 708 -21.63 0.27 39.65
C GLY B 708 -22.17 -0.96 40.34
N THR B 709 -22.97 -1.73 39.60
CA THR B 709 -23.65 -2.88 40.15
C THR B 709 -23.74 -3.99 39.14
N ILE B 710 -23.25 -5.18 39.51
CA ILE B 710 -23.58 -6.37 38.77
C ILE B 710 -24.70 -7.07 39.52
N LYS B 711 -25.78 -7.43 38.82
CA LYS B 711 -26.84 -8.19 39.48
C LYS B 711 -26.83 -9.64 38.98
N VAL B 712 -26.88 -10.59 39.91
CA VAL B 712 -26.82 -12.01 39.54
C VAL B 712 -28.03 -12.76 40.07
N ASP B 713 -28.81 -13.34 39.14
CA ASP B 713 -29.97 -14.13 39.53
CA ASP B 713 -29.97 -14.13 39.53
C ASP B 713 -29.53 -15.57 39.78
N MET B 714 -29.54 -15.98 41.05
CA MET B 714 -29.03 -17.30 41.44
C MET B 714 -30.16 -18.32 41.42
N SER B 715 -29.83 -19.56 41.03
CA SER B 715 -30.85 -20.59 40.91
C SER B 715 -30.28 -22.00 41.10
N ASN B 716 -31.18 -22.93 41.43
CA ASN B 716 -30.79 -24.28 41.77
C ASN B 716 -30.88 -25.27 40.61
N ARG B 717 -31.25 -24.79 39.42
CA ARG B 717 -31.28 -25.58 38.20
C ARG B 717 -30.32 -24.92 37.21
N PRO B 718 -29.54 -25.72 36.46
CA PRO B 718 -28.69 -25.07 35.45
C PRO B 718 -29.49 -24.43 34.32
N ASN B 719 -29.04 -23.27 33.84
CA ASN B 719 -29.57 -22.68 32.62
C ASN B 719 -28.71 -23.17 31.45
N LEU B 720 -29.21 -24.15 30.72
CA LEU B 720 -28.43 -24.76 29.68
C LEU B 720 -28.27 -23.83 28.45
N ASN B 721 -28.95 -22.68 28.45
CA ASN B 721 -28.95 -21.75 27.29
C ASN B 721 -28.10 -20.49 27.45
N ARG B 722 -27.79 -20.13 28.69
CA ARG B 722 -26.99 -18.95 28.97
C ARG B 722 -25.50 -19.23 28.72
N GLY B 723 -24.82 -18.31 28.06
CA GLY B 723 -23.36 -18.35 27.98
C GLY B 723 -22.80 -19.39 27.03
N THR B 724 -23.51 -19.63 25.93
CA THR B 724 -23.10 -20.65 24.97
C THR B 724 -22.74 -20.05 23.61
N LYS B 725 -23.10 -18.78 23.41
CA LYS B 725 -22.82 -18.13 22.13
C LYS B 725 -21.33 -17.87 21.97
N GLU B 726 -20.88 -17.86 20.72
CA GLU B 726 -19.49 -17.64 20.45
C GLU B 726 -19.00 -16.27 21.00
N GLU B 727 -19.87 -15.28 21.03
CA GLU B 727 -19.48 -13.96 21.55
C GLU B 727 -19.38 -13.90 23.09
N ASP B 728 -19.76 -15.00 23.73
CA ASP B 728 -19.72 -15.10 25.19
C ASP B 728 -18.35 -15.58 25.68
N MET B 729 -17.58 -16.15 24.76
CA MET B 729 -16.33 -16.78 25.10
C MET B 729 -15.21 -15.81 25.36
N PRO B 730 -14.48 -16.04 26.46
CA PRO B 730 -13.23 -15.31 26.77
C PRO B 730 -12.18 -15.53 25.69
N TYR B 731 -11.09 -14.80 25.82
CA TYR B 731 -10.07 -14.68 24.82
C TYR B 731 -9.36 -15.98 24.51
N SER B 732 -8.98 -16.15 23.23
CA SER B 732 -8.19 -17.29 22.79
C SER B 732 -7.27 -16.93 21.63
N PHE B 733 -5.98 -17.05 21.86
CA PHE B 733 -5.01 -16.66 20.83
C PHE B 733 -5.35 -17.17 19.42
N SER B 734 -5.81 -18.42 19.31
CA SER B 734 -6.23 -18.99 18.03
C SER B 734 -7.28 -18.11 17.31
N LYS B 735 -8.29 -17.65 18.05
CA LYS B 735 -9.24 -16.75 17.42
C LYS B 735 -8.57 -15.46 16.91
N GLU B 736 -7.58 -14.91 17.64
CA GLU B 736 -6.80 -13.80 17.09
C GLU B 736 -6.05 -14.19 15.80
N LEU B 737 -6.68 -13.89 14.67
CA LEU B 737 -6.10 -14.14 13.35
C LEU B 737 -6.76 -13.16 12.40
N GLU B 738 -5.91 -12.79 11.45
CA GLU B 738 -5.14 -11.55 11.46
C GLU B 738 -3.75 -12.05 11.84
N HIS B 739 -3.38 -13.21 11.31
CA HIS B 739 -2.15 -13.94 11.64
C HIS B 739 -0.92 -13.09 11.97
N HIS B 740 -0.59 -12.98 13.26
CA HIS B 740 0.58 -12.24 13.71
C HIS B 740 1.84 -13.09 13.62
N HIS B 741 1.69 -14.41 13.44
CA HIS B 741 2.81 -15.36 13.38
C HIS B 741 3.51 -15.40 12.03
N HIS B 742 2.88 -14.75 11.05
CA HIS B 742 3.41 -14.64 9.70
C HIS B 742 4.60 -13.70 9.67
N LYS C 1 -23.40 -20.79 -51.08
CA LYS C 1 -22.75 -19.78 -50.23
C LYS C 1 -23.68 -19.56 -49.02
N ASP C 2 -23.10 -19.37 -47.83
CA ASP C 2 -23.88 -19.21 -46.61
C ASP C 2 -23.79 -17.77 -46.07
N TRP C 3 -24.92 -17.13 -45.81
CA TRP C 3 -24.89 -15.77 -45.28
C TRP C 3 -25.19 -15.71 -43.78
N THR C 4 -25.77 -16.77 -43.23
CA THR C 4 -26.18 -16.75 -41.84
C THR C 4 -25.02 -16.49 -40.92
N GLN C 5 -23.83 -16.91 -41.33
CA GLN C 5 -22.65 -16.81 -40.49
C GLN C 5 -22.37 -15.36 -40.08
N TYR C 6 -22.96 -14.39 -40.79
CA TYR C 6 -22.72 -12.98 -40.52
C TYR C 6 -23.81 -12.35 -39.65
N VAL C 7 -24.84 -13.12 -39.34
CA VAL C 7 -25.94 -12.61 -38.55
C VAL C 7 -25.66 -12.73 -37.06
N ASN C 8 -25.79 -11.63 -36.33
CA ASN C 8 -25.65 -11.67 -34.88
C ASN C 8 -27.01 -11.35 -34.20
N PRO C 9 -27.77 -12.38 -33.77
CA PRO C 9 -29.04 -12.03 -33.16
C PRO C 9 -28.90 -11.21 -31.87
N LEU C 10 -27.68 -11.01 -31.40
CA LEU C 10 -27.50 -10.32 -30.14
C LEU C 10 -27.30 -8.84 -30.36
N MET C 11 -27.15 -8.45 -31.62
CA MET C 11 -26.95 -7.05 -31.95
C MET C 11 -28.17 -6.24 -31.51
N GLY C 12 -27.95 -5.29 -30.62
CA GLY C 12 -29.08 -4.52 -30.07
C GLY C 12 -29.55 -4.95 -28.68
N SER C 13 -28.94 -5.99 -28.13
CA SER C 13 -29.39 -6.42 -26.80
C SER C 13 -28.69 -5.69 -25.66
N GLN C 14 -27.59 -5.03 -25.92
CA GLN C 14 -26.97 -4.29 -24.84
C GLN C 14 -27.62 -2.92 -24.70
N SER C 15 -28.87 -2.89 -24.23
CA SER C 15 -29.72 -1.68 -24.22
C SER C 15 -30.30 -1.42 -22.84
N THR C 16 -30.37 -0.15 -22.44
CA THR C 16 -31.14 0.19 -21.25
C THR C 16 -32.26 1.18 -21.56
N PHE C 17 -33.23 1.27 -20.64
CA PHE C 17 -34.28 2.28 -20.71
C PHE C 17 -33.71 3.67 -21.03
N GLU C 18 -32.57 4.03 -20.47
CA GLU C 18 -32.08 5.42 -20.63
C GLU C 18 -31.24 5.64 -21.88
N LEU C 19 -30.76 4.55 -22.50
CA LEU C 19 -29.97 4.65 -23.72
C LEU C 19 -30.07 3.37 -24.53
N SER C 20 -30.89 3.38 -25.57
CA SER C 20 -31.02 2.21 -26.41
C SER C 20 -29.83 2.06 -27.37
N THR C 21 -29.40 0.84 -27.58
CA THR C 21 -28.46 0.57 -28.68
C THR C 21 -29.07 -0.46 -29.61
N GLY C 22 -30.39 -0.49 -29.60
CA GLY C 22 -31.14 -1.31 -30.51
C GLY C 22 -32.47 -1.63 -29.86
N ASN C 23 -32.44 -1.88 -28.55
CA ASN C 23 -33.60 -2.45 -27.91
C ASN C 23 -34.16 -3.71 -28.58
N THR C 24 -33.32 -4.70 -28.81
CA THR C 24 -33.78 -5.94 -29.41
C THR C 24 -33.54 -7.12 -28.50
N TYR C 25 -34.12 -8.26 -28.85
CA TYR C 25 -33.71 -9.51 -28.27
C TYR C 25 -33.27 -10.43 -29.42
N PRO C 26 -32.64 -11.57 -29.10
CA PRO C 26 -32.32 -12.51 -30.14
C PRO C 26 -33.59 -13.29 -30.54
N ALA C 27 -34.22 -12.86 -31.62
CA ALA C 27 -35.37 -13.56 -32.20
C ALA C 27 -34.91 -14.83 -32.92
N ILE C 28 -35.05 -15.98 -32.28
CA ILE C 28 -34.72 -17.22 -33.00
C ILE C 28 -35.98 -17.72 -33.67
N ALA C 29 -36.01 -17.74 -34.99
CA ALA C 29 -37.29 -17.82 -35.66
C ALA C 29 -37.13 -18.00 -37.16
N ARG C 30 -38.21 -18.32 -37.84
CA ARG C 30 -38.17 -18.34 -39.28
C ARG C 30 -38.47 -16.94 -39.72
N PRO C 31 -38.06 -16.57 -40.94
CA PRO C 31 -38.44 -15.26 -41.48
C PRO C 31 -39.95 -15.01 -41.33
N TRP C 32 -40.31 -13.84 -40.81
CA TRP C 32 -41.71 -13.47 -40.53
C TRP C 32 -42.48 -14.51 -39.72
N GLY C 33 -41.78 -15.37 -38.99
CA GLY C 33 -42.43 -16.46 -38.25
C GLY C 33 -43.54 -16.03 -37.29
N MET C 34 -44.58 -16.87 -37.18
CA MET C 34 -45.69 -16.57 -36.31
C MET C 34 -45.22 -16.44 -34.88
N ASN C 35 -44.43 -17.43 -34.45
CA ASN C 35 -43.96 -17.49 -33.08
C ASN C 35 -42.45 -17.32 -33.03
N PHE C 36 -41.96 -16.40 -32.19
CA PHE C 36 -40.53 -16.20 -32.04
C PHE C 36 -40.04 -16.87 -30.75
N TRP C 37 -38.79 -17.30 -30.73
CA TRP C 37 -38.25 -17.93 -29.53
C TRP C 37 -37.02 -17.21 -29.01
N THR C 38 -36.98 -17.01 -27.70
CA THR C 38 -35.87 -16.26 -27.11
C THR C 38 -35.36 -16.72 -25.74
N PRO C 39 -34.04 -16.68 -25.56
CA PRO C 39 -33.62 -16.85 -24.17
C PRO C 39 -34.21 -15.68 -23.43
N GLN C 40 -34.66 -15.90 -22.19
CA GLN C 40 -35.28 -14.84 -21.38
C GLN C 40 -34.46 -14.53 -20.11
N THR C 41 -33.96 -13.30 -19.99
CA THR C 41 -33.26 -12.93 -18.77
C THR C 41 -34.15 -12.06 -17.87
N GLY C 42 -35.06 -11.32 -18.47
CA GLY C 42 -35.89 -10.42 -17.69
C GLY C 42 -37.00 -11.17 -16.98
N LYS C 43 -37.51 -10.56 -15.94
CA LYS C 43 -38.64 -11.14 -15.23
C LYS C 43 -39.90 -11.02 -16.09
N MET C 44 -40.78 -12.02 -15.99
CA MET C 44 -42.10 -11.95 -16.61
C MET C 44 -42.69 -10.51 -16.55
N GLY C 45 -42.94 -9.96 -17.75
CA GLY C 45 -43.53 -8.61 -17.92
C GLY C 45 -42.57 -7.50 -18.35
N ASP C 46 -41.27 -7.70 -18.15
CA ASP C 46 -40.30 -6.68 -18.48
C ASP C 46 -40.17 -6.65 -19.99
N GLY C 47 -40.37 -5.46 -20.57
CA GLY C 47 -40.17 -5.29 -21.98
C GLY C 47 -38.76 -5.73 -22.36
N TRP C 48 -37.85 -5.64 -21.41
CA TRP C 48 -36.49 -6.05 -21.66
C TRP C 48 -36.40 -7.53 -21.30
N GLN C 49 -36.94 -8.36 -22.17
CA GLN C 49 -36.98 -9.79 -21.88
C GLN C 49 -35.60 -10.44 -21.96
N TYR C 50 -34.72 -9.89 -22.79
CA TYR C 50 -33.34 -10.38 -22.85
C TYR C 50 -32.36 -9.20 -22.90
N THR C 51 -31.36 -9.21 -22.04
CA THR C 51 -30.36 -8.14 -22.02
C THR C 51 -28.94 -8.70 -21.93
N TYR C 52 -28.07 -8.23 -22.81
CA TYR C 52 -26.71 -8.74 -22.87
C TYR C 52 -26.04 -8.81 -21.52
N THR C 53 -26.42 -7.92 -20.62
CA THR C 53 -25.67 -7.73 -19.38
C THR C 53 -26.27 -8.56 -18.24
N ALA C 54 -27.39 -9.21 -18.52
CA ALA C 54 -28.00 -10.09 -17.51
C ALA C 54 -27.15 -11.34 -17.26
N ASN C 55 -27.03 -11.73 -15.98
CA ASN C 55 -26.24 -12.88 -15.58
C ASN C 55 -26.97 -14.18 -15.77
N LYS C 56 -28.30 -14.15 -15.70
CA LYS C 56 -29.12 -15.35 -15.57
C LYS C 56 -30.26 -15.51 -16.57
N ILE C 57 -30.47 -16.75 -16.99
CA ILE C 57 -31.54 -17.11 -17.91
C ILE C 57 -32.55 -17.83 -17.06
N ARG C 58 -33.81 -17.42 -17.17
CA ARG C 58 -34.84 -17.89 -16.26
C ARG C 58 -35.94 -18.59 -17.02
N GLY C 59 -35.79 -18.61 -18.35
CA GLY C 59 -36.69 -19.39 -19.17
C GLY C 59 -36.37 -19.31 -20.65
N PHE C 60 -37.00 -20.18 -21.44
CA PHE C 60 -36.90 -20.08 -22.87
C PHE C 60 -38.30 -19.85 -23.34
N LYS C 61 -38.51 -18.72 -24.00
CA LYS C 61 -39.83 -18.13 -24.12
C LYS C 61 -40.32 -17.97 -25.55
N GLN C 62 -41.57 -18.37 -25.77
CA GLN C 62 -42.26 -18.00 -27.00
C GLN C 62 -42.72 -16.57 -26.81
N THR C 63 -42.45 -15.73 -27.81
CA THR C 63 -42.65 -14.29 -27.68
C THR C 63 -43.15 -13.78 -29.01
N HIS C 64 -43.95 -12.71 -28.95
CA HIS C 64 -44.42 -12.01 -30.14
C HIS C 64 -44.05 -10.53 -30.09
N GLN C 65 -43.18 -10.16 -29.14
CA GLN C 65 -42.96 -8.77 -28.80
C GLN C 65 -42.29 -7.98 -29.93
N PRO C 66 -42.87 -6.80 -30.27
CA PRO C 66 -42.26 -5.94 -31.32
C PRO C 66 -41.26 -4.94 -30.77
N SER C 67 -41.34 -4.66 -29.48
CA SER C 67 -40.42 -3.73 -28.88
C SER C 67 -40.73 -3.67 -27.41
N PRO C 68 -39.77 -3.19 -26.62
CA PRO C 68 -39.99 -3.06 -25.19
C PRO C 68 -41.12 -2.09 -24.81
N TRP C 69 -41.55 -1.23 -25.72
CA TRP C 69 -42.56 -0.24 -25.36
C TRP C 69 -43.97 -0.79 -25.57
N ILE C 70 -44.09 -1.60 -26.60
CA ILE C 70 -45.36 -2.23 -26.93
C ILE C 70 -45.59 -3.44 -26.03
N ASN C 71 -44.48 -4.09 -25.63
CA ASN C 71 -44.48 -5.28 -24.76
C ASN C 71 -45.10 -6.49 -25.50
N ASP C 72 -45.57 -7.51 -24.78
CA ASP C 72 -45.78 -8.85 -25.39
C ASP C 72 -47.20 -9.40 -25.27
N TYR C 73 -47.46 -10.50 -25.98
CA TYR C 73 -48.71 -11.26 -25.91
C TYR C 73 -48.43 -12.67 -26.45
N GLY C 74 -49.30 -13.64 -26.13
CA GLY C 74 -49.10 -15.02 -26.59
C GLY C 74 -47.76 -15.57 -26.12
N GLN C 75 -47.52 -15.47 -24.81
CA GLN C 75 -46.24 -15.82 -24.24
C GLN C 75 -46.33 -16.93 -23.19
N PHE C 76 -45.48 -17.93 -23.33
CA PHE C 76 -45.27 -18.92 -22.28
C PHE C 76 -43.80 -19.31 -22.36
N SER C 77 -43.29 -19.96 -21.32
CA SER C 77 -41.88 -20.32 -21.34
C SER C 77 -41.65 -21.71 -20.78
N ILE C 78 -40.52 -22.28 -21.18
CA ILE C 78 -40.08 -23.56 -20.67
C ILE C 78 -38.70 -23.39 -20.03
N MET C 79 -38.47 -24.06 -18.90
CA MET C 79 -37.16 -24.01 -18.24
C MET C 79 -36.72 -25.36 -17.67
N PRO C 80 -35.56 -25.88 -18.11
CA PRO C 80 -35.08 -27.14 -17.56
C PRO C 80 -34.28 -26.89 -16.29
N ILE C 81 -34.41 -27.78 -15.30
CA ILE C 81 -33.64 -27.68 -14.05
C ILE C 81 -33.25 -29.06 -13.45
N VAL C 82 -32.42 -29.04 -12.41
CA VAL C 82 -32.12 -30.22 -11.59
C VAL C 82 -32.07 -29.82 -10.13
N GLY C 83 -32.34 -30.78 -9.23
CA GLY C 83 -32.39 -30.50 -7.78
C GLY C 83 -33.83 -30.51 -7.28
N GLN C 84 -34.22 -29.54 -6.46
CA GLN C 84 -35.63 -29.48 -6.03
C GLN C 84 -36.52 -28.98 -7.17
N PRO C 85 -37.76 -29.46 -7.23
CA PRO C 85 -38.65 -28.86 -8.22
C PRO C 85 -39.18 -27.49 -7.73
N VAL C 86 -38.67 -26.43 -8.35
CA VAL C 86 -39.09 -25.08 -8.01
C VAL C 86 -39.68 -24.37 -9.22
N PHE C 87 -40.84 -23.76 -9.05
CA PHE C 87 -41.48 -23.09 -10.15
C PHE C 87 -40.99 -21.64 -10.26
N ASP C 88 -40.74 -21.04 -9.12
CA ASP C 88 -40.31 -19.65 -9.03
C ASP C 88 -39.25 -19.16 -10.05
N GLU C 89 -39.55 -18.03 -10.69
CA GLU C 89 -38.74 -17.54 -11.78
C GLU C 89 -37.33 -17.12 -11.38
N GLU C 90 -37.12 -16.77 -10.12
CA GLU C 90 -35.77 -16.44 -9.68
C GLU C 90 -35.03 -17.69 -9.25
N LYS C 91 -35.75 -18.62 -8.64
CA LYS C 91 -35.15 -19.84 -8.09
C LYS C 91 -34.78 -20.89 -9.12
N ARG C 92 -35.45 -20.89 -10.27
CA ARG C 92 -35.13 -21.86 -11.31
C ARG C 92 -33.99 -21.36 -12.19
N ALA C 93 -33.78 -20.04 -12.16
CA ALA C 93 -32.81 -19.35 -13.02
C ALA C 93 -31.38 -19.83 -12.81
N SER C 94 -30.61 -19.83 -13.89
CA SER C 94 -29.21 -20.26 -13.83
C SER C 94 -28.28 -19.23 -14.44
N TRP C 95 -27.19 -18.96 -13.78
CA TRP C 95 -26.13 -18.21 -14.44
C TRP C 95 -25.76 -18.79 -15.83
N PHE C 96 -25.17 -17.95 -16.67
CA PHE C 96 -24.58 -18.38 -17.93
C PHE C 96 -23.63 -17.30 -18.42
N ALA C 97 -22.86 -17.59 -19.46
CA ALA C 97 -22.10 -16.55 -20.09
C ALA C 97 -22.33 -16.58 -21.58
N HIS C 98 -21.94 -15.51 -22.25
CA HIS C 98 -22.07 -15.47 -23.70
C HIS C 98 -21.06 -16.36 -24.41
N LYS C 99 -19.98 -16.71 -23.71
CA LYS C 99 -19.02 -17.62 -24.30
C LYS C 99 -19.56 -19.06 -24.15
N GLY C 100 -20.67 -19.18 -23.43
CA GLY C 100 -21.29 -20.49 -23.27
C GLY C 100 -22.54 -20.55 -24.10
N GLU C 101 -22.66 -19.63 -25.05
CA GLU C 101 -23.93 -19.41 -25.77
C GLU C 101 -23.71 -19.30 -27.27
N VAL C 102 -24.57 -19.95 -28.04
CA VAL C 102 -24.48 -19.82 -29.46
C VAL C 102 -25.82 -19.36 -30.03
N ALA C 103 -25.84 -18.17 -30.58
CA ALA C 103 -27.10 -17.61 -31.11
C ALA C 103 -27.07 -17.43 -32.61
N THR C 104 -27.96 -18.13 -33.31
CA THR C 104 -28.10 -17.91 -34.75
C THR C 104 -29.58 -17.77 -35.03
N PRO C 105 -29.95 -17.29 -36.21
CA PRO C 105 -31.38 -17.09 -36.46
C PRO C 105 -32.18 -18.40 -36.43
N TYR C 106 -31.53 -19.51 -36.75
CA TYR C 106 -32.22 -20.78 -36.90
C TYR C 106 -31.94 -21.72 -35.74
N TYR C 107 -31.02 -21.32 -34.86
CA TYR C 107 -30.59 -22.24 -33.81
C TYR C 107 -29.96 -21.49 -32.67
N TYR C 108 -30.39 -21.86 -31.47
CA TYR C 108 -29.88 -21.28 -30.25
C TYR C 108 -29.41 -22.32 -29.23
N LYS C 109 -28.26 -22.05 -28.60
CA LYS C 109 -27.75 -22.96 -27.58
C LYS C 109 -27.14 -22.18 -26.45
N VAL C 110 -27.34 -22.65 -25.23
CA VAL C 110 -26.69 -22.03 -24.09
C VAL C 110 -26.35 -23.05 -22.99
N TYR C 111 -25.29 -22.78 -22.21
CA TYR C 111 -24.94 -23.66 -21.10
C TYR C 111 -25.43 -23.07 -19.80
N LEU C 112 -26.32 -23.78 -19.13
CA LEU C 112 -26.89 -23.25 -17.90
C LEU C 112 -26.04 -23.78 -16.76
N ALA C 113 -25.04 -22.97 -16.39
CA ALA C 113 -24.05 -23.33 -15.39
C ALA C 113 -24.61 -23.84 -14.06
N GLU C 114 -25.74 -23.31 -13.59
CA GLU C 114 -26.19 -23.73 -12.29
C GLU C 114 -27.00 -25.01 -12.28
N HIS C 115 -27.30 -25.56 -13.44
CA HIS C 115 -27.98 -26.84 -13.53
C HIS C 115 -27.11 -27.87 -14.26
N ASP C 116 -25.96 -27.43 -14.75
CA ASP C 116 -25.14 -28.28 -15.59
C ASP C 116 -25.95 -28.86 -16.76
N ILE C 117 -26.80 -28.04 -17.37
CA ILE C 117 -27.64 -28.48 -18.52
C ILE C 117 -27.40 -27.63 -19.76
N VAL C 118 -27.27 -28.29 -20.91
CA VAL C 118 -27.19 -27.57 -22.16
C VAL C 118 -28.57 -27.49 -22.78
N THR C 119 -29.03 -26.29 -23.14
CA THR C 119 -30.30 -26.18 -23.88
C THR C 119 -30.12 -25.79 -25.36
N GLU C 120 -30.79 -26.52 -26.25
CA GLU C 120 -30.83 -26.20 -27.68
C GLU C 120 -32.26 -26.06 -28.19
N MET C 121 -32.47 -25.16 -29.15
CA MET C 121 -33.79 -24.95 -29.74
C MET C 121 -33.70 -24.57 -31.20
N THR C 122 -34.58 -25.14 -32.01
CA THR C 122 -34.63 -24.87 -33.45
C THR C 122 -36.08 -24.70 -33.91
N PRO C 123 -36.48 -23.47 -34.23
CA PRO C 123 -37.86 -23.19 -34.57
C PRO C 123 -38.21 -23.34 -36.06
N THR C 124 -39.51 -23.51 -36.31
CA THR C 124 -40.06 -23.39 -37.63
C THR C 124 -41.00 -22.21 -37.51
N GLU C 125 -41.86 -22.00 -38.49
CA GLU C 125 -42.79 -20.88 -38.43
C GLU C 125 -43.66 -20.87 -37.17
N ARG C 126 -44.18 -22.03 -36.76
CA ARG C 126 -45.09 -22.02 -35.59
C ARG C 126 -44.78 -23.04 -34.48
N ALA C 127 -43.79 -23.88 -34.71
CA ALA C 127 -43.40 -24.86 -33.72
C ALA C 127 -41.91 -24.70 -33.44
N VAL C 128 -41.43 -25.38 -32.41
CA VAL C 128 -40.01 -25.36 -32.11
C VAL C 128 -39.65 -26.72 -31.53
N LEU C 129 -38.41 -27.14 -31.74
CA LEU C 129 -37.91 -28.37 -31.12
C LEU C 129 -36.91 -27.98 -30.07
N PHE C 130 -37.09 -28.49 -28.84
CA PHE C 130 -36.12 -28.30 -27.76
C PHE C 130 -35.30 -29.57 -27.52
N ARG C 131 -34.03 -29.42 -27.20
CA ARG C 131 -33.23 -30.57 -26.83
C ARG C 131 -32.41 -30.22 -25.62
N PHE C 132 -32.71 -30.93 -24.54
CA PHE C 132 -32.07 -30.68 -23.26
C PHE C 132 -31.02 -31.75 -23.00
N THR C 133 -29.78 -31.34 -22.81
CA THR C 133 -28.75 -32.31 -22.40
C THR C 133 -28.57 -32.20 -20.89
N PHE C 134 -29.09 -33.17 -20.15
CA PHE C 134 -29.10 -33.15 -18.68
C PHE C 134 -27.87 -33.83 -18.10
N PRO C 135 -27.57 -33.57 -16.82
CA PRO C 135 -26.49 -34.26 -16.12
C PRO C 135 -26.97 -35.53 -15.41
N GLU C 136 -26.05 -36.23 -14.77
CA GLU C 136 -26.44 -37.37 -13.97
C GLU C 136 -27.21 -36.88 -12.74
N ASN C 137 -28.46 -37.32 -12.60
CA ASN C 137 -29.29 -36.81 -11.51
C ASN C 137 -30.57 -37.60 -11.32
N ASP C 138 -30.90 -37.83 -10.08
CA ASP C 138 -32.16 -38.45 -9.75
C ASP C 138 -33.28 -37.46 -9.97
N HIS C 139 -32.93 -36.17 -9.86
CA HIS C 139 -33.92 -35.13 -9.93
C HIS C 139 -33.71 -34.13 -11.05
N SER C 140 -34.09 -34.55 -12.25
CA SER C 140 -34.09 -33.67 -13.40
C SER C 140 -35.52 -33.24 -13.74
N TYR C 141 -35.74 -31.95 -13.90
CA TYR C 141 -37.08 -31.48 -14.26
C TYR C 141 -37.14 -30.56 -15.48
N VAL C 142 -38.35 -30.41 -15.98
CA VAL C 142 -38.66 -29.35 -16.95
C VAL C 142 -39.87 -28.56 -16.46
N VAL C 143 -39.66 -27.26 -16.25
CA VAL C 143 -40.72 -26.33 -15.84
C VAL C 143 -41.40 -25.63 -17.02
N VAL C 144 -42.73 -25.51 -16.94
CA VAL C 144 -43.52 -24.90 -17.99
C VAL C 144 -44.37 -23.82 -17.34
N ASP C 145 -44.20 -22.60 -17.82
CA ASP C 145 -44.75 -21.45 -17.15
C ASP C 145 -45.78 -20.82 -18.12
N ALA C 146 -47.06 -20.93 -17.78
CA ALA C 146 -48.12 -20.39 -18.67
C ALA C 146 -48.31 -18.88 -18.52
N PHE C 147 -47.61 -18.30 -17.55
CA PHE C 147 -47.66 -16.88 -17.32
C PHE C 147 -48.99 -16.50 -16.62
N ASP C 148 -49.12 -15.25 -16.16
CA ASP C 148 -50.25 -14.90 -15.33
C ASP C 148 -51.40 -14.20 -16.06
N LYS C 149 -52.23 -13.49 -15.30
CA LYS C 149 -53.43 -12.82 -15.81
C LYS C 149 -54.44 -13.76 -16.49
N GLY C 150 -54.48 -15.02 -16.04
CA GLY C 150 -55.40 -16.02 -16.58
C GLY C 150 -54.70 -16.99 -17.51
N SER C 151 -54.37 -18.18 -17.01
CA SER C 151 -53.80 -19.20 -17.87
C SER C 151 -54.33 -20.55 -17.46
N TYR C 152 -53.96 -21.56 -18.23
CA TYR C 152 -54.47 -22.90 -18.05
C TYR C 152 -53.46 -23.96 -18.47
N ILE C 153 -53.40 -25.05 -17.71
CA ILE C 153 -52.46 -26.13 -17.99
C ILE C 153 -53.04 -27.50 -17.63
N LYS C 154 -52.76 -28.49 -18.47
CA LYS C 154 -53.13 -29.86 -18.17
C LYS C 154 -52.00 -30.79 -18.59
N ILE C 155 -51.64 -31.72 -17.71
CA ILE C 155 -50.66 -32.74 -18.04
C ILE C 155 -51.34 -34.02 -18.51
N ILE C 156 -50.83 -34.57 -19.61
CA ILE C 156 -51.37 -35.80 -20.19
C ILE C 156 -50.32 -36.91 -20.27
N PRO C 157 -50.17 -37.65 -19.17
CA PRO C 157 -49.11 -38.63 -18.89
C PRO C 157 -48.99 -39.73 -19.94
N GLU C 158 -50.12 -40.31 -20.35
CA GLU C 158 -50.11 -41.44 -21.27
C GLU C 158 -49.69 -41.01 -22.68
N GLU C 159 -49.30 -39.74 -22.81
CA GLU C 159 -48.74 -39.24 -24.08
C GLU C 159 -47.50 -38.39 -23.82
N ASN C 160 -47.06 -38.32 -22.57
CA ASN C 160 -45.90 -37.52 -22.26
C ASN C 160 -46.13 -36.12 -22.77
N LYS C 161 -47.28 -35.56 -22.38
CA LYS C 161 -47.79 -34.38 -23.04
C LYS C 161 -48.23 -33.34 -22.06
N ILE C 162 -47.89 -32.09 -22.36
CA ILE C 162 -48.41 -30.97 -21.59
C ILE C 162 -49.09 -30.00 -22.55
N ILE C 163 -50.31 -29.62 -22.22
CA ILE C 163 -50.99 -28.62 -23.02
C ILE C 163 -51.38 -27.47 -22.10
N GLY C 164 -51.74 -26.35 -22.69
CA GLY C 164 -52.18 -25.21 -21.91
C GLY C 164 -52.50 -24.06 -22.83
N TYR C 165 -52.94 -22.95 -22.24
CA TYR C 165 -53.02 -21.70 -22.97
C TYR C 165 -52.51 -20.54 -22.12
N THR C 166 -51.91 -19.54 -22.77
CA THR C 166 -51.50 -18.31 -22.11
C THR C 166 -52.48 -17.20 -22.53
N THR C 167 -52.61 -16.12 -21.75
CA THR C 167 -53.43 -14.97 -22.23
C THR C 167 -52.77 -13.62 -21.87
N ARG C 168 -51.69 -13.64 -21.11
CA ARG C 168 -51.07 -12.39 -20.69
C ARG C 168 -50.75 -11.54 -21.92
N ASN C 169 -51.31 -10.32 -21.96
CA ASN C 169 -51.11 -9.43 -23.09
C ASN C 169 -51.01 -7.98 -22.67
N SER C 170 -50.75 -7.11 -23.66
CA SER C 170 -50.46 -5.70 -23.37
C SER C 170 -51.52 -4.80 -24.00
N GLY C 171 -52.65 -5.39 -24.36
CA GLY C 171 -53.75 -4.66 -24.97
C GLY C 171 -53.94 -5.04 -26.43
N GLY C 172 -54.97 -4.45 -27.04
CA GLY C 172 -55.25 -4.67 -28.45
C GLY C 172 -55.58 -6.10 -28.81
N VAL C 173 -56.34 -6.77 -27.95
CA VAL C 173 -56.80 -8.11 -28.24
C VAL C 173 -58.27 -8.21 -27.93
N PRO C 174 -58.99 -9.07 -28.66
CA PRO C 174 -60.40 -9.38 -28.38
C PRO C 174 -60.55 -10.08 -27.02
N GLU C 175 -61.74 -9.97 -26.42
CA GLU C 175 -62.02 -10.61 -25.12
C GLU C 175 -61.69 -12.10 -25.02
N ASN C 176 -61.80 -12.84 -26.12
CA ASN C 176 -61.59 -14.29 -26.09
C ASN C 176 -60.16 -14.71 -26.44
N PHE C 177 -59.24 -13.76 -26.31
CA PHE C 177 -57.85 -13.98 -26.70
C PHE C 177 -57.20 -15.18 -25.96
N LYS C 178 -56.59 -16.07 -26.75
CA LYS C 178 -55.88 -17.25 -26.22
C LYS C 178 -54.78 -17.68 -27.18
N ASN C 179 -53.64 -18.04 -26.60
CA ASN C 179 -52.63 -18.77 -27.36
C ASN C 179 -52.60 -20.16 -26.76
N TYR C 180 -52.90 -21.16 -27.60
CA TYR C 180 -52.94 -22.58 -27.21
C TYR C 180 -51.62 -23.24 -27.56
N PHE C 181 -51.05 -23.99 -26.65
CA PHE C 181 -49.79 -24.63 -26.93
C PHE C 181 -49.76 -26.09 -26.54
N ILE C 182 -48.91 -26.84 -27.24
CA ILE C 182 -48.76 -28.26 -26.97
C ILE C 182 -47.29 -28.64 -26.85
N ILE C 183 -47.00 -29.46 -25.84
CA ILE C 183 -45.63 -29.87 -25.58
C ILE C 183 -45.53 -31.39 -25.46
N GLU C 184 -44.68 -31.97 -26.30
CA GLU C 184 -44.48 -33.40 -26.41
C GLU C 184 -43.05 -33.83 -26.08
N PHE C 185 -42.91 -34.68 -25.06
CA PHE C 185 -41.60 -35.17 -24.64
C PHE C 185 -41.40 -36.56 -25.17
N ASP C 186 -40.16 -36.86 -25.49
CA ASP C 186 -39.80 -38.20 -25.96
C ASP C 186 -39.27 -39.11 -24.84
N LYS C 187 -39.63 -38.83 -23.59
CA LYS C 187 -39.19 -39.63 -22.45
C LYS C 187 -40.24 -39.53 -21.34
N PRO C 188 -40.75 -40.68 -20.88
CA PRO C 188 -41.94 -40.67 -20.01
C PRO C 188 -41.63 -39.98 -18.68
N PHE C 189 -42.61 -39.25 -18.13
CA PHE C 189 -42.44 -38.54 -16.84
C PHE C 189 -42.51 -39.49 -15.65
N THR C 190 -41.69 -39.22 -14.64
CA THR C 190 -41.69 -40.02 -13.43
C THR C 190 -42.28 -39.20 -12.31
N TYR C 191 -42.06 -37.90 -12.40
CA TYR C 191 -42.60 -36.96 -11.45
C TYR C 191 -43.58 -36.11 -12.26
N LYS C 192 -44.55 -35.48 -11.59
CA LYS C 192 -45.45 -34.55 -12.28
C LYS C 192 -46.27 -33.75 -11.29
N ALA C 193 -46.34 -32.44 -11.52
CA ALA C 193 -47.17 -31.57 -10.72
C ALA C 193 -47.67 -30.42 -11.59
N THR C 194 -48.87 -29.95 -11.37
CA THR C 194 -49.25 -28.69 -11.96
C THR C 194 -48.90 -27.65 -10.90
N VAL C 195 -48.97 -26.38 -11.27
CA VAL C 195 -48.60 -25.32 -10.36
C VAL C 195 -49.74 -24.35 -10.38
N GLU C 196 -50.09 -23.80 -9.23
CA GLU C 196 -51.27 -22.98 -9.13
C GLU C 196 -50.92 -21.78 -8.29
N ASN C 197 -50.72 -20.65 -8.95
CA ASN C 197 -50.14 -19.45 -8.33
C ASN C 197 -48.92 -19.75 -7.46
N GLY C 198 -47.90 -20.36 -8.07
CA GLY C 198 -46.66 -20.71 -7.37
C GLY C 198 -46.78 -21.89 -6.43
N ASN C 199 -47.97 -22.49 -6.35
CA ASN C 199 -48.18 -23.63 -5.47
C ASN C 199 -48.12 -24.95 -6.19
N LEU C 200 -47.14 -25.75 -5.81
CA LEU C 200 -46.96 -27.09 -6.33
C LEU C 200 -48.14 -27.97 -5.92
N GLN C 201 -48.78 -28.60 -6.91
CA GLN C 201 -49.83 -29.58 -6.64
C GLN C 201 -49.47 -30.86 -7.34
N GLU C 202 -48.53 -31.59 -6.75
CA GLU C 202 -48.06 -32.84 -7.32
C GLU C 202 -49.20 -33.80 -7.62
N ASN C 203 -49.19 -34.32 -8.84
CA ASN C 203 -50.17 -35.31 -9.30
C ASN C 203 -51.60 -34.80 -9.60
N VAL C 204 -51.87 -33.52 -9.36
CA VAL C 204 -53.11 -32.92 -9.86
C VAL C 204 -52.94 -32.66 -11.34
N ALA C 205 -53.93 -33.05 -12.14
CA ALA C 205 -53.77 -33.13 -13.60
C ALA C 205 -53.83 -31.78 -14.30
N GLU C 206 -54.61 -30.86 -13.76
CA GLU C 206 -54.81 -29.60 -14.45
C GLU C 206 -55.07 -28.38 -13.55
N GLN C 207 -55.09 -27.20 -14.16
CA GLN C 207 -55.30 -25.95 -13.43
C GLN C 207 -55.86 -24.88 -14.36
N THR C 208 -56.87 -24.18 -13.88
CA THR C 208 -57.37 -22.98 -14.53
C THR C 208 -57.37 -21.87 -13.49
N THR C 209 -56.47 -20.90 -13.66
CA THR C 209 -56.31 -19.85 -12.66
C THR C 209 -55.41 -18.73 -13.17
N ASP C 210 -55.09 -17.78 -12.30
CA ASP C 210 -54.28 -16.64 -12.72
C ASP C 210 -52.91 -17.01 -13.33
N HIS C 211 -52.17 -17.89 -12.67
CA HIS C 211 -50.87 -18.28 -13.16
C HIS C 211 -50.69 -19.79 -13.11
N ALA C 212 -50.99 -20.46 -14.21
CA ALA C 212 -50.81 -21.89 -14.27
C ALA C 212 -49.40 -22.28 -14.70
N GLY C 213 -48.92 -23.40 -14.18
CA GLY C 213 -47.63 -23.97 -14.52
C GLY C 213 -47.66 -25.49 -14.40
N ALA C 214 -46.59 -26.14 -14.88
CA ALA C 214 -46.48 -27.59 -14.79
C ALA C 214 -45.00 -27.99 -14.67
N ILE C 215 -44.68 -28.83 -13.70
CA ILE C 215 -43.33 -29.37 -13.62
C ILE C 215 -43.38 -30.86 -13.81
N ILE C 216 -42.48 -31.37 -14.65
CA ILE C 216 -42.33 -32.81 -14.83
C ILE C 216 -40.87 -33.19 -14.68
N GLY C 217 -40.63 -34.47 -14.42
CA GLY C 217 -39.28 -34.93 -14.10
C GLY C 217 -39.03 -36.42 -14.34
N PHE C 218 -37.79 -36.83 -14.12
CA PHE C 218 -37.36 -38.20 -14.37
C PHE C 218 -35.91 -38.34 -13.91
N LYS C 219 -35.34 -39.49 -14.18
CA LYS C 219 -33.99 -39.81 -13.77
C LYS C 219 -33.13 -39.58 -15.01
N THR C 220 -31.96 -38.93 -14.87
CA THR C 220 -31.09 -38.72 -16.02
C THR C 220 -29.67 -39.24 -15.82
N ARG C 221 -29.17 -39.99 -16.78
CA ARG C 221 -27.76 -40.34 -16.73
C ARG C 221 -26.95 -39.27 -17.47
N LYS C 222 -25.67 -39.14 -17.15
CA LYS C 222 -24.83 -38.10 -17.73
C LYS C 222 -24.93 -38.00 -19.26
N GLY C 223 -25.34 -36.82 -19.75
CA GLY C 223 -25.43 -36.58 -21.18
C GLY C 223 -26.73 -37.03 -21.84
N GLU C 224 -27.68 -37.53 -21.04
CA GLU C 224 -28.95 -37.98 -21.59
C GLU C 224 -29.73 -36.81 -22.18
N GLN C 225 -30.12 -36.95 -23.44
CA GLN C 225 -30.88 -35.92 -24.11
C GLN C 225 -32.38 -36.17 -24.11
N VAL C 226 -33.11 -35.15 -23.65
CA VAL C 226 -34.55 -35.14 -23.71
C VAL C 226 -34.99 -34.12 -24.75
N ASN C 227 -35.87 -34.54 -25.66
CA ASN C 227 -36.41 -33.68 -26.69
C ASN C 227 -37.86 -33.27 -26.41
N ALA C 228 -38.19 -32.01 -26.69
CA ALA C 228 -39.55 -31.53 -26.49
C ALA C 228 -40.09 -30.81 -27.71
N ARG C 229 -41.13 -31.37 -28.32
CA ARG C 229 -41.78 -30.74 -29.47
C ARG C 229 -42.88 -29.78 -28.99
N ILE C 230 -42.92 -28.59 -29.56
CA ILE C 230 -43.77 -27.52 -29.06
C ILE C 230 -44.33 -26.75 -30.23
N ALA C 231 -45.61 -26.41 -30.10
CA ALA C 231 -46.29 -25.60 -31.08
C ALA C 231 -47.42 -24.88 -30.38
N SER C 232 -47.83 -23.75 -30.94
CA SER C 232 -48.90 -22.99 -30.38
C SER C 232 -49.67 -22.47 -31.55
N SER C 233 -50.85 -21.95 -31.26
CA SER C 233 -51.78 -21.50 -32.26
C SER C 233 -52.68 -20.51 -31.56
N PHE C 234 -53.20 -19.53 -32.30
CA PHE C 234 -54.15 -18.60 -31.71
C PHE C 234 -55.56 -19.08 -32.00
N ILE C 235 -55.65 -20.18 -32.71
CA ILE C 235 -56.94 -20.71 -33.10
C ILE C 235 -57.54 -21.76 -32.16
N SER C 236 -56.83 -22.88 -32.01
CA SER C 236 -57.30 -23.91 -31.10
C SER C 236 -56.24 -24.96 -30.86
N PHE C 237 -56.38 -25.72 -29.79
CA PHE C 237 -55.58 -26.93 -29.58
C PHE C 237 -55.50 -27.83 -30.83
N GLU C 238 -56.64 -28.14 -31.41
CA GLU C 238 -56.66 -28.94 -32.61
CA GLU C 238 -56.65 -28.93 -32.62
C GLU C 238 -55.74 -28.34 -33.67
N GLN C 239 -55.75 -27.01 -33.81
CA GLN C 239 -54.95 -26.36 -34.85
C GLN C 239 -53.49 -26.29 -34.40
N ALA C 240 -53.30 -26.19 -33.09
CA ALA C 240 -51.92 -26.21 -32.56
C ALA C 240 -51.29 -27.57 -32.86
N ALA C 241 -52.05 -28.64 -32.61
CA ALA C 241 -51.60 -29.98 -33.01
C ALA C 241 -51.25 -30.04 -34.50
N ALA C 242 -52.07 -29.40 -35.33
CA ALA C 242 -51.73 -29.33 -36.75
C ALA C 242 -50.40 -28.62 -36.96
N ASN C 243 -50.25 -27.45 -36.36
CA ASN C 243 -49.03 -26.66 -36.60
C ASN C 243 -47.77 -27.49 -36.29
N MET C 244 -47.88 -28.28 -35.22
CA MET C 244 -46.79 -29.17 -34.80
C MET C 244 -46.18 -29.94 -35.96
N ASN C 245 -46.97 -30.23 -36.99
CA ASN C 245 -46.49 -31.11 -38.04
C ASN C 245 -45.38 -30.47 -38.84
N GLU C 246 -45.19 -29.17 -38.64
CA GLU C 246 -44.11 -28.43 -39.26
C GLU C 246 -42.78 -29.07 -38.92
N LEU C 247 -42.74 -29.76 -37.78
CA LEU C 247 -41.51 -30.33 -37.24
C LEU C 247 -41.09 -31.65 -37.89
N GLY C 248 -42.06 -32.38 -38.45
CA GLY C 248 -41.80 -33.70 -39.02
C GLY C 248 -41.42 -34.71 -37.96
N LYS C 249 -40.36 -35.48 -38.22
CA LYS C 249 -39.74 -36.32 -37.18
C LYS C 249 -38.32 -35.82 -36.93
N ASP C 250 -38.00 -34.65 -37.50
CA ASP C 250 -36.66 -34.07 -37.46
C ASP C 250 -36.00 -33.90 -36.07
N ASN C 251 -34.69 -34.15 -36.01
CA ASN C 251 -33.92 -33.88 -34.82
C ASN C 251 -33.41 -32.46 -34.91
N ILE C 252 -32.73 -31.98 -33.86
CA ILE C 252 -32.23 -30.62 -33.84
C ILE C 252 -31.48 -30.31 -35.11
N GLU C 253 -30.50 -31.15 -35.43
CA GLU C 253 -29.63 -30.96 -36.59
C GLU C 253 -30.35 -30.73 -37.92
N GLN C 254 -31.36 -31.55 -38.19
CA GLN C 254 -32.09 -31.44 -39.44
C GLN C 254 -32.97 -30.17 -39.46
N LEU C 255 -33.50 -29.77 -38.31
CA LEU C 255 -34.29 -28.55 -38.23
C LEU C 255 -33.40 -27.34 -38.37
N ALA C 256 -32.24 -27.39 -37.74
CA ALA C 256 -31.31 -26.29 -37.84
C ALA C 256 -31.01 -26.03 -39.31
N GLN C 257 -30.69 -27.10 -40.02
CA GLN C 257 -30.26 -26.97 -41.41
C GLN C 257 -31.38 -26.41 -42.28
N LYS C 258 -32.61 -26.79 -41.97
CA LYS C 258 -33.78 -26.26 -42.66
C LYS C 258 -33.98 -24.76 -42.39
N GLY C 259 -33.75 -24.36 -41.15
CA GLY C 259 -33.78 -22.95 -40.78
C GLY C 259 -32.66 -22.23 -41.49
N LYS C 260 -31.48 -22.81 -41.41
CA LYS C 260 -30.33 -22.25 -42.08
C LYS C 260 -30.64 -22.02 -43.57
N ASP C 261 -31.25 -23.03 -44.20
CA ASP C 261 -31.63 -22.95 -45.61
C ASP C 261 -32.63 -21.81 -45.82
N ALA C 262 -33.68 -21.80 -44.98
CA ALA C 262 -34.71 -20.78 -45.05
C ALA C 262 -34.12 -19.36 -45.00
N TRP C 263 -33.18 -19.12 -44.11
CA TRP C 263 -32.59 -17.79 -44.02
C TRP C 263 -31.70 -17.46 -45.21
N ASN C 264 -30.83 -18.39 -45.60
CA ASN C 264 -29.97 -18.16 -46.76
C ASN C 264 -30.82 -17.92 -47.99
N GLN C 265 -32.00 -18.52 -48.03
CA GLN C 265 -32.83 -18.36 -49.22
C GLN C 265 -33.17 -16.87 -49.39
N VAL C 266 -33.49 -16.19 -48.29
CA VAL C 266 -33.86 -14.76 -48.30
C VAL C 266 -32.63 -13.83 -48.14
N LEU C 267 -31.64 -14.23 -47.35
CA LEU C 267 -30.46 -13.38 -47.15
C LEU C 267 -29.63 -13.32 -48.41
N GLY C 268 -29.68 -14.37 -49.22
CA GLY C 268 -28.81 -14.45 -50.40
C GLY C 268 -29.35 -13.65 -51.58
N LYS C 269 -30.53 -13.04 -51.42
CA LYS C 269 -31.07 -12.20 -52.47
C LYS C 269 -30.20 -10.96 -52.63
N ILE C 270 -29.40 -10.66 -51.61
CA ILE C 270 -28.46 -9.55 -51.76
C ILE C 270 -27.08 -10.05 -51.41
N GLU C 271 -26.21 -10.17 -52.40
CA GLU C 271 -24.87 -10.66 -52.14
C GLU C 271 -23.95 -9.46 -52.15
N VAL C 272 -23.29 -9.20 -51.04
CA VAL C 272 -22.31 -8.12 -51.01
C VAL C 272 -20.91 -8.74 -50.82
N GLU C 273 -19.90 -8.11 -51.42
CA GLU C 273 -18.52 -8.53 -51.24
C GLU C 273 -17.61 -7.33 -51.36
N GLY C 274 -16.33 -7.49 -51.06
CA GLY C 274 -15.40 -6.35 -51.11
C GLY C 274 -15.54 -5.37 -49.95
N GLY C 275 -15.74 -5.91 -48.74
CA GLY C 275 -15.78 -5.10 -47.53
C GLY C 275 -15.00 -5.83 -46.46
N ASN C 276 -15.14 -5.40 -45.21
CA ASN C 276 -14.57 -6.16 -44.10
C ASN C 276 -15.63 -6.85 -43.26
N LEU C 277 -15.17 -7.72 -42.39
CA LEU C 277 -16.03 -8.58 -41.61
C LEU C 277 -17.09 -7.80 -40.79
N ASP C 278 -16.69 -6.62 -40.31
CA ASP C 278 -17.59 -5.76 -39.55
C ASP C 278 -18.75 -5.42 -40.43
N GLN C 279 -18.42 -4.94 -41.62
CA GLN C 279 -19.43 -4.49 -42.54
C GLN C 279 -20.33 -5.68 -42.93
N TYR C 280 -19.71 -6.81 -43.24
CA TYR C 280 -20.49 -7.98 -43.61
C TYR C 280 -21.48 -8.27 -42.51
N ARG C 281 -20.98 -8.35 -41.28
CA ARG C 281 -21.82 -8.70 -40.14
C ARG C 281 -22.96 -7.70 -39.91
N THR C 282 -22.65 -6.42 -40.04
CA THR C 282 -23.60 -5.41 -39.71
C THR C 282 -24.69 -5.50 -40.74
N PHE C 283 -24.24 -5.54 -41.98
CA PHE C 283 -25.15 -5.61 -43.10
C PHE C 283 -26.17 -6.75 -42.97
N TYR C 284 -25.71 -7.97 -42.76
CA TYR C 284 -26.66 -9.08 -42.81
C TYR C 284 -27.45 -9.22 -41.53
N SER C 285 -26.92 -8.66 -40.44
CA SER C 285 -27.68 -8.62 -39.19
C SER C 285 -28.85 -7.67 -39.38
N CYS C 286 -28.57 -6.55 -40.03
CA CYS C 286 -29.63 -5.59 -40.36
C CYS C 286 -30.60 -6.24 -41.36
N LEU C 287 -30.08 -7.06 -42.27
CA LEU C 287 -30.98 -7.65 -43.25
C LEU C 287 -31.88 -8.64 -42.52
N TYR C 288 -31.32 -9.45 -41.63
CA TYR C 288 -32.12 -10.36 -40.82
C TYR C 288 -33.17 -9.57 -40.04
N ARG C 289 -32.77 -8.47 -39.44
CA ARG C 289 -33.72 -7.67 -38.67
C ARG C 289 -34.83 -7.15 -39.56
N SER C 290 -34.58 -7.10 -40.85
CA SER C 290 -35.58 -6.58 -41.75
C SER C 290 -36.53 -7.63 -42.26
N LEU C 291 -36.44 -8.85 -41.73
CA LEU C 291 -37.25 -9.92 -42.31
C LEU C 291 -38.04 -10.63 -41.25
N LEU C 292 -38.45 -9.89 -40.21
CA LEU C 292 -39.13 -10.49 -39.08
C LEU C 292 -40.53 -9.95 -38.88
N PHE C 293 -40.66 -8.64 -39.03
CA PHE C 293 -41.91 -7.96 -38.77
C PHE C 293 -42.39 -7.23 -40.03
N PRO C 294 -43.72 -7.14 -40.20
CA PRO C 294 -44.69 -7.77 -39.34
C PRO C 294 -44.62 -9.27 -39.53
N ARG C 295 -45.13 -9.97 -38.53
CA ARG C 295 -45.08 -11.41 -38.53
C ARG C 295 -46.31 -11.98 -39.19
N LYS C 296 -46.15 -13.15 -39.76
CA LYS C 296 -47.30 -13.96 -40.11
C LYS C 296 -48.20 -14.06 -38.89
N PHE C 297 -49.50 -13.93 -39.08
CA PHE C 297 -50.45 -14.18 -38.01
C PHE C 297 -51.52 -15.14 -38.48
N TYR C 298 -51.21 -15.91 -39.52
CA TYR C 298 -52.14 -16.88 -40.08
C TYR C 298 -51.60 -18.30 -40.00
N GLU C 299 -52.52 -19.26 -40.03
CA GLU C 299 -52.19 -20.68 -39.94
C GLU C 299 -52.84 -21.49 -41.10
N LEU C 300 -52.24 -22.63 -41.44
CA LEU C 300 -52.66 -23.45 -42.56
C LEU C 300 -53.69 -24.48 -42.11
N ASP C 301 -54.86 -24.48 -42.75
CA ASP C 301 -55.91 -25.47 -42.41
C ASP C 301 -55.70 -26.82 -43.11
N ALA C 302 -56.72 -27.68 -43.04
CA ALA C 302 -56.64 -29.03 -43.60
C ALA C 302 -56.09 -29.03 -45.03
N ASN C 303 -56.46 -28.02 -45.82
CA ASN C 303 -56.06 -27.96 -47.23
C ASN C 303 -54.81 -27.15 -47.54
N GLY C 304 -54.13 -26.64 -46.51
CA GLY C 304 -53.01 -25.73 -46.72
C GLY C 304 -53.46 -24.34 -47.09
N GLN C 305 -54.73 -24.02 -46.80
CA GLN C 305 -55.28 -22.68 -47.04
C GLN C 305 -55.11 -21.80 -45.82
N PRO C 306 -54.65 -20.55 -46.02
CA PRO C 306 -54.48 -19.62 -44.92
C PRO C 306 -55.77 -19.34 -44.17
N ILE C 307 -55.77 -19.54 -42.84
CA ILE C 307 -56.82 -19.02 -41.98
C ILE C 307 -56.17 -18.30 -40.80
N HIS C 308 -56.92 -17.42 -40.14
CA HIS C 308 -56.37 -16.68 -39.02
C HIS C 308 -57.36 -16.42 -37.91
N TYR C 309 -56.87 -16.36 -36.70
CA TYR C 309 -57.61 -15.78 -35.62
C TYR C 309 -57.55 -14.27 -35.85
N SER C 310 -58.70 -13.60 -35.83
CA SER C 310 -58.69 -12.15 -35.96
C SER C 310 -58.36 -11.49 -34.64
N PRO C 311 -57.22 -10.79 -34.57
CA PRO C 311 -56.94 -10.05 -33.34
C PRO C 311 -57.86 -8.84 -33.26
N TYR C 312 -58.67 -8.63 -34.30
CA TYR C 312 -59.55 -7.46 -34.36
C TYR C 312 -60.95 -7.70 -33.86
N ASN C 313 -61.59 -8.78 -34.33
CA ASN C 313 -62.97 -9.10 -33.88
C ASN C 313 -63.09 -10.42 -33.14
N GLY C 314 -62.04 -11.24 -33.20
CA GLY C 314 -61.98 -12.48 -32.45
C GLY C 314 -62.60 -13.68 -33.14
N GLN C 315 -63.03 -13.53 -34.39
CA GLN C 315 -63.47 -14.71 -35.13
C GLN C 315 -62.30 -15.38 -35.82
N VAL C 316 -62.55 -16.52 -36.44
CA VAL C 316 -61.54 -17.26 -37.16
C VAL C 316 -61.95 -17.25 -38.62
N LEU C 317 -61.25 -16.44 -39.41
CA LEU C 317 -61.65 -16.17 -40.78
C LEU C 317 -60.61 -16.66 -41.81
N PRO C 318 -61.05 -16.98 -43.03
CA PRO C 318 -60.06 -17.44 -44.00
C PRO C 318 -59.12 -16.31 -44.40
N GLY C 319 -57.94 -16.65 -44.90
CA GLY C 319 -57.08 -15.65 -45.53
C GLY C 319 -55.90 -15.18 -44.71
N TYR C 320 -55.13 -14.27 -45.28
CA TYR C 320 -53.93 -13.75 -44.67
C TYR C 320 -54.18 -12.72 -43.57
N MET C 321 -53.27 -12.68 -42.60
CA MET C 321 -53.29 -11.68 -41.55
C MET C 321 -51.85 -11.58 -41.02
N PHE C 322 -51.37 -10.36 -40.75
CA PHE C 322 -50.01 -10.18 -40.22
C PHE C 322 -50.16 -9.14 -39.17
N THR C 323 -49.15 -9.01 -38.31
CA THR C 323 -49.14 -7.97 -37.28
C THR C 323 -47.78 -7.71 -36.64
N ASP C 324 -47.80 -6.84 -35.64
CA ASP C 324 -46.59 -6.40 -34.92
C ASP C 324 -45.68 -5.52 -35.78
N THR C 325 -46.21 -4.37 -36.16
CA THR C 325 -45.43 -3.33 -36.80
C THR C 325 -46.14 -1.99 -36.66
N GLY C 326 -45.35 -0.93 -36.54
CA GLY C 326 -45.87 0.44 -36.50
C GLY C 326 -45.53 1.14 -37.80
N PHE C 327 -46.54 1.47 -38.57
CA PHE C 327 -46.29 2.05 -39.90
C PHE C 327 -45.54 3.37 -39.80
N TRP C 328 -45.63 4.02 -38.66
CA TRP C 328 -44.99 5.29 -38.47
C TRP C 328 -43.49 5.09 -38.57
N ASP C 329 -43.00 3.93 -38.15
CA ASP C 329 -41.59 3.55 -38.30
C ASP C 329 -41.31 3.07 -39.72
N THR C 330 -42.05 2.03 -40.09
CA THR C 330 -41.69 1.14 -41.18
C THR C 330 -42.18 1.56 -42.59
N PHE C 331 -42.94 2.66 -42.70
CA PHE C 331 -43.37 3.11 -44.03
C PHE C 331 -42.15 3.67 -44.75
N ARG C 332 -41.16 4.07 -43.95
CA ARG C 332 -40.08 4.88 -44.45
C ARG C 332 -39.14 4.12 -45.39
N CYS C 333 -38.60 2.98 -44.99
CA CYS C 333 -37.82 2.20 -45.94
C CYS C 333 -37.99 0.70 -45.74
N LEU C 334 -38.72 0.33 -44.71
CA LEU C 334 -38.86 -1.09 -44.39
C LEU C 334 -39.79 -1.79 -45.40
N PHE C 335 -41.02 -1.31 -45.52
CA PHE C 335 -41.92 -1.89 -46.52
C PHE C 335 -41.37 -1.70 -47.95
N PRO C 336 -40.77 -0.54 -48.20
CA PRO C 336 -40.13 -0.44 -49.49
C PRO C 336 -39.07 -1.56 -49.79
N LEU C 337 -38.32 -2.02 -48.78
CA LEU C 337 -37.31 -3.03 -49.08
C LEU C 337 -38.06 -4.27 -49.57
N LEU C 338 -39.20 -4.51 -48.95
CA LEU C 338 -39.99 -5.67 -49.31
C LEU C 338 -40.49 -5.52 -50.74
N ASN C 339 -40.95 -4.34 -51.13
CA ASN C 339 -41.51 -4.21 -52.48
C ASN C 339 -40.47 -4.45 -53.51
N LEU C 340 -39.22 -4.21 -53.13
CA LEU C 340 -38.11 -4.32 -54.05
C LEU C 340 -37.61 -5.76 -54.08
N MET C 341 -37.36 -6.33 -52.90
CA MET C 341 -36.64 -7.59 -52.86
C MET C 341 -37.53 -8.79 -52.49
N TYR C 342 -38.69 -8.54 -51.87
CA TYR C 342 -39.59 -9.63 -51.50
C TYR C 342 -41.06 -9.27 -51.75
N PRO C 343 -41.39 -8.92 -52.98
CA PRO C 343 -42.75 -8.46 -53.24
C PRO C 343 -43.82 -9.53 -52.99
N SER C 344 -43.51 -10.80 -53.30
CA SER C 344 -44.47 -11.90 -53.09
C SER C 344 -44.85 -12.06 -51.61
N VAL C 345 -43.98 -11.58 -50.73
CA VAL C 345 -44.24 -11.61 -49.32
C VAL C 345 -45.07 -10.38 -48.91
N ASN C 346 -44.67 -9.20 -49.39
CA ASN C 346 -45.51 -8.05 -49.11
C ASN C 346 -46.93 -8.22 -49.65
N LYS C 347 -47.07 -8.99 -50.74
CA LYS C 347 -48.36 -9.35 -51.30
C LYS C 347 -49.22 -9.92 -50.18
N GLU C 348 -48.72 -10.95 -49.52
CA GLU C 348 -49.47 -11.59 -48.46
C GLU C 348 -49.84 -10.54 -47.43
N MET C 349 -48.86 -9.71 -47.06
CA MET C 349 -49.06 -8.72 -46.01
C MET C 349 -50.17 -7.74 -46.41
N GLN C 350 -50.07 -7.24 -47.64
CA GLN C 350 -51.11 -6.41 -48.23
C GLN C 350 -52.49 -7.06 -48.17
N GLU C 351 -52.60 -8.32 -48.57
CA GLU C 351 -53.87 -9.03 -48.36
C GLU C 351 -54.21 -9.00 -46.88
N GLY C 352 -53.21 -9.29 -46.05
CA GLY C 352 -53.44 -9.21 -44.61
C GLY C 352 -54.08 -7.88 -44.22
N LEU C 353 -53.65 -6.79 -44.85
CA LEU C 353 -54.13 -5.48 -44.45
C LEU C 353 -55.58 -5.22 -44.86
N ILE C 354 -55.98 -5.79 -45.99
CA ILE C 354 -57.39 -5.67 -46.39
C ILE C 354 -58.28 -6.31 -45.32
N ASN C 355 -57.91 -7.51 -44.89
CA ASN C 355 -58.70 -8.21 -43.85
C ASN C 355 -58.81 -7.43 -42.55
N THR C 356 -57.75 -6.70 -42.21
CA THR C 356 -57.73 -5.84 -41.03
C THR C 356 -58.82 -4.79 -41.11
N TYR C 357 -58.89 -4.13 -42.25
CA TYR C 357 -59.89 -3.08 -42.42
C TYR C 357 -61.26 -3.74 -42.49
N LEU C 358 -61.34 -4.88 -43.17
CA LEU C 358 -62.59 -5.62 -43.19
C LEU C 358 -63.02 -5.94 -41.75
N GLU C 359 -62.07 -6.39 -40.94
CA GLU C 359 -62.41 -7.00 -39.66
C GLU C 359 -62.61 -5.99 -38.54
N SER C 360 -62.06 -4.79 -38.74
CA SER C 360 -62.09 -3.73 -37.72
C SER C 360 -62.78 -2.45 -38.19
N GLY C 361 -62.82 -2.21 -39.49
CA GLY C 361 -63.34 -0.95 -39.98
C GLY C 361 -62.28 0.13 -40.15
N PHE C 362 -61.06 -0.14 -39.67
CA PHE C 362 -59.91 0.71 -39.98
C PHE C 362 -58.72 -0.08 -40.47
N PHE C 363 -57.90 0.57 -41.28
CA PHE C 363 -56.52 0.16 -41.49
C PHE C 363 -55.73 0.50 -40.23
N PRO C 364 -54.72 -0.34 -39.92
CA PRO C 364 -53.91 -0.17 -38.73
C PRO C 364 -52.83 0.88 -38.93
N GLU C 365 -52.30 1.40 -37.84
CA GLU C 365 -51.14 2.25 -37.91
C GLU C 365 -50.11 1.59 -37.02
N TRP C 366 -50.47 1.41 -35.74
CA TRP C 366 -49.77 0.49 -34.82
C TRP C 366 -50.61 -0.73 -34.45
N ALA C 367 -50.11 -1.92 -34.81
CA ALA C 367 -50.79 -3.17 -34.51
C ALA C 367 -49.89 -4.13 -33.72
N SER C 368 -50.42 -4.65 -32.61
CA SER C 368 -49.70 -5.65 -31.80
C SER C 368 -50.55 -6.27 -30.71
N PRO C 369 -51.44 -7.23 -31.07
CA PRO C 369 -51.67 -7.70 -32.44
C PRO C 369 -52.79 -6.87 -33.09
N GLY C 370 -53.78 -6.47 -32.29
CA GLY C 370 -54.82 -5.60 -32.78
C GLY C 370 -54.41 -4.13 -32.69
N HIS C 371 -55.40 -3.25 -32.80
CA HIS C 371 -55.10 -1.81 -32.79
C HIS C 371 -54.52 -1.34 -31.47
N ARG C 372 -53.38 -0.68 -31.54
CA ARG C 372 -52.69 -0.22 -30.35
C ARG C 372 -52.40 1.27 -30.46
N GLY C 373 -52.53 1.98 -29.35
CA GLY C 373 -52.41 3.44 -29.36
C GLY C 373 -50.97 3.90 -29.14
N CYS C 374 -50.32 4.32 -30.21
CA CYS C 374 -48.89 4.58 -30.11
C CYS C 374 -48.47 5.27 -31.40
N MET C 375 -47.77 6.39 -31.23
CA MET C 375 -47.27 7.22 -32.34
C MET C 375 -48.37 7.98 -33.08
N VAL C 376 -48.04 8.51 -34.25
CA VAL C 376 -48.96 9.37 -35.00
C VAL C 376 -48.93 9.11 -36.48
N GLY C 377 -49.81 9.81 -37.20
CA GLY C 377 -49.80 9.84 -38.67
C GLY C 377 -50.74 8.83 -39.26
N ASN C 378 -50.89 8.88 -40.58
CA ASN C 378 -51.81 8.01 -41.30
C ASN C 378 -51.02 7.27 -42.37
N ASN C 379 -49.88 6.72 -41.97
CA ASN C 379 -48.89 6.26 -42.94
C ASN C 379 -49.20 4.88 -43.50
N SER C 380 -50.26 4.24 -42.99
CA SER C 380 -50.83 3.08 -43.70
C SER C 380 -51.03 3.44 -45.16
N ALA C 381 -51.52 4.65 -45.44
CA ALA C 381 -51.71 5.10 -46.83
C ALA C 381 -50.43 4.99 -47.64
N SER C 382 -49.29 5.27 -47.03
CA SER C 382 -48.05 5.16 -47.78
C SER C 382 -47.77 3.72 -48.03
N ILE C 383 -47.99 2.88 -47.02
CA ILE C 383 -47.80 1.44 -47.19
C ILE C 383 -48.60 0.88 -48.37
N LEU C 384 -49.92 0.97 -48.28
CA LEU C 384 -50.81 0.51 -49.36
C LEU C 384 -50.44 1.06 -50.73
N VAL C 385 -50.31 2.38 -50.83
CA VAL C 385 -50.07 3.01 -52.12
C VAL C 385 -48.73 2.59 -52.72
N ASP C 386 -47.68 2.55 -51.92
CA ASP C 386 -46.36 2.23 -52.45
C ASP C 386 -46.31 0.78 -52.95
N ALA C 387 -46.96 -0.13 -52.22
CA ALA C 387 -47.16 -1.49 -52.72
C ALA C 387 -47.82 -1.51 -54.11
N TYR C 388 -49.04 -1.00 -54.19
CA TYR C 388 -49.84 -1.01 -55.41
C TYR C 388 -49.06 -0.43 -56.61
N MET C 389 -48.40 0.70 -56.38
CA MET C 389 -47.69 1.39 -57.45
C MET C 389 -46.45 0.63 -57.86
N LYS C 390 -45.98 -0.26 -56.99
CA LYS C 390 -44.79 -1.06 -57.31
C LYS C 390 -45.15 -2.48 -57.72
N GLY C 391 -46.44 -2.74 -57.96
CA GLY C 391 -46.86 -3.95 -58.64
C GLY C 391 -47.30 -5.02 -57.68
N VAL C 392 -47.57 -4.63 -56.45
CA VAL C 392 -48.08 -5.57 -55.49
C VAL C 392 -49.50 -5.15 -55.25
N LYS C 393 -50.42 -5.83 -55.93
CA LYS C 393 -51.79 -5.35 -56.04
C LYS C 393 -52.72 -6.35 -55.40
N VAL C 394 -53.49 -5.87 -54.43
CA VAL C 394 -54.48 -6.68 -53.76
C VAL C 394 -55.59 -7.00 -54.74
N ASP C 395 -56.28 -8.11 -54.48
CA ASP C 395 -57.37 -8.53 -55.34
C ASP C 395 -58.51 -7.55 -55.27
N ASP C 396 -58.84 -7.09 -54.07
CA ASP C 396 -59.99 -6.22 -53.91
C ASP C 396 -59.60 -4.74 -53.83
N ILE C 397 -59.39 -4.13 -55.00
CA ILE C 397 -58.94 -2.75 -55.07
C ILE C 397 -60.03 -1.79 -54.62
N LYS C 398 -61.28 -2.17 -54.83
CA LYS C 398 -62.39 -1.30 -54.46
C LYS C 398 -62.35 -1.01 -52.96
N THR C 399 -62.07 -2.05 -52.19
CA THR C 399 -62.06 -1.99 -50.73
C THR C 399 -60.85 -1.21 -50.23
N LEU C 400 -59.72 -1.44 -50.87
CA LEU C 400 -58.49 -0.71 -50.61
C LEU C 400 -58.78 0.78 -50.61
N TYR C 401 -59.30 1.28 -51.72
CA TYR C 401 -59.54 2.71 -51.85
C TYR C 401 -60.55 3.22 -50.83
N GLU C 402 -61.62 2.44 -50.60
CA GLU C 402 -62.67 2.86 -49.66
C GLU C 402 -62.07 3.00 -48.27
N GLY C 403 -61.22 2.03 -47.92
CA GLY C 403 -60.55 2.03 -46.63
C GLY C 403 -59.64 3.23 -46.48
N LEU C 404 -58.92 3.55 -47.54
CA LEU C 404 -58.02 4.69 -47.48
C LEU C 404 -58.81 5.94 -47.20
N ILE C 405 -59.97 6.07 -47.85
CA ILE C 405 -60.75 7.27 -47.68
C ILE C 405 -61.33 7.33 -46.28
N HIS C 406 -61.77 6.19 -45.78
CA HIS C 406 -62.36 6.12 -44.45
C HIS C 406 -61.43 6.75 -43.41
N GLY C 407 -60.17 6.33 -43.45
CA GLY C 407 -59.15 6.83 -42.52
C GLY C 407 -58.90 8.34 -42.60
N THR C 408 -59.15 8.93 -43.77
CA THR C 408 -58.94 10.38 -43.92
C THR C 408 -59.97 11.20 -43.18
N GLU C 409 -61.03 10.54 -42.70
CA GLU C 409 -62.10 11.27 -42.03
C GLU C 409 -62.78 10.55 -40.87
N ASN C 410 -62.06 9.65 -40.21
CA ASN C 410 -62.51 9.05 -38.94
C ASN C 410 -61.31 8.70 -38.07
N VAL C 411 -61.51 8.67 -36.77
CA VAL C 411 -60.47 8.23 -35.85
C VAL C 411 -61.09 7.14 -35.01
N HIS C 412 -60.32 6.12 -34.68
CA HIS C 412 -60.83 5.00 -33.90
C HIS C 412 -61.28 5.58 -32.57
N PRO C 413 -62.45 5.17 -32.07
CA PRO C 413 -62.97 5.79 -30.86
C PRO C 413 -62.24 5.37 -29.57
N GLU C 414 -61.43 4.30 -29.58
CA GLU C 414 -60.53 4.10 -28.42
C GLU C 414 -59.04 4.15 -28.72
N VAL C 415 -58.66 4.00 -29.98
CA VAL C 415 -57.25 4.12 -30.35
C VAL C 415 -56.99 5.37 -31.19
N SER C 416 -56.46 6.41 -30.56
CA SER C 416 -56.32 7.70 -31.25
C SER C 416 -55.27 7.68 -32.34
N SER C 417 -54.43 6.65 -32.36
CA SER C 417 -53.38 6.61 -33.35
C SER C 417 -53.85 5.85 -34.57
N THR C 418 -55.10 5.37 -34.52
CA THR C 418 -55.68 4.68 -35.67
C THR C 418 -56.70 5.60 -36.38
N GLY C 419 -56.59 5.72 -37.70
CA GLY C 419 -57.26 6.80 -38.40
C GLY C 419 -56.56 8.13 -38.04
N ARG C 420 -57.23 9.24 -38.30
CA ARG C 420 -56.58 10.54 -38.21
C ARG C 420 -57.17 11.36 -37.06
N LEU C 421 -56.63 11.18 -35.87
CA LEU C 421 -56.89 12.12 -34.82
C LEU C 421 -56.67 13.54 -35.41
N GLY C 422 -57.64 14.42 -35.18
CA GLY C 422 -57.52 15.83 -35.58
C GLY C 422 -57.97 16.10 -37.01
N TYR C 423 -58.66 15.14 -37.60
CA TYR C 423 -59.10 15.32 -38.98
C TYR C 423 -60.03 16.52 -39.16
N GLU C 424 -60.96 16.76 -38.23
CA GLU C 424 -61.88 17.86 -38.45
C GLU C 424 -61.09 19.12 -38.71
N TYR C 425 -60.15 19.42 -37.82
CA TYR C 425 -59.32 20.62 -37.96
C TYR C 425 -58.54 20.59 -39.25
N TYR C 426 -57.87 19.48 -39.51
CA TYR C 426 -56.97 19.39 -40.64
C TYR C 426 -57.70 19.53 -41.99
N ASN C 427 -58.86 18.87 -42.11
CA ASN C 427 -59.67 18.95 -43.30
C ASN C 427 -60.24 20.35 -43.51
N LYS C 428 -60.47 21.04 -42.40
CA LYS C 428 -60.99 22.39 -42.42
C LYS C 428 -59.88 23.49 -42.51
N LEU C 429 -58.89 23.47 -41.63
CA LEU C 429 -57.85 24.53 -41.63
C LEU C 429 -56.59 24.19 -42.48
N GLY C 430 -56.40 22.93 -42.83
CA GLY C 430 -55.22 22.55 -43.56
C GLY C 430 -54.04 22.30 -42.62
N TYR C 431 -54.34 22.19 -41.33
CA TYR C 431 -53.36 21.75 -40.33
C TYR C 431 -54.06 21.48 -39.03
N VAL C 432 -53.47 20.61 -38.21
CA VAL C 432 -53.91 20.41 -36.84
C VAL C 432 -53.24 21.47 -35.96
N PRO C 433 -54.06 22.39 -35.41
CA PRO C 433 -53.55 23.52 -34.62
C PRO C 433 -52.70 23.17 -33.36
N TYR C 434 -51.90 24.13 -32.93
CA TYR C 434 -51.04 24.01 -31.75
C TYR C 434 -51.77 24.18 -30.40
N ASP C 435 -52.95 24.83 -30.43
CA ASP C 435 -53.67 25.19 -29.19
C ASP C 435 -55.06 24.56 -29.05
N VAL C 436 -55.19 23.28 -29.36
CA VAL C 436 -56.50 22.66 -29.33
C VAL C 436 -56.47 21.33 -28.60
N LYS C 437 -55.46 21.15 -27.75
CA LYS C 437 -55.35 19.93 -26.96
C LYS C 437 -55.16 18.68 -27.83
N ILE C 438 -54.52 18.83 -28.97
CA ILE C 438 -54.10 17.65 -29.75
C ILE C 438 -52.58 17.64 -29.94
N ASN C 439 -51.90 16.92 -29.06
CA ASN C 439 -50.44 16.87 -29.06
C ASN C 439 -49.77 16.35 -30.33
N GLU C 440 -48.53 16.80 -30.54
CA GLU C 440 -47.75 16.42 -31.72
C GLU C 440 -48.42 16.86 -33.02
N ASN C 441 -49.15 17.96 -32.90
CA ASN C 441 -49.99 18.51 -33.97
C ASN C 441 -49.25 18.85 -35.26
N ALA C 442 -48.03 19.37 -35.14
CA ALA C 442 -47.24 19.64 -36.32
C ALA C 442 -46.78 18.34 -36.98
N ALA C 443 -46.33 17.37 -36.19
CA ALA C 443 -45.91 16.09 -36.76
C ALA C 443 -47.08 15.40 -37.50
N ARG C 444 -48.26 15.39 -36.90
CA ARG C 444 -49.40 14.78 -37.59
C ARG C 444 -49.74 15.50 -38.87
N THR C 445 -49.66 16.83 -38.85
CA THR C 445 -49.97 17.59 -40.05
C THR C 445 -49.01 17.27 -41.21
N LEU C 446 -47.73 17.19 -40.92
CA LEU C 446 -46.75 17.00 -41.99
C LEU C 446 -46.94 15.60 -42.58
N GLU C 447 -47.15 14.62 -41.71
CA GLU C 447 -47.30 13.25 -42.21
C GLU C 447 -48.60 13.08 -42.97
N TYR C 448 -49.68 13.65 -42.42
CA TYR C 448 -50.98 13.68 -43.10
C TYR C 448 -50.88 14.20 -44.53
N ALA C 449 -50.11 15.27 -44.71
CA ALA C 449 -49.95 15.86 -46.05
C ALA C 449 -49.29 14.88 -47.01
N TYR C 450 -48.22 14.22 -46.56
CA TYR C 450 -47.55 13.21 -47.38
C TYR C 450 -48.52 12.04 -47.63
N ASP C 451 -49.21 11.61 -46.59
CA ASP C 451 -50.23 10.57 -46.73
C ASP C 451 -51.24 10.96 -47.80
N ASP C 452 -51.69 12.22 -47.77
CA ASP C 452 -52.62 12.69 -48.78
C ASP C 452 -52.00 12.70 -50.19
N TRP C 453 -50.70 12.99 -50.29
CA TRP C 453 -50.03 12.86 -51.59
C TRP C 453 -50.12 11.44 -52.05
N CYS C 454 -50.04 10.51 -51.11
CA CYS C 454 -50.07 9.10 -51.49
C CYS C 454 -51.47 8.77 -52.04
N ILE C 455 -52.48 9.11 -51.27
CA ILE C 455 -53.86 8.94 -51.68
C ILE C 455 -54.13 9.57 -53.06
N TYR C 456 -53.64 10.78 -53.28
CA TYR C 456 -53.71 11.42 -54.57
C TYR C 456 -53.13 10.48 -55.65
N ARG C 457 -51.92 10.00 -55.42
CA ARG C 457 -51.24 9.16 -56.39
C ARG C 457 -52.09 7.98 -56.81
N LEU C 458 -52.82 7.39 -55.86
CA LEU C 458 -53.68 6.26 -56.20
C LEU C 458 -55.02 6.72 -56.82
N ALA C 459 -55.57 7.82 -56.33
CA ALA C 459 -56.76 8.36 -56.93
C ALA C 459 -56.53 8.61 -58.44
N LYS C 460 -55.44 9.30 -58.75
CA LYS C 460 -55.08 9.57 -60.14
C LYS C 460 -54.91 8.27 -60.89
N GLU C 461 -54.24 7.31 -60.28
CA GLU C 461 -53.90 6.06 -60.95
C GLU C 461 -55.13 5.26 -61.33
N LEU C 462 -56.11 5.23 -60.43
CA LEU C 462 -57.35 4.46 -60.58
C LEU C 462 -58.41 5.21 -61.39
N LYS C 463 -58.01 6.31 -62.03
CA LYS C 463 -58.96 7.24 -62.67
C LYS C 463 -60.17 7.58 -61.79
N ARG C 464 -59.97 7.95 -60.53
CA ARG C 464 -61.08 8.46 -59.72
C ARG C 464 -61.60 9.78 -60.28
N PRO C 465 -62.78 10.24 -59.82
CA PRO C 465 -63.35 11.53 -60.23
C PRO C 465 -62.39 12.68 -60.03
N LYS C 466 -62.36 13.61 -60.97
CA LYS C 466 -61.39 14.70 -60.94
C LYS C 466 -61.43 15.41 -59.61
N LYS C 467 -62.60 15.50 -58.98
CA LYS C 467 -62.68 16.35 -57.80
C LYS C 467 -62.09 15.69 -56.54
N GLU C 468 -62.07 14.36 -56.50
CA GLU C 468 -61.32 13.64 -55.48
C GLU C 468 -59.83 13.80 -55.69
N ILE C 469 -59.39 13.54 -56.92
CA ILE C 469 -58.00 13.70 -57.28
C ILE C 469 -57.58 15.12 -56.93
N SER C 470 -58.47 16.08 -57.15
CA SER C 470 -58.14 17.47 -56.86
C SER C 470 -58.03 17.71 -55.36
N LEU C 471 -58.95 17.15 -54.61
CA LEU C 471 -58.98 17.33 -53.17
C LEU C 471 -57.64 16.92 -52.53
N PHE C 472 -57.18 15.72 -52.84
CA PHE C 472 -55.91 15.20 -52.30
C PHE C 472 -54.63 15.90 -52.86
N ALA C 473 -54.68 16.33 -54.11
CA ALA C 473 -53.61 17.14 -54.64
C ALA C 473 -53.46 18.38 -53.75
N LYS C 474 -54.57 18.98 -53.34
CA LYS C 474 -54.50 20.18 -52.53
C LYS C 474 -54.08 19.89 -51.09
N ARG C 475 -54.60 18.80 -50.52
CA ARG C 475 -54.20 18.43 -49.16
C ARG C 475 -52.68 18.13 -49.02
N ALA C 476 -52.08 17.54 -50.06
CA ALA C 476 -50.63 17.27 -50.08
C ALA C 476 -49.80 18.54 -49.90
N MET C 477 -50.41 19.70 -50.13
CA MET C 477 -49.68 20.95 -50.01
C MET C 477 -49.89 21.51 -48.61
N ASN C 478 -50.57 20.75 -47.76
CA ASN C 478 -50.88 21.24 -46.41
C ASN C 478 -49.66 21.54 -45.57
N TYR C 479 -48.53 20.88 -45.88
CA TYR C 479 -47.29 21.10 -45.14
C TYR C 479 -46.86 22.54 -45.17
N LYS C 480 -47.26 23.27 -46.21
CA LYS C 480 -46.93 24.67 -46.32
C LYS C 480 -47.57 25.47 -45.20
N ASN C 481 -48.63 24.96 -44.60
CA ASN C 481 -49.33 25.72 -43.58
C ASN C 481 -48.52 25.93 -42.32
N LEU C 482 -47.48 25.12 -42.13
CA LEU C 482 -46.75 25.17 -40.86
C LEU C 482 -45.34 25.73 -41.06
N PHE C 483 -45.08 26.22 -42.26
CA PHE C 483 -43.78 26.78 -42.55
C PHE C 483 -43.69 28.25 -42.10
N ASP C 484 -42.75 28.52 -41.22
CA ASP C 484 -42.53 29.89 -40.74
C ASP C 484 -41.39 30.59 -41.48
N LYS C 485 -41.73 31.67 -42.17
CA LYS C 485 -40.80 32.49 -42.96
C LYS C 485 -39.56 32.94 -42.15
N GLU C 486 -39.75 33.38 -40.91
CA GLU C 486 -38.64 33.90 -40.13
C GLU C 486 -37.63 32.82 -39.75
N SER C 487 -38.08 31.72 -39.16
CA SER C 487 -37.16 30.62 -38.80
C SER C 487 -36.63 29.87 -40.02
N LYS C 488 -37.44 29.83 -41.07
CA LYS C 488 -37.26 28.86 -42.15
C LYS C 488 -37.42 27.41 -41.67
N LEU C 489 -38.25 27.19 -40.65
CA LEU C 489 -38.51 25.85 -40.10
C LEU C 489 -39.97 25.64 -39.88
N MET C 490 -40.38 24.39 -39.77
CA MET C 490 -41.75 24.06 -39.47
C MET C 490 -42.10 24.52 -38.06
N ARG C 491 -43.33 25.00 -37.87
CA ARG C 491 -43.69 25.63 -36.59
C ARG C 491 -45.15 25.39 -36.25
N GLY C 492 -45.44 25.04 -35.01
CA GLY C 492 -46.81 24.81 -34.61
C GLY C 492 -47.61 26.07 -34.83
N ARG C 493 -48.85 25.91 -35.26
CA ARG C 493 -49.67 27.07 -35.62
C ARG C 493 -50.94 27.12 -34.80
N ASN C 494 -51.21 28.30 -34.24
CA ASN C 494 -52.40 28.47 -33.42
C ASN C 494 -53.67 28.36 -34.28
N GLU C 495 -54.79 28.02 -33.66
CA GLU C 495 -56.06 28.02 -34.37
C GLU C 495 -56.29 29.35 -35.13
N ASP C 496 -56.05 30.48 -34.46
CA ASP C 496 -56.28 31.78 -35.12
C ASP C 496 -55.30 32.00 -36.24
N GLY C 497 -54.47 31.00 -36.49
CA GLY C 497 -53.53 31.06 -37.61
C GLY C 497 -52.27 31.85 -37.30
N THR C 498 -52.09 32.31 -36.07
CA THR C 498 -50.79 32.85 -35.72
C THR C 498 -49.88 31.69 -35.39
N PHE C 499 -48.63 31.78 -35.81
CA PHE C 499 -47.67 30.81 -35.34
C PHE C 499 -47.47 30.94 -33.79
N GLN C 500 -47.15 29.85 -33.12
CA GLN C 500 -47.02 29.87 -31.66
C GLN C 500 -45.77 30.61 -31.12
N SER C 501 -45.87 31.12 -29.91
CA SER C 501 -44.81 31.89 -29.28
C SER C 501 -44.80 31.66 -27.78
N PRO C 502 -43.59 31.55 -27.21
CA PRO C 502 -42.37 31.69 -28.02
C PRO C 502 -42.08 30.42 -28.82
N PHE C 503 -41.26 30.55 -29.85
CA PHE C 503 -40.89 29.39 -30.63
C PHE C 503 -39.45 28.98 -30.35
N SER C 504 -39.25 27.69 -30.13
CA SER C 504 -37.90 27.12 -30.10
C SER C 504 -37.80 25.86 -30.95
N PRO C 505 -36.97 25.95 -31.99
CA PRO C 505 -36.59 24.82 -32.84
C PRO C 505 -35.97 23.63 -32.10
N LEU C 506 -35.61 23.80 -30.83
CA LEU C 506 -34.90 22.76 -30.07
C LEU C 506 -35.79 22.05 -29.06
N LYS C 507 -37.04 22.47 -28.96
CA LYS C 507 -37.95 21.87 -28.03
C LYS C 507 -38.49 20.58 -28.62
N TRP C 508 -38.43 19.49 -27.87
CA TRP C 508 -38.87 18.19 -28.37
C TRP C 508 -40.32 17.95 -27.97
N GLY C 509 -40.99 17.01 -28.64
CA GLY C 509 -42.35 16.64 -28.23
C GLY C 509 -43.31 17.74 -28.58
N ASP C 510 -44.44 17.82 -27.88
CA ASP C 510 -45.34 18.98 -27.95
C ASP C 510 -45.93 19.17 -29.32
N ALA C 511 -45.34 20.04 -30.14
CA ALA C 511 -45.78 20.13 -31.53
C ALA C 511 -45.27 18.94 -32.34
N PHE C 512 -44.15 18.36 -31.94
CA PHE C 512 -43.57 17.26 -32.70
C PHE C 512 -43.61 15.89 -32.01
N THR C 513 -43.15 14.88 -32.71
CA THR C 513 -43.13 13.54 -32.19
C THR C 513 -41.67 13.10 -31.98
N GLU C 514 -41.23 13.06 -30.72
CA GLU C 514 -39.89 12.54 -30.35
C GLU C 514 -38.80 13.12 -31.24
N GLY C 515 -38.87 14.42 -31.41
CA GLY C 515 -37.96 15.16 -32.22
C GLY C 515 -38.38 16.61 -32.04
N ASN C 516 -37.57 17.51 -32.59
CA ASN C 516 -37.84 18.92 -32.49
C ASN C 516 -38.00 19.47 -33.91
N SER C 517 -37.92 20.79 -34.09
CA SER C 517 -38.19 21.37 -35.40
C SER C 517 -37.10 21.09 -36.41
N TRP C 518 -35.86 21.03 -35.95
CA TRP C 518 -34.76 20.66 -36.81
C TRP C 518 -34.92 19.25 -37.39
N HIS C 519 -35.64 18.38 -36.70
CA HIS C 519 -35.85 17.00 -37.17
C HIS C 519 -37.07 16.84 -38.09
N TYR C 520 -38.20 17.43 -37.72
CA TYR C 520 -39.43 17.21 -38.46
C TYR C 520 -39.56 18.09 -39.72
N THR C 521 -38.88 19.22 -39.71
CA THR C 521 -38.93 20.14 -40.83
C THR C 521 -38.73 19.45 -42.19
N TRP C 522 -37.94 18.39 -42.22
CA TRP C 522 -37.60 17.73 -43.49
C TRP C 522 -38.66 16.69 -43.93
N SER C 523 -39.78 16.61 -43.20
CA SER C 523 -40.85 15.66 -43.51
C SER C 523 -41.75 16.18 -44.64
N VAL C 524 -41.19 16.26 -45.84
CA VAL C 524 -41.96 16.59 -47.03
C VAL C 524 -41.41 15.73 -48.16
N PHE C 525 -41.39 14.43 -47.92
CA PHE C 525 -40.93 13.43 -48.87
C PHE C 525 -41.38 13.63 -50.34
N HIS C 526 -42.62 14.07 -50.48
CA HIS C 526 -43.23 14.18 -51.80
C HIS C 526 -42.93 15.50 -52.50
N ASP C 527 -42.51 16.53 -51.77
CA ASP C 527 -42.23 17.83 -52.38
C ASP C 527 -40.97 18.57 -51.86
N PRO C 528 -39.79 17.92 -51.98
CA PRO C 528 -38.57 18.59 -51.53
C PRO C 528 -38.33 19.91 -52.25
N GLN C 529 -38.59 19.93 -53.56
CA GLN C 529 -38.44 21.18 -54.31
C GLN C 529 -39.36 22.24 -53.71
N GLY C 530 -40.61 21.89 -53.42
CA GLY C 530 -41.48 22.83 -52.72
C GLY C 530 -40.86 23.41 -51.46
N LEU C 531 -40.20 22.56 -50.68
CA LEU C 531 -39.57 23.01 -49.44
C LEU C 531 -38.37 23.91 -49.69
N ILE C 532 -37.56 23.55 -50.68
CA ILE C 532 -36.45 24.40 -51.13
C ILE C 532 -36.97 25.76 -51.56
N ASP C 533 -38.01 25.78 -52.40
CA ASP C 533 -38.61 27.05 -52.78
C ASP C 533 -39.05 27.82 -51.53
N LEU C 534 -39.75 27.14 -50.64
CA LEU C 534 -40.13 27.74 -49.37
C LEU C 534 -38.96 28.43 -48.63
N MET C 535 -37.79 27.81 -48.67
CA MET C 535 -36.68 28.31 -47.84
C MET C 535 -35.94 29.47 -48.52
N GLY C 536 -36.20 29.66 -49.81
CA GLY C 536 -35.60 30.75 -50.53
C GLY C 536 -34.50 30.25 -51.42
N GLY C 537 -34.66 29.06 -52.00
CA GLY C 537 -33.67 28.55 -52.93
C GLY C 537 -32.72 27.51 -52.37
N LYS C 538 -32.10 26.76 -53.26
CA LYS C 538 -31.26 25.63 -52.89
C LYS C 538 -30.04 25.99 -52.02
N GLU C 539 -29.55 27.22 -52.10
CA GLU C 539 -28.43 27.60 -51.28
CA GLU C 539 -28.42 27.62 -51.26
C GLU C 539 -28.88 27.74 -49.81
N MET C 540 -29.98 28.42 -49.60
CA MET C 540 -30.49 28.59 -48.27
C MET C 540 -30.86 27.24 -47.66
N PHE C 541 -31.52 26.39 -48.47
CA PHE C 541 -31.81 25.00 -48.10
C PHE C 541 -30.54 24.28 -47.62
N VAL C 542 -29.48 24.28 -48.44
CA VAL C 542 -28.22 23.62 -48.02
C VAL C 542 -27.68 24.21 -46.71
N THR C 543 -27.79 25.51 -46.55
CA THR C 543 -27.40 26.15 -45.29
C THR C 543 -28.21 25.62 -44.11
N MET C 544 -29.52 25.45 -44.30
CA MET C 544 -30.38 25.01 -43.18
C MET C 544 -30.09 23.55 -42.85
N MET C 545 -29.82 22.77 -43.89
CA MET C 545 -29.43 21.39 -43.69
C MET C 545 -28.08 21.25 -43.00
N ASP C 546 -27.05 21.91 -43.54
CA ASP C 546 -25.76 21.98 -42.87
C ASP C 546 -25.91 22.34 -41.38
N SER C 547 -26.85 23.21 -41.04
CA SER C 547 -27.00 23.69 -39.66
C SER C 547 -27.36 22.57 -38.69
N VAL C 548 -28.06 21.56 -39.18
CA VAL C 548 -28.43 20.45 -38.31
C VAL C 548 -27.18 19.78 -37.67
N PHE C 549 -26.12 19.57 -38.46
CA PHE C 549 -24.90 18.96 -37.94
C PHE C 549 -24.13 19.97 -37.09
N ALA C 550 -24.23 21.25 -37.43
CA ALA C 550 -23.41 22.30 -36.80
C ALA C 550 -23.86 22.72 -35.41
N VAL C 551 -25.16 22.72 -35.14
CA VAL C 551 -25.60 23.24 -33.85
C VAL C 551 -25.61 22.19 -32.72
N PRO C 552 -25.13 22.61 -31.53
CA PRO C 552 -25.04 21.80 -30.32
C PRO C 552 -26.33 21.04 -30.04
N PRO C 553 -26.21 19.82 -29.50
CA PRO C 553 -27.39 19.00 -29.23
C PRO C 553 -28.06 19.46 -27.95
N ILE C 554 -28.29 20.76 -27.86
CA ILE C 554 -29.07 21.33 -26.79
C ILE C 554 -30.54 21.02 -27.02
N PHE C 555 -31.30 20.99 -25.94
CA PHE C 555 -32.68 20.59 -26.05
C PHE C 555 -33.50 21.09 -24.87
N ASP C 556 -34.79 21.07 -25.08
CA ASP C 556 -35.71 21.40 -24.04
C ASP C 556 -36.60 20.17 -23.98
N ASP C 557 -36.60 19.48 -22.85
CA ASP C 557 -37.40 18.25 -22.68
C ASP C 557 -38.68 18.44 -21.85
N SER C 558 -38.93 19.66 -21.38
CA SER C 558 -40.13 19.96 -20.54
C SER C 558 -41.40 19.18 -20.91
N TYR C 559 -41.73 19.08 -22.19
CA TYR C 559 -42.82 18.23 -22.62
C TYR C 559 -42.74 16.80 -22.09
N TYR C 560 -41.52 16.29 -21.94
CA TYR C 560 -41.35 14.91 -21.45
C TYR C 560 -41.16 14.77 -19.93
N GLY C 561 -40.76 15.85 -19.25
CA GLY C 561 -40.48 15.78 -17.83
C GLY C 561 -39.25 14.96 -17.50
N GLN C 562 -38.44 14.65 -18.52
CA GLN C 562 -37.21 13.88 -18.33
C GLN C 562 -36.46 13.81 -19.64
N VAL C 563 -35.22 13.36 -19.57
CA VAL C 563 -34.42 13.15 -20.75
C VAL C 563 -34.71 11.74 -21.28
N ILE C 564 -35.73 11.61 -22.11
CA ILE C 564 -36.03 10.33 -22.72
C ILE C 564 -34.83 9.83 -23.51
N HIS C 565 -34.78 8.55 -23.79
CA HIS C 565 -33.59 8.01 -24.41
C HIS C 565 -33.33 8.54 -25.81
N GLU C 566 -34.39 8.88 -26.53
CA GLU C 566 -34.23 9.38 -27.89
C GLU C 566 -33.44 10.66 -27.88
N ILE C 567 -33.65 11.50 -26.86
CA ILE C 567 -32.83 12.68 -26.72
C ILE C 567 -31.40 12.33 -26.34
N ARG C 568 -31.27 11.40 -25.40
CA ARG C 568 -29.96 11.06 -24.88
C ARG C 568 -29.14 10.51 -26.03
N GLU C 569 -29.77 9.67 -26.83
CA GLU C 569 -29.09 9.08 -27.95
C GLU C 569 -28.49 10.17 -28.82
N MET C 570 -29.25 11.22 -29.07
CA MET C 570 -28.75 12.26 -29.94
C MET C 570 -27.54 12.93 -29.32
N THR C 571 -27.57 13.18 -28.03
CA THR C 571 -26.56 14.06 -27.45
C THR C 571 -25.18 13.42 -27.50
N VAL C 572 -25.13 12.10 -27.37
CA VAL C 572 -23.86 11.43 -27.20
C VAL C 572 -23.17 11.13 -28.51
N MET C 573 -23.88 11.33 -29.62
CA MET C 573 -23.33 10.95 -30.91
CA MET C 573 -23.42 10.99 -30.96
C MET C 573 -22.41 12.02 -31.49
N ASN C 574 -22.49 13.24 -30.98
CA ASN C 574 -21.64 14.34 -31.46
C ASN C 574 -21.80 14.65 -32.95
N MET C 575 -23.07 14.76 -33.35
CA MET C 575 -23.43 15.07 -34.70
C MET C 575 -24.53 16.13 -34.64
N GLY C 576 -24.34 17.11 -33.76
CA GLY C 576 -25.31 18.19 -33.58
C GLY C 576 -26.74 17.74 -33.31
N ASN C 577 -27.70 18.17 -34.13
CA ASN C 577 -29.06 17.69 -33.97
C ASN C 577 -29.45 16.56 -34.90
N TYR C 578 -28.47 16.01 -35.60
CA TYR C 578 -28.76 14.87 -36.46
C TYR C 578 -29.04 13.58 -35.66
N ALA C 579 -30.31 13.40 -35.29
CA ALA C 579 -30.77 12.29 -34.48
C ALA C 579 -31.02 11.02 -35.29
N HIS C 580 -29.98 10.44 -35.90
CA HIS C 580 -30.20 9.28 -36.75
C HIS C 580 -30.89 8.14 -36.04
N GLY C 581 -30.85 8.17 -34.70
CA GLY C 581 -31.44 7.13 -33.87
C GLY C 581 -32.95 7.19 -33.73
N ASN C 582 -33.60 8.15 -34.41
CA ASN C 582 -35.06 8.10 -34.44
C ASN C 582 -35.57 8.40 -35.85
N GLN C 583 -36.77 7.95 -36.15
CA GLN C 583 -37.20 7.81 -37.54
C GLN C 583 -37.38 9.11 -38.35
N PRO C 584 -37.85 10.20 -37.70
CA PRO C 584 -38.23 11.37 -38.48
C PRO C 584 -37.11 11.95 -39.35
N ILE C 585 -35.87 11.87 -38.90
CA ILE C 585 -34.83 12.52 -39.68
C ILE C 585 -34.04 11.56 -40.58
N GLN C 586 -34.50 10.33 -40.69
CA GLN C 586 -33.65 9.32 -41.26
C GLN C 586 -33.39 9.49 -42.76
N HIS C 587 -34.27 10.21 -43.45
CA HIS C 587 -34.14 10.40 -44.89
C HIS C 587 -33.41 11.69 -45.19
N MET C 588 -33.39 12.60 -44.22
CA MET C 588 -32.86 13.93 -44.42
C MET C 588 -31.60 14.00 -45.27
N ILE C 589 -30.61 13.19 -44.98
CA ILE C 589 -29.31 13.39 -45.64
C ILE C 589 -29.45 13.39 -47.17
N TYR C 590 -30.35 12.51 -47.66
CA TYR C 590 -30.57 12.28 -49.08
C TYR C 590 -31.10 13.51 -49.76
N LEU C 591 -31.71 14.40 -48.96
CA LEU C 591 -32.25 15.66 -49.48
C LEU C 591 -31.17 16.50 -50.15
N TYR C 592 -29.94 16.36 -49.71
CA TYR C 592 -28.82 17.06 -50.37
C TYR C 592 -28.85 16.84 -51.90
N ASP C 593 -29.42 15.73 -52.33
CA ASP C 593 -29.47 15.48 -53.74
C ASP C 593 -30.40 16.48 -54.45
N TYR C 594 -31.48 16.89 -53.79
CA TYR C 594 -32.47 17.69 -54.46
C TYR C 594 -32.01 19.14 -54.58
N ALA C 595 -30.98 19.52 -53.81
CA ALA C 595 -30.44 20.87 -53.86
C ALA C 595 -29.15 20.89 -54.64
N GLY C 596 -28.85 19.78 -55.29
CA GLY C 596 -27.77 19.69 -56.23
C GLY C 596 -26.41 19.64 -55.55
N GLN C 597 -26.40 19.17 -54.32
CA GLN C 597 -25.13 18.88 -53.70
C GLN C 597 -25.06 17.44 -53.23
N PRO C 598 -25.09 16.48 -54.19
CA PRO C 598 -25.08 15.07 -53.82
C PRO C 598 -23.78 14.64 -53.12
N TRP C 599 -22.69 15.35 -53.37
CA TRP C 599 -21.41 15.02 -52.72
C TRP C 599 -21.61 15.16 -51.20
N LYS C 600 -22.40 16.17 -50.80
CA LYS C 600 -22.68 16.37 -49.37
C LYS C 600 -23.35 15.17 -48.72
N ALA C 601 -24.37 14.66 -49.39
CA ALA C 601 -25.03 13.46 -48.92
C ALA C 601 -24.06 12.27 -48.89
N GLN C 602 -23.19 12.17 -49.92
CA GLN C 602 -22.22 11.06 -49.97
C GLN C 602 -21.31 11.07 -48.75
N TYR C 603 -20.85 12.26 -48.38
CA TYR C 603 -20.00 12.39 -47.22
C TYR C 603 -20.75 12.02 -45.93
N TRP C 604 -21.90 12.65 -45.68
CA TRP C 604 -22.64 12.40 -44.44
C TRP C 604 -23.16 10.99 -44.32
N LEU C 605 -23.64 10.40 -45.42
CA LEU C 605 -24.14 9.01 -45.39
C LEU C 605 -23.05 8.02 -45.00
N ARG C 606 -21.84 8.21 -45.54
CA ARG C 606 -20.69 7.42 -45.10
C ARG C 606 -20.34 7.65 -43.62
N GLN C 607 -20.43 8.88 -43.11
CA GLN C 607 -20.17 9.08 -41.69
C GLN C 607 -21.15 8.20 -40.88
N VAL C 608 -22.42 8.15 -41.31
CA VAL C 608 -23.45 7.49 -40.51
C VAL C 608 -23.34 5.98 -40.60
N MET C 609 -23.16 5.48 -41.81
CA MET C 609 -22.86 4.07 -41.99
C MET C 609 -21.64 3.56 -41.18
N ASP C 610 -20.56 4.34 -41.14
CA ASP C 610 -19.33 3.90 -40.50
C ASP C 610 -19.42 4.04 -38.98
N ARG C 611 -20.03 5.11 -38.52
CA ARG C 611 -19.95 5.44 -37.12
C ARG C 611 -21.16 5.05 -36.28
N MET C 612 -22.35 5.14 -36.86
CA MET C 612 -23.58 4.97 -36.10
C MET C 612 -24.09 3.54 -36.09
N TYR C 613 -23.32 2.65 -36.71
CA TYR C 613 -23.66 1.21 -36.76
C TYR C 613 -22.39 0.39 -36.55
N THR C 614 -22.34 -0.38 -35.47
CA THR C 614 -21.34 -1.45 -35.29
C THR C 614 -22.04 -2.83 -35.15
N PRO C 615 -21.31 -3.94 -35.36
CA PRO C 615 -21.91 -5.31 -35.32
C PRO C 615 -22.05 -5.98 -33.93
N GLY C 616 -21.59 -5.31 -32.87
CA GLY C 616 -21.65 -5.90 -31.54
C GLY C 616 -23.04 -5.83 -30.91
N PRO C 617 -23.13 -6.28 -29.64
CA PRO C 617 -24.40 -6.31 -28.95
C PRO C 617 -24.97 -4.93 -28.70
N ASP C 618 -24.13 -3.91 -28.64
CA ASP C 618 -24.67 -2.53 -28.55
C ASP C 618 -24.61 -1.84 -29.91
N GLY C 619 -25.06 -2.53 -30.95
CA GLY C 619 -24.68 -2.19 -32.32
C GLY C 619 -25.40 -1.07 -33.02
N TYR C 620 -26.57 -0.69 -32.50
CA TYR C 620 -27.33 0.44 -33.08
C TYR C 620 -27.12 1.74 -32.31
N CYS C 621 -27.54 2.86 -32.88
CA CYS C 621 -27.49 4.13 -32.16
C CYS C 621 -28.88 4.55 -31.59
N GLY C 622 -29.83 3.63 -31.62
CA GLY C 622 -31.15 3.90 -31.09
C GLY C 622 -32.03 2.72 -31.41
N ASP C 623 -33.29 2.77 -31.00
CA ASP C 623 -34.21 1.66 -31.25
C ASP C 623 -34.22 1.11 -32.67
N GLU C 624 -34.31 -0.21 -32.82
CA GLU C 624 -34.28 -0.85 -34.14
C GLU C 624 -35.64 -0.78 -34.84
N ASP C 625 -36.69 -0.87 -34.05
CA ASP C 625 -38.06 -0.65 -34.53
C ASP C 625 -38.50 -1.55 -35.71
N ASN C 626 -38.42 -2.86 -35.52
CA ASN C 626 -39.08 -3.80 -36.43
C ASN C 626 -38.57 -3.77 -37.89
N GLY C 627 -37.33 -3.33 -38.06
CA GLY C 627 -36.68 -3.39 -39.37
C GLY C 627 -36.28 -2.02 -39.90
N GLN C 628 -36.91 -0.97 -39.40
CA GLN C 628 -36.77 0.34 -40.05
C GLN C 628 -35.32 0.82 -40.01
N THR C 629 -34.72 0.76 -38.85
CA THR C 629 -33.35 1.24 -38.70
C THR C 629 -32.37 0.28 -39.35
N SER C 630 -32.76 -0.98 -39.46
CA SER C 630 -31.94 -2.01 -40.10
C SER C 630 -32.00 -1.83 -41.60
N ALA C 631 -33.23 -1.69 -42.10
CA ALA C 631 -33.39 -1.50 -43.53
C ALA C 631 -32.74 -0.18 -44.01
N TRP C 632 -32.68 0.82 -43.15
CA TRP C 632 -31.98 2.04 -43.53
C TRP C 632 -30.54 1.69 -43.93
N TYR C 633 -29.87 0.88 -43.12
CA TYR C 633 -28.53 0.43 -43.44
C TYR C 633 -28.44 -0.50 -44.66
N VAL C 634 -29.43 -1.37 -44.87
CA VAL C 634 -29.38 -2.26 -46.02
C VAL C 634 -29.43 -1.42 -47.28
N PHE C 635 -30.32 -0.43 -47.29
CA PHE C 635 -30.42 0.41 -48.46
C PHE C 635 -29.18 1.25 -48.65
N SER C 636 -28.81 1.96 -47.59
CA SER C 636 -27.76 2.96 -47.73
C SER C 636 -26.47 2.31 -48.16
N ALA C 637 -26.23 1.11 -47.64
CA ALA C 637 -25.02 0.42 -47.96
C ALA C 637 -25.04 0.02 -49.46
N LEU C 638 -26.23 -0.25 -49.99
CA LEU C 638 -26.34 -0.56 -51.41
C LEU C 638 -26.06 0.68 -52.22
N GLY C 639 -26.56 1.80 -51.73
CA GLY C 639 -26.24 3.09 -52.31
C GLY C 639 -27.42 3.97 -52.69
N PHE C 640 -28.61 3.65 -52.18
CA PHE C 640 -29.81 4.38 -52.56
C PHE C 640 -30.95 4.13 -51.57
N TYR C 641 -31.92 5.02 -51.55
CA TYR C 641 -32.87 5.01 -50.46
C TYR C 641 -34.22 5.48 -50.98
N PRO C 642 -35.29 4.84 -50.52
CA PRO C 642 -36.62 5.25 -50.95
C PRO C 642 -37.15 6.46 -50.17
N VAL C 643 -36.67 7.65 -50.49
CA VAL C 643 -37.02 8.85 -49.73
C VAL C 643 -38.53 9.08 -49.78
N CYS C 644 -39.14 8.78 -50.92
CA CYS C 644 -40.54 9.01 -51.08
C CYS C 644 -41.28 7.77 -51.59
N PRO C 645 -41.54 6.79 -50.72
CA PRO C 645 -42.40 5.67 -51.12
C PRO C 645 -43.70 6.23 -51.73
N GLY C 646 -44.22 5.55 -52.74
CA GLY C 646 -45.29 6.08 -53.56
C GLY C 646 -44.76 6.56 -54.90
N THR C 647 -43.48 6.92 -54.95
CA THR C 647 -42.82 7.12 -56.21
C THR C 647 -42.17 5.82 -56.55
N ASP C 648 -41.75 5.65 -57.79
CA ASP C 648 -40.98 4.47 -58.14
C ASP C 648 -39.48 4.72 -57.99
N GLU C 649 -39.08 5.73 -57.25
CA GLU C 649 -37.67 6.19 -57.22
C GLU C 649 -36.89 5.89 -55.94
N TYR C 650 -35.58 5.69 -56.10
CA TYR C 650 -34.70 5.51 -54.97
C TYR C 650 -33.63 6.57 -55.12
N VAL C 651 -33.50 7.45 -54.14
CA VAL C 651 -32.54 8.53 -54.24
C VAL C 651 -31.12 8.02 -54.00
N MET C 652 -30.17 8.55 -54.77
CA MET C 652 -28.80 8.06 -54.74
C MET C 652 -27.98 8.59 -53.55
N GLY C 653 -27.32 7.70 -52.84
CA GLY C 653 -26.46 8.09 -51.72
C GLY C 653 -25.01 7.74 -52.05
N THR C 654 -24.40 6.83 -51.28
CA THR C 654 -23.14 6.25 -51.70
C THR C 654 -23.00 4.79 -51.23
N PRO C 655 -22.51 3.91 -52.13
CA PRO C 655 -22.42 2.47 -51.79
C PRO C 655 -21.23 2.13 -50.91
N LEU C 656 -21.39 1.13 -50.05
CA LEU C 656 -20.39 0.74 -49.05
C LEU C 656 -19.45 -0.38 -49.49
N PHE C 657 -19.91 -1.30 -50.33
CA PHE C 657 -19.06 -2.40 -50.76
C PHE C 657 -18.48 -2.21 -52.16
N LYS C 658 -17.45 -2.99 -52.47
CA LYS C 658 -16.90 -3.03 -53.83
C LYS C 658 -17.94 -3.59 -54.81
N LYS C 659 -18.67 -4.61 -54.40
CA LYS C 659 -19.65 -5.21 -55.30
C LYS C 659 -20.89 -5.60 -54.53
N ALA C 660 -22.05 -5.27 -55.05
CA ALA C 660 -23.30 -5.72 -54.44
C ALA C 660 -24.19 -6.32 -55.53
N THR C 661 -24.81 -7.46 -55.28
CA THR C 661 -25.61 -8.13 -56.33
C THR C 661 -27.01 -8.50 -55.87
N LEU C 662 -28.02 -7.83 -56.43
CA LEU C 662 -29.42 -8.12 -56.04
C LEU C 662 -30.07 -9.15 -56.95
N HIS C 663 -30.71 -10.17 -56.39
CA HIS C 663 -31.43 -11.13 -57.18
C HIS C 663 -32.93 -10.96 -56.96
N PHE C 664 -33.67 -10.52 -57.99
CA PHE C 664 -35.08 -10.20 -57.82
C PHE C 664 -36.01 -11.39 -58.02
N GLU C 665 -37.20 -11.31 -57.44
CA GLU C 665 -38.18 -12.37 -57.59
C GLU C 665 -38.50 -12.66 -59.07
N ASN C 666 -38.33 -11.68 -59.95
CA ASN C 666 -38.63 -11.92 -61.37
C ASN C 666 -37.56 -12.73 -62.09
N GLY C 667 -36.48 -13.05 -61.41
CA GLY C 667 -35.45 -13.88 -62.02
C GLY C 667 -34.27 -13.09 -62.56
N ASN C 668 -34.39 -11.77 -62.60
CA ASN C 668 -33.29 -10.94 -63.09
C ASN C 668 -32.29 -10.62 -61.98
N SER C 669 -31.09 -10.16 -62.34
CA SER C 669 -30.15 -9.74 -61.33
C SER C 669 -29.59 -8.39 -61.65
N LEU C 670 -29.14 -7.67 -60.63
CA LEU C 670 -28.50 -6.38 -60.81
C LEU C 670 -27.16 -6.36 -60.08
N VAL C 671 -26.08 -6.04 -60.79
CA VAL C 671 -24.77 -5.90 -60.16
C VAL C 671 -24.40 -4.42 -59.98
N ILE C 672 -24.11 -4.03 -58.74
CA ILE C 672 -23.70 -2.67 -58.45
C ILE C 672 -22.21 -2.68 -58.18
N ASP C 673 -21.45 -2.20 -59.16
CA ASP C 673 -20.00 -2.36 -59.22
C ASP C 673 -19.30 -1.06 -58.82
N ALA C 674 -18.73 -1.00 -57.61
CA ALA C 674 -17.81 0.09 -57.24
C ALA C 674 -16.40 -0.45 -56.92
N PRO C 675 -15.66 -0.88 -57.98
CA PRO C 675 -14.36 -1.55 -57.87
C PRO C 675 -13.46 -0.79 -56.92
N ASN C 676 -13.38 0.52 -57.10
CA ASN C 676 -12.44 1.34 -56.36
C ASN C 676 -12.94 1.87 -55.00
N ASN C 677 -14.05 1.33 -54.51
CA ASN C 677 -14.56 1.73 -53.21
C ASN C 677 -13.55 1.48 -52.12
N SER C 678 -13.54 2.36 -51.12
CA SER C 678 -12.68 2.20 -49.95
C SER C 678 -13.12 3.14 -48.79
N THR C 679 -12.45 3.03 -47.66
CA THR C 679 -12.69 3.94 -46.56
C THR C 679 -12.54 5.41 -46.97
N GLU C 680 -11.58 5.69 -47.86
CA GLU C 680 -11.27 7.03 -48.33
C GLU C 680 -12.15 7.48 -49.51
N ASN C 681 -12.56 6.54 -50.35
CA ASN C 681 -13.26 6.90 -51.57
C ASN C 681 -14.77 6.71 -51.43
N PHE C 682 -15.45 7.71 -50.86
CA PHE C 682 -16.89 7.62 -50.62
C PHE C 682 -17.67 8.61 -51.46
N TYR C 683 -16.95 9.34 -52.29
CA TYR C 683 -17.62 10.15 -53.29
C TYR C 683 -17.89 9.37 -54.57
N ILE C 684 -18.93 9.80 -55.28
CA ILE C 684 -19.19 9.25 -56.59
C ILE C 684 -18.71 10.26 -57.63
N ASP C 685 -17.74 9.84 -58.42
CA ASP C 685 -17.22 10.70 -59.46
C ASP C 685 -18.07 10.60 -60.72
N SER C 686 -18.68 9.42 -60.93
CA SER C 686 -19.55 9.19 -62.09
C SER C 686 -20.18 7.82 -62.00
N MET C 687 -21.26 7.62 -62.75
CA MET C 687 -22.02 6.39 -62.69
C MET C 687 -22.43 5.97 -64.09
N SER C 688 -22.50 4.67 -64.35
CA SER C 688 -23.11 4.23 -65.62
C SER C 688 -24.18 3.17 -65.36
N PHE C 689 -25.26 3.20 -66.12
CA PHE C 689 -26.32 2.20 -65.95
C PHE C 689 -26.40 1.34 -67.22
N ASN C 690 -25.76 0.18 -67.20
CA ASN C 690 -25.70 -0.64 -68.40
C ASN C 690 -25.05 0.11 -69.59
N GLY C 691 -23.87 0.67 -69.38
CA GLY C 691 -23.17 1.35 -70.47
C GLY C 691 -23.47 2.85 -70.57
N ALA C 692 -24.73 3.22 -70.31
CA ALA C 692 -25.19 4.62 -70.45
C ALA C 692 -24.78 5.47 -69.24
N ASP C 693 -24.24 6.66 -69.51
CA ASP C 693 -23.88 7.62 -68.45
C ASP C 693 -25.09 7.95 -67.55
N HIS C 694 -24.90 8.04 -66.25
CA HIS C 694 -26.04 8.27 -65.38
C HIS C 694 -25.72 9.34 -64.35
N THR C 695 -26.05 10.59 -64.68
CA THR C 695 -25.70 11.69 -63.80
C THR C 695 -26.88 12.00 -62.90
N LYS C 696 -27.94 11.21 -63.01
CA LYS C 696 -29.13 11.46 -62.20
C LYS C 696 -28.93 11.03 -60.74
N ASN C 697 -29.62 11.73 -59.83
CA ASN C 697 -29.56 11.41 -58.42
C ASN C 697 -30.63 10.41 -58.00
N TYR C 698 -31.12 9.59 -58.91
CA TYR C 698 -32.10 8.58 -58.53
C TYR C 698 -32.10 7.41 -59.51
N LEU C 699 -32.66 6.29 -59.07
CA LEU C 699 -32.83 5.12 -59.92
C LEU C 699 -34.29 4.74 -59.86
N ARG C 700 -34.81 4.12 -60.92
CA ARG C 700 -36.22 3.78 -60.97
C ARG C 700 -36.47 2.29 -60.81
N HIS C 701 -37.56 1.97 -60.13
CA HIS C 701 -37.90 0.61 -59.80
C HIS C 701 -37.82 -0.29 -61.03
N GLU C 702 -38.67 0.00 -62.01
CA GLU C 702 -38.78 -0.79 -63.23
C GLU C 702 -37.42 -0.96 -63.94
N ASP C 703 -36.54 0.02 -63.80
CA ASP C 703 -35.21 -0.10 -64.35
C ASP C 703 -34.28 -1.08 -63.60
N LEU C 704 -34.36 -1.09 -62.28
CA LEU C 704 -33.60 -2.03 -61.50
C LEU C 704 -34.09 -3.44 -61.83
N PHE C 705 -35.40 -3.63 -61.75
CA PHE C 705 -36.04 -4.91 -62.05
C PHE C 705 -35.60 -5.57 -63.37
N LYS C 706 -35.07 -4.77 -64.31
CA LYS C 706 -34.64 -5.28 -65.60
C LYS C 706 -33.24 -5.88 -65.51
N GLY C 707 -32.56 -5.60 -64.39
CA GLY C 707 -31.26 -6.18 -64.12
C GLY C 707 -30.19 -5.55 -64.97
N GLY C 708 -28.99 -6.11 -64.90
CA GLY C 708 -27.83 -5.56 -65.59
C GLY C 708 -26.74 -5.17 -64.63
N THR C 709 -26.07 -4.07 -64.94
CA THR C 709 -24.88 -3.63 -64.24
C THR C 709 -24.88 -2.12 -64.07
N ILE C 710 -24.64 -1.66 -62.85
CA ILE C 710 -24.40 -0.25 -62.61
C ILE C 710 -22.94 -0.07 -62.21
N LYS C 711 -22.29 0.95 -62.72
CA LYS C 711 -20.87 1.12 -62.39
C LYS C 711 -20.66 2.42 -61.63
N VAL C 712 -20.07 2.34 -60.45
CA VAL C 712 -19.84 3.56 -59.69
C VAL C 712 -18.34 3.83 -59.56
N ASP C 713 -17.89 4.97 -60.05
CA ASP C 713 -16.51 5.32 -59.86
C ASP C 713 -16.36 6.09 -58.57
N MET C 714 -15.80 5.44 -57.56
CA MET C 714 -15.60 6.11 -56.31
C MET C 714 -14.34 6.94 -56.34
N SER C 715 -14.39 8.08 -55.69
CA SER C 715 -13.19 8.88 -55.51
C SER C 715 -13.15 9.49 -54.10
N ASN C 716 -12.01 10.03 -53.73
CA ASN C 716 -11.85 10.67 -52.46
C ASN C 716 -11.98 12.16 -52.63
N ARG C 717 -12.40 12.56 -53.83
CA ARG C 717 -12.64 13.96 -54.14
C ARG C 717 -14.12 14.10 -54.42
N PRO C 718 -14.73 15.18 -53.92
CA PRO C 718 -16.13 15.45 -54.27
C PRO C 718 -16.20 15.95 -55.70
N ASN C 719 -17.20 15.50 -56.46
CA ASN C 719 -17.44 16.06 -57.80
C ASN C 719 -18.58 17.12 -57.80
N LEU C 720 -18.16 18.39 -57.86
CA LEU C 720 -19.02 19.55 -57.71
C LEU C 720 -19.97 19.81 -58.90
N ASN C 721 -19.76 19.07 -59.99
CA ASN C 721 -20.56 19.26 -61.20
C ASN C 721 -21.62 18.18 -61.35
N ARG C 722 -21.25 16.94 -61.02
CA ARG C 722 -22.18 15.82 -61.17
C ARG C 722 -23.48 16.01 -60.36
N GLY C 723 -24.61 15.77 -61.04
CA GLY C 723 -25.91 15.71 -60.38
C GLY C 723 -26.47 17.06 -59.94
N THR C 724 -26.08 18.13 -60.64
CA THR C 724 -26.59 19.47 -60.34
C THR C 724 -27.61 19.93 -61.36
N LYS C 725 -27.82 19.15 -62.42
CA LYS C 725 -28.78 19.59 -63.44
C LYS C 725 -30.22 19.24 -63.04
N GLU C 726 -31.16 20.11 -63.39
CA GLU C 726 -32.57 19.93 -63.06
C GLU C 726 -33.11 18.55 -63.41
N GLU C 727 -32.70 18.01 -64.54
CA GLU C 727 -33.09 16.64 -64.93
C GLU C 727 -32.43 15.54 -64.09
N ASP C 728 -31.53 15.90 -63.17
CA ASP C 728 -30.93 14.91 -62.27
C ASP C 728 -31.73 14.77 -60.97
N MET C 729 -32.67 15.67 -60.75
CA MET C 729 -33.39 15.73 -59.50
C MET C 729 -34.47 14.66 -59.44
N PRO C 730 -34.65 14.06 -58.25
CA PRO C 730 -35.73 13.13 -58.01
C PRO C 730 -37.04 13.87 -57.94
N TYR C 731 -38.11 13.11 -57.80
CA TYR C 731 -39.43 13.66 -57.90
C TYR C 731 -39.73 14.70 -56.82
N SER C 732 -40.43 15.77 -57.20
CA SER C 732 -41.11 16.66 -56.28
C SER C 732 -42.46 16.93 -56.94
N PHE C 733 -43.52 16.84 -56.16
CA PHE C 733 -44.91 17.15 -56.58
C PHE C 733 -45.02 18.50 -57.29
N SER C 734 -44.33 19.50 -56.74
CA SER C 734 -44.18 20.83 -57.31
C SER C 734 -43.97 20.88 -58.80
N LYS C 735 -43.29 19.88 -59.35
CA LYS C 735 -42.85 19.88 -60.74
C LYS C 735 -43.76 19.09 -61.67
N GLU C 736 -44.71 18.36 -61.12
CA GLU C 736 -45.74 17.72 -61.95
C GLU C 736 -46.64 18.75 -62.67
N LEU C 737 -46.82 18.59 -63.98
CA LEU C 737 -48.00 19.15 -64.67
C LEU C 737 -47.77 19.62 -66.09
N LYS D 1 52.73 15.39 23.99
CA LYS D 1 52.85 16.76 23.39
C LYS D 1 51.47 17.29 23.00
N ASP D 2 50.85 18.11 23.85
CA ASP D 2 49.48 18.58 23.59
C ASP D 2 49.40 20.00 23.05
N TRP D 3 48.83 20.17 21.86
CA TRP D 3 48.63 21.52 21.33
C TRP D 3 47.21 22.09 21.49
N THR D 4 46.22 21.22 21.75
CA THR D 4 44.84 21.68 21.89
C THR D 4 44.71 22.72 23.00
N GLN D 5 45.55 22.63 24.02
CA GLN D 5 45.57 23.62 25.10
C GLN D 5 45.75 25.05 24.60
N TYR D 6 46.41 25.22 23.46
CA TYR D 6 46.60 26.56 22.89
C TYR D 6 45.39 26.99 22.09
N VAL D 7 44.45 26.09 21.88
CA VAL D 7 43.33 26.39 21.00
C VAL D 7 42.18 27.11 21.70
N ASN D 8 41.78 28.25 21.15
CA ASN D 8 40.62 28.95 21.68
C ASN D 8 39.43 28.92 20.70
N PRO D 9 38.46 28.02 20.90
CA PRO D 9 37.38 28.03 19.90
C PRO D 9 36.51 29.29 19.97
N LEU D 10 36.75 30.16 20.95
CA LEU D 10 35.94 31.34 21.09
C LEU D 10 36.52 32.48 20.28
N MET D 11 37.77 32.33 19.84
CA MET D 11 38.44 33.39 19.10
C MET D 11 37.58 33.76 17.90
N GLY D 12 37.21 35.03 17.86
CA GLY D 12 36.36 35.51 16.79
C GLY D 12 34.88 35.57 17.11
N SER D 13 34.47 35.15 18.31
CA SER D 13 33.05 35.15 18.67
C SER D 13 32.55 36.49 19.19
N GLN D 14 33.47 37.41 19.47
CA GLN D 14 33.05 38.76 19.89
C GLN D 14 32.85 39.65 18.66
N SER D 15 31.77 39.39 17.91
CA SER D 15 31.58 40.00 16.60
C SER D 15 30.18 40.52 16.41
N THR D 16 30.06 41.62 15.68
CA THR D 16 28.74 42.14 15.38
C THR D 16 28.59 42.38 13.88
N PHE D 17 27.36 42.67 13.49
CA PHE D 17 27.06 43.07 12.13
C PHE D 17 27.95 44.22 11.70
N GLU D 18 28.02 45.26 12.55
CA GLU D 18 28.77 46.49 12.23
C GLU D 18 30.28 46.33 12.24
N LEU D 19 30.81 45.43 13.05
CA LEU D 19 32.25 45.20 13.08
C LEU D 19 32.54 43.74 13.37
N SER D 20 33.47 43.16 12.61
CA SER D 20 33.70 41.75 12.72
C SER D 20 35.06 41.59 13.32
N THR D 21 35.18 40.63 14.23
CA THR D 21 36.47 40.25 14.75
C THR D 21 36.72 38.81 14.41
N GLY D 22 35.92 38.25 13.52
CA GLY D 22 36.17 36.89 13.05
C GLY D 22 34.87 36.28 12.58
N ASN D 23 33.77 36.70 13.21
CA ASN D 23 32.47 36.16 12.87
C ASN D 23 32.41 34.64 12.93
N THR D 24 33.01 34.08 13.96
CA THR D 24 33.07 32.64 14.13
C THR D 24 32.19 32.18 15.29
N TYR D 25 32.05 30.87 15.42
CA TYR D 25 31.32 30.25 16.54
C TYR D 25 32.18 29.12 17.09
N PRO D 26 31.99 28.75 18.36
CA PRO D 26 32.82 27.67 18.87
C PRO D 26 32.41 26.37 18.19
N ALA D 27 33.27 25.88 17.29
CA ALA D 27 32.95 24.69 16.53
C ALA D 27 33.51 23.46 17.22
N ILE D 28 32.68 22.86 18.07
CA ILE D 28 33.06 21.62 18.72
C ILE D 28 32.85 20.46 17.74
N ALA D 29 33.93 19.88 17.25
CA ALA D 29 33.88 18.95 16.13
C ALA D 29 35.20 18.23 15.94
N ARG D 30 35.17 17.10 15.25
CA ARG D 30 36.42 16.51 14.74
C ARG D 30 36.95 17.31 13.56
N PRO D 31 38.22 17.09 13.21
CA PRO D 31 38.72 17.73 12.01
C PRO D 31 37.82 17.43 10.78
N TRP D 32 37.44 18.47 10.04
CA TRP D 32 36.48 18.36 8.94
C TRP D 32 35.14 17.63 9.24
N GLY D 33 34.69 17.63 10.48
CA GLY D 33 33.50 16.87 10.86
C GLY D 33 32.28 17.11 10.00
N MET D 34 31.54 16.03 9.71
CA MET D 34 30.31 16.22 8.96
C MET D 34 29.36 17.10 9.76
N ASN D 35 29.32 16.90 11.07
CA ASN D 35 28.41 17.66 11.93
C ASN D 35 29.17 18.36 13.01
N PHE D 36 29.03 19.68 13.08
CA PHE D 36 29.69 20.46 14.11
C PHE D 36 28.61 20.64 15.14
N TRP D 37 29.03 20.82 16.39
CA TRP D 37 28.12 21.16 17.45
C TRP D 37 28.52 22.44 18.17
N THR D 38 27.52 23.23 18.56
CA THR D 38 27.81 24.52 19.19
C THR D 38 26.77 24.93 20.21
N PRO D 39 27.24 25.51 21.31
CA PRO D 39 26.30 26.20 22.16
C PRO D 39 25.62 27.21 21.25
N GLN D 40 24.34 27.46 21.45
CA GLN D 40 23.58 28.46 20.67
C GLN D 40 23.02 29.59 21.54
N THR D 41 23.47 30.82 21.31
CA THR D 41 22.97 31.99 22.06
C THR D 41 21.94 32.80 21.25
N GLY D 42 22.12 32.83 19.92
CA GLY D 42 21.20 33.58 19.06
C GLY D 42 19.87 32.86 18.90
N LYS D 43 18.85 33.56 18.43
CA LYS D 43 17.57 32.90 18.16
C LYS D 43 17.61 32.03 16.90
N MET D 44 16.68 31.09 16.80
CA MET D 44 16.59 30.29 15.59
C MET D 44 16.61 31.15 14.35
N GLY D 45 17.56 30.89 13.47
CA GLY D 45 17.66 31.59 12.21
C GLY D 45 18.83 32.57 12.14
N ASP D 46 19.14 33.24 13.23
CA ASP D 46 20.18 34.28 13.18
C ASP D 46 21.54 33.67 12.81
N GLY D 47 22.21 34.26 11.84
CA GLY D 47 23.52 33.77 11.45
C GLY D 47 24.46 33.91 12.63
N TRP D 48 24.11 34.79 13.56
CA TRP D 48 24.92 35.01 14.76
C TRP D 48 24.46 34.05 15.86
N GLN D 49 24.91 32.81 15.76
CA GLN D 49 24.36 31.76 16.58
C GLN D 49 25.06 31.69 17.92
N TYR D 50 26.22 32.32 17.98
CA TYR D 50 26.95 32.47 19.22
C TYR D 50 27.77 33.76 19.22
N THR D 51 27.35 34.69 20.05
CA THR D 51 28.12 35.90 20.22
C THR D 51 28.59 35.99 21.68
N TYR D 52 29.89 36.22 21.83
CA TYR D 52 30.56 36.21 23.09
C TYR D 52 29.80 37.03 24.11
N THR D 53 29.27 38.14 23.65
CA THR D 53 28.56 39.13 24.47
C THR D 53 27.17 38.69 24.96
N ALA D 54 26.68 37.52 24.49
CA ALA D 54 25.32 37.03 24.87
C ALA D 54 25.18 36.50 26.29
N ASN D 55 24.16 36.94 26.99
CA ASN D 55 23.86 36.48 28.35
C ASN D 55 23.38 35.03 28.47
N LYS D 56 22.76 34.49 27.41
CA LYS D 56 21.95 33.26 27.53
C LYS D 56 22.22 32.17 26.48
N ILE D 57 22.14 30.91 26.90
CA ILE D 57 22.20 29.80 25.95
C ILE D 57 20.81 29.20 25.83
N ARG D 58 20.34 29.00 24.62
CA ARG D 58 18.98 28.51 24.46
C ARG D 58 18.94 27.10 23.86
N GLY D 59 20.08 26.58 23.47
CA GLY D 59 20.12 25.24 22.95
C GLY D 59 21.54 24.81 22.77
N PHE D 60 21.73 23.54 22.47
CA PHE D 60 23.02 23.06 21.99
C PHE D 60 22.77 22.47 20.62
N LYS D 61 23.37 23.08 19.61
CA LYS D 61 22.94 22.94 18.22
C LYS D 61 23.90 22.16 17.35
N GLN D 62 23.37 21.26 16.52
CA GLN D 62 24.13 20.68 15.42
C GLN D 62 24.05 21.73 14.34
N THR D 63 25.15 21.97 13.64
CA THR D 63 25.19 23.11 12.75
C THR D 63 26.15 22.79 11.63
N HIS D 64 25.98 23.47 10.48
CA HIS D 64 26.87 23.28 9.32
C HIS D 64 27.31 24.62 8.77
N GLN D 65 26.70 25.67 9.30
CA GLN D 65 26.97 27.03 8.85
C GLN D 65 28.46 27.34 8.70
N PRO D 66 28.83 27.94 7.56
CA PRO D 66 30.20 28.34 7.29
C PRO D 66 30.45 29.84 7.59
N SER D 67 29.38 30.64 7.62
CA SER D 67 29.46 32.04 8.06
C SER D 67 28.04 32.55 8.30
N PRO D 68 27.92 33.68 8.98
CA PRO D 68 26.65 34.32 9.28
C PRO D 68 25.99 34.87 8.01
N TRP D 69 26.77 34.98 6.93
CA TRP D 69 26.22 35.48 5.67
C TRP D 69 25.54 34.35 4.92
N ILE D 70 26.23 33.21 4.82
CA ILE D 70 25.66 32.03 4.19
C ILE D 70 24.52 31.43 5.02
N ASN D 71 24.65 31.50 6.35
CA ASN D 71 23.68 30.92 7.28
C ASN D 71 23.71 29.39 7.23
N ASP D 72 22.69 28.72 7.73
CA ASP D 72 22.84 27.31 8.15
C ASP D 72 21.91 26.35 7.45
N TYR D 73 22.14 25.05 7.67
CA TYR D 73 21.21 24.02 7.22
C TYR D 73 21.49 22.79 8.06
N GLY D 74 20.56 21.83 8.07
CA GLY D 74 20.81 20.54 8.72
C GLY D 74 21.02 20.82 10.18
N GLN D 75 20.08 21.56 10.76
CA GLN D 75 20.25 22.13 12.05
C GLN D 75 19.10 21.70 12.95
N PHE D 76 19.47 21.32 14.18
CA PHE D 76 18.52 21.03 15.25
C PHE D 76 19.23 21.16 16.59
N SER D 77 18.48 21.24 17.66
CA SER D 77 19.12 21.47 18.94
C SER D 77 18.47 20.69 20.08
N ILE D 78 19.23 20.56 21.18
CA ILE D 78 18.76 19.95 22.42
C ILE D 78 19.03 20.90 23.59
N MET D 79 18.10 20.95 24.55
CA MET D 79 18.22 21.82 25.71
C MET D 79 17.67 21.19 27.00
N PRO D 80 18.52 20.98 28.03
CA PRO D 80 18.07 20.45 29.31
C PRO D 80 17.45 21.56 30.18
N ILE D 81 16.40 21.25 30.93
CA ILE D 81 15.83 22.27 31.78
C ILE D 81 15.27 21.70 33.09
N VAL D 82 14.82 22.57 33.98
CA VAL D 82 13.95 22.17 35.11
C VAL D 82 12.81 23.18 35.35
N GLY D 83 11.81 22.80 36.15
CA GLY D 83 10.64 23.64 36.34
C GLY D 83 9.49 23.25 35.42
N GLN D 84 8.77 24.24 34.89
CA GLN D 84 7.72 23.97 33.89
C GLN D 84 8.36 23.45 32.59
N PRO D 85 7.73 22.43 31.97
CA PRO D 85 8.21 21.97 30.66
C PRO D 85 7.87 22.96 29.56
N VAL D 86 8.84 23.75 29.12
CA VAL D 86 8.63 24.78 28.10
C VAL D 86 9.51 24.59 26.88
N PHE D 87 8.88 24.76 25.72
CA PHE D 87 9.55 24.61 24.44
C PHE D 87 10.10 25.95 23.88
N ASP D 88 9.36 27.03 24.15
CA ASP D 88 9.70 28.34 23.65
C ASP D 88 11.18 28.64 23.81
N GLU D 89 11.84 29.02 22.75
CA GLU D 89 13.31 29.13 22.77
C GLU D 89 13.83 30.28 23.65
N GLU D 90 12.96 31.22 23.97
CA GLU D 90 13.31 32.30 24.88
C GLU D 90 13.02 31.87 26.29
N LYS D 91 11.98 31.07 26.49
CA LYS D 91 11.59 30.69 27.83
C LYS D 91 12.47 29.61 28.43
N ARG D 92 13.05 28.76 27.60
CA ARG D 92 13.85 27.68 28.12
C ARG D 92 15.30 28.11 28.32
N ALA D 93 15.64 29.31 27.87
CA ALA D 93 17.03 29.78 27.90
C ALA D 93 17.54 30.08 29.30
N SER D 94 18.83 29.94 29.51
CA SER D 94 19.41 30.21 30.81
C SER D 94 20.63 31.11 30.69
N TRP D 95 20.77 32.05 31.61
CA TRP D 95 22.02 32.77 31.78
C TRP D 95 23.21 31.82 31.89
N PHE D 96 24.39 32.31 31.55
CA PHE D 96 25.61 31.58 31.83
C PHE D 96 26.72 32.62 31.80
N ALA D 97 27.94 32.24 32.19
CA ALA D 97 29.07 33.12 32.02
C ALA D 97 30.24 32.30 31.54
N HIS D 98 31.26 32.98 31.00
CA HIS D 98 32.35 32.30 30.34
C HIS D 98 33.33 31.73 31.34
N LYS D 99 33.25 32.20 32.58
CA LYS D 99 34.05 31.59 33.64
C LYS D 99 33.35 30.35 34.14
N GLY D 100 32.17 30.05 33.60
CA GLY D 100 31.46 28.82 33.96
C GLY D 100 31.29 27.96 32.74
N GLU D 101 32.28 28.06 31.83
CA GLU D 101 32.20 27.46 30.53
C GLU D 101 33.59 26.99 30.14
N VAL D 102 33.68 25.80 29.56
CA VAL D 102 34.97 25.35 29.05
C VAL D 102 34.84 24.96 27.60
N ALA D 103 35.57 25.62 26.72
CA ALA D 103 35.47 25.33 25.29
C ALA D 103 36.77 24.82 24.75
N THR D 104 36.77 23.57 24.30
CA THR D 104 37.91 23.02 23.58
C THR D 104 37.39 22.47 22.26
N PRO D 105 38.30 22.08 21.36
CA PRO D 105 37.73 21.61 20.10
C PRO D 105 37.06 20.26 20.23
N TYR D 106 37.42 19.48 21.24
CA TYR D 106 36.90 18.11 21.37
C TYR D 106 35.92 17.98 22.51
N TYR D 107 35.80 19.01 23.33
CA TYR D 107 34.97 18.94 24.52
C TYR D 107 34.45 20.32 24.88
N TYR D 108 33.18 20.35 25.23
CA TYR D 108 32.62 21.61 25.60
C TYR D 108 31.82 21.43 26.86
N LYS D 109 32.04 22.32 27.83
CA LYS D 109 31.19 22.28 29.02
C LYS D 109 30.67 23.66 29.43
N VAL D 110 29.46 23.69 29.95
CA VAL D 110 28.95 24.92 30.53
C VAL D 110 27.89 24.72 31.61
N TYR D 111 27.84 25.67 32.53
CA TYR D 111 26.88 25.62 33.61
C TYR D 111 25.69 26.52 33.34
N LEU D 112 24.51 25.91 33.26
CA LEU D 112 23.29 26.62 32.99
C LEU D 112 22.64 27.22 34.24
N ALA D 113 23.00 28.47 34.53
CA ALA D 113 22.64 29.16 35.78
C ALA D 113 21.17 29.35 36.18
N GLU D 114 20.22 29.32 35.26
CA GLU D 114 18.83 29.40 35.68
C GLU D 114 18.20 28.00 35.85
N HIS D 115 18.93 26.95 35.46
CA HIS D 115 18.44 25.59 35.65
C HIS D 115 19.25 24.81 36.69
N ASP D 116 20.43 25.29 37.06
CA ASP D 116 21.33 24.52 37.92
C ASP D 116 21.75 23.18 37.25
N ILE D 117 21.99 23.24 35.94
CA ILE D 117 22.41 22.05 35.19
C ILE D 117 23.75 22.28 34.55
N VAL D 118 24.61 21.28 34.52
CA VAL D 118 25.84 21.41 33.75
C VAL D 118 25.63 20.61 32.49
N THR D 119 26.02 21.15 31.36
CA THR D 119 25.98 20.39 30.12
C THR D 119 27.38 20.16 29.57
N GLU D 120 27.61 18.94 29.11
CA GLU D 120 28.88 18.60 28.50
C GLU D 120 28.66 17.89 27.18
N MET D 121 29.49 18.18 26.18
CA MET D 121 29.38 17.42 24.94
C MET D 121 30.74 17.17 24.36
N THR D 122 30.88 15.98 23.77
CA THR D 122 32.09 15.56 23.06
C THR D 122 31.63 14.83 21.81
N PRO D 123 32.05 15.31 20.63
CA PRO D 123 31.63 14.78 19.34
C PRO D 123 32.67 13.94 18.58
N THR D 124 32.14 13.13 17.67
CA THR D 124 32.93 12.40 16.70
C THR D 124 32.69 13.08 15.36
N GLU D 125 32.87 12.36 14.25
CA GLU D 125 32.65 12.98 12.93
C GLU D 125 31.19 13.29 12.63
N ARG D 126 30.30 12.41 13.06
CA ARG D 126 28.90 12.45 12.69
C ARG D 126 27.99 12.30 13.91
N ALA D 127 28.59 11.97 15.05
CA ALA D 127 27.82 11.72 16.25
C ALA D 127 28.31 12.56 17.39
N VAL D 128 27.54 12.57 18.46
CA VAL D 128 28.02 13.26 19.63
C VAL D 128 27.44 12.66 20.90
N LEU D 129 28.22 12.64 21.98
CA LEU D 129 27.66 12.30 23.30
C LEU D 129 27.48 13.55 24.13
N PHE D 130 26.28 13.70 24.70
CA PHE D 130 25.97 14.73 25.68
C PHE D 130 25.90 14.09 27.05
N ARG D 131 26.21 14.86 28.08
CA ARG D 131 26.00 14.41 29.46
C ARG D 131 25.46 15.59 30.25
N PHE D 132 24.25 15.46 30.76
CA PHE D 132 23.64 16.52 31.55
C PHE D 132 23.64 16.15 33.03
N THR D 133 24.22 17.01 33.86
CA THR D 133 24.20 16.83 35.31
C THR D 133 23.04 17.64 35.83
N PHE D 134 22.02 16.99 36.38
CA PHE D 134 20.80 17.67 36.83
C PHE D 134 20.81 17.84 38.35
N PRO D 135 20.13 18.86 38.86
CA PRO D 135 19.99 19.04 40.29
C PRO D 135 18.84 18.20 40.78
N GLU D 136 18.64 18.11 42.09
CA GLU D 136 17.49 17.40 42.63
C GLU D 136 16.22 18.08 42.16
N ASN D 137 15.34 17.33 41.52
CA ASN D 137 14.10 17.92 41.03
C ASN D 137 13.12 16.85 40.57
N ASP D 138 11.85 17.08 40.86
CA ASP D 138 10.81 16.19 40.36
C ASP D 138 10.49 16.54 38.91
N HIS D 139 10.98 17.70 38.47
CA HIS D 139 10.63 18.16 37.15
C HIS D 139 11.84 18.55 36.32
N SER D 140 12.64 17.57 35.94
CA SER D 140 13.73 17.84 35.04
C SER D 140 13.34 17.37 33.64
N TYR D 141 13.67 18.14 32.61
CA TYR D 141 13.29 17.78 31.23
C TYR D 141 14.44 17.88 30.26
N VAL D 142 14.25 17.32 29.06
CA VAL D 142 15.17 17.58 27.96
C VAL D 142 14.33 17.92 26.74
N VAL D 143 14.58 19.08 26.16
CA VAL D 143 13.86 19.53 24.97
C VAL D 143 14.65 19.23 23.69
N VAL D 144 13.97 18.60 22.73
CA VAL D 144 14.54 18.42 21.41
C VAL D 144 13.79 19.28 20.40
N ASP D 145 14.54 20.11 19.67
CA ASP D 145 13.92 21.12 18.81
C ASP D 145 14.35 20.88 17.37
N ALA D 146 13.42 20.40 16.54
CA ALA D 146 13.74 20.05 15.15
C ALA D 146 13.86 21.27 14.21
N PHE D 147 13.63 22.45 14.77
CA PHE D 147 13.63 23.71 14.00
C PHE D 147 12.40 23.76 13.08
N ASP D 148 12.28 24.80 12.27
CA ASP D 148 10.99 25.01 11.55
C ASP D 148 11.08 24.80 10.04
N LYS D 149 9.97 25.05 9.36
CA LYS D 149 9.93 24.98 7.90
C LYS D 149 9.77 23.56 7.44
N GLY D 150 9.18 22.71 8.28
CA GLY D 150 8.95 21.32 7.92
C GLY D 150 9.88 20.39 8.68
N SER D 151 9.40 19.84 9.79
CA SER D 151 10.20 18.86 10.51
C SER D 151 9.34 17.72 11.03
N TYR D 152 10.01 16.74 11.59
CA TYR D 152 9.35 15.53 12.07
C TYR D 152 10.06 15.05 13.32
N ILE D 153 9.27 14.61 14.29
CA ILE D 153 9.81 14.13 15.55
C ILE D 153 9.00 12.92 16.04
N LYS D 154 9.69 11.92 16.54
CA LYS D 154 9.03 10.76 17.10
C LYS D 154 9.69 10.26 18.38
N ILE D 155 8.87 10.01 19.40
CA ILE D 155 9.35 9.51 20.67
C ILE D 155 9.07 8.03 20.78
N ILE D 156 10.11 7.27 21.10
CA ILE D 156 10.05 5.82 21.24
C ILE D 156 10.45 5.38 22.65
N PRO D 157 9.48 5.30 23.58
CA PRO D 157 9.72 5.12 25.00
C PRO D 157 10.57 3.90 25.34
N GLU D 158 10.30 2.74 24.74
CA GLU D 158 10.97 1.52 25.17
C GLU D 158 12.35 1.37 24.53
N GLU D 159 12.85 2.49 24.02
CA GLU D 159 14.21 2.55 23.52
C GLU D 159 14.88 3.80 24.08
N ASN D 160 14.17 4.47 24.99
CA ASN D 160 14.59 5.74 25.58
C ASN D 160 15.09 6.63 24.47
N LYS D 161 14.31 6.73 23.40
CA LYS D 161 14.82 7.28 22.14
C LYS D 161 13.92 8.31 21.47
N ILE D 162 14.54 9.38 20.97
CA ILE D 162 13.79 10.33 20.16
C ILE D 162 14.40 10.37 18.77
N ILE D 163 13.59 10.24 17.74
CA ILE D 163 14.11 10.48 16.39
C ILE D 163 13.36 11.60 15.71
N GLY D 164 14.01 12.27 14.79
CA GLY D 164 13.32 13.25 13.97
C GLY D 164 14.15 13.58 12.76
N TYR D 165 13.61 14.39 11.86
CA TYR D 165 14.43 14.99 10.81
C TYR D 165 14.21 16.49 10.78
N THR D 166 15.21 17.22 10.33
CA THR D 166 15.16 18.66 10.25
C THR D 166 15.38 19.10 8.80
N THR D 167 14.69 20.18 8.37
CA THR D 167 14.86 20.74 7.01
C THR D 167 15.23 22.21 6.90
N ARG D 168 14.90 23.04 7.90
CA ARG D 168 15.20 24.46 7.78
C ARG D 168 16.62 24.67 7.22
N ASN D 169 16.73 25.35 6.09
CA ASN D 169 17.99 25.54 5.36
C ASN D 169 18.01 26.91 4.73
N SER D 170 19.14 27.28 4.14
CA SER D 170 19.35 28.67 3.70
C SER D 170 19.55 28.76 2.18
N GLY D 171 19.08 27.75 1.45
CA GLY D 171 19.35 27.64 0.04
C GLY D 171 20.40 26.59 -0.29
N GLY D 172 20.60 26.35 -1.59
CA GLY D 172 21.50 25.37 -2.07
C GLY D 172 21.13 23.93 -1.79
N VAL D 173 19.83 23.60 -1.72
CA VAL D 173 19.40 22.22 -1.41
C VAL D 173 18.35 21.63 -2.35
N PRO D 174 18.44 20.32 -2.60
CA PRO D 174 17.42 19.60 -3.39
C PRO D 174 16.07 19.55 -2.71
N GLU D 175 14.99 19.37 -3.45
CA GLU D 175 13.67 19.39 -2.81
C GLU D 175 13.54 18.32 -1.72
N ASN D 176 14.29 17.22 -1.85
CA ASN D 176 14.13 16.10 -0.92
C ASN D 176 15.04 16.19 0.32
N PHE D 177 15.71 17.33 0.47
CA PHE D 177 16.68 17.51 1.54
C PHE D 177 16.12 17.26 2.93
N LYS D 178 16.85 16.46 3.71
CA LYS D 178 16.52 16.20 5.12
C LYS D 178 17.79 15.94 5.91
N ASN D 179 17.77 16.27 7.19
CA ASN D 179 18.80 15.75 8.08
C ASN D 179 18.09 14.88 9.09
N TYR D 180 18.54 13.61 9.16
CA TYR D 180 17.89 12.59 9.99
C TYR D 180 18.65 12.43 11.29
N PHE D 181 17.97 12.54 12.41
CA PHE D 181 18.72 12.41 13.65
C PHE D 181 18.08 11.49 14.65
N ILE D 182 18.95 10.87 15.44
CA ILE D 182 18.54 9.92 16.49
C ILE D 182 19.20 10.23 17.82
N ILE D 183 18.40 10.18 18.88
CA ILE D 183 18.84 10.51 20.21
C ILE D 183 18.43 9.39 21.16
N GLU D 184 19.42 8.69 21.74
CA GLU D 184 19.16 7.65 22.77
C GLU D 184 19.61 8.12 24.15
N PHE D 185 18.71 8.01 25.13
CA PHE D 185 18.98 8.42 26.51
C PHE D 185 19.25 7.20 27.36
N ASP D 186 19.95 7.39 28.46
CA ASP D 186 20.10 6.29 29.44
C ASP D 186 19.16 6.46 30.62
N LYS D 187 18.06 7.16 30.44
CA LYS D 187 17.18 7.44 31.57
C LYS D 187 15.79 7.38 31.05
N PRO D 188 14.94 6.54 31.67
CA PRO D 188 13.54 6.39 31.29
C PRO D 188 12.75 7.72 31.20
N PHE D 189 11.83 7.82 30.23
CA PHE D 189 11.03 9.03 30.02
C PHE D 189 9.78 8.96 30.88
N THR D 190 9.78 9.62 32.02
CA THR D 190 8.65 9.55 32.94
C THR D 190 7.63 10.58 32.50
N TYR D 191 8.07 11.45 31.62
CA TYR D 191 7.21 12.43 31.02
C TYR D 191 7.55 12.44 29.54
N LYS D 192 6.52 12.49 28.71
CA LYS D 192 6.77 12.54 27.29
C LYS D 192 5.68 13.33 26.63
N ALA D 193 6.09 14.25 25.76
CA ALA D 193 5.19 15.06 24.97
C ALA D 193 5.93 15.38 23.69
N THR D 194 5.19 15.49 22.60
CA THR D 194 5.74 16.00 21.38
C THR D 194 5.21 17.43 21.26
N VAL D 195 5.89 18.25 20.47
CA VAL D 195 5.46 19.63 20.25
C VAL D 195 5.10 19.93 18.82
N GLU D 196 4.01 20.67 18.67
CA GLU D 196 3.40 20.87 17.38
C GLU D 196 3.16 22.37 17.24
N ASN D 197 4.10 23.04 16.58
CA ASN D 197 4.08 24.48 16.46
C ASN D 197 3.69 25.17 17.78
N GLY D 198 4.58 25.03 18.77
CA GLY D 198 4.39 25.64 20.09
C GLY D 198 3.62 24.78 21.09
N ASN D 199 2.52 24.17 20.65
CA ASN D 199 1.64 23.40 21.52
C ASN D 199 2.17 22.11 22.06
N LEU D 200 2.03 21.97 23.36
CA LEU D 200 2.53 20.81 24.05
C LEU D 200 1.50 19.70 23.95
N GLN D 201 1.90 18.59 23.34
CA GLN D 201 0.98 17.47 23.14
C GLN D 201 1.47 16.25 23.91
N GLU D 202 1.04 16.16 25.16
CA GLU D 202 1.55 15.15 26.06
C GLU D 202 1.15 13.77 25.56
N ASN D 203 2.12 12.87 25.54
CA ASN D 203 1.84 11.47 25.25
C ASN D 203 1.41 11.19 23.81
N VAL D 204 1.46 12.22 22.96
CA VAL D 204 1.36 12.03 21.52
C VAL D 204 2.74 11.69 20.99
N ALA D 205 2.88 10.52 20.40
CA ALA D 205 4.18 9.99 20.08
C ALA D 205 4.94 10.69 18.93
N GLU D 206 4.23 11.29 17.99
CA GLU D 206 4.91 11.88 16.82
C GLU D 206 4.24 13.11 16.24
N GLN D 207 5.04 13.95 15.60
CA GLN D 207 4.54 15.10 14.84
C GLN D 207 5.31 15.25 13.54
N THR D 208 4.59 15.64 12.51
CA THR D 208 5.15 15.98 11.21
C THR D 208 4.45 17.27 10.90
N THR D 209 5.16 18.39 11.04
CA THR D 209 4.53 19.71 10.97
C THR D 209 5.63 20.76 10.78
N ASP D 210 5.26 22.02 10.64
CA ASP D 210 6.28 23.05 10.36
C ASP D 210 7.44 23.10 11.38
N HIS D 211 7.09 23.17 12.67
CA HIS D 211 8.08 23.22 13.75
C HIS D 211 7.86 22.09 14.75
N ALA D 212 8.56 20.98 14.55
CA ALA D 212 8.42 19.84 15.44
C ALA D 212 9.40 19.87 16.60
N GLY D 213 8.93 19.43 17.77
CA GLY D 213 9.77 19.25 18.94
C GLY D 213 9.28 18.11 19.81
N ALA D 214 10.13 17.71 20.76
CA ALA D 214 9.77 16.79 21.83
C ALA D 214 10.24 17.34 23.18
N ILE D 215 9.48 17.09 24.23
CA ILE D 215 10.04 17.24 25.56
C ILE D 215 9.89 15.93 26.30
N ILE D 216 11.02 15.42 26.80
CA ILE D 216 10.99 14.30 27.74
C ILE D 216 11.45 14.74 29.13
N GLY D 217 10.94 14.05 30.14
CA GLY D 217 11.16 14.46 31.51
C GLY D 217 11.27 13.30 32.48
N PHE D 218 11.52 13.64 33.75
CA PHE D 218 11.80 12.66 34.79
C PHE D 218 12.17 13.34 36.10
N LYS D 219 12.28 12.53 37.15
CA LYS D 219 12.82 12.93 38.45
C LYS D 219 14.31 12.73 38.50
N THR D 220 15.03 13.67 39.09
CA THR D 220 16.46 13.51 39.29
C THR D 220 16.92 13.80 40.71
N ARG D 221 17.90 13.04 41.19
CA ARG D 221 18.46 13.38 42.46
C ARG D 221 19.68 14.25 42.21
N LYS D 222 20.20 14.88 43.26
CA LYS D 222 21.18 15.92 43.13
C LYS D 222 22.42 15.38 42.43
N GLY D 223 22.84 16.08 41.38
CA GLY D 223 24.04 15.69 40.67
C GLY D 223 23.86 14.47 39.80
N GLU D 224 22.62 14.07 39.55
CA GLU D 224 22.39 12.90 38.70
C GLU D 224 22.75 13.16 37.22
N GLN D 225 23.44 12.19 36.62
CA GLN D 225 23.86 12.33 35.24
C GLN D 225 22.96 11.60 34.23
N VAL D 226 22.53 12.34 33.20
CA VAL D 226 21.82 11.77 32.09
C VAL D 226 22.69 11.90 30.83
N ASN D 227 22.90 10.77 30.17
CA ASN D 227 23.71 10.77 28.98
C ASN D 227 22.80 10.63 27.77
N ALA D 228 23.08 11.38 26.72
CA ALA D 228 22.28 11.29 25.49
C ALA D 228 23.21 11.10 24.32
N ARG D 229 23.03 9.98 23.61
CA ARG D 229 23.79 9.65 22.39
C ARG D 229 22.99 10.09 21.16
N ILE D 230 23.65 10.85 20.28
CA ILE D 230 23.01 11.43 19.11
C ILE D 230 23.87 11.31 17.87
N ALA D 231 23.24 10.94 16.76
CA ALA D 231 23.87 11.02 15.44
C ALA D 231 22.86 11.50 14.41
N SER D 232 23.37 12.03 13.31
CA SER D 232 22.52 12.45 12.21
C SER D 232 23.19 12.06 10.89
N SER D 233 22.37 12.08 9.83
CA SER D 233 22.71 11.59 8.52
C SER D 233 21.92 12.37 7.49
N PHE D 234 22.44 12.45 6.27
CA PHE D 234 21.68 13.10 5.22
C PHE D 234 21.01 12.08 4.33
N ILE D 235 21.21 10.82 4.62
CA ILE D 235 20.74 9.76 3.76
C ILE D 235 19.44 9.11 4.28
N SER D 236 19.46 8.69 5.55
CA SER D 236 18.35 7.91 6.09
C SER D 236 18.48 7.72 7.59
N PHE D 237 17.41 7.27 8.20
CA PHE D 237 17.45 6.88 9.60
C PHE D 237 18.38 5.69 9.81
N GLU D 238 18.30 4.71 8.92
CA GLU D 238 19.20 3.57 8.96
C GLU D 238 20.69 3.98 9.00
N GLN D 239 21.07 4.92 8.16
CA GLN D 239 22.45 5.42 8.12
C GLN D 239 22.78 6.24 9.41
N ALA D 240 21.82 7.01 9.92
CA ALA D 240 22.03 7.67 11.19
C ALA D 240 22.41 6.66 12.27
N ALA D 241 21.66 5.57 12.36
CA ALA D 241 21.93 4.52 13.35
C ALA D 241 23.31 3.89 13.15
N ALA D 242 23.72 3.77 11.90
CA ALA D 242 25.04 3.21 11.63
C ALA D 242 26.11 4.19 12.14
N ASN D 243 25.89 5.47 11.88
CA ASN D 243 26.81 6.53 12.24
C ASN D 243 27.00 6.63 13.76
N MET D 244 25.92 6.40 14.51
CA MET D 244 25.96 6.38 15.95
C MET D 244 27.05 5.45 16.47
N ASN D 245 27.31 4.35 15.79
CA ASN D 245 28.40 3.45 16.19
C ASN D 245 29.75 4.16 16.30
N GLU D 246 29.83 5.39 15.79
CA GLU D 246 31.03 6.18 15.98
C GLU D 246 31.30 6.43 17.47
N LEU D 247 30.27 6.37 18.31
CA LEU D 247 30.43 6.57 19.74
C LEU D 247 30.84 5.28 20.48
N GLY D 248 30.59 4.11 19.88
CA GLY D 248 30.74 2.87 20.63
C GLY D 248 29.95 2.94 21.94
N LYS D 249 30.53 2.42 23.01
CA LYS D 249 29.91 2.53 24.33
C LYS D 249 30.66 3.57 25.18
N ASP D 250 31.44 4.43 24.53
CA ASP D 250 32.31 5.35 25.28
C ASP D 250 31.55 6.32 26.13
N ASN D 251 32.17 6.74 27.23
CA ASN D 251 31.63 7.80 28.05
C ASN D 251 32.31 9.12 27.70
N ILE D 252 31.86 10.22 28.32
CA ILE D 252 32.38 11.53 28.00
C ILE D 252 33.90 11.57 28.05
N GLU D 253 34.48 11.10 29.17
CA GLU D 253 35.94 11.17 29.36
C GLU D 253 36.70 10.49 28.22
N GLN D 254 36.21 9.32 27.80
CA GLN D 254 36.86 8.58 26.73
C GLN D 254 36.78 9.27 25.38
N LEU D 255 35.60 9.80 25.03
CA LEU D 255 35.50 10.45 23.73
C LEU D 255 36.31 11.72 23.76
N ALA D 256 36.27 12.40 24.90
CA ALA D 256 36.98 13.66 24.99
C ALA D 256 38.41 13.37 24.62
N GLN D 257 38.92 12.27 25.16
CA GLN D 257 40.29 11.89 24.92
C GLN D 257 40.59 11.51 23.47
N LYS D 258 39.69 10.72 22.86
CA LYS D 258 39.84 10.32 21.47
C LYS D 258 39.85 11.53 20.54
N GLY D 259 39.03 12.53 20.88
CA GLY D 259 38.95 13.77 20.09
C GLY D 259 40.19 14.62 20.26
N LYS D 260 40.65 14.74 21.49
CA LYS D 260 41.90 15.41 21.79
C LYS D 260 43.01 14.77 20.96
N ASP D 261 43.00 13.45 20.84
CA ASP D 261 44.07 12.78 20.08
C ASP D 261 43.88 13.10 18.60
N ALA D 262 42.63 13.11 18.16
CA ALA D 262 42.36 13.40 16.76
C ALA D 262 42.94 14.78 16.46
N TRP D 263 42.69 15.74 17.33
CA TRP D 263 43.19 17.10 17.08
C TRP D 263 44.70 17.27 17.18
N ASN D 264 45.33 16.61 18.14
CA ASN D 264 46.78 16.71 18.23
C ASN D 264 47.45 16.04 17.04
N GLN D 265 46.83 14.97 16.55
CA GLN D 265 47.34 14.29 15.37
C GLN D 265 47.54 15.29 14.22
N VAL D 266 46.57 16.17 14.00
CA VAL D 266 46.70 17.14 12.92
C VAL D 266 47.41 18.42 13.33
N LEU D 267 47.07 18.93 14.51
CA LEU D 267 47.71 20.16 14.99
C LEU D 267 49.19 19.97 15.08
N GLY D 268 49.59 18.76 15.42
CA GLY D 268 50.97 18.48 15.75
C GLY D 268 51.88 18.42 14.55
N LYS D 269 51.30 18.43 13.35
CA LYS D 269 52.11 18.38 12.13
C LYS D 269 52.96 19.64 12.02
N ILE D 270 52.61 20.67 12.79
CA ILE D 270 53.45 21.82 12.91
C ILE D 270 53.84 22.11 14.35
N GLU D 271 55.13 22.02 14.66
CA GLU D 271 55.62 22.30 16.01
C GLU D 271 56.36 23.63 16.06
N VAL D 272 55.71 24.66 16.59
CA VAL D 272 56.37 25.92 16.76
C VAL D 272 56.84 26.13 18.20
N GLU D 273 58.10 26.55 18.37
CA GLU D 273 58.62 26.89 19.70
C GLU D 273 59.44 28.18 19.69
N GLY D 274 59.67 28.74 20.88
CA GLY D 274 60.30 30.06 21.01
C GLY D 274 59.37 31.22 20.67
N GLY D 275 58.25 31.30 21.36
CA GLY D 275 57.33 32.45 21.23
C GLY D 275 56.68 32.70 22.58
N ASN D 276 55.87 33.73 22.69
CA ASN D 276 55.14 33.94 23.95
C ASN D 276 53.79 33.23 23.93
N LEU D 277 53.08 33.27 25.05
CA LEU D 277 51.82 32.52 25.17
C LEU D 277 50.77 32.98 24.16
N ASP D 278 50.70 34.29 23.92
CA ASP D 278 49.75 34.86 22.95
C ASP D 278 49.89 34.26 21.58
N GLN D 279 51.14 34.08 21.20
CA GLN D 279 51.50 33.67 19.86
C GLN D 279 51.15 32.19 19.65
N TYR D 280 51.47 31.35 20.63
CA TYR D 280 51.15 29.94 20.56
C TYR D 280 49.65 29.77 20.41
N ARG D 281 48.91 30.55 21.17
CA ARG D 281 47.48 30.46 21.17
C ARG D 281 46.99 31.00 19.86
N THR D 282 47.53 32.13 19.45
CA THR D 282 47.04 32.75 18.23
C THR D 282 47.26 31.79 17.08
N PHE D 283 48.45 31.18 17.08
CA PHE D 283 48.87 30.30 16.02
C PHE D 283 48.04 29.03 15.94
N TYR D 284 47.95 28.28 17.03
CA TYR D 284 47.21 27.04 17.01
C TYR D 284 45.68 27.22 16.94
N SER D 285 45.18 28.37 17.36
CA SER D 285 43.77 28.63 17.21
C SER D 285 43.52 28.83 15.73
N CYS D 286 44.44 29.52 15.06
CA CYS D 286 44.36 29.70 13.60
C CYS D 286 44.48 28.36 12.84
N LEU D 287 45.29 27.44 13.36
CA LEU D 287 45.48 26.15 12.70
C LEU D 287 44.20 25.35 12.83
N TYR D 288 43.57 25.48 13.98
CA TYR D 288 42.32 24.79 14.24
C TYR D 288 41.27 25.26 13.25
N ARG D 289 41.11 26.57 13.11
CA ARG D 289 40.15 27.11 12.14
C ARG D 289 40.50 26.67 10.72
N SER D 290 41.72 26.19 10.50
CA SER D 290 42.17 25.87 9.16
C SER D 290 41.90 24.42 8.79
N LEU D 291 41.25 23.69 9.70
CA LEU D 291 41.09 22.26 9.54
C LEU D 291 39.64 21.86 9.72
N LEU D 292 38.77 22.84 9.62
CA LEU D 292 37.35 22.62 9.78
C LEU D 292 36.60 22.51 8.44
N PHE D 293 36.87 23.43 7.50
CA PHE D 293 36.15 23.51 6.21
C PHE D 293 37.11 23.27 5.05
N PRO D 294 36.59 22.73 3.90
CA PRO D 294 35.19 22.32 3.73
C PRO D 294 34.95 21.04 4.51
N ARG D 295 33.71 20.78 4.90
CA ARG D 295 33.41 19.62 5.77
C ARG D 295 33.20 18.29 5.01
N LYS D 296 33.52 17.17 5.63
CA LYS D 296 33.12 15.87 5.06
C LYS D 296 31.63 15.95 4.88
N PHE D 297 31.15 15.52 3.72
CA PHE D 297 29.72 15.45 3.46
C PHE D 297 29.33 14.03 3.03
N TYR D 298 30.23 13.08 3.30
CA TYR D 298 29.99 11.66 3.03
C TYR D 298 29.88 10.82 4.33
N GLU D 299 29.42 9.59 4.17
CA GLU D 299 29.13 8.71 5.27
C GLU D 299 29.65 7.30 4.91
N LEU D 300 29.76 6.41 5.89
CA LEU D 300 30.33 5.09 5.66
C LEU D 300 29.23 4.04 5.55
N ASP D 301 29.32 3.20 4.50
CA ASP D 301 28.36 2.10 4.33
C ASP D 301 28.82 0.91 5.12
N ALA D 302 28.11 -0.20 5.00
CA ALA D 302 28.39 -1.38 5.81
C ALA D 302 29.81 -1.88 5.58
N ASN D 303 30.31 -1.75 4.36
CA ASN D 303 31.67 -2.15 4.08
C ASN D 303 32.67 -1.03 4.35
N GLY D 304 32.23 0.04 4.98
CA GLY D 304 33.13 1.13 5.34
C GLY D 304 33.59 1.85 4.10
N GLN D 305 32.71 1.96 3.10
CA GLN D 305 33.00 2.69 1.88
C GLN D 305 32.23 3.99 1.88
N PRO D 306 32.88 5.06 1.40
CA PRO D 306 32.24 6.35 1.36
C PRO D 306 31.00 6.36 0.45
N ILE D 307 29.90 6.88 0.98
CA ILE D 307 28.75 7.12 0.18
C ILE D 307 28.25 8.50 0.55
N HIS D 308 27.27 9.02 -0.17
CA HIS D 308 26.83 10.33 0.15
C HIS D 308 25.49 10.72 -0.45
N TYR D 309 24.70 11.47 0.31
CA TYR D 309 23.64 12.23 -0.24
C TYR D 309 24.25 13.39 -1.03
N SER D 310 23.74 13.60 -2.24
CA SER D 310 24.22 14.64 -3.11
C SER D 310 23.33 15.85 -2.94
N PRO D 311 23.89 16.94 -2.39
CA PRO D 311 23.18 18.19 -2.17
C PRO D 311 22.95 18.95 -3.48
N TYR D 312 23.44 18.36 -4.57
CA TYR D 312 23.32 18.94 -5.91
C TYR D 312 22.13 18.36 -6.64
N ASN D 313 22.01 17.03 -6.65
CA ASN D 313 20.87 16.40 -7.32
C ASN D 313 20.00 15.53 -6.43
N GLY D 314 20.23 15.55 -5.11
CA GLY D 314 19.38 14.79 -4.16
C GLY D 314 19.39 13.26 -4.23
N GLN D 315 20.36 12.69 -4.94
CA GLN D 315 20.49 11.24 -5.05
C GLN D 315 21.46 10.77 -4.01
N VAL D 316 21.46 9.48 -3.72
CA VAL D 316 22.48 8.91 -2.83
C VAL D 316 23.50 8.12 -3.66
N LEU D 317 24.76 8.53 -3.60
CA LEU D 317 25.77 8.00 -4.52
C LEU D 317 27.05 7.64 -3.82
N PRO D 318 27.73 6.59 -4.31
CA PRO D 318 29.06 6.22 -3.80
C PRO D 318 30.07 7.34 -4.00
N GLY D 319 31.08 7.42 -3.13
CA GLY D 319 32.19 8.36 -3.31
C GLY D 319 32.25 9.58 -2.38
N TYR D 320 33.39 10.25 -2.39
CA TYR D 320 33.59 11.38 -1.50
C TYR D 320 32.78 12.57 -1.93
N MET D 321 32.47 13.41 -0.96
CA MET D 321 31.80 14.69 -1.13
C MET D 321 32.21 15.58 0.05
N PHE D 322 32.45 16.86 -0.21
CA PHE D 322 32.70 17.86 0.82
C PHE D 322 31.86 19.09 0.50
N THR D 323 31.84 20.08 1.40
CA THR D 323 31.05 21.29 1.20
C THR D 323 31.33 22.35 2.29
N ASP D 324 30.62 23.48 2.18
CA ASP D 324 30.75 24.67 3.02
C ASP D 324 32.12 25.37 2.89
N THR D 325 32.39 25.90 1.71
CA THR D 325 33.58 26.72 1.48
C THR D 325 33.35 27.54 0.22
N GLY D 326 33.82 28.78 0.24
CA GLY D 326 33.88 29.59 -0.97
C GLY D 326 35.31 29.62 -1.48
N PHE D 327 35.56 29.16 -2.71
CA PHE D 327 36.92 29.21 -3.23
C PHE D 327 37.39 30.65 -3.41
N TRP D 328 36.44 31.58 -3.45
CA TRP D 328 36.81 32.98 -3.52
C TRP D 328 37.74 33.28 -2.36
N ASP D 329 37.38 32.77 -1.17
CA ASP D 329 38.18 32.92 0.03
C ASP D 329 39.34 31.95 -0.04
N THR D 330 38.98 30.68 -0.11
CA THR D 330 39.88 29.60 0.25
C THR D 330 40.93 29.13 -0.77
N PHE D 331 40.89 29.61 -2.01
CA PHE D 331 41.93 29.23 -2.97
C PHE D 331 43.25 29.87 -2.60
N ARG D 332 43.17 31.00 -1.90
CA ARG D 332 44.33 31.87 -1.65
C ARG D 332 45.43 31.23 -0.84
N CYS D 333 45.12 30.66 0.32
CA CYS D 333 46.14 29.86 0.97
C CYS D 333 45.56 28.80 1.86
N LEU D 334 44.25 28.73 1.97
CA LEU D 334 43.64 27.66 2.75
C LEU D 334 43.96 26.29 2.14
N PHE D 335 43.64 26.12 0.86
CA PHE D 335 43.85 24.83 0.20
C PHE D 335 45.31 24.51 0.01
N PRO D 336 46.11 25.53 -0.28
CA PRO D 336 47.55 25.37 -0.41
C PRO D 336 48.11 24.79 0.86
N LEU D 337 47.54 25.18 1.99
CA LEU D 337 48.01 24.67 3.25
C LEU D 337 47.78 23.17 3.27
N LEU D 338 46.58 22.78 2.82
CA LEU D 338 46.22 21.37 2.86
C LEU D 338 47.17 20.65 1.94
N ASN D 339 47.40 21.21 0.76
CA ASN D 339 48.29 20.56 -0.20
C ASN D 339 49.70 20.34 0.35
N LEU D 340 50.14 21.24 1.22
CA LEU D 340 51.47 21.14 1.78
C LEU D 340 51.50 20.20 2.99
N MET D 341 50.58 20.40 3.94
CA MET D 341 50.59 19.63 5.19
C MET D 341 49.68 18.41 5.29
N TYR D 342 48.58 18.40 4.52
CA TYR D 342 47.53 17.38 4.65
C TYR D 342 47.07 16.95 3.28
N PRO D 343 48.01 16.55 2.42
CA PRO D 343 47.60 16.26 1.06
C PRO D 343 46.56 15.14 0.99
N SER D 344 46.73 14.06 1.78
CA SER D 344 45.76 12.94 1.71
C SER D 344 44.31 13.37 1.99
N VAL D 345 44.15 14.39 2.82
CA VAL D 345 42.82 14.95 3.08
C VAL D 345 42.28 15.61 1.83
N ASN D 346 43.07 16.50 1.24
CA ASN D 346 42.59 17.23 0.08
C ASN D 346 42.31 16.29 -1.11
N LYS D 347 42.90 15.09 -1.07
CA LYS D 347 42.66 14.08 -2.07
C LYS D 347 41.19 13.69 -2.03
N GLU D 348 40.71 13.40 -0.83
CA GLU D 348 39.29 13.14 -0.62
C GLU D 348 38.51 14.35 -1.14
N MET D 349 39.01 15.54 -0.90
CA MET D 349 38.30 16.74 -1.32
C MET D 349 38.25 16.92 -2.84
N GLN D 350 39.38 16.68 -3.51
CA GLN D 350 39.42 16.76 -4.94
C GLN D 350 38.46 15.77 -5.58
N GLU D 351 38.49 14.53 -5.11
CA GLU D 351 37.53 13.56 -5.60
C GLU D 351 36.12 14.10 -5.31
N GLY D 352 35.94 14.69 -4.13
CA GLY D 352 34.64 15.32 -3.80
C GLY D 352 34.22 16.26 -4.91
N LEU D 353 35.16 17.02 -5.44
CA LEU D 353 34.84 18.00 -6.48
C LEU D 353 34.45 17.35 -7.81
N ILE D 354 35.14 16.26 -8.18
CA ILE D 354 34.80 15.55 -9.41
C ILE D 354 33.35 15.11 -9.33
N ASN D 355 32.98 14.58 -8.17
CA ASN D 355 31.61 14.19 -7.96
C ASN D 355 30.65 15.35 -8.09
N THR D 356 31.00 16.49 -7.52
CA THR D 356 30.15 17.68 -7.66
C THR D 356 29.96 18.06 -9.10
N TYR D 357 31.02 17.89 -9.89
CA TYR D 357 30.93 18.27 -11.29
C TYR D 357 30.07 17.27 -12.03
N LEU D 358 30.33 15.99 -11.79
CA LEU D 358 29.49 14.92 -12.31
C LEU D 358 28.04 15.13 -11.88
N GLU D 359 27.83 15.62 -10.67
CA GLU D 359 26.48 15.58 -10.11
C GLU D 359 25.65 16.79 -10.50
N SER D 360 26.30 17.91 -10.77
CA SER D 360 25.57 19.16 -10.89
C SER D 360 25.75 19.79 -12.26
N GLY D 361 26.76 19.33 -13.01
CA GLY D 361 27.14 19.96 -14.27
C GLY D 361 28.23 21.04 -14.16
N PHE D 362 28.50 21.50 -12.95
CA PHE D 362 29.55 22.52 -12.74
C PHE D 362 30.43 22.17 -11.55
N PHE D 363 31.70 22.53 -11.65
CA PHE D 363 32.53 22.64 -10.46
C PHE D 363 31.96 23.79 -9.65
N PRO D 364 32.02 23.67 -8.32
CA PRO D 364 31.43 24.69 -7.47
C PRO D 364 32.39 25.86 -7.24
N GLU D 365 31.84 26.98 -6.80
CA GLU D 365 32.63 28.12 -6.35
C GLU D 365 32.29 28.29 -4.87
N TRP D 366 31.04 28.65 -4.60
CA TRP D 366 30.56 28.69 -3.24
C TRP D 366 29.50 27.59 -3.08
N ALA D 367 29.73 26.69 -2.13
CA ALA D 367 28.82 25.59 -1.84
C ALA D 367 28.37 25.59 -0.36
N SER D 368 27.07 25.46 -0.11
CA SER D 368 26.59 25.31 1.27
C SER D 368 25.11 25.01 1.31
N PRO D 369 24.72 23.73 1.16
CA PRO D 369 25.58 22.57 0.81
C PRO D 369 25.82 22.47 -0.70
N GLY D 370 24.81 22.79 -1.49
CA GLY D 370 24.91 22.75 -2.94
C GLY D 370 25.25 24.14 -3.39
N HIS D 371 25.11 24.41 -4.68
CA HIS D 371 25.50 25.68 -5.27
C HIS D 371 24.80 26.93 -4.69
N ARG D 372 25.62 27.91 -4.33
CA ARG D 372 25.13 29.06 -3.55
C ARG D 372 25.55 30.33 -4.23
N GLY D 373 24.62 31.29 -4.26
CA GLY D 373 24.85 32.56 -4.95
C GLY D 373 25.69 33.53 -4.14
N CYS D 374 27.02 33.39 -4.23
CA CYS D 374 27.88 34.22 -3.38
C CYS D 374 29.28 34.49 -3.95
N MET D 375 29.69 35.76 -3.94
CA MET D 375 30.99 36.22 -4.45
C MET D 375 31.22 36.01 -5.96
N VAL D 376 32.49 35.90 -6.36
CA VAL D 376 32.86 35.95 -7.79
C VAL D 376 34.14 35.19 -8.09
N GLY D 377 34.50 35.16 -9.36
CA GLY D 377 35.65 34.39 -9.82
C GLY D 377 35.36 32.95 -10.21
N ASN D 378 36.37 32.28 -10.75
CA ASN D 378 36.27 30.90 -11.21
C ASN D 378 37.37 30.10 -10.54
N ASN D 379 37.61 30.41 -9.27
CA ASN D 379 38.81 29.94 -8.63
C ASN D 379 38.86 28.45 -8.35
N SER D 380 37.76 27.74 -8.52
CA SER D 380 37.86 26.27 -8.51
C SER D 380 39.03 25.87 -9.38
N ALA D 381 39.22 26.61 -10.47
CA ALA D 381 40.31 26.31 -11.38
C ALA D 381 41.63 26.32 -10.65
N SER D 382 41.84 27.32 -9.81
CA SER D 382 43.07 27.38 -8.99
C SER D 382 43.17 26.21 -8.04
N ILE D 383 42.04 25.87 -7.42
CA ILE D 383 41.98 24.82 -6.41
C ILE D 383 42.31 23.47 -7.05
N LEU D 384 41.69 23.22 -8.20
CA LEU D 384 41.88 21.96 -8.91
C LEU D 384 43.31 21.85 -9.41
N VAL D 385 43.79 22.92 -10.03
CA VAL D 385 45.10 22.87 -10.61
C VAL D 385 46.18 22.75 -9.55
N ASP D 386 46.13 23.67 -8.57
CA ASP D 386 47.17 23.65 -7.55
C ASP D 386 47.32 22.26 -6.97
N ALA D 387 46.18 21.61 -6.72
CA ALA D 387 46.17 20.26 -6.17
C ALA D 387 46.95 19.31 -7.03
N TYR D 388 46.56 19.26 -8.30
CA TYR D 388 47.14 18.35 -9.26
C TYR D 388 48.64 18.60 -9.46
N MET D 389 49.03 19.86 -9.57
CA MET D 389 50.44 20.18 -9.75
C MET D 389 51.25 19.85 -8.53
N LYS D 390 50.59 19.63 -7.40
CA LYS D 390 51.31 19.33 -6.18
C LYS D 390 51.24 17.86 -5.83
N GLY D 391 50.80 17.06 -6.78
CA GLY D 391 50.85 15.61 -6.62
C GLY D 391 49.60 15.02 -5.99
N VAL D 392 48.59 15.87 -5.78
CA VAL D 392 47.29 15.40 -5.32
C VAL D 392 46.48 15.26 -6.58
N LYS D 393 46.39 14.03 -7.09
CA LYS D 393 45.85 13.81 -8.42
C LYS D 393 44.55 13.03 -8.37
N VAL D 394 43.49 13.61 -8.91
CA VAL D 394 42.22 12.87 -9.00
C VAL D 394 42.35 11.64 -9.90
N ASP D 395 41.48 10.65 -9.72
CA ASP D 395 41.55 9.47 -10.58
C ASP D 395 41.16 9.75 -12.01
N ASP D 396 40.12 10.58 -12.20
CA ASP D 396 39.62 10.87 -13.55
C ASP D 396 40.01 12.27 -14.10
N ILE D 397 41.27 12.37 -14.53
CA ILE D 397 41.85 13.61 -15.07
C ILE D 397 41.18 14.15 -16.35
N LYS D 398 40.63 13.25 -17.13
CA LYS D 398 39.95 13.63 -18.36
C LYS D 398 38.73 14.45 -18.00
N THR D 399 38.04 14.02 -16.95
CA THR D 399 36.80 14.66 -16.53
C THR D 399 37.16 15.93 -15.82
N LEU D 400 38.29 15.86 -15.13
CA LEU D 400 38.80 17.01 -14.46
C LEU D 400 38.94 18.13 -15.48
N TYR D 401 39.60 17.81 -16.58
CA TYR D 401 39.88 18.77 -17.61
C TYR D 401 38.62 19.29 -18.29
N GLU D 402 37.73 18.35 -18.62
CA GLU D 402 36.47 18.70 -19.26
C GLU D 402 35.69 19.66 -18.38
N GLY D 403 35.64 19.36 -17.08
CA GLY D 403 34.94 20.23 -16.13
C GLY D 403 35.50 21.65 -16.09
N LEU D 404 36.82 21.74 -16.00
CA LEU D 404 37.54 23.01 -16.06
C LEU D 404 37.17 23.87 -17.28
N ILE D 405 37.23 23.26 -18.45
CA ILE D 405 36.87 23.96 -19.67
C ILE D 405 35.38 24.29 -19.69
N HIS D 406 34.57 23.40 -19.14
CA HIS D 406 33.15 23.63 -19.10
C HIS D 406 32.78 24.93 -18.39
N GLY D 407 33.51 25.28 -17.33
CA GLY D 407 33.20 26.51 -16.60
C GLY D 407 33.63 27.81 -17.27
N THR D 408 34.58 27.71 -18.21
CA THR D 408 35.06 28.88 -18.92
C THR D 408 34.03 29.38 -19.92
N GLU D 409 33.07 28.54 -20.30
CA GLU D 409 32.07 29.02 -21.27
C GLU D 409 30.61 28.86 -20.92
N ASN D 410 30.33 28.70 -19.62
CA ASN D 410 28.96 28.54 -19.14
C ASN D 410 28.80 29.24 -17.82
N VAL D 411 27.61 29.74 -17.55
CA VAL D 411 27.31 30.19 -16.20
C VAL D 411 26.08 29.44 -15.75
N HIS D 412 26.12 28.94 -14.51
CA HIS D 412 24.97 28.24 -13.98
C HIS D 412 23.74 29.12 -14.15
N PRO D 413 22.64 28.51 -14.58
CA PRO D 413 21.37 29.17 -14.83
C PRO D 413 20.67 29.79 -13.60
N GLU D 414 20.90 29.31 -12.38
CA GLU D 414 20.31 30.03 -11.21
C GLU D 414 21.32 30.60 -10.22
N VAL D 415 22.58 30.28 -10.41
CA VAL D 415 23.60 30.70 -9.49
C VAL D 415 24.70 31.37 -10.26
N SER D 416 24.62 32.70 -10.30
CA SER D 416 25.50 33.51 -11.12
C SER D 416 26.97 33.39 -10.72
N SER D 417 27.22 32.92 -9.50
CA SER D 417 28.60 32.81 -8.99
C SER D 417 29.21 31.47 -9.34
N THR D 418 28.41 30.63 -9.98
CA THR D 418 28.87 29.32 -10.39
C THR D 418 29.07 29.35 -11.90
N GLY D 419 30.19 28.78 -12.38
CA GLY D 419 30.62 28.96 -13.77
C GLY D 419 31.17 30.37 -13.93
N ARG D 420 31.20 30.91 -15.15
CA ARG D 420 31.68 32.28 -15.33
C ARG D 420 30.57 33.19 -15.74
N LEU D 421 30.19 34.11 -14.87
CA LEU D 421 29.21 35.09 -15.26
C LEU D 421 29.95 36.00 -16.26
N GLY D 422 29.23 36.52 -17.26
CA GLY D 422 29.83 37.33 -18.33
C GLY D 422 30.93 36.75 -19.21
N TYR D 423 31.02 35.42 -19.37
CA TYR D 423 32.06 34.82 -20.23
C TYR D 423 32.05 35.31 -21.70
N GLU D 424 30.88 35.58 -22.27
CA GLU D 424 30.82 36.02 -23.69
C GLU D 424 31.71 37.22 -23.82
N TYR D 425 31.41 38.25 -23.04
CA TYR D 425 32.18 39.49 -23.04
C TYR D 425 33.64 39.21 -22.81
N TYR D 426 33.93 38.39 -21.81
CA TYR D 426 35.30 38.16 -21.46
C TYR D 426 36.06 37.41 -22.57
N ASN D 427 35.42 36.40 -23.14
CA ASN D 427 36.06 35.60 -24.16
C ASN D 427 36.33 36.42 -25.44
N LYS D 428 35.39 37.30 -25.74
CA LYS D 428 35.41 38.19 -26.89
C LYS D 428 36.30 39.44 -26.69
N LEU D 429 35.97 40.30 -25.72
CA LEU D 429 36.70 41.56 -25.52
C LEU D 429 37.99 41.41 -24.70
N GLY D 430 38.03 40.40 -23.82
CA GLY D 430 39.20 40.21 -22.96
C GLY D 430 38.96 40.79 -21.59
N TYR D 431 37.70 41.07 -21.28
CA TYR D 431 37.34 41.67 -20.01
C TYR D 431 35.82 41.73 -19.86
N VAL D 432 35.32 41.92 -18.64
CA VAL D 432 33.90 42.10 -18.46
C VAL D 432 33.61 43.58 -18.31
N PRO D 433 32.88 44.15 -19.25
CA PRO D 433 32.52 45.56 -19.30
C PRO D 433 31.93 46.10 -18.00
N TYR D 434 32.30 47.33 -17.72
CA TYR D 434 31.83 48.02 -16.54
C TYR D 434 30.38 48.45 -16.76
N ASP D 435 29.90 48.39 -17.99
CA ASP D 435 28.65 49.08 -18.31
C ASP D 435 27.49 48.21 -18.83
N VAL D 436 27.62 46.89 -18.67
CA VAL D 436 26.65 45.96 -19.23
C VAL D 436 25.75 45.28 -18.20
N LYS D 437 25.44 45.95 -17.10
CA LYS D 437 24.67 45.33 -16.00
C LYS D 437 25.34 44.14 -15.23
N ILE D 438 26.64 43.91 -15.40
CA ILE D 438 27.31 42.86 -14.62
C ILE D 438 28.23 43.41 -13.55
N ASN D 439 27.70 43.49 -12.33
CA ASN D 439 28.44 44.03 -11.20
C ASN D 439 29.77 43.34 -10.88
N GLU D 440 30.68 44.08 -10.26
CA GLU D 440 31.94 43.51 -9.82
C GLU D 440 32.74 42.95 -10.98
N ASN D 441 32.51 43.54 -12.14
CA ASN D 441 33.11 43.11 -13.40
C ASN D 441 34.63 43.20 -13.48
N ALA D 442 35.22 44.23 -12.89
CA ALA D 442 36.68 44.33 -12.89
C ALA D 442 37.28 43.21 -12.06
N ALA D 443 36.68 43.00 -10.89
CA ALA D 443 37.09 41.89 -10.04
C ALA D 443 36.98 40.57 -10.78
N ARG D 444 35.81 40.31 -11.35
CA ARG D 444 35.61 39.04 -12.05
C ARG D 444 36.70 38.85 -13.09
N THR D 445 36.83 39.85 -13.93
CA THR D 445 37.86 39.84 -14.97
C THR D 445 39.23 39.51 -14.42
N LEU D 446 39.67 40.28 -13.44
CA LEU D 446 40.99 40.09 -12.87
C LEU D 446 41.30 38.68 -12.39
N GLU D 447 40.32 38.06 -11.75
CA GLU D 447 40.50 36.70 -11.27
C GLU D 447 40.31 35.68 -12.39
N TYR D 448 39.34 35.93 -13.27
CA TYR D 448 39.17 35.09 -14.48
C TYR D 448 40.53 34.92 -15.18
N ALA D 449 41.26 36.03 -15.32
CA ALA D 449 42.59 35.99 -15.91
C ALA D 449 43.43 34.97 -15.16
N TYR D 450 43.48 35.11 -13.84
CA TYR D 450 44.29 34.19 -13.03
C TYR D 450 43.88 32.75 -13.22
N ASP D 451 42.58 32.51 -13.19
CA ASP D 451 42.07 31.14 -13.34
C ASP D 451 42.60 30.62 -14.66
N ASP D 452 42.43 31.42 -15.71
CA ASP D 452 42.87 31.04 -17.05
C ASP D 452 44.35 30.68 -17.04
N TRP D 453 45.16 31.45 -16.34
CA TRP D 453 46.57 31.10 -16.24
C TRP D 453 46.74 29.70 -15.66
N CYS D 454 45.88 29.36 -14.70
CA CYS D 454 45.94 28.04 -14.06
C CYS D 454 45.60 26.95 -15.06
N ILE D 455 44.52 27.16 -15.79
CA ILE D 455 44.05 26.22 -16.80
C ILE D 455 45.15 26.00 -17.82
N TYR D 456 45.79 27.10 -18.21
CA TYR D 456 46.96 27.02 -19.08
C TYR D 456 48.01 26.07 -18.51
N ARG D 457 48.24 26.12 -17.21
CA ARG D 457 49.31 25.32 -16.64
C ARG D 457 49.03 23.83 -16.73
N LEU D 458 47.78 23.47 -16.46
CA LEU D 458 47.36 22.08 -16.50
C LEU D 458 47.36 21.56 -17.93
N ALA D 459 46.87 22.41 -18.83
CA ALA D 459 46.85 22.10 -20.25
C ALA D 459 48.26 21.76 -20.76
N LYS D 460 49.21 22.63 -20.45
CA LYS D 460 50.58 22.40 -20.84
C LYS D 460 51.07 21.10 -20.24
N GLU D 461 50.67 20.86 -19.00
CA GLU D 461 51.12 19.69 -18.26
C GLU D 461 50.61 18.42 -18.92
N LEU D 462 49.41 18.51 -19.47
CA LEU D 462 48.69 17.36 -20.02
C LEU D 462 48.92 17.19 -21.53
N LYS D 463 49.85 17.97 -22.08
CA LYS D 463 50.10 17.96 -23.52
C LYS D 463 48.89 18.34 -24.37
N ARG D 464 48.06 19.27 -23.94
CA ARG D 464 46.90 19.60 -24.76
C ARG D 464 47.39 19.99 -26.14
N PRO D 465 46.46 20.10 -27.09
CA PRO D 465 46.64 20.69 -28.41
C PRO D 465 47.20 22.12 -28.33
N LYS D 466 48.06 22.47 -29.28
CA LYS D 466 48.75 23.75 -29.24
C LYS D 466 47.81 24.94 -29.18
N LYS D 467 46.70 24.90 -29.90
CA LYS D 467 45.80 26.06 -29.88
C LYS D 467 45.09 26.22 -28.53
N GLU D 468 45.00 25.15 -27.74
CA GLU D 468 44.34 25.22 -26.44
C GLU D 468 45.21 26.01 -25.45
N ILE D 469 46.44 25.52 -25.25
CA ILE D 469 47.43 26.23 -24.46
C ILE D 469 47.42 27.69 -24.86
N SER D 470 47.62 27.94 -26.14
CA SER D 470 47.74 29.31 -26.63
C SER D 470 46.52 30.14 -26.30
N LEU D 471 45.36 29.50 -26.23
CA LEU D 471 44.12 30.26 -25.96
C LEU D 471 44.08 30.77 -24.52
N PHE D 472 44.55 29.95 -23.58
CA PHE D 472 44.54 30.39 -22.20
C PHE D 472 45.78 31.23 -21.88
N ALA D 473 46.83 31.08 -22.68
CA ALA D 473 48.05 31.86 -22.50
C ALA D 473 47.77 33.30 -22.83
N LYS D 474 46.88 33.53 -23.79
CA LYS D 474 46.51 34.88 -24.13
C LYS D 474 45.47 35.40 -23.14
N ARG D 475 44.55 34.53 -22.74
CA ARG D 475 43.53 34.97 -21.78
C ARG D 475 44.18 35.33 -20.43
N ALA D 476 45.20 34.57 -20.06
CA ALA D 476 46.00 34.87 -18.90
C ALA D 476 46.31 36.36 -18.80
N MET D 477 46.65 36.98 -19.93
CA MET D 477 47.16 38.35 -19.90
C MET D 477 46.04 39.34 -19.84
N ASN D 478 44.81 38.84 -19.82
CA ASN D 478 43.65 39.73 -19.87
C ASN D 478 43.61 40.83 -18.83
N TYR D 479 44.40 40.69 -17.77
CA TYR D 479 44.41 41.72 -16.75
C TYR D 479 44.81 43.05 -17.40
N LYS D 480 45.76 42.97 -18.34
CA LYS D 480 46.25 44.14 -19.04
C LYS D 480 45.08 44.98 -19.53
N ASN D 481 44.01 44.33 -19.95
CA ASN D 481 42.89 45.06 -20.54
C ASN D 481 42.17 46.02 -19.60
N LEU D 482 42.54 46.02 -18.33
CA LEU D 482 41.89 46.90 -17.36
C LEU D 482 42.86 47.86 -16.70
N PHE D 483 44.14 47.69 -17.00
CA PHE D 483 45.15 48.59 -16.46
C PHE D 483 45.05 50.03 -17.00
N ASP D 484 45.26 51.02 -16.13
CA ASP D 484 45.08 52.43 -16.49
C ASP D 484 46.32 53.27 -16.14
N LYS D 485 47.10 53.62 -17.17
CA LYS D 485 48.49 54.09 -16.99
C LYS D 485 48.64 55.41 -16.23
N GLU D 486 47.56 56.22 -16.22
CA GLU D 486 47.57 57.52 -15.55
C GLU D 486 47.60 57.47 -14.01
N SER D 487 46.77 56.61 -13.44
CA SER D 487 46.78 56.37 -12.00
C SER D 487 47.66 55.16 -11.69
N LYS D 488 47.94 54.37 -12.70
CA LYS D 488 48.76 53.18 -12.52
C LYS D 488 48.02 52.13 -11.69
N LEU D 489 46.69 52.09 -11.87
CA LEU D 489 45.81 51.13 -11.21
C LEU D 489 44.84 50.40 -12.17
N MET D 490 44.19 49.34 -11.68
CA MET D 490 43.13 48.66 -12.42
C MET D 490 41.83 49.47 -12.39
N ARG D 491 41.03 49.41 -13.46
CA ARG D 491 39.87 50.30 -13.57
C ARG D 491 38.80 49.75 -14.47
N GLY D 492 37.55 50.04 -14.12
CA GLY D 492 36.43 49.58 -14.91
C GLY D 492 36.52 50.13 -16.30
N ARG D 493 36.28 49.26 -17.28
CA ARG D 493 36.30 49.63 -18.69
C ARG D 493 34.95 49.36 -19.36
N ASN D 494 34.44 50.33 -20.15
CA ASN D 494 33.15 50.16 -20.84
C ASN D 494 33.24 49.21 -22.01
N GLU D 495 32.08 48.93 -22.61
CA GLU D 495 31.96 48.02 -23.74
C GLU D 495 32.69 48.56 -24.97
N ASP D 496 32.58 49.87 -25.19
CA ASP D 496 33.20 50.46 -26.38
C ASP D 496 34.73 50.54 -26.29
N GLY D 497 35.28 50.32 -25.11
CA GLY D 497 36.73 50.34 -24.97
C GLY D 497 37.23 51.45 -24.05
N THR D 498 36.46 52.52 -23.94
CA THR D 498 36.80 53.65 -23.07
C THR D 498 36.74 53.25 -21.58
N PHE D 499 37.63 53.81 -20.77
CA PHE D 499 37.55 53.62 -19.33
C PHE D 499 36.38 54.41 -18.77
N GLN D 500 35.84 53.96 -17.64
CA GLN D 500 34.62 54.55 -17.08
C GLN D 500 34.93 55.84 -16.35
N SER D 501 33.94 56.74 -16.30
CA SER D 501 34.12 58.02 -15.61
C SER D 501 32.81 58.57 -15.06
N PRO D 502 32.90 59.31 -13.93
CA PRO D 502 34.16 59.64 -13.25
C PRO D 502 34.83 58.42 -12.59
N PHE D 503 36.14 58.46 -12.40
CA PHE D 503 36.83 57.35 -11.73
C PHE D 503 37.35 57.64 -10.31
N SER D 504 36.86 56.89 -9.33
CA SER D 504 37.32 56.96 -7.95
C SER D 504 37.94 55.64 -7.48
N PRO D 505 39.26 55.60 -7.30
CA PRO D 505 39.91 54.38 -6.82
C PRO D 505 39.67 54.11 -5.32
N LEU D 506 38.84 54.94 -4.69
CA LEU D 506 38.44 54.72 -3.29
C LEU D 506 36.99 54.26 -3.18
N LYS D 507 36.31 54.18 -4.32
CA LYS D 507 34.97 53.65 -4.30
C LYS D 507 35.06 52.16 -4.01
N TRP D 508 34.24 51.68 -3.08
CA TRP D 508 34.22 50.25 -2.80
C TRP D 508 33.07 49.68 -3.59
N GLY D 509 33.23 48.48 -4.12
CA GLY D 509 32.15 47.84 -4.85
C GLY D 509 32.22 48.18 -6.31
N ASP D 510 31.05 48.36 -6.94
CA ASP D 510 30.97 48.67 -8.36
C ASP D 510 31.83 47.76 -9.23
N ALA D 511 32.96 48.27 -9.68
CA ALA D 511 33.80 47.49 -10.56
C ALA D 511 34.39 46.33 -9.80
N PHE D 512 34.51 46.50 -8.49
CA PHE D 512 35.24 45.56 -7.67
C PHE D 512 34.36 44.89 -6.62
N THR D 513 34.91 43.83 -6.04
CA THR D 513 34.19 43.03 -5.07
C THR D 513 34.78 43.22 -3.67
N GLU D 514 33.99 43.82 -2.78
CA GLU D 514 34.37 44.07 -1.37
C GLU D 514 35.77 44.67 -1.31
N GLY D 515 35.92 45.72 -2.11
CA GLY D 515 37.20 46.39 -2.26
C GLY D 515 37.12 47.61 -3.15
N ASN D 516 38.25 48.28 -3.27
CA ASN D 516 38.39 49.33 -4.25
C ASN D 516 39.63 49.02 -5.02
N SER D 517 39.96 49.87 -5.98
CA SER D 517 41.09 49.63 -6.86
C SER D 517 42.41 49.48 -6.12
N TRP D 518 42.57 50.23 -5.03
CA TRP D 518 43.81 50.13 -4.30
C TRP D 518 44.00 48.70 -3.79
N HIS D 519 42.90 48.06 -3.43
CA HIS D 519 43.00 46.67 -2.99
C HIS D 519 43.14 45.73 -4.16
N TYR D 520 42.24 45.85 -5.13
CA TYR D 520 42.13 44.85 -6.20
C TYR D 520 43.23 44.86 -7.27
N THR D 521 43.79 46.04 -7.53
CA THR D 521 44.82 46.17 -8.53
C THR D 521 45.95 45.18 -8.33
N TRP D 522 46.05 44.60 -7.15
CA TRP D 522 47.20 43.76 -6.91
C TRP D 522 46.87 42.34 -7.25
N SER D 523 45.71 42.12 -7.85
CA SER D 523 45.29 40.75 -8.11
C SER D 523 45.89 40.15 -9.39
N VAL D 524 47.18 39.83 -9.37
CA VAL D 524 47.81 39.25 -10.55
C VAL D 524 48.87 38.31 -10.08
N PHE D 525 48.44 37.18 -9.52
CA PHE D 525 49.31 36.37 -8.71
C PHE D 525 50.30 35.64 -9.57
N HIS D 526 49.90 35.39 -10.80
CA HIS D 526 50.73 34.65 -11.72
C HIS D 526 51.73 35.54 -12.48
N ASP D 527 51.44 36.83 -12.56
CA ASP D 527 52.30 37.74 -13.33
C ASP D 527 52.48 39.11 -12.68
N PRO D 528 53.16 39.14 -11.54
CA PRO D 528 53.58 40.38 -10.88
C PRO D 528 54.64 41.16 -11.69
N GLN D 529 55.63 40.46 -12.23
CA GLN D 529 56.60 41.10 -13.09
C GLN D 529 55.81 41.85 -14.16
N GLY D 530 54.79 41.18 -14.68
CA GLY D 530 53.91 41.82 -15.64
C GLY D 530 53.25 43.07 -15.10
N LEU D 531 52.90 43.08 -13.82
CA LEU D 531 52.21 44.24 -13.25
C LEU D 531 53.18 45.40 -13.04
N ILE D 532 54.41 45.03 -12.66
CA ILE D 532 55.47 46.00 -12.49
C ILE D 532 55.75 46.76 -13.78
N ASP D 533 55.99 46.01 -14.86
CA ASP D 533 56.23 46.59 -16.17
C ASP D 533 55.16 47.62 -16.49
N LEU D 534 53.91 47.30 -16.16
CA LEU D 534 52.77 48.15 -16.44
C LEU D 534 52.80 49.51 -15.75
N MET D 535 53.34 49.54 -14.54
CA MET D 535 53.38 50.79 -13.76
C MET D 535 54.63 51.63 -14.06
N GLY D 536 55.57 51.07 -14.83
CA GLY D 536 56.78 51.78 -15.21
C GLY D 536 57.94 51.52 -14.28
N GLY D 537 58.37 50.26 -14.21
CA GLY D 537 59.52 49.88 -13.39
C GLY D 537 59.22 49.63 -11.92
N LYS D 538 60.08 48.84 -11.29
CA LYS D 538 59.87 48.41 -9.92
C LYS D 538 59.80 49.55 -8.91
N GLU D 539 60.64 50.56 -9.06
CA GLU D 539 60.63 51.67 -8.11
C GLU D 539 59.25 52.34 -8.09
N MET D 540 58.72 52.66 -9.25
CA MET D 540 57.44 53.36 -9.28
C MET D 540 56.36 52.39 -8.83
N PHE D 541 56.68 51.11 -8.90
CA PHE D 541 55.80 50.04 -8.45
C PHE D 541 55.75 50.08 -6.92
N VAL D 542 56.93 49.98 -6.32
CA VAL D 542 57.08 50.05 -4.89
C VAL D 542 56.51 51.35 -4.37
N THR D 543 56.75 52.42 -5.13
CA THR D 543 56.18 53.70 -4.77
C THR D 543 54.68 53.64 -4.66
N MET D 544 54.07 52.75 -5.45
CA MET D 544 52.62 52.51 -5.39
C MET D 544 52.22 51.61 -4.19
N MET D 545 52.98 50.54 -3.95
CA MET D 545 52.73 49.67 -2.79
C MET D 545 52.77 50.45 -1.47
N ASP D 546 53.83 51.24 -1.27
CA ASP D 546 53.96 52.07 -0.08
C ASP D 546 52.77 52.98 0.11
N SER D 547 52.25 53.50 -1.00
CA SER D 547 51.17 54.46 -0.97
C SER D 547 49.96 53.91 -0.26
N VAL D 548 49.81 52.59 -0.30
CA VAL D 548 48.66 51.93 0.28
C VAL D 548 48.62 52.15 1.79
N PHE D 549 49.80 52.04 2.39
CA PHE D 549 49.92 52.25 3.81
C PHE D 549 49.83 53.72 4.19
N ALA D 550 50.57 54.55 3.45
CA ALA D 550 50.74 55.95 3.83
C ALA D 550 49.49 56.81 3.59
N VAL D 551 48.67 56.41 2.64
CA VAL D 551 47.43 57.11 2.39
C VAL D 551 46.48 56.99 3.57
N PRO D 552 45.71 58.05 3.85
CA PRO D 552 44.60 57.91 4.79
C PRO D 552 43.68 56.77 4.38
N PRO D 553 42.77 56.35 5.29
CA PRO D 553 41.71 55.39 4.97
C PRO D 553 40.34 56.01 4.67
N ILE D 554 40.29 56.87 3.65
CA ILE D 554 39.01 57.37 3.14
C ILE D 554 38.37 56.38 2.15
N PHE D 555 37.10 56.61 1.83
CA PHE D 555 36.30 55.61 1.14
C PHE D 555 34.95 56.13 0.62
N ASP D 556 34.52 55.59 -0.54
CA ASP D 556 33.19 55.84 -1.08
C ASP D 556 32.32 54.60 -0.93
N ASP D 557 31.21 54.74 -0.20
CA ASP D 557 30.33 53.61 0.09
C ASP D 557 29.02 53.63 -0.72
N SER D 558 28.89 54.57 -1.66
CA SER D 558 27.62 54.73 -2.39
C SER D 558 27.13 53.39 -2.95
N TYR D 559 28.02 52.64 -3.57
CA TYR D 559 27.63 51.34 -4.10
C TYR D 559 26.81 50.59 -3.08
N TYR D 560 27.30 50.56 -1.85
CA TYR D 560 26.65 49.85 -0.76
C TYR D 560 25.55 50.62 -0.02
N GLY D 561 25.63 51.96 0.02
CA GLY D 561 24.56 52.78 0.65
C GLY D 561 24.51 52.81 2.17
N GLN D 562 25.53 52.26 2.80
CA GLN D 562 25.69 52.23 4.24
C GLN D 562 27.13 51.79 4.47
N VAL D 563 27.62 51.95 5.68
CA VAL D 563 29.00 51.58 5.99
C VAL D 563 29.11 50.08 6.32
N ILE D 564 29.36 49.23 5.32
CA ILE D 564 29.48 47.81 5.61
C ILE D 564 30.73 47.56 6.45
N HIS D 565 30.69 46.47 7.20
CA HIS D 565 31.70 46.23 8.21
C HIS D 565 33.10 46.07 7.64
N GLU D 566 33.21 45.61 6.39
CA GLU D 566 34.54 45.34 5.86
C GLU D 566 35.30 46.65 5.75
N ILE D 567 34.56 47.74 5.55
CA ILE D 567 35.22 49.02 5.37
C ILE D 567 35.61 49.57 6.74
N ARG D 568 34.68 49.46 7.70
CA ARG D 568 35.00 49.88 9.05
C ARG D 568 36.21 49.13 9.59
N GLU D 569 36.25 47.82 9.39
CA GLU D 569 37.42 47.03 9.76
C GLU D 569 38.69 47.70 9.25
N MET D 570 38.62 48.31 8.07
CA MET D 570 39.82 48.94 7.53
C MET D 570 40.14 50.22 8.29
N THR D 571 39.12 51.02 8.57
CA THR D 571 39.29 52.35 9.17
C THR D 571 39.87 52.35 10.59
N VAL D 572 39.62 51.29 11.35
CA VAL D 572 39.98 51.26 12.77
C VAL D 572 41.42 50.85 13.00
N MET D 573 42.07 50.33 11.96
CA MET D 573 43.42 49.77 12.13
CA MET D 573 43.42 49.74 12.06
C MET D 573 44.55 50.76 11.92
N ASN D 574 44.26 51.90 11.34
CA ASN D 574 45.31 52.86 11.07
C ASN D 574 46.46 52.22 10.31
N MET D 575 46.14 51.70 9.14
CA MET D 575 47.13 51.09 8.27
C MET D 575 46.82 51.52 6.85
N GLY D 576 46.48 52.80 6.72
CA GLY D 576 46.15 53.38 5.42
C GLY D 576 44.96 52.71 4.77
N ASN D 577 45.11 52.28 3.52
CA ASN D 577 44.04 51.53 2.84
C ASN D 577 44.35 50.03 2.80
N TYR D 578 45.28 49.59 3.63
CA TYR D 578 45.62 48.18 3.63
C TYR D 578 44.63 47.37 4.45
N ALA D 579 43.59 46.86 3.78
CA ALA D 579 42.48 46.19 4.45
C ALA D 579 42.66 44.67 4.55
N HIS D 580 43.51 44.22 5.49
CA HIS D 580 43.74 42.80 5.69
C HIS D 580 42.47 42.05 6.09
N GLY D 581 41.53 42.77 6.70
CA GLY D 581 40.25 42.20 7.10
C GLY D 581 39.41 41.63 5.96
N ASN D 582 39.93 41.72 4.74
CA ASN D 582 39.27 41.10 3.59
C ASN D 582 40.25 40.38 2.67
N GLN D 583 39.72 39.48 1.84
CA GLN D 583 40.55 38.54 1.09
C GLN D 583 41.39 39.10 -0.06
N PRO D 584 40.81 40.00 -0.87
CA PRO D 584 41.49 40.44 -2.08
C PRO D 584 42.97 40.81 -1.85
N ILE D 585 43.22 41.58 -0.79
CA ILE D 585 44.52 42.21 -0.61
C ILE D 585 45.50 41.40 0.21
N GLN D 586 45.11 40.19 0.59
CA GLN D 586 45.86 39.46 1.62
C GLN D 586 47.22 38.92 1.18
N HIS D 587 47.50 39.00 -0.11
CA HIS D 587 48.77 38.50 -0.63
C HIS D 587 49.66 39.68 -0.92
N MET D 588 49.09 40.86 -0.81
CA MET D 588 49.70 42.06 -1.35
C MET D 588 51.14 42.25 -0.89
N ILE D 589 51.35 42.20 0.42
CA ILE D 589 52.64 42.55 0.98
C ILE D 589 53.75 41.66 0.43
N TYR D 590 53.41 40.43 0.07
CA TYR D 590 54.47 39.53 -0.40
C TYR D 590 55.05 39.94 -1.76
N LEU D 591 54.35 40.83 -2.46
CA LEU D 591 54.83 41.33 -3.74
C LEU D 591 56.13 42.11 -3.60
N TYR D 592 56.32 42.80 -2.47
CA TYR D 592 57.58 43.53 -2.29
C TYR D 592 58.75 42.67 -2.72
N ASP D 593 58.62 41.36 -2.50
CA ASP D 593 59.70 40.42 -2.83
C ASP D 593 60.02 40.45 -4.32
N TYR D 594 58.98 40.57 -5.13
CA TYR D 594 59.13 40.61 -6.59
C TYR D 594 59.92 41.84 -7.04
N ALA D 595 59.67 42.97 -6.39
CA ALA D 595 60.26 44.24 -6.79
C ALA D 595 61.59 44.52 -6.09
N GLY D 596 62.24 43.48 -5.58
CA GLY D 596 63.59 43.61 -5.02
C GLY D 596 63.75 44.14 -3.61
N GLN D 597 62.65 44.25 -2.85
CA GLN D 597 62.74 44.70 -1.45
C GLN D 597 62.03 43.78 -0.47
N PRO D 598 62.54 42.56 -0.32
CA PRO D 598 62.02 41.60 0.64
C PRO D 598 61.89 42.23 2.04
N TRP D 599 62.87 43.05 2.39
CA TRP D 599 62.89 43.73 3.70
C TRP D 599 61.65 44.60 3.88
N LYS D 600 61.08 45.10 2.79
CA LYS D 600 59.87 45.89 2.95
C LYS D 600 58.67 45.01 3.35
N ALA D 601 58.69 43.75 2.91
CA ALA D 601 57.66 42.81 3.28
C ALA D 601 57.88 42.38 4.71
N GLN D 602 59.11 41.96 5.00
CA GLN D 602 59.48 41.54 6.33
C GLN D 602 58.99 42.53 7.38
N TYR D 603 59.26 43.82 7.18
CA TYR D 603 58.75 44.84 8.09
C TYR D 603 57.24 44.76 8.24
N TRP D 604 56.53 44.82 7.11
CA TRP D 604 55.08 44.96 7.11
C TRP D 604 54.29 43.72 7.49
N LEU D 605 54.80 42.56 7.07
CA LEU D 605 54.27 41.27 7.52
C LEU D 605 54.21 41.21 9.05
N ARG D 606 55.35 41.46 9.67
CA ARG D 606 55.46 41.36 11.11
C ARG D 606 54.47 42.33 11.76
N GLN D 607 54.38 43.53 11.21
CA GLN D 607 53.43 44.47 11.78
C GLN D 607 52.06 43.82 11.85
N VAL D 608 51.67 43.12 10.80
CA VAL D 608 50.32 42.58 10.73
C VAL D 608 50.14 41.40 11.68
N MET D 609 51.13 40.51 11.67
CA MET D 609 51.14 39.35 12.53
C MET D 609 51.05 39.77 13.98
N ASP D 610 51.73 40.85 14.33
CA ASP D 610 51.73 41.37 15.70
C ASP D 610 50.47 42.13 16.09
N ARG D 611 49.86 42.85 15.15
CA ARG D 611 48.78 43.77 15.51
C ARG D 611 47.36 43.34 15.11
N MET D 612 47.23 42.47 14.11
CA MET D 612 45.93 42.18 13.49
C MET D 612 45.35 40.85 13.95
N TYR D 613 46.17 40.06 14.64
CA TYR D 613 45.70 38.83 15.25
C TYR D 613 45.99 38.79 16.77
N THR D 614 44.93 38.80 17.58
CA THR D 614 45.12 38.54 18.99
C THR D 614 44.37 37.27 19.30
N PRO D 615 44.76 36.57 20.36
CA PRO D 615 44.16 35.28 20.74
C PRO D 615 42.85 35.36 21.53
N GLY D 616 42.31 36.55 21.77
CA GLY D 616 41.07 36.67 22.51
C GLY D 616 39.79 36.40 21.74
N PRO D 617 38.63 36.51 22.40
CA PRO D 617 37.33 36.35 21.77
C PRO D 617 37.19 37.26 20.57
N ASP D 618 37.85 38.42 20.63
CA ASP D 618 37.79 39.36 19.52
C ASP D 618 39.10 39.32 18.74
N GLY D 619 39.47 38.12 18.32
CA GLY D 619 40.81 37.87 17.81
C GLY D 619 41.24 38.35 16.44
N TYR D 620 40.31 38.47 15.50
CA TYR D 620 40.71 38.83 14.13
C TYR D 620 40.38 40.31 13.85
N CYS D 621 40.94 40.83 12.76
CA CYS D 621 40.56 42.17 12.30
C CYS D 621 39.48 42.12 11.24
N GLY D 622 39.04 40.92 10.89
CA GLY D 622 37.91 40.78 9.97
C GLY D 622 37.39 39.35 9.93
N ASP D 623 36.39 39.10 9.09
CA ASP D 623 35.81 37.77 8.95
C ASP D 623 36.86 36.69 8.78
N GLU D 624 36.70 35.58 9.47
CA GLU D 624 37.71 34.54 9.43
C GLU D 624 37.66 33.74 8.10
N ASP D 625 36.43 33.56 7.60
CA ASP D 625 36.14 32.89 6.32
C ASP D 625 36.74 31.49 6.12
N ASN D 626 36.44 30.57 7.02
CA ASN D 626 36.61 29.16 6.75
C ASN D 626 38.05 28.73 6.55
N GLY D 627 38.96 29.42 7.24
CA GLY D 627 40.35 28.99 7.30
C GLY D 627 41.28 29.90 6.53
N GLN D 628 40.72 30.74 5.66
CA GLN D 628 41.58 31.61 4.86
C GLN D 628 42.34 32.68 5.68
N THR D 629 41.61 33.52 6.40
CA THR D 629 42.22 34.51 7.29
C THR D 629 43.18 33.84 8.29
N SER D 630 42.79 32.67 8.79
CA SER D 630 43.60 31.92 9.72
C SER D 630 44.87 31.32 9.11
N ALA D 631 44.71 30.55 8.04
CA ALA D 631 45.88 29.93 7.39
C ALA D 631 46.87 30.99 6.90
N TRP D 632 46.39 32.21 6.70
CA TRP D 632 47.31 33.30 6.38
C TRP D 632 48.32 33.45 7.49
N TYR D 633 47.80 33.52 8.71
CA TYR D 633 48.67 33.61 9.87
C TYR D 633 49.55 32.36 10.01
N VAL D 634 48.98 31.19 9.76
CA VAL D 634 49.75 29.96 9.88
C VAL D 634 50.94 29.97 8.94
N PHE D 635 50.68 30.28 7.68
CA PHE D 635 51.72 30.30 6.67
C PHE D 635 52.72 31.38 7.04
N SER D 636 52.22 32.60 7.24
CA SER D 636 53.08 33.73 7.52
C SER D 636 53.95 33.51 8.75
N ALA D 637 53.41 32.81 9.75
CA ALA D 637 54.13 32.60 10.99
C ALA D 637 55.34 31.75 10.71
N LEU D 638 55.14 30.78 9.84
CA LEU D 638 56.20 29.93 9.39
C LEU D 638 57.22 30.71 8.55
N GLY D 639 56.79 31.82 7.95
CA GLY D 639 57.69 32.69 7.19
C GLY D 639 57.72 32.54 5.66
N PHE D 640 56.58 32.14 5.10
CA PHE D 640 56.39 32.09 3.65
C PHE D 640 54.95 31.82 3.31
N TYR D 641 54.58 32.19 2.10
CA TYR D 641 53.18 32.24 1.70
C TYR D 641 53.02 31.75 0.27
N PRO D 642 51.88 31.11 -0.04
CA PRO D 642 51.68 30.66 -1.43
C PRO D 642 51.01 31.73 -2.28
N VAL D 643 51.76 32.76 -2.65
CA VAL D 643 51.20 33.88 -3.43
C VAL D 643 50.48 33.46 -4.71
N CYS D 644 51.06 32.48 -5.40
CA CYS D 644 50.50 31.96 -6.64
C CYS D 644 50.24 30.46 -6.61
N PRO D 645 49.08 30.04 -6.08
CA PRO D 645 48.77 28.61 -6.11
C PRO D 645 48.75 28.19 -7.57
N GLY D 646 49.31 27.03 -7.88
CA GLY D 646 49.45 26.65 -9.27
C GLY D 646 50.92 26.62 -9.64
N THR D 647 51.71 27.49 -9.01
CA THR D 647 53.16 27.35 -9.05
C THR D 647 53.50 26.32 -7.98
N ASP D 648 54.77 25.96 -7.88
CA ASP D 648 55.18 25.12 -6.79
C ASP D 648 55.90 25.97 -5.76
N GLU D 649 55.61 27.27 -5.76
CA GLU D 649 56.40 28.25 -5.00
C GLU D 649 55.72 28.93 -3.81
N TYR D 650 56.35 28.81 -2.65
CA TYR D 650 55.99 29.62 -1.50
C TYR D 650 56.95 30.80 -1.34
N VAL D 651 56.43 32.00 -1.57
CA VAL D 651 57.25 33.20 -1.51
C VAL D 651 57.62 33.54 -0.08
N MET D 652 58.89 33.94 0.11
CA MET D 652 59.43 34.24 1.44
C MET D 652 58.83 35.48 2.15
N GLY D 653 58.56 35.33 3.44
CA GLY D 653 58.13 36.46 4.26
C GLY D 653 59.12 36.64 5.40
N THR D 654 58.64 36.56 6.62
CA THR D 654 59.51 36.48 7.78
C THR D 654 58.92 35.55 8.82
N PRO D 655 59.74 34.64 9.36
CA PRO D 655 59.22 33.77 10.39
C PRO D 655 58.86 34.55 11.67
N LEU D 656 57.91 34.03 12.43
CA LEU D 656 57.51 34.69 13.66
C LEU D 656 58.07 33.95 14.87
N PHE D 657 58.42 32.67 14.69
CA PHE D 657 58.91 31.87 15.80
C PHE D 657 60.42 31.60 15.72
N LYS D 658 61.01 31.22 16.84
CA LYS D 658 62.44 30.93 16.91
C LYS D 658 62.69 29.66 16.14
N LYS D 659 61.78 28.71 16.32
CA LYS D 659 61.91 27.40 15.69
C LYS D 659 60.54 26.87 15.24
N ALA D 660 60.51 26.32 14.04
CA ALA D 660 59.29 25.73 13.51
C ALA D 660 59.62 24.39 12.87
N THR D 661 58.88 23.35 13.27
CA THR D 661 59.11 22.04 12.68
C THR D 661 57.89 21.50 11.95
N LEU D 662 58.04 21.27 10.63
CA LEU D 662 56.97 20.72 9.84
C LEU D 662 57.13 19.22 9.69
N HIS D 663 56.06 18.50 9.99
CA HIS D 663 56.00 17.07 9.77
C HIS D 663 55.11 16.75 8.58
N PHE D 664 55.74 16.26 7.50
CA PHE D 664 55.02 15.94 6.26
C PHE D 664 54.48 14.52 6.27
N GLU D 665 53.38 14.33 5.54
CA GLU D 665 52.74 13.02 5.44
C GLU D 665 53.68 11.99 4.85
N ASN D 666 54.67 12.44 4.09
CA ASN D 666 55.54 11.52 3.42
C ASN D 666 56.59 10.91 4.35
N GLY D 667 56.67 11.43 5.56
CA GLY D 667 57.59 10.85 6.54
C GLY D 667 58.77 11.73 6.90
N ASN D 668 59.01 12.78 6.13
CA ASN D 668 60.13 13.65 6.41
C ASN D 668 59.75 14.79 7.32
N SER D 669 60.75 15.39 7.95
CA SER D 669 60.55 16.62 8.69
C SER D 669 61.45 17.74 8.17
N LEU D 670 60.94 18.97 8.20
CA LEU D 670 61.74 20.12 7.79
C LEU D 670 61.75 21.13 8.90
N VAL D 671 62.93 21.43 9.43
CA VAL D 671 63.06 22.32 10.58
C VAL D 671 63.38 23.72 10.15
N ILE D 672 62.70 24.70 10.74
CA ILE D 672 63.01 26.08 10.43
C ILE D 672 63.60 26.81 11.63
N ASP D 673 64.92 26.98 11.58
CA ASP D 673 65.73 27.47 12.71
C ASP D 673 66.05 28.97 12.60
N ALA D 674 65.40 29.78 13.42
CA ALA D 674 65.72 31.21 13.52
C ALA D 674 66.01 31.58 14.98
N PRO D 675 67.09 30.99 15.53
CA PRO D 675 67.42 31.07 16.95
C PRO D 675 67.41 32.50 17.43
N ASN D 676 67.64 33.45 16.54
CA ASN D 676 67.82 34.81 16.94
C ASN D 676 66.58 35.69 16.77
N ASN D 677 65.44 35.07 16.51
CA ASN D 677 64.18 35.80 16.33
C ASN D 677 63.74 36.51 17.61
N SER D 678 63.15 37.69 17.49
CA SER D 678 62.63 38.41 18.64
C SER D 678 61.70 39.52 18.19
N THR D 679 61.01 40.15 19.14
CA THR D 679 60.16 41.29 18.84
C THR D 679 60.87 42.32 17.97
N GLU D 680 62.15 42.52 18.27
CA GLU D 680 62.97 43.53 17.59
C GLU D 680 63.62 42.97 16.34
N ASN D 681 64.14 41.75 16.43
CA ASN D 681 64.89 41.16 15.33
C ASN D 681 64.01 40.59 14.23
N PHE D 682 63.33 41.43 13.46
CA PHE D 682 62.40 40.92 12.45
C PHE D 682 62.79 40.99 10.98
N TYR D 683 64.06 41.29 10.68
CA TYR D 683 64.51 41.32 9.29
C TYR D 683 65.36 40.08 9.05
N ILE D 684 65.36 39.62 7.81
CA ILE D 684 66.19 38.49 7.43
C ILE D 684 67.49 39.01 6.85
N ASP D 685 68.59 38.69 7.53
CA ASP D 685 69.91 39.09 7.08
C ASP D 685 70.49 38.06 6.12
N SER D 686 70.32 36.78 6.45
CA SER D 686 70.77 35.71 5.57
C SER D 686 69.83 34.53 5.72
N MET D 687 70.07 33.52 4.89
CA MET D 687 69.28 32.29 4.93
C MET D 687 70.12 31.15 4.35
N SER D 688 70.00 29.98 4.96
CA SER D 688 70.69 28.78 4.45
C SER D 688 69.70 27.62 4.34
N PHE D 689 69.82 26.81 3.28
CA PHE D 689 68.93 25.67 3.09
C PHE D 689 69.68 24.35 3.04
N ASN D 690 69.69 23.65 4.16
CA ASN D 690 70.48 22.45 4.25
C ASN D 690 71.93 22.82 3.97
N GLY D 691 72.40 23.87 4.66
CA GLY D 691 73.81 24.26 4.66
C GLY D 691 74.31 24.95 3.40
N ALA D 692 73.39 25.36 2.52
CA ALA D 692 73.78 26.08 1.32
C ALA D 692 73.09 27.43 1.30
N ASP D 693 73.83 28.48 0.95
CA ASP D 693 73.28 29.83 0.99
C ASP D 693 72.02 29.94 0.15
N HIS D 694 70.96 30.48 0.74
CA HIS D 694 69.70 30.70 0.04
C HIS D 694 69.45 32.20 0.01
N THR D 695 69.50 32.80 -1.17
CA THR D 695 69.36 34.24 -1.27
C THR D 695 68.09 34.56 -2.01
N LYS D 696 67.38 33.51 -2.43
CA LYS D 696 66.16 33.67 -3.21
C LYS D 696 64.96 34.03 -2.33
N ASN D 697 63.99 34.69 -2.94
CA ASN D 697 62.79 35.13 -2.24
C ASN D 697 61.66 34.12 -2.27
N TYR D 698 61.98 32.85 -2.48
CA TYR D 698 60.95 31.83 -2.60
C TYR D 698 61.50 30.47 -2.27
N LEU D 699 60.58 29.55 -1.98
CA LEU D 699 60.93 28.16 -1.69
C LEU D 699 60.06 27.23 -2.53
N ARG D 700 60.50 25.99 -2.70
CA ARG D 700 59.85 25.07 -3.64
C ARG D 700 59.21 23.87 -2.97
N HIS D 701 57.97 23.58 -3.35
CA HIS D 701 57.24 22.44 -2.80
C HIS D 701 58.11 21.18 -2.71
N GLU D 702 58.69 20.79 -3.83
CA GLU D 702 59.54 19.60 -3.91
C GLU D 702 60.74 19.58 -2.91
N ASP D 703 61.35 20.74 -2.69
CA ASP D 703 62.53 20.86 -1.83
C ASP D 703 62.15 20.71 -0.37
N LEU D 704 61.10 21.44 0.01
CA LEU D 704 60.59 21.33 1.36
C LEU D 704 60.37 19.87 1.73
N PHE D 705 59.55 19.17 0.95
CA PHE D 705 59.23 17.76 1.19
C PHE D 705 60.49 16.93 1.47
N LYS D 706 61.58 17.29 0.82
CA LYS D 706 62.82 16.53 0.98
C LYS D 706 63.28 16.51 2.44
N GLY D 707 62.90 17.55 3.19
CA GLY D 707 63.21 17.61 4.62
C GLY D 707 64.51 18.34 4.93
N GLY D 708 64.99 18.22 6.17
CA GLY D 708 66.24 18.85 6.57
C GLY D 708 66.05 20.13 7.38
N THR D 709 66.90 21.12 7.12
CA THR D 709 66.90 22.33 7.94
C THR D 709 67.03 23.62 7.14
N ILE D 710 66.33 24.65 7.56
CA ILE D 710 66.51 25.96 6.99
C ILE D 710 66.93 26.86 8.12
N LYS D 711 68.06 27.53 7.96
CA LYS D 711 68.54 28.43 9.00
C LYS D 711 68.25 29.86 8.59
N VAL D 712 67.68 30.63 9.51
CA VAL D 712 67.43 32.02 9.26
C VAL D 712 68.16 32.80 10.32
N ASP D 713 69.04 33.71 9.90
CA ASP D 713 69.59 34.61 10.87
C ASP D 713 68.74 35.86 10.87
N MET D 714 68.28 36.26 12.04
CA MET D 714 67.42 37.40 12.17
C MET D 714 68.21 38.57 12.75
N SER D 715 67.84 39.79 12.34
CA SER D 715 68.53 41.01 12.75
C SER D 715 67.52 42.14 12.82
N ASN D 716 67.91 43.29 13.37
CA ASN D 716 67.00 44.44 13.38
C ASN D 716 67.34 45.49 12.33
N ARG D 717 68.37 45.19 11.53
CA ARG D 717 68.73 46.04 10.40
C ARG D 717 68.25 45.37 9.12
N PRO D 718 67.49 46.11 8.31
CA PRO D 718 67.21 45.64 6.96
C PRO D 718 68.51 45.51 6.18
N ASN D 719 68.70 44.35 5.56
CA ASN D 719 69.84 44.13 4.64
C ASN D 719 69.42 44.34 3.18
N LEU D 720 69.87 45.45 2.58
CA LEU D 720 69.42 45.82 1.23
C LEU D 720 70.10 45.05 0.10
N ASN D 721 70.92 44.05 0.44
CA ASN D 721 71.61 43.25 -0.59
C ASN D 721 70.85 42.01 -0.98
N ARG D 722 70.52 41.19 0.01
CA ARG D 722 69.95 39.87 -0.21
C ARG D 722 68.60 39.88 -0.92
N GLY D 723 68.44 38.97 -1.87
CA GLY D 723 67.19 38.85 -2.63
C GLY D 723 66.81 40.02 -3.52
N THR D 724 67.81 40.64 -4.15
CA THR D 724 67.55 41.74 -5.08
C THR D 724 67.92 41.36 -6.51
N LYS D 725 68.71 40.30 -6.67
CA LYS D 725 69.07 39.79 -8.00
C LYS D 725 67.84 39.32 -8.76
N GLU D 726 67.90 39.42 -10.09
CA GLU D 726 66.75 39.08 -10.90
C GLU D 726 66.40 37.60 -10.76
N GLU D 727 67.41 36.76 -10.56
CA GLU D 727 67.17 35.33 -10.41
C GLU D 727 66.81 34.92 -8.97
N ASP D 728 66.68 35.92 -8.10
CA ASP D 728 66.27 35.70 -6.71
C ASP D 728 64.75 35.89 -6.55
N MET D 729 64.08 36.14 -7.66
CA MET D 729 62.66 36.48 -7.66
C MET D 729 61.77 35.27 -7.95
N PRO D 730 60.55 35.27 -7.40
CA PRO D 730 59.52 34.28 -7.64
C PRO D 730 59.06 34.28 -9.10
N TYR D 731 58.11 33.40 -9.43
CA TYR D 731 57.66 33.24 -10.83
C TYR D 731 56.68 34.33 -11.29
N SER D 732 56.84 34.78 -12.53
CA SER D 732 55.84 35.60 -13.22
C SER D 732 55.69 35.03 -14.62
N PHE D 733 54.49 35.14 -15.18
CA PHE D 733 54.21 34.56 -16.49
C PHE D 733 55.10 35.18 -17.58
N SER D 734 55.09 36.51 -17.61
CA SER D 734 55.84 37.27 -18.61
C SER D 734 57.25 36.76 -18.82
N LYS D 735 57.89 36.23 -17.78
CA LYS D 735 59.22 35.68 -17.93
C LYS D 735 59.26 34.29 -18.59
N GLU D 736 58.46 33.35 -18.08
CA GLU D 736 58.60 31.97 -18.53
C GLU D 736 59.13 31.88 -19.98
CA CA E . -6.07 -14.37 -11.73
C4 KIF F . -3.44 -11.48 -9.29
O4 KIF F . -2.03 -11.47 -9.31
C3 KIF F . -3.93 -12.95 -9.40
O3 KIF F . -4.00 -13.37 -10.79
C2 KIF F . -5.30 -13.14 -8.70
O2 KIF F . -6.04 -14.20 -9.31
C1 KIF F . -6.09 -11.83 -8.69
N9 KIF F . -7.43 -12.03 -8.02
C8 KIF F . -7.35 -11.54 -6.77
O8 KIF F . -8.24 -11.54 -5.91
C7 KIF F . -6.09 -10.97 -6.56
O7 KIF F . -5.74 -10.46 -5.49
N KIF F . -5.31 -11.05 -7.73
C5 KIF F . -3.89 -10.76 -8.01
C6 KIF F . -3.63 -9.26 -8.05
O6 KIF F . -4.41 -8.74 -9.10
C1 GOL G . -5.00 11.43 -34.55
O1 GOL G . -5.49 12.69 -34.99
C2 GOL G . -6.15 10.44 -34.55
O2 GOL G . -7.14 10.90 -35.44
C3 GOL G . -5.65 9.08 -35.02
O3 GOL G . -6.73 8.15 -35.01
CA CA H . 2.04 -26.07 45.76
C4 KIF I . 6.11 -23.90 45.99
O4 KIF I . 6.43 -22.76 45.20
C3 KIF I . 5.09 -24.81 45.21
O3 KIF I . 3.75 -24.41 45.61
C2 KIF I . 5.32 -26.31 45.44
O2 KIF I . 4.16 -27.11 45.21
C1 KIF I . 5.88 -26.51 46.86
N9 KIF I . 6.12 -27.94 47.14
C8 KIF I . 7.46 -28.18 47.11
O8 KIF I . 8.03 -29.25 47.28
C7 KIF I . 8.14 -27.00 46.83
O7 KIF I . 9.35 -26.89 46.73
N KIF I . 7.23 -25.96 46.72
C5 KIF I . 7.44 -24.58 46.34
C6 KIF I . 8.19 -23.88 47.46
O6 KIF I . 7.24 -23.28 48.33
C1 GOL J . -24.37 -33.99 38.42
O1 GOL J . -23.58 -34.81 39.26
C2 GOL J . -23.59 -32.71 38.13
O2 GOL J . -22.28 -33.02 37.68
C3 GOL J . -24.28 -31.84 37.08
O3 GOL J . -23.24 -31.30 36.29
C1 GOL K . -6.21 -4.24 72.06
O1 GOL K . -5.76 -2.95 71.65
C2 GOL K . -5.15 -4.97 72.87
O2 GOL K . -5.63 -5.22 74.17
C3 GOL K . -4.78 -6.30 72.20
O3 GOL K . -5.70 -6.58 71.17
CA CA L . -38.05 4.91 -32.69
C4 KIF M . -42.06 2.89 -32.03
O4 KIF M . -43.04 2.50 -32.99
C3 KIF M . -41.37 4.21 -32.47
O3 KIF M . -40.27 3.85 -33.31
C2 KIF M . -40.88 5.05 -31.28
O2 KIF M . -39.75 5.86 -31.60
C1 KIF M . -40.57 4.14 -30.11
N9 KIF M . -40.05 4.89 -28.95
C8 KIF M . -40.99 4.91 -27.98
O8 KIF M . -40.84 5.46 -26.89
C7 KIF M . -42.13 4.20 -28.39
O7 KIF M . -43.16 4.03 -27.73
N KIF M . -41.89 3.67 -29.67
C5 KIF M . -42.74 2.94 -30.63
C6 KIF M . -43.08 1.55 -30.10
O6 KIF M . -42.06 0.65 -30.57
C1 GOL N . -35.96 -1.53 -16.04
O1 GOL N . -35.60 -2.73 -16.69
C2 GOL N . -37.18 -1.03 -16.80
O2 GOL N . -37.41 0.35 -16.58
C3 GOL N . -38.40 -1.85 -16.39
O3 GOL N . -39.27 -1.94 -17.50
CA CA O . 35.70 38.22 3.73
C4 KIF P . 32.70 35.33 2.25
O4 KIF P . 33.08 34.17 1.50
C3 KIF P . 33.59 36.58 1.89
O3 KIF P . 34.82 36.58 2.61
C2 KIF P . 32.92 37.92 2.18
O2 KIF P . 33.91 38.88 2.58
C1 KIF P . 31.89 37.71 3.26
N9 KIF P . 31.21 38.97 3.56
C8 KIF P . 29.96 38.92 3.09
O8 KIF P . 29.12 39.84 3.21
C7 KIF P . 29.73 37.69 2.49
O7 KIF P . 28.67 37.33 1.99
N KIF P . 30.87 36.91 2.59
C5 KIF P . 31.19 35.58 2.07
C6 KIF P . 30.27 34.52 2.72
O6 KIF P . 30.84 33.92 3.88
C1 GOL Q . 35.98 15.84 31.28
O1 GOL Q . 36.03 15.59 32.67
C2 GOL Q . 37.27 16.52 30.85
O2 GOL Q . 38.34 15.82 31.42
C3 GOL Q . 37.42 16.41 29.34
O3 GOL Q . 38.73 16.77 29.03
#